data_5TCH
#
_entry.id   5TCH
#
_cell.length_a   134.321
_cell.length_b   158.813
_cell.length_c   166.218
_cell.angle_alpha   90.00
_cell.angle_beta   90.00
_cell.angle_gamma   90.00
#
_symmetry.space_group_name_H-M   'P 21 21 21'
#
loop_
_entity.id
_entity.type
_entity.pdbx_description
1 polymer 'Tryptophan synthase alpha chain'
2 polymer 'Tryptophan synthase beta chain'
3 non-polymer 'MALONATE ION'
4 non-polymer 'FORMIC ACID'
5 water water
#
loop_
_entity_poly.entity_id
_entity_poly.type
_entity_poly.pdbx_seq_one_letter_code
_entity_poly.pdbx_strand_id
1 'polypeptide(L)'
;MVAVEQSEASRLGPVFDSCRANNRAALIGYLPTGYPDVPASVAAMTALVESGCDIIEVGVPYSDPVMDGPTIARATEAAL
RGGVRVRDTLAAVEAISIAGGRAVVMTYWNPVLRYGVDAFARDLAAAGGLGLITPDLIPDEAQQWLAASEEHRLDRIFLV
APSSTPERLAATVEASRGFVYAASTMGVTGARDAVSQAAPELVGRVKAVSDIPVGVGLGVRSRAQAAQIAQYADGVIVGS
ALVTALTEGLPRLRALTGELAAGVRLGMSAHHHHHH
;
A,G,E,C
2 'polypeptide(L)'
;MSAAIAEPTSHDPDSGGHFGGPSGWGGRYVPEALMAVIEEVTAAYQKERVSQDFLDDLDRLQANYAGRPSPLYEATRLSQ
HAGSARIFLKREDLNHTGSH(LLP)INNVLGQALLARRMGKTRVIAETGAGQHGVATATACALLGLDCVIYMGGIDTARQ
ALNVARMRLLGAEVVAVQTGSKTLKDAINEAFRDWVANADNTYYCFGTAAGPHPFPTMVRDFQRIIGMEARVQIQGQAGR
LPDAVVACVGGGSNAIGIFHAFLDDPGVRLVGFEAAGDGVETGRHAATFTAGSPGAFHGSFSYLLQDEDGQTIESHSISA
GLDYPGVGPEHAWLKEAGRVDYRPITDSEAMDAFGLLCRMEGIIPAIESAHAVAGALKLGVELGRGAVIVVNLSGRGDKD
VETAAKWFGLLGND
;
B,H,F,D
#
loop_
_chem_comp.id
_chem_comp.type
_chem_comp.name
_chem_comp.formula
FMT non-polymer 'FORMIC ACID' 'C H2 O2'
MLI non-polymer 'MALONATE ION' 'C3 H2 O4 -2'
#
# COMPACT_ATOMS: atom_id res chain seq x y z
N GLU A 8 -4.09 14.10 61.11
CA GLU A 8 -4.57 15.47 61.46
C GLU A 8 -5.91 15.82 60.75
N ALA A 9 -6.73 16.64 61.41
CA ALA A 9 -8.10 16.95 60.92
C ALA A 9 -8.10 17.97 59.78
N SER A 10 -9.01 17.77 58.82
CA SER A 10 -9.26 18.76 57.76
C SER A 10 -9.81 20.07 58.35
N ARG A 11 -9.67 21.15 57.61
CA ARG A 11 -10.22 22.47 58.00
C ARG A 11 -11.74 22.46 58.01
N LEU A 12 -12.34 21.75 57.06
CA LEU A 12 -13.79 21.65 56.93
C LEU A 12 -14.43 20.51 57.73
N GLY A 13 -13.63 19.61 58.28
CA GLY A 13 -14.13 18.50 59.11
C GLY A 13 -15.14 18.85 60.19
N PRO A 14 -14.86 19.91 61.00
CA PRO A 14 -15.80 20.32 62.06
C PRO A 14 -17.17 20.82 61.57
N VAL A 15 -17.25 21.33 60.34
CA VAL A 15 -18.51 21.81 59.79
C VAL A 15 -19.41 20.61 59.52
N PHE A 16 -18.82 19.57 58.91
CA PHE A 16 -19.55 18.34 58.60
C PHE A 16 -19.88 17.53 59.83
N ASP A 17 -18.92 17.40 60.76
CA ASP A 17 -19.16 16.80 62.11
C ASP A 17 -20.34 17.46 62.81
N SER A 18 -20.38 18.79 62.76
CA SER A 18 -21.48 19.56 63.34
C SER A 18 -22.82 19.36 62.61
N CYS A 19 -22.79 19.35 61.28
CA CYS A 19 -23.99 19.09 60.45
C CYS A 19 -24.57 17.71 60.71
N ARG A 20 -23.71 16.68 60.68
CA ARG A 20 -24.16 15.30 60.92
C ARG A 20 -24.66 15.06 62.35
N ALA A 21 -24.17 15.87 63.30
CA ALA A 21 -24.68 15.86 64.66
C ALA A 21 -26.08 16.50 64.78
N ASN A 22 -26.42 17.44 63.87
CA ASN A 22 -27.79 18.00 63.78
C ASN A 22 -28.67 17.35 62.68
N ASN A 23 -28.28 16.15 62.25
CA ASN A 23 -29.05 15.36 61.27
C ASN A 23 -29.36 16.17 59.98
N ARG A 24 -28.32 16.79 59.45
CA ARG A 24 -28.46 17.57 58.24
C ARG A 24 -27.22 17.47 57.39
N ALA A 25 -27.36 17.99 56.17
CA ALA A 25 -26.25 18.16 55.24
C ALA A 25 -25.79 19.60 55.33
N ALA A 26 -24.51 19.85 55.04
CA ALA A 26 -24.03 21.22 54.94
C ALA A 26 -24.59 21.84 53.65
N LEU A 27 -25.03 23.10 53.72
CA LEU A 27 -25.39 23.82 52.50
C LEU A 27 -24.13 24.48 51.98
N ILE A 28 -23.77 24.17 50.73
CA ILE A 28 -22.56 24.69 50.11
C ILE A 28 -22.94 25.55 48.92
N GLY A 29 -22.63 26.85 49.02
CA GLY A 29 -23.13 27.85 48.08
C GLY A 29 -22.02 28.46 47.27
N TYR A 30 -22.15 28.43 45.94
CA TYR A 30 -21.21 29.04 45.00
C TYR A 30 -21.71 30.39 44.51
N LEU A 31 -20.83 31.38 44.47
CA LEU A 31 -21.04 32.60 43.69
C LEU A 31 -19.72 33.06 43.10
N PRO A 32 -19.75 33.65 41.89
CA PRO A 32 -18.52 34.11 41.28
C PRO A 32 -18.15 35.54 41.70
N THR A 33 -16.89 35.74 42.05
CA THR A 33 -16.39 37.06 42.39
C THR A 33 -16.63 38.01 41.21
N GLY A 34 -17.05 39.23 41.50
CA GLY A 34 -17.26 40.26 40.49
C GLY A 34 -18.57 40.25 39.73
N TYR A 35 -19.50 39.33 40.05
CA TYR A 35 -20.82 39.36 39.41
C TYR A 35 -21.87 39.88 40.39
N PRO A 36 -22.62 40.95 40.07
CA PRO A 36 -22.52 41.76 38.81
C PRO A 36 -21.37 42.77 38.77
N ASP A 37 -20.79 43.06 39.94
CA ASP A 37 -19.52 43.76 40.06
C ASP A 37 -18.92 43.31 41.39
N VAL A 38 -17.74 43.82 41.74
CA VAL A 38 -17.01 43.32 42.90
C VAL A 38 -17.74 43.62 44.22
N PRO A 39 -18.08 44.89 44.51
CA PRO A 39 -18.88 45.16 45.73
C PRO A 39 -20.18 44.37 45.86
N ALA A 40 -20.94 44.27 44.78
CA ALA A 40 -22.25 43.58 44.83
C ALA A 40 -22.09 42.07 45.09
N SER A 41 -21.05 41.49 44.50
CA SER A 41 -20.71 40.09 44.76
C SER A 41 -20.31 39.83 46.22
N VAL A 42 -19.58 40.77 46.81
CA VAL A 42 -19.21 40.66 48.23
C VAL A 42 -20.44 40.79 49.13
N ALA A 43 -21.31 41.75 48.85
CA ALA A 43 -22.58 41.87 49.56
C ALA A 43 -23.44 40.61 49.37
N ALA A 44 -23.41 40.03 48.17
CA ALA A 44 -24.10 38.75 47.93
C ALA A 44 -23.54 37.57 48.73
N MET A 45 -22.21 37.43 48.76
CA MET A 45 -21.56 36.35 49.53
C MET A 45 -21.76 36.51 51.04
N THR A 46 -21.76 37.74 51.51
CA THR A 46 -22.04 38.07 52.90
C THR A 46 -23.46 37.65 53.24
N ALA A 47 -24.40 37.92 52.34
CA ALA A 47 -25.81 37.54 52.53
C ALA A 47 -26.03 36.02 52.57
N LEU A 48 -25.23 35.26 51.80
CA LEU A 48 -25.28 33.80 51.89
C LEU A 48 -24.95 33.32 53.30
N VAL A 49 -23.93 33.92 53.93
CA VAL A 49 -23.53 33.58 55.30
C VAL A 49 -24.66 33.94 56.25
N GLU A 50 -25.26 35.12 56.06
CA GLU A 50 -26.39 35.57 56.89
C GLU A 50 -27.63 34.71 56.71
N SER A 51 -27.84 34.15 55.52
CA SER A 51 -29.03 33.35 55.21
C SER A 51 -28.89 31.82 55.44
N GLY A 52 -27.70 31.36 55.88
CA GLY A 52 -27.52 29.98 56.35
C GLY A 52 -26.69 29.01 55.50
N CYS A 53 -25.86 29.56 54.62
CA CYS A 53 -24.80 28.78 53.97
C CYS A 53 -23.69 28.40 54.93
N ASP A 54 -23.45 27.10 55.05
CA ASP A 54 -22.37 26.57 55.91
C ASP A 54 -20.99 26.80 55.25
N ILE A 55 -20.89 26.57 53.94
CA ILE A 55 -19.65 26.83 53.19
C ILE A 55 -19.95 27.68 51.95
N ILE A 56 -19.09 28.66 51.68
CA ILE A 56 -19.16 29.49 50.48
C ILE A 56 -18.02 29.06 49.56
N GLU A 57 -18.38 28.70 48.32
CA GLU A 57 -17.43 28.53 47.23
C GLU A 57 -17.31 29.87 46.53
N VAL A 58 -16.16 30.50 46.67
CA VAL A 58 -15.86 31.75 45.99
C VAL A 58 -15.27 31.41 44.64
N GLY A 59 -15.98 31.76 43.58
CA GLY A 59 -15.58 31.42 42.22
C GLY A 59 -14.64 32.46 41.67
N VAL A 60 -13.51 32.01 41.11
CA VAL A 60 -12.59 32.88 40.36
C VAL A 60 -12.99 32.88 38.88
N PRO A 61 -13.60 33.98 38.40
CA PRO A 61 -13.91 33.97 36.96
C PRO A 61 -12.69 33.76 36.09
N TYR A 62 -12.84 32.93 35.05
CA TYR A 62 -11.77 32.52 34.17
C TYR A 62 -12.24 32.67 32.72
N SER A 63 -11.31 33.09 31.87
CA SER A 63 -11.59 33.40 30.48
C SER A 63 -12.07 32.20 29.68
N ASP A 64 -11.60 30.99 30.01
CA ASP A 64 -11.93 29.76 29.25
C ASP A 64 -12.47 28.62 30.12
N PRO A 65 -13.64 28.84 30.74
CA PRO A 65 -14.17 27.79 31.59
C PRO A 65 -14.70 26.65 30.71
N VAL A 66 -14.38 25.41 31.07
CA VAL A 66 -14.80 24.24 30.28
C VAL A 66 -16.02 23.58 30.93
N MET A 67 -15.98 23.41 32.24
CA MET A 67 -17.03 22.71 32.96
C MET A 67 -18.41 23.43 33.08
N ASP A 68 -18.45 24.74 32.82
CA ASP A 68 -19.58 25.58 33.27
C ASP A 68 -20.81 25.67 32.33
N GLY A 69 -21.99 25.58 32.93
CA GLY A 69 -23.26 25.80 32.22
C GLY A 69 -23.50 27.27 31.93
N PRO A 70 -24.51 27.57 31.08
CA PRO A 70 -24.76 28.94 30.62
C PRO A 70 -24.92 29.97 31.71
N THR A 71 -25.65 29.66 32.77
CA THR A 71 -25.87 30.62 33.84
C THR A 71 -24.56 31.14 34.44
N ILE A 72 -23.66 30.24 34.80
CA ILE A 72 -22.38 30.66 35.42
C ILE A 72 -21.42 31.25 34.40
N ALA A 73 -21.47 30.73 33.18
CA ALA A 73 -20.65 31.23 32.09
C ALA A 73 -21.02 32.68 31.76
N ARG A 74 -22.31 33.00 31.67
CA ARG A 74 -22.72 34.40 31.35
C ARG A 74 -22.28 35.36 32.47
N ALA A 75 -22.41 34.90 33.71
CA ALA A 75 -22.01 35.65 34.89
C ALA A 75 -20.51 35.90 34.98
N THR A 76 -19.71 34.86 34.74
CA THR A 76 -18.25 35.00 34.76
C THR A 76 -17.75 35.91 33.64
N GLU A 77 -18.37 35.84 32.46
CA GLU A 77 -18.04 36.73 31.36
C GLU A 77 -18.37 38.18 31.70
N ALA A 78 -19.52 38.42 32.29
CA ALA A 78 -19.86 39.74 32.82
C ALA A 78 -18.85 40.21 33.87
N ALA A 79 -18.46 39.33 34.79
CA ALA A 79 -17.48 39.68 35.84
C ALA A 79 -16.17 40.17 35.25
N LEU A 80 -15.68 39.44 34.24
CA LEU A 80 -14.46 39.77 33.54
C LEU A 80 -14.55 41.04 32.72
N ARG A 81 -15.69 41.30 32.11
CA ARG A 81 -15.94 42.59 31.42
C ARG A 81 -15.87 43.74 32.43
N GLY A 82 -16.31 43.50 33.66
CA GLY A 82 -16.18 44.46 34.75
C GLY A 82 -14.80 44.69 35.34
N GLY A 83 -13.77 43.95 34.90
CA GLY A 83 -12.41 44.15 35.37
C GLY A 83 -12.00 43.36 36.61
N VAL A 84 -12.78 42.34 36.96
CA VAL A 84 -12.50 41.52 38.12
C VAL A 84 -11.10 40.91 38.10
N ARG A 85 -10.46 40.90 39.26
CA ARG A 85 -9.09 40.41 39.41
C ARG A 85 -9.05 39.23 40.37
N VAL A 86 -7.99 38.43 40.29
CA VAL A 86 -7.83 37.28 41.18
C VAL A 86 -7.70 37.74 42.63
N ARG A 87 -7.04 38.88 42.85
CA ARG A 87 -6.92 39.40 44.21
C ARG A 87 -8.26 39.87 44.82
N ASP A 88 -9.25 40.17 43.99
CA ASP A 88 -10.62 40.42 44.49
C ASP A 88 -11.26 39.16 45.11
N THR A 89 -10.87 37.97 44.63
CA THR A 89 -11.29 36.71 45.27
C THR A 89 -10.71 36.59 46.69
N LEU A 90 -9.44 36.96 46.84
CA LEU A 90 -8.80 37.00 48.14
C LEU A 90 -9.52 38.01 49.04
N ALA A 91 -9.91 39.18 48.51
CA ALA A 91 -10.72 40.14 49.28
C ALA A 91 -12.11 39.60 49.70
N ALA A 92 -12.79 38.93 48.78
CA ALA A 92 -14.06 38.27 49.10
C ALA A 92 -13.91 37.21 50.19
N VAL A 93 -12.78 36.50 50.21
CA VAL A 93 -12.53 35.50 51.26
C VAL A 93 -12.38 36.17 52.62
N GLU A 94 -11.64 37.29 52.65
CA GLU A 94 -11.48 38.06 53.88
C GLU A 94 -12.83 38.50 54.44
N ALA A 95 -13.70 39.02 53.56
CA ALA A 95 -15.03 39.52 53.94
C ALA A 95 -15.91 38.43 54.50
N ILE A 96 -15.90 37.29 53.82
CA ILE A 96 -16.67 36.13 54.26
C ILE A 96 -16.21 35.67 55.64
N SER A 97 -14.89 35.62 55.85
CA SER A 97 -14.29 35.25 57.16
C SER A 97 -14.65 36.23 58.26
N ILE A 98 -14.59 37.52 57.94
CA ILE A 98 -15.02 38.61 58.86
C ILE A 98 -16.50 38.48 59.29
N ALA A 99 -17.36 38.05 58.37
CA ALA A 99 -18.78 37.84 58.65
C ALA A 99 -19.09 36.54 59.41
N GLY A 100 -18.07 35.77 59.81
CA GLY A 100 -18.26 34.48 60.47
C GLY A 100 -18.65 33.37 59.50
N GLY A 101 -18.25 33.48 58.24
CA GLY A 101 -18.50 32.45 57.24
C GLY A 101 -17.32 31.52 57.12
N ARG A 102 -17.49 30.47 56.33
CA ARG A 102 -16.41 29.55 56.02
C ARG A 102 -16.31 29.51 54.49
N ALA A 103 -15.14 29.85 53.97
CA ALA A 103 -14.93 30.04 52.55
C ALA A 103 -13.84 29.13 52.02
N VAL A 104 -14.13 28.52 50.87
CA VAL A 104 -13.15 27.90 50.00
C VAL A 104 -13.20 28.65 48.66
N VAL A 105 -12.18 28.44 47.84
CA VAL A 105 -12.09 29.06 46.52
C VAL A 105 -12.23 27.98 45.46
N MET A 106 -13.04 28.23 44.45
CA MET A 106 -13.16 27.35 43.29
C MET A 106 -12.53 28.04 42.09
N THR A 107 -11.52 27.39 41.50
CA THR A 107 -10.79 27.99 40.41
C THR A 107 -10.20 26.97 39.44
N TYR A 108 -10.16 27.40 38.18
CA TYR A 108 -9.38 26.72 37.16
C TYR A 108 -7.93 26.96 37.53
N TRP A 109 -7.06 26.11 37.02
CA TRP A 109 -5.72 26.00 37.57
C TRP A 109 -4.75 27.07 37.03
N ASN A 110 -4.96 27.55 35.81
CA ASN A 110 -4.03 28.50 35.23
C ASN A 110 -3.86 29.78 36.05
N PRO A 111 -4.95 30.37 36.58
CA PRO A 111 -4.76 31.53 37.46
C PRO A 111 -3.86 31.25 38.67
N VAL A 112 -3.95 30.03 39.21
CA VAL A 112 -3.10 29.64 40.36
C VAL A 112 -1.64 29.49 39.90
N LEU A 113 -1.44 28.84 38.77
CA LEU A 113 -0.13 28.76 38.15
C LEU A 113 0.50 30.13 37.90
N ARG A 114 -0.30 31.08 37.41
CA ARG A 114 0.19 32.41 37.10
C ARG A 114 0.58 33.16 38.33
N TYR A 115 -0.25 33.03 39.37
CA TYR A 115 -0.01 33.65 40.67
C TYR A 115 1.29 33.10 41.31
N GLY A 116 1.56 31.80 41.10
CA GLY A 116 2.51 31.03 41.91
C GLY A 116 1.65 30.13 42.80
N VAL A 117 1.89 28.83 42.76
CA VAL A 117 1.05 27.89 43.51
C VAL A 117 1.27 28.07 45.01
N ASP A 118 2.52 28.10 45.43
CA ASP A 118 2.81 28.26 46.85
C ASP A 118 2.31 29.62 47.34
N ALA A 119 2.56 30.64 46.53
CA ALA A 119 2.12 31.99 46.83
C ALA A 119 0.60 32.08 47.01
N PHE A 120 -0.15 31.48 46.10
CA PHE A 120 -1.61 31.56 46.17
C PHE A 120 -2.14 30.82 47.38
N ALA A 121 -1.58 29.67 47.68
CA ALA A 121 -1.96 28.92 48.88
C ALA A 121 -1.65 29.73 50.16
N ARG A 122 -0.49 30.39 50.19
CA ARG A 122 -0.11 31.24 51.33
C ARG A 122 -1.11 32.39 51.49
N ASP A 123 -1.42 33.08 50.39
CA ASP A 123 -2.28 34.25 50.45
C ASP A 123 -3.76 33.91 50.70
N LEU A 124 -4.22 32.77 50.17
CA LEU A 124 -5.56 32.24 50.50
C LEU A 124 -5.70 31.89 51.98
N ALA A 125 -4.69 31.21 52.53
CA ALA A 125 -4.68 30.86 53.96
C ALA A 125 -4.71 32.12 54.84
N ALA A 126 -3.84 33.08 54.50
CA ALA A 126 -3.76 34.39 55.18
C ALA A 126 -5.06 35.16 55.08
N ALA A 127 -5.79 35.03 53.97
CA ALA A 127 -7.13 35.62 53.84
C ALA A 127 -8.23 34.93 54.65
N GLY A 128 -7.92 33.82 55.34
CA GLY A 128 -8.93 33.02 56.05
C GLY A 128 -9.57 31.90 55.23
N GLY A 129 -9.17 31.75 53.97
CA GLY A 129 -9.66 30.65 53.16
C GLY A 129 -9.36 29.29 53.79
N LEU A 130 -10.29 28.35 53.62
CA LEU A 130 -10.16 27.03 54.24
C LEU A 130 -9.76 25.94 53.25
N GLY A 131 -9.83 26.25 51.96
CA GLY A 131 -9.51 25.24 50.94
C GLY A 131 -9.71 25.69 49.51
N LEU A 132 -9.41 24.76 48.61
CA LEU A 132 -9.43 24.99 47.18
C LEU A 132 -10.18 23.84 46.48
N ILE A 133 -11.09 24.22 45.56
CA ILE A 133 -11.76 23.27 44.69
C ILE A 133 -11.16 23.44 43.30
N THR A 134 -10.70 22.35 42.71
CA THR A 134 -9.92 22.41 41.49
C THR A 134 -10.55 21.59 40.33
N PRO A 135 -11.51 22.19 39.62
CA PRO A 135 -12.26 21.43 38.64
C PRO A 135 -11.50 20.97 37.40
N ASP A 136 -10.36 21.60 37.07
CA ASP A 136 -9.50 21.07 35.99
C ASP A 136 -8.12 20.64 36.48
N LEU A 137 -7.98 20.39 37.77
CA LEU A 137 -6.76 19.78 38.28
C LEU A 137 -7.12 18.41 38.78
N ILE A 138 -6.56 17.39 38.15
CA ILE A 138 -6.72 16.02 38.60
C ILE A 138 -5.49 15.72 39.47
N PRO A 139 -5.57 14.72 40.34
CA PRO A 139 -4.42 14.34 41.19
C PRO A 139 -3.12 14.08 40.42
N ASP A 140 -3.22 13.52 39.22
CA ASP A 140 -2.05 13.19 38.37
C ASP A 140 -1.12 14.39 38.12
N GLU A 141 -1.69 15.60 38.12
CA GLU A 141 -0.93 16.85 37.94
C GLU A 141 -0.75 17.67 39.21
N ALA A 142 -1.09 17.09 40.38
CA ALA A 142 -1.28 17.86 41.63
C ALA A 142 -0.13 17.85 42.66
N GLN A 143 1.05 17.38 42.26
N GLN A 143 1.07 17.40 42.29
CA GLN A 143 2.23 17.32 43.13
CA GLN A 143 2.22 17.33 43.21
C GLN A 143 2.52 18.64 43.87
C GLN A 143 2.52 18.67 43.90
N GLN A 144 2.64 19.73 43.12
CA GLN A 144 2.88 21.09 43.67
C GLN A 144 1.77 21.54 44.62
N TRP A 145 0.54 21.25 44.22
CA TRP A 145 -0.63 21.62 44.99
C TRP A 145 -0.70 20.85 46.31
N LEU A 146 -0.44 19.55 46.28
CA LEU A 146 -0.46 18.76 47.52
C LEU A 146 0.59 19.29 48.53
N ALA A 147 1.80 19.61 48.07
CA ALA A 147 2.81 20.20 48.95
C ALA A 147 2.36 21.55 49.49
N ALA A 148 1.81 22.40 48.63
CA ALA A 148 1.24 23.69 49.05
C ALA A 148 0.05 23.52 50.00
N SER A 149 -0.79 22.53 49.74
CA SER A 149 -1.91 22.18 50.60
C SER A 149 -1.47 21.73 51.98
N GLU A 150 -0.44 20.90 52.07
CA GLU A 150 0.10 20.47 53.35
C GLU A 150 0.74 21.64 54.09
N GLU A 151 1.69 22.32 53.45
CA GLU A 151 2.38 23.50 54.04
C GLU A 151 1.42 24.48 54.71
N HIS A 152 0.40 24.92 53.99
CA HIS A 152 -0.46 26.03 54.42
C HIS A 152 -1.83 25.58 54.97
N ARG A 153 -1.97 24.29 55.28
CA ARG A 153 -3.17 23.75 55.94
C ARG A 153 -4.48 24.08 55.21
N LEU A 154 -4.52 23.84 53.90
CA LEU A 154 -5.71 24.05 53.10
C LEU A 154 -6.30 22.72 52.67
N ASP A 155 -7.62 22.62 52.76
CA ASP A 155 -8.33 21.48 52.24
C ASP A 155 -8.25 21.49 50.72
N ARG A 156 -8.34 20.30 50.13
CA ARG A 156 -8.18 20.13 48.71
C ARG A 156 -9.28 19.21 48.17
N ILE A 157 -10.25 19.84 47.50
CA ILE A 157 -11.48 19.20 47.05
C ILE A 157 -11.34 18.92 45.54
N PHE A 158 -11.11 17.66 45.20
CA PHE A 158 -11.09 17.22 43.81
C PHE A 158 -12.48 16.74 43.46
N LEU A 159 -12.73 16.58 42.18
CA LEU A 159 -14.04 16.17 41.69
C LEU A 159 -14.00 14.72 41.26
N VAL A 160 -15.12 14.05 41.44
CA VAL A 160 -15.34 12.73 40.86
C VAL A 160 -16.58 12.83 39.98
N ALA A 161 -16.75 11.88 39.06
CA ALA A 161 -17.89 11.91 38.15
C ALA A 161 -18.50 10.52 38.04
N PRO A 162 -19.76 10.43 37.57
CA PRO A 162 -20.38 9.11 37.36
C PRO A 162 -19.52 8.14 36.55
N SER A 163 -18.81 8.65 35.53
CA SER A 163 -17.96 7.85 34.64
C SER A 163 -16.59 7.49 35.24
N SER A 164 -16.23 8.03 36.40
CA SER A 164 -14.93 7.74 36.99
C SER A 164 -14.68 6.23 37.22
N THR A 165 -13.58 5.72 36.69
CA THR A 165 -13.23 4.30 36.89
C THR A 165 -12.96 4.00 38.37
N PRO A 166 -13.10 2.72 38.78
CA PRO A 166 -12.76 2.40 40.18
C PRO A 166 -11.36 2.87 40.62
N GLU A 167 -10.38 2.71 39.75
CA GLU A 167 -9.00 3.06 40.06
C GLU A 167 -8.85 4.57 40.27
N ARG A 168 -9.56 5.36 39.45
CA ARG A 168 -9.47 6.81 39.48
C ARG A 168 -10.34 7.41 40.59
N LEU A 169 -11.47 6.77 40.89
CA LEU A 169 -12.29 7.18 42.01
C LEU A 169 -11.51 7.05 43.32
N ALA A 170 -10.82 5.92 43.47
CA ALA A 170 -9.99 5.66 44.64
C ALA A 170 -8.86 6.67 44.80
N ALA A 171 -8.17 7.01 43.71
CA ALA A 171 -7.04 7.92 43.80
C ALA A 171 -7.48 9.37 44.07
N THR A 172 -8.63 9.73 43.52
CA THR A 172 -9.19 11.07 43.70
C THR A 172 -9.67 11.26 45.14
N VAL A 173 -10.32 10.25 45.68
CA VAL A 173 -10.79 10.28 47.05
C VAL A 173 -9.60 10.30 48.03
N GLU A 174 -8.60 9.47 47.78
CA GLU A 174 -7.39 9.40 48.60
C GLU A 174 -6.60 10.73 48.61
N ALA A 175 -6.62 11.46 47.50
CA ALA A 175 -5.92 12.73 47.40
C ALA A 175 -6.72 13.96 47.91
N SER A 176 -8.02 13.79 48.16
CA SER A 176 -8.86 14.87 48.68
C SER A 176 -8.79 15.04 50.20
N ARG A 177 -9.08 16.25 50.66
CA ARG A 177 -9.20 16.60 52.08
C ARG A 177 -10.36 17.61 52.23
N GLY A 178 -11.24 17.38 53.21
CA GLY A 178 -12.38 18.25 53.49
C GLY A 178 -13.65 17.61 52.98
N PHE A 179 -13.88 17.72 51.69
CA PHE A 179 -14.86 16.88 51.02
C PHE A 179 -14.42 16.53 49.64
N VAL A 180 -15.15 15.62 49.01
CA VAL A 180 -14.92 15.28 47.62
C VAL A 180 -16.18 15.71 46.88
N TYR A 181 -15.99 16.41 45.77
CA TYR A 181 -17.07 17.01 45.00
C TYR A 181 -17.57 15.97 43.98
N ALA A 182 -18.77 15.47 44.18
CA ALA A 182 -19.39 14.51 43.25
C ALA A 182 -20.25 15.29 42.27
N ALA A 183 -19.66 15.62 41.13
CA ALA A 183 -20.28 16.45 40.08
C ALA A 183 -21.05 15.55 39.11
N SER A 184 -22.26 15.93 38.70
CA SER A 184 -23.08 15.06 37.80
C SER A 184 -23.64 15.83 36.60
N SER A 196 -30.08 10.34 36.87
CA SER A 196 -31.32 10.25 37.65
C SER A 196 -31.04 9.50 38.96
N GLN A 197 -30.48 8.29 38.82
CA GLN A 197 -29.89 7.53 39.92
C GLN A 197 -28.35 7.61 39.94
N ALA A 198 -27.76 8.36 39.01
CA ALA A 198 -26.30 8.46 38.91
C ALA A 198 -25.64 9.00 40.19
N ALA A 199 -26.22 10.04 40.79
CA ALA A 199 -25.65 10.71 41.96
C ALA A 199 -25.58 9.86 43.25
N PRO A 200 -26.71 9.24 43.68
CA PRO A 200 -26.55 8.35 44.85
C PRO A 200 -25.60 7.16 44.62
N GLU A 201 -25.61 6.59 43.42
CA GLU A 201 -24.70 5.50 43.10
C GLU A 201 -23.24 5.98 43.22
N LEU A 202 -22.96 7.17 42.73
CA LEU A 202 -21.60 7.74 42.81
C LEU A 202 -21.19 8.00 44.26
N VAL A 203 -22.09 8.60 45.03
CA VAL A 203 -21.85 8.81 46.46
C VAL A 203 -21.61 7.46 47.17
N GLY A 204 -22.42 6.46 46.85
CA GLY A 204 -22.24 5.09 47.37
C GLY A 204 -20.86 4.51 47.09
N ARG A 205 -20.36 4.70 45.87
N ARG A 205 -20.38 4.70 45.86
CA ARG A 205 -19.03 4.23 45.48
CA ARG A 205 -19.05 4.24 45.46
C ARG A 205 -17.90 4.92 46.26
C ARG A 205 -17.90 4.93 46.23
N VAL A 206 -18.11 6.18 46.63
CA VAL A 206 -17.14 6.93 47.47
C VAL A 206 -17.15 6.41 48.91
N LYS A 207 -18.33 6.16 49.44
CA LYS A 207 -18.48 5.67 50.79
C LYS A 207 -17.83 4.29 51.00
N ALA A 208 -17.77 3.47 49.95
CA ALA A 208 -17.19 2.12 50.02
C ALA A 208 -15.69 2.11 50.30
N VAL A 209 -15.00 3.19 49.95
CA VAL A 209 -13.53 3.28 50.10
C VAL A 209 -13.02 4.33 51.10
N SER A 210 -13.93 5.19 51.58
CA SER A 210 -13.55 6.33 52.42
C SER A 210 -14.74 6.87 53.21
N ASP A 211 -14.43 7.35 54.41
CA ASP A 211 -15.38 8.08 55.27
C ASP A 211 -15.43 9.59 54.98
N ILE A 212 -14.72 10.05 53.95
CA ILE A 212 -14.65 11.48 53.64
C ILE A 212 -16.03 12.06 53.27
N PRO A 213 -16.32 13.29 53.76
CA PRO A 213 -17.55 13.94 53.33
C PRO A 213 -17.67 14.06 51.81
N VAL A 214 -18.87 13.81 51.30
CA VAL A 214 -19.14 13.95 49.88
C VAL A 214 -20.19 15.04 49.74
N GLY A 215 -19.82 16.08 49.01
CA GLY A 215 -20.75 17.10 48.52
C GLY A 215 -21.28 16.75 47.12
N VAL A 216 -22.59 16.93 46.90
CA VAL A 216 -23.22 16.63 45.61
C VAL A 216 -23.75 17.88 44.91
N GLY A 217 -23.30 18.09 43.68
CA GLY A 217 -23.85 19.11 42.80
C GLY A 217 -24.75 18.44 41.78
N LEU A 218 -25.93 19.00 41.54
CA LEU A 218 -26.92 18.36 40.67
C LEU A 218 -27.92 19.37 40.04
N GLY A 219 -27.46 20.57 39.71
CA GLY A 219 -28.36 21.65 39.28
C GLY A 219 -29.49 21.96 40.26
N VAL A 220 -29.20 21.91 41.54
CA VAL A 220 -30.19 22.15 42.61
C VAL A 220 -30.80 23.56 42.50
N ARG A 221 -32.12 23.62 42.46
CA ARG A 221 -32.88 24.86 42.24
C ARG A 221 -33.99 25.10 43.27
N SER A 222 -34.20 24.14 44.18
CA SER A 222 -35.37 24.12 45.10
C SER A 222 -35.06 23.43 46.43
N ARG A 223 -35.90 23.72 47.43
CA ARG A 223 -35.83 23.06 48.75
C ARG A 223 -35.99 21.54 48.62
N ALA A 224 -36.94 21.11 47.79
CA ALA A 224 -37.21 19.67 47.63
C ALA A 224 -35.99 18.94 47.07
N GLN A 225 -35.32 19.52 46.09
CA GLN A 225 -34.12 18.89 45.50
C GLN A 225 -32.99 18.79 46.52
N ALA A 226 -32.81 19.84 47.33
CA ALA A 226 -31.78 19.84 48.37
C ALA A 226 -32.02 18.71 49.40
N ALA A 227 -33.29 18.55 49.77
CA ALA A 227 -33.74 17.50 50.69
C ALA A 227 -33.51 16.09 50.17
N GLN A 228 -33.70 15.87 48.86
CA GLN A 228 -33.48 14.54 48.27
C GLN A 228 -32.02 14.16 48.40
N ILE A 229 -31.16 15.12 48.06
CA ILE A 229 -29.72 14.93 48.07
C ILE A 229 -29.20 14.78 49.49
N ALA A 230 -29.81 15.51 50.43
CA ALA A 230 -29.45 15.44 51.84
C ALA A 230 -29.70 14.08 52.52
N GLN A 231 -30.51 13.19 51.91
CA GLN A 231 -30.72 11.81 52.42
C GLN A 231 -29.44 10.93 52.33
N TYR A 232 -28.61 11.14 51.31
CA TYR A 232 -27.43 10.29 51.03
C TYR A 232 -26.07 11.02 51.05
N ALA A 233 -26.08 12.35 50.98
CA ALA A 233 -24.86 13.15 50.87
C ALA A 233 -24.61 13.96 52.13
N ASP A 234 -23.35 14.31 52.35
CA ASP A 234 -22.92 15.12 53.50
C ASP A 234 -23.07 16.62 53.27
N GLY A 235 -23.09 17.02 52.00
CA GLY A 235 -23.27 18.43 51.63
C GLY A 235 -24.02 18.57 50.32
N VAL A 236 -24.83 19.61 50.21
CA VAL A 236 -25.60 19.89 49.01
C VAL A 236 -24.99 21.15 48.42
N ILE A 237 -24.48 21.03 47.19
CA ILE A 237 -23.77 22.11 46.53
C ILE A 237 -24.75 22.76 45.61
N VAL A 238 -24.76 24.09 45.63
CA VAL A 238 -25.66 24.90 44.82
C VAL A 238 -24.91 26.09 44.27
N GLY A 239 -25.10 26.39 42.99
CA GLY A 239 -24.39 27.49 42.33
C GLY A 239 -25.20 28.24 41.29
N SER A 240 -25.51 27.57 40.18
CA SER A 240 -26.33 28.17 39.11
C SER A 240 -27.59 28.84 39.63
N ALA A 241 -28.30 28.18 40.55
CA ALA A 241 -29.56 28.73 41.06
C ALA A 241 -29.34 29.98 41.92
N LEU A 242 -28.21 30.05 42.62
CA LEU A 242 -27.85 31.23 43.40
C LEU A 242 -27.55 32.41 42.49
N VAL A 243 -26.80 32.15 41.42
CA VAL A 243 -26.50 33.17 40.45
C VAL A 243 -27.79 33.68 39.81
N THR A 244 -28.68 32.78 39.39
CA THR A 244 -30.01 33.16 38.85
C THR A 244 -30.78 34.03 39.84
N ALA A 245 -30.76 33.63 41.11
CA ALA A 245 -31.43 34.39 42.17
C ALA A 245 -30.80 35.78 42.31
N LEU A 246 -29.47 35.85 42.38
CA LEU A 246 -28.77 37.12 42.54
C LEU A 246 -29.07 38.10 41.41
N THR A 247 -29.09 37.61 40.19
CA THR A 247 -29.42 38.44 39.02
C THR A 247 -30.75 39.18 39.21
N GLU A 248 -31.74 38.51 39.82
CA GLU A 248 -33.01 39.14 40.16
C GLU A 248 -32.80 40.22 41.22
N GLY A 249 -32.09 39.85 42.28
CA GLY A 249 -31.78 40.78 43.35
C GLY A 249 -31.39 40.07 44.62
N LEU A 250 -30.82 40.85 45.53
CA LEU A 250 -30.35 40.33 46.81
C LEU A 250 -31.48 39.72 47.65
N PRO A 251 -32.65 40.39 47.76
CA PRO A 251 -33.78 39.74 48.47
C PRO A 251 -34.15 38.32 47.97
N ARG A 252 -34.15 38.10 46.65
CA ARG A 252 -34.49 36.80 46.08
C ARG A 252 -33.47 35.72 46.47
N LEU A 253 -32.20 36.11 46.45
CA LEU A 253 -31.09 35.27 46.88
C LEU A 253 -31.24 34.85 48.34
N ARG A 254 -31.62 35.79 49.20
CA ARG A 254 -31.84 35.47 50.63
C ARG A 254 -32.96 34.46 50.80
N ALA A 255 -34.09 34.68 50.14
CA ALA A 255 -35.23 33.78 50.23
C ALA A 255 -34.89 32.36 49.74
N LEU A 256 -34.19 32.24 48.61
CA LEU A 256 -33.79 30.93 48.08
C LEU A 256 -32.85 30.20 49.03
N THR A 257 -31.90 30.93 49.61
CA THR A 257 -30.92 30.32 50.51
C THR A 257 -31.59 29.78 51.76
N GLY A 258 -32.56 30.53 52.29
CA GLY A 258 -33.39 30.06 53.40
C GLY A 258 -34.16 28.80 53.07
N GLU A 259 -34.78 28.75 51.89
CA GLU A 259 -35.47 27.54 51.43
C GLU A 259 -34.50 26.35 51.33
N LEU A 260 -33.30 26.60 50.79
CA LEU A 260 -32.29 25.54 50.62
C LEU A 260 -31.75 25.06 51.97
N ALA A 261 -31.58 25.99 52.91
CA ALA A 261 -31.14 25.67 54.27
C ALA A 261 -32.16 24.80 55.02
N ALA A 262 -33.44 25.05 54.77
CA ALA A 262 -34.50 24.19 55.32
C ALA A 262 -34.51 22.80 54.64
N GLY A 263 -34.18 22.74 53.37
CA GLY A 263 -34.12 21.49 52.65
C GLY A 263 -33.02 20.55 53.12
N VAL A 264 -31.85 21.10 53.48
CA VAL A 264 -30.74 20.27 53.96
C VAL A 264 -31.00 19.67 55.34
N ARG A 265 -31.93 20.25 56.11
CA ARG A 265 -32.31 19.72 57.44
C ARG A 265 -33.38 18.62 57.35
N LEU A 266 -33.05 17.43 57.86
CA LEU A 266 -33.99 16.30 57.95
C LEU A 266 -34.69 16.19 59.31
N GLY A 267 -34.08 16.74 60.38
CA GLY A 267 -34.63 16.70 61.75
C GLY A 267 -35.08 18.07 62.22
N ILE B 5 6.06 0.77 9.19
CA ILE B 5 6.55 0.19 10.50
C ILE B 5 6.31 1.17 11.65
N ALA B 6 5.93 0.65 12.80
CA ALA B 6 5.93 1.43 14.05
C ALA B 6 7.28 2.18 14.24
N GLU B 7 7.23 3.51 14.23
CA GLU B 7 8.44 4.34 14.28
C GLU B 7 8.89 4.61 15.73
N PRO B 8 10.21 4.93 15.93
CA PRO B 8 10.78 4.96 17.30
C PRO B 8 10.13 5.96 18.29
N THR B 9 10.36 5.73 19.58
CA THR B 9 9.67 6.46 20.65
C THR B 9 10.64 7.30 21.53
N SER B 10 11.79 7.67 21.00
CA SER B 10 12.81 8.40 21.80
C SER B 10 12.35 9.80 22.27
N HIS B 11 11.58 10.48 21.41
CA HIS B 11 11.07 11.83 21.69
C HIS B 11 9.65 11.85 22.29
N ASP B 12 9.10 10.69 22.63
CA ASP B 12 7.75 10.61 23.17
C ASP B 12 7.68 11.03 24.62
N PRO B 13 6.50 11.49 25.06
CA PRO B 13 6.35 11.88 26.46
C PRO B 13 6.29 10.67 27.38
N ASP B 14 6.12 10.89 28.69
CA ASP B 14 5.89 9.76 29.62
C ASP B 14 4.42 9.30 29.51
N SER B 15 4.02 8.33 30.32
CA SER B 15 2.67 7.81 30.24
C SER B 15 1.60 8.81 30.68
N GLY B 16 2.00 9.85 31.41
CA GLY B 16 1.12 10.95 31.77
C GLY B 16 1.02 12.05 30.74
N GLY B 17 1.73 11.94 29.62
CA GLY B 17 1.76 12.99 28.61
C GLY B 17 2.81 14.06 28.75
N HIS B 18 3.79 13.85 29.62
CA HIS B 18 4.77 14.89 29.90
C HIS B 18 6.04 14.78 29.05
N PHE B 19 6.46 15.89 28.47
CA PHE B 19 7.74 16.03 27.76
C PHE B 19 8.72 16.69 28.69
N GLY B 20 9.89 16.07 28.91
CA GLY B 20 10.96 16.68 29.67
C GLY B 20 10.91 16.48 31.17
N GLY B 21 10.27 15.41 31.62
CA GLY B 21 10.21 15.10 33.05
C GLY B 21 8.78 14.98 33.51
N PRO B 22 8.57 14.30 34.66
CA PRO B 22 7.22 13.90 35.08
C PRO B 22 6.27 15.06 35.43
N SER B 23 6.75 16.30 35.57
CA SER B 23 5.90 17.50 35.71
C SER B 23 6.24 18.61 34.70
N GLY B 24 6.71 18.25 33.51
CA GLY B 24 7.09 19.26 32.52
C GLY B 24 5.89 19.54 31.60
N TRP B 25 6.17 19.66 30.32
CA TRP B 25 5.23 20.19 29.35
C TRP B 25 4.20 19.14 28.99
N GLY B 26 3.00 19.57 28.63
CA GLY B 26 1.95 18.68 28.19
C GLY B 26 1.09 18.29 29.35
N GLY B 27 0.96 17.00 29.60
CA GLY B 27 0.13 16.48 30.70
C GLY B 27 -1.35 16.44 30.35
N ARG B 28 -2.18 16.41 31.39
CA ARG B 28 -3.65 16.43 31.25
C ARG B 28 -4.27 17.39 32.25
N TYR B 29 -4.41 18.63 31.83
CA TYR B 29 -5.04 19.68 32.65
C TYR B 29 -6.50 19.79 32.24
N VAL B 30 -7.27 18.79 32.66
CA VAL B 30 -8.64 18.61 32.28
C VAL B 30 -9.45 18.17 33.47
N PRO B 31 -10.78 18.25 33.37
CA PRO B 31 -11.62 17.74 34.46
C PRO B 31 -11.63 16.23 34.54
N GLU B 32 -11.80 15.70 35.75
CA GLU B 32 -12.05 14.27 35.94
C GLU B 32 -13.24 13.76 35.12
N ALA B 33 -14.24 14.60 34.88
CA ALA B 33 -15.36 14.21 34.00
C ALA B 33 -14.93 13.73 32.59
N LEU B 34 -13.83 14.26 32.07
CA LEU B 34 -13.26 13.79 30.79
C LEU B 34 -12.30 12.59 30.85
N MET B 35 -11.92 12.13 32.02
CA MET B 35 -10.80 11.20 32.11
C MET B 35 -11.09 9.78 31.65
N ALA B 36 -12.31 9.30 31.85
CA ALA B 36 -12.70 7.98 31.34
C ALA B 36 -12.50 7.93 29.82
N VAL B 37 -13.09 8.88 29.11
CA VAL B 37 -13.00 8.90 27.66
C VAL B 37 -11.59 9.22 27.16
N ILE B 38 -10.84 10.06 27.88
CA ILE B 38 -9.45 10.29 27.54
C ILE B 38 -8.65 9.00 27.71
N GLU B 39 -8.88 8.25 28.78
CA GLU B 39 -8.16 6.96 28.97
C GLU B 39 -8.52 5.87 27.93
N GLU B 40 -9.79 5.78 27.57
CA GLU B 40 -10.27 4.87 26.52
C GLU B 40 -9.56 5.15 25.19
N VAL B 41 -9.55 6.41 24.77
CA VAL B 41 -8.84 6.83 23.56
C VAL B 41 -7.33 6.57 23.66
N THR B 42 -6.76 6.82 24.83
CA THR B 42 -5.33 6.59 25.02
C THR B 42 -4.97 5.11 24.83
N ALA B 43 -5.73 4.23 25.45
CA ALA B 43 -5.48 2.78 25.37
C ALA B 43 -5.72 2.29 23.92
N ALA B 44 -6.71 2.86 23.26
CA ALA B 44 -7.02 2.51 21.88
C ALA B 44 -5.86 2.86 20.98
N TYR B 45 -5.33 4.08 21.14
CA TYR B 45 -4.26 4.54 20.29
C TYR B 45 -2.95 3.79 20.56
N GLN B 46 -2.71 3.40 21.81
CA GLN B 46 -1.51 2.61 22.17
C GLN B 46 -1.50 1.27 21.48
N LYS B 47 -2.67 0.66 21.40
CA LYS B 47 -2.85 -0.58 20.65
C LYS B 47 -2.64 -0.35 19.14
N GLU B 48 -3.33 0.63 18.57
CA GLU B 48 -3.35 0.77 17.11
C GLU B 48 -2.06 1.33 16.52
N ARG B 49 -1.36 2.20 17.23
CA ARG B 49 -0.10 2.76 16.71
C ARG B 49 1.02 1.73 16.50
N VAL B 50 0.94 0.59 17.16
CA VAL B 50 1.88 -0.53 16.94
C VAL B 50 1.25 -1.67 16.12
N SER B 51 0.04 -1.45 15.60
CA SER B 51 -0.65 -2.44 14.79
C SER B 51 -0.29 -2.19 13.31
N GLN B 52 0.38 -3.15 12.71
CA GLN B 52 0.71 -3.08 11.29
C GLN B 52 -0.54 -2.96 10.39
N ASP B 53 -1.68 -3.52 10.83
CA ASP B 53 -2.90 -3.46 10.05
C ASP B 53 -3.55 -2.08 10.05
N PHE B 54 -3.40 -1.37 11.17
CA PHE B 54 -3.81 0.04 11.28
C PHE B 54 -2.94 0.90 10.37
N LEU B 55 -1.63 0.72 10.45
CA LEU B 55 -0.72 1.53 9.62
C LEU B 55 -0.91 1.26 8.13
N ASP B 56 -1.18 0.00 7.76
CA ASP B 56 -1.50 -0.36 6.37
C ASP B 56 -2.80 0.34 5.88
N ASP B 57 -3.84 0.33 6.71
CA ASP B 57 -5.10 1.04 6.44
C ASP B 57 -4.85 2.53 6.21
N LEU B 58 -4.09 3.14 7.10
CA LEU B 58 -3.81 4.58 7.02
C LEU B 58 -2.94 4.86 5.81
N ASP B 59 -1.89 4.07 5.61
CA ASP B 59 -1.04 4.20 4.42
C ASP B 59 -1.83 4.11 3.10
N ARG B 60 -2.77 3.15 3.05
CA ARG B 60 -3.57 2.92 1.89
C ARG B 60 -4.48 4.13 1.58
N LEU B 61 -5.07 4.71 2.61
CA LEU B 61 -5.83 5.94 2.40
C LEU B 61 -4.94 7.13 2.08
N GLN B 62 -3.79 7.25 2.76
CA GLN B 62 -2.82 8.28 2.42
C GLN B 62 -2.43 8.23 0.90
N ALA B 63 -2.17 7.03 0.38
CA ALA B 63 -1.69 6.86 -1.00
C ALA B 63 -2.80 7.12 -2.03
N ASN B 64 -3.88 6.37 -1.94
CA ASN B 64 -4.88 6.31 -2.99
C ASN B 64 -5.97 7.34 -2.90
N TYR B 65 -6.30 7.78 -1.69
CA TYR B 65 -7.39 8.71 -1.44
C TYR B 65 -6.85 10.12 -1.34
N ALA B 66 -5.85 10.32 -0.48
CA ALA B 66 -5.31 11.64 -0.22
C ALA B 66 -4.25 12.08 -1.20
N GLY B 67 -3.62 11.14 -1.92
CA GLY B 67 -2.57 11.46 -2.90
C GLY B 67 -1.12 11.63 -2.42
N ARG B 68 -0.78 10.99 -1.31
CA ARG B 68 0.59 11.00 -0.82
C ARG B 68 1.43 10.08 -1.70
N PRO B 69 2.74 10.29 -1.81
CA PRO B 69 3.46 11.42 -1.21
C PRO B 69 3.19 12.77 -1.90
N SER B 70 3.28 13.84 -1.13
CA SER B 70 3.28 15.16 -1.72
C SER B 70 4.70 15.41 -2.24
N PRO B 71 4.84 16.13 -3.34
CA PRO B 71 6.15 16.39 -3.88
C PRO B 71 6.92 17.47 -3.11
N LEU B 72 8.21 17.57 -3.38
CA LEU B 72 9.08 18.63 -2.90
C LEU B 72 9.48 19.43 -4.13
N TYR B 73 9.25 20.73 -4.11
CA TYR B 73 9.45 21.58 -5.27
C TYR B 73 10.47 22.68 -4.99
N GLU B 74 11.58 22.70 -5.71
CA GLU B 74 12.55 23.77 -5.54
C GLU B 74 12.03 25.00 -6.27
N ALA B 75 11.68 26.01 -5.48
CA ALA B 75 11.12 27.26 -5.98
C ALA B 75 12.29 28.16 -6.35
N THR B 76 12.93 27.88 -7.48
CA THR B 76 14.11 28.59 -7.93
C THR B 76 13.85 30.08 -8.13
N ARG B 77 12.60 30.43 -8.45
CA ARG B 77 12.27 31.85 -8.65
C ARG B 77 12.12 32.68 -7.38
N LEU B 78 12.13 32.04 -6.21
CA LEU B 78 12.21 32.76 -4.94
C LEU B 78 13.64 33.11 -4.52
N SER B 79 14.62 32.43 -5.09
CA SER B 79 15.99 32.47 -4.60
C SER B 79 16.54 33.88 -4.38
N GLN B 80 16.35 34.75 -5.37
CA GLN B 80 16.83 36.15 -5.36
C GLN B 80 16.28 36.93 -4.15
N HIS B 81 15.08 36.57 -3.69
CA HIS B 81 14.49 37.15 -2.51
C HIS B 81 14.84 36.47 -1.18
N ALA B 82 15.62 35.38 -1.24
CA ALA B 82 16.06 34.68 -0.05
C ALA B 82 17.58 34.63 0.03
N GLY B 83 18.23 35.72 -0.38
CA GLY B 83 19.69 35.86 -0.32
C GLY B 83 20.43 34.85 -1.18
N SER B 84 19.82 34.45 -2.29
CA SER B 84 20.29 33.35 -3.15
C SER B 84 20.39 31.96 -2.48
N ALA B 85 19.69 31.77 -1.37
CA ALA B 85 19.47 30.44 -0.80
C ALA B 85 18.46 29.68 -1.69
N ARG B 86 18.35 28.39 -1.42
CA ARG B 86 17.52 27.50 -2.19
C ARG B 86 16.32 27.09 -1.34
N ILE B 87 15.12 27.45 -1.78
CA ILE B 87 13.90 27.22 -1.04
C ILE B 87 13.17 26.05 -1.67
N PHE B 88 13.02 24.95 -0.94
CA PHE B 88 12.29 23.76 -1.39
C PHE B 88 10.96 23.72 -0.65
N LEU B 89 9.86 23.59 -1.38
CA LEU B 89 8.54 23.65 -0.79
C LEU B 89 7.99 22.25 -0.68
N LYS B 90 7.71 21.81 0.54
CA LYS B 90 7.01 20.54 0.75
C LYS B 90 5.51 20.81 0.52
N ARG B 91 4.96 20.20 -0.52
CA ARG B 91 3.68 20.67 -1.08
C ARG B 91 2.43 20.00 -0.49
N GLU B 92 2.17 20.25 0.79
CA GLU B 92 0.94 19.75 1.42
C GLU B 92 -0.30 20.47 0.87
N ASP B 93 -0.09 21.61 0.20
CA ASP B 93 -1.12 22.29 -0.57
C ASP B 93 -1.82 21.40 -1.61
N LEU B 94 -1.16 20.32 -2.05
CA LEU B 94 -1.76 19.43 -3.02
C LEU B 94 -2.52 18.25 -2.42
N ASN B 95 -2.61 18.13 -1.09
CA ASN B 95 -3.34 17.01 -0.48
C ASN B 95 -4.80 17.21 -0.78
N HIS B 96 -5.53 16.11 -0.77
CA HIS B 96 -6.97 16.18 -0.78
C HIS B 96 -7.43 17.05 0.38
N THR B 97 -8.39 17.93 0.10
CA THR B 97 -8.87 19.04 0.95
C THR B 97 -7.97 20.29 0.97
N GLY B 98 -6.75 20.18 0.46
CA GLY B 98 -5.86 21.32 0.35
C GLY B 98 -5.02 21.66 1.54
N SER B 99 -4.94 20.79 2.54
CA SER B 99 -3.92 20.97 3.58
C SER B 99 -3.45 19.66 4.21
N HIS B 100 -2.41 19.81 5.04
CA HIS B 100 -1.98 18.76 5.97
C HIS B 100 -3.07 18.23 6.94
N1 LLP B 101 -1.63 25.95 7.83
C2 LLP B 101 -2.83 25.67 7.30
C2' LLP B 101 -3.03 25.67 5.76
C3 LLP B 101 -3.93 25.38 8.15
O3 LLP B 101 -5.18 25.09 7.58
C4 LLP B 101 -3.77 25.38 9.54
C4' LLP B 101 -5.07 24.97 10.42
C5 LLP B 101 -2.54 25.64 10.06
C6 LLP B 101 -1.47 25.96 9.22
C5' LLP B 101 -2.28 25.73 11.59
OP4 LLP B 101 -2.45 24.54 12.29
P LLP B 101 -1.21 23.76 12.80
OP1 LLP B 101 -0.19 24.67 13.53
OP2 LLP B 101 -0.55 23.14 11.65
OP3 LLP B 101 -1.81 22.71 13.68
N LLP B 101 -4.15 18.96 7.20
CA LLP B 101 -5.18 18.49 8.16
CB LLP B 101 -6.25 19.53 8.39
CG LLP B 101 -5.67 20.73 9.16
CD LLP B 101 -6.83 21.70 9.47
CE LLP B 101 -6.47 22.89 10.42
NZ LLP B 101 -5.56 23.80 9.74
C LLP B 101 -5.80 17.16 7.80
O LLP B 101 -6.25 16.42 8.68
N ILE B 102 -5.83 16.84 6.51
CA ILE B 102 -6.34 15.56 6.06
C ILE B 102 -5.56 14.37 6.67
N ASN B 103 -4.26 14.55 6.92
CA ASN B 103 -3.43 13.48 7.50
C ASN B 103 -3.94 13.12 8.89
N ASN B 104 -4.28 14.15 9.66
CA ASN B 104 -4.80 14.02 11.00
C ASN B 104 -6.16 13.34 11.05
N VAL B 105 -7.14 13.89 10.35
CA VAL B 105 -8.50 13.36 10.37
C VAL B 105 -8.61 11.95 9.78
N LEU B 106 -7.75 11.57 8.85
CA LEU B 106 -7.74 10.17 8.38
C LEU B 106 -7.34 9.22 9.52
N GLY B 107 -6.28 9.58 10.25
CA GLY B 107 -5.81 8.78 11.37
C GLY B 107 -6.87 8.63 12.45
N GLN B 108 -7.46 9.76 12.85
CA GLN B 108 -8.44 9.76 13.94
C GLN B 108 -9.76 9.12 13.56
N ALA B 109 -10.18 9.26 12.30
CA ALA B 109 -11.44 8.68 11.89
C ALA B 109 -11.28 7.17 11.84
N LEU B 110 -10.11 6.70 11.37
CA LEU B 110 -9.80 5.26 11.44
C LEU B 110 -9.79 4.75 12.87
N LEU B 111 -9.19 5.52 13.77
CA LEU B 111 -9.16 5.20 15.18
C LEU B 111 -10.57 5.13 15.77
N ALA B 112 -11.40 6.13 15.47
CA ALA B 112 -12.79 6.14 15.94
C ALA B 112 -13.52 4.87 15.56
N ARG B 113 -13.36 4.46 14.31
N ARG B 113 -13.35 4.47 14.31
CA ARG B 113 -13.93 3.20 13.80
CA ARG B 113 -13.89 3.25 13.77
C ARG B 113 -13.36 1.97 14.52
C ARG B 113 -13.36 1.98 14.49
N ARG B 114 -12.05 1.92 14.72
CA ARG B 114 -11.45 0.84 15.51
C ARG B 114 -12.07 0.75 16.93
N MET B 115 -12.42 1.90 17.50
CA MET B 115 -13.02 1.97 18.84
C MET B 115 -14.51 1.65 18.87
N GLY B 116 -15.12 1.34 17.73
CA GLY B 116 -16.55 1.07 17.64
C GLY B 116 -17.41 2.32 17.79
N LYS B 117 -16.82 3.53 17.69
CA LYS B 117 -17.58 4.77 17.81
C LYS B 117 -18.31 4.99 16.50
N THR B 118 -19.59 5.39 16.57
CA THR B 118 -20.41 5.62 15.35
C THR B 118 -20.53 7.08 14.95
N ARG B 119 -20.13 7.97 15.86
CA ARG B 119 -20.34 9.40 15.74
C ARG B 119 -18.98 10.12 16.04
N VAL B 120 -18.65 11.13 15.23
CA VAL B 120 -17.50 12.01 15.45
C VAL B 120 -17.94 13.47 15.56
N ILE B 121 -17.39 14.17 16.54
CA ILE B 121 -17.61 15.59 16.72
C ILE B 121 -16.29 16.34 16.65
N ALA B 122 -16.40 17.62 16.36
CA ALA B 122 -15.26 18.49 16.28
C ALA B 122 -15.75 19.93 16.28
N GLU B 123 -14.82 20.86 16.32
CA GLU B 123 -15.16 22.25 16.21
C GLU B 123 -14.26 22.94 15.19
N THR B 124 -14.69 24.10 14.73
CA THR B 124 -13.88 24.82 13.75
C THR B 124 -14.06 26.32 13.88
N GLY B 125 -13.02 27.08 13.52
CA GLY B 125 -13.05 28.55 13.52
C GLY B 125 -13.56 29.07 12.19
N ALA B 126 -12.64 29.24 11.24
CA ALA B 126 -12.99 29.66 9.88
C ALA B 126 -13.55 28.50 9.04
N GLY B 127 -13.21 27.25 9.38
CA GLY B 127 -13.86 26.09 8.75
C GLY B 127 -12.98 24.97 8.29
N GLN B 128 -11.66 25.15 8.31
CA GLN B 128 -10.77 24.19 7.68
C GLN B 128 -10.82 22.81 8.37
N HIS B 129 -10.66 22.78 9.70
CA HIS B 129 -10.70 21.52 10.43
C HIS B 129 -12.09 20.88 10.41
N GLY B 130 -13.13 21.72 10.33
CA GLY B 130 -14.49 21.24 10.21
C GLY B 130 -14.74 20.51 8.89
N VAL B 131 -14.22 21.08 7.80
CA VAL B 131 -14.32 20.48 6.48
C VAL B 131 -13.50 19.19 6.39
N ALA B 132 -12.29 19.22 6.97
CA ALA B 132 -11.46 18.03 6.98
C ALA B 132 -12.10 16.88 7.75
N THR B 133 -12.63 17.18 8.93
CA THR B 133 -13.28 16.15 9.75
C THR B 133 -14.51 15.58 9.04
N ALA B 134 -15.34 16.45 8.46
CA ALA B 134 -16.51 16.00 7.73
C ALA B 134 -16.14 15.16 6.52
N THR B 135 -15.04 15.51 5.85
CA THR B 135 -14.49 14.72 4.75
C THR B 135 -14.15 13.29 5.18
N ALA B 136 -13.31 13.14 6.21
CA ALA B 136 -12.96 11.80 6.72
C ALA B 136 -14.18 11.00 7.19
N CYS B 137 -15.18 11.67 7.76
CA CYS B 137 -16.38 10.99 8.23
C CYS B 137 -17.27 10.49 7.12
N ALA B 138 -17.36 11.26 6.04
CA ALA B 138 -18.12 10.82 4.88
C ALA B 138 -17.46 9.58 4.28
N LEU B 139 -16.13 9.65 4.13
CA LEU B 139 -15.31 8.52 3.71
C LEU B 139 -15.60 7.23 4.46
N LEU B 140 -15.62 7.30 5.78
CA LEU B 140 -15.75 6.10 6.62
C LEU B 140 -17.16 5.80 7.13
N GLY B 141 -18.14 6.55 6.65
CA GLY B 141 -19.56 6.37 7.03
C GLY B 141 -19.84 6.64 8.49
N LEU B 142 -19.18 7.64 9.08
CA LEU B 142 -19.41 8.05 10.46
C LEU B 142 -20.34 9.26 10.50
N ASP B 143 -21.25 9.30 11.47
CA ASP B 143 -22.07 10.48 11.73
C ASP B 143 -21.19 11.59 12.25
N CYS B 144 -21.37 12.79 11.72
CA CYS B 144 -20.44 13.91 11.96
C CYS B 144 -21.21 15.13 12.42
N VAL B 145 -20.77 15.75 13.51
CA VAL B 145 -21.35 16.98 14.04
C VAL B 145 -20.21 17.95 14.28
N ILE B 146 -20.29 19.12 13.64
CA ILE B 146 -19.29 20.16 13.75
C ILE B 146 -19.91 21.34 14.50
N TYR B 147 -19.21 21.79 15.54
CA TYR B 147 -19.61 22.93 16.34
C TYR B 147 -18.83 24.12 15.83
N MET B 148 -19.53 25.22 15.69
CA MET B 148 -18.94 26.40 15.04
C MET B 148 -19.63 27.63 15.59
N GLY B 149 -18.85 28.63 15.96
CA GLY B 149 -19.41 29.87 16.49
C GLY B 149 -20.36 30.55 15.50
N GLY B 150 -21.52 30.99 16.01
CA GLY B 150 -22.48 31.81 15.26
C GLY B 150 -21.89 32.94 14.40
N ILE B 151 -20.86 33.62 14.91
CA ILE B 151 -20.18 34.68 14.16
C ILE B 151 -19.35 34.11 13.02
N ASP B 152 -18.77 32.94 13.24
CA ASP B 152 -18.07 32.24 12.18
C ASP B 152 -19.03 31.66 11.11
N THR B 153 -20.12 31.01 11.52
CA THR B 153 -21.07 30.42 10.56
C THR B 153 -21.68 31.46 9.61
N ALA B 154 -22.14 32.59 10.14
CA ALA B 154 -22.67 33.68 9.28
C ALA B 154 -21.60 34.26 8.33
N ARG B 155 -20.33 34.17 8.71
CA ARG B 155 -19.22 34.71 7.94
C ARG B 155 -18.55 33.68 6.99
N GLN B 156 -18.99 32.42 7.06
CA GLN B 156 -18.36 31.33 6.31
C GLN B 156 -19.42 30.45 5.66
N ALA B 157 -20.33 31.09 4.93
CA ALA B 157 -21.52 30.42 4.40
C ALA B 157 -21.17 29.22 3.54
N LEU B 158 -20.09 29.31 2.76
CA LEU B 158 -19.68 28.23 1.85
C LEU B 158 -18.96 27.09 2.52
N ASN B 159 -18.23 27.37 3.59
CA ASN B 159 -17.65 26.27 4.38
C ASN B 159 -18.69 25.48 5.16
N VAL B 160 -19.71 26.16 5.69
CA VAL B 160 -20.83 25.50 6.32
C VAL B 160 -21.54 24.61 5.29
N ALA B 161 -21.70 25.16 4.09
CA ALA B 161 -22.34 24.44 2.99
C ALA B 161 -21.52 23.23 2.52
N ARG B 162 -20.21 23.37 2.42
CA ARG B 162 -19.33 22.22 2.17
C ARG B 162 -19.58 21.11 3.19
N MET B 163 -19.62 21.48 4.47
CA MET B 163 -19.76 20.50 5.54
C MET B 163 -21.08 19.78 5.41
N ARG B 164 -22.13 20.50 5.03
CA ARG B 164 -23.44 19.89 4.89
C ARG B 164 -23.56 19.00 3.65
N LEU B 165 -22.95 19.39 2.53
CA LEU B 165 -22.86 18.54 1.33
C LEU B 165 -22.15 17.23 1.65
N LEU B 166 -21.17 17.32 2.55
CA LEU B 166 -20.44 16.17 3.04
C LEU B 166 -21.24 15.32 4.01
N GLY B 167 -22.50 15.67 4.30
CA GLY B 167 -23.35 14.89 5.18
C GLY B 167 -23.24 15.25 6.65
N ALA B 168 -22.38 16.20 7.03
CA ALA B 168 -22.25 16.58 8.44
C ALA B 168 -23.36 17.53 8.88
N GLU B 169 -23.73 17.48 10.16
CA GLU B 169 -24.56 18.49 10.80
C GLU B 169 -23.63 19.60 11.32
N VAL B 170 -23.98 20.86 11.06
CA VAL B 170 -23.25 22.01 11.59
C VAL B 170 -24.11 22.68 12.66
N VAL B 171 -23.60 22.77 13.88
CA VAL B 171 -24.33 23.40 14.97
C VAL B 171 -23.69 24.75 15.22
N ALA B 172 -24.44 25.80 14.90
CA ALA B 172 -24.04 27.20 15.10
C ALA B 172 -24.24 27.53 16.56
N VAL B 173 -23.16 27.83 17.27
CA VAL B 173 -23.26 28.11 18.70
C VAL B 173 -23.57 29.61 18.87
N GLN B 174 -24.77 29.91 19.34
CA GLN B 174 -25.22 31.29 19.47
C GLN B 174 -25.03 31.89 20.87
N THR B 175 -24.45 31.15 21.81
CA THR B 175 -24.27 31.63 23.17
C THR B 175 -22.92 32.33 23.33
N GLY B 176 -22.82 33.16 24.37
CA GLY B 176 -21.57 33.82 24.71
C GLY B 176 -21.07 34.76 23.63
N SER B 177 -19.78 34.67 23.32
CA SER B 177 -19.20 35.48 22.26
C SER B 177 -19.46 34.90 20.84
N LYS B 178 -20.11 33.72 20.77
CA LYS B 178 -20.42 33.05 19.50
C LYS B 178 -19.20 32.81 18.64
N THR B 179 -18.05 32.49 19.27
CA THR B 179 -16.79 32.24 18.54
C THR B 179 -16.28 30.82 18.76
N LEU B 180 -15.08 30.53 18.28
CA LEU B 180 -14.40 29.23 18.43
C LEU B 180 -14.42 28.73 19.87
N LYS B 181 -14.01 29.61 20.76
CA LYS B 181 -14.09 29.41 22.22
C LYS B 181 -15.39 28.77 22.73
N ASP B 182 -16.52 29.29 22.25
CA ASP B 182 -17.84 28.76 22.63
C ASP B 182 -18.16 27.41 21.97
N ALA B 183 -17.63 27.18 20.76
CA ALA B 183 -17.81 25.91 20.05
C ALA B 183 -17.02 24.78 20.74
N ILE B 184 -15.76 25.05 21.07
CA ILE B 184 -14.94 24.15 21.90
C ILE B 184 -15.71 23.75 23.15
N ASN B 185 -16.33 24.72 23.78
CA ASN B 185 -17.06 24.47 25.00
C ASN B 185 -18.22 23.48 24.77
N GLU B 186 -18.97 23.67 23.68
CA GLU B 186 -20.09 22.75 23.36
C GLU B 186 -19.64 21.36 22.93
N ALA B 187 -18.51 21.30 22.21
CA ALA B 187 -17.93 20.04 21.74
C ALA B 187 -17.48 19.13 22.91
N PHE B 188 -16.69 19.71 23.83
CA PHE B 188 -16.30 19.01 25.08
C PHE B 188 -17.50 18.50 25.89
N ARG B 189 -18.58 19.28 25.94
CA ARG B 189 -19.80 18.87 26.67
C ARG B 189 -20.54 17.73 25.96
N ASP B 190 -20.63 17.80 24.62
CA ASP B 190 -21.21 16.74 23.79
C ASP B 190 -20.43 15.43 24.05
N TRP B 191 -19.10 15.52 24.02
CA TRP B 191 -18.23 14.37 24.24
C TRP B 191 -18.55 13.61 25.51
N VAL B 192 -18.64 14.35 26.62
CA VAL B 192 -18.92 13.76 27.94
C VAL B 192 -20.29 13.05 27.95
N ALA B 193 -21.31 13.70 27.41
CA ALA B 193 -22.66 13.13 27.37
C ALA B 193 -22.75 11.90 26.47
N ASN B 194 -21.99 11.91 25.36
CA ASN B 194 -22.13 10.89 24.34
C ASN B 194 -20.90 10.01 24.15
N ALA B 195 -20.06 9.99 25.20
CA ALA B 195 -18.80 9.25 25.21
C ALA B 195 -18.90 7.81 24.76
N ASP B 196 -20.01 7.14 25.06
CA ASP B 196 -20.17 5.74 24.69
C ASP B 196 -20.16 5.49 23.18
N ASN B 197 -20.71 6.43 22.38
CA ASN B 197 -20.78 6.29 20.91
C ASN B 197 -19.98 7.35 20.14
N THR B 198 -19.34 8.30 20.82
CA THR B 198 -18.77 9.48 20.16
C THR B 198 -17.28 9.64 20.36
N TYR B 199 -16.59 9.99 19.27
CA TYR B 199 -15.18 10.27 19.25
C TYR B 199 -14.98 11.75 18.96
N TYR B 200 -14.06 12.39 19.67
CA TYR B 200 -13.76 13.81 19.48
C TYR B 200 -12.48 14.00 18.67
N CYS B 201 -12.63 14.61 17.51
CA CYS B 201 -11.52 14.75 16.58
C CYS B 201 -10.81 16.07 16.86
N PHE B 202 -9.74 15.99 17.64
CA PHE B 202 -8.90 17.15 17.97
C PHE B 202 -8.18 17.71 16.79
N GLY B 203 -8.14 19.03 16.73
CA GLY B 203 -7.73 19.75 15.55
C GLY B 203 -6.25 19.97 15.35
N THR B 204 -5.45 19.87 16.41
CA THR B 204 -4.03 20.22 16.31
C THR B 204 -3.21 19.45 17.36
N ALA B 205 -1.91 19.68 17.37
CA ALA B 205 -0.97 18.96 18.24
C ALA B 205 -0.96 19.58 19.61
N ALA B 206 -2.15 19.64 20.19
CA ALA B 206 -2.33 20.30 21.48
C ALA B 206 -3.45 19.55 22.18
N GLY B 207 -3.82 20.03 23.35
CA GLY B 207 -4.81 19.35 24.16
C GLY B 207 -4.19 18.42 25.18
N PRO B 208 -5.04 17.68 25.91
CA PRO B 208 -4.52 16.74 26.85
C PRO B 208 -3.94 15.53 26.11
N HIS B 209 -2.98 14.87 26.76
CA HIS B 209 -2.51 13.56 26.31
C HIS B 209 -3.72 12.63 26.15
N PRO B 210 -3.89 11.93 25.03
CA PRO B 210 -2.85 11.59 24.06
C PRO B 210 -2.74 12.45 22.78
N PHE B 211 -3.44 13.56 22.71
CA PHE B 211 -3.62 14.23 21.41
C PHE B 211 -2.37 14.88 20.81
N PRO B 212 -1.53 15.50 21.62
CA PRO B 212 -0.33 16.07 21.00
C PRO B 212 0.54 15.03 20.33
N THR B 213 0.70 13.89 20.97
CA THR B 213 1.52 12.80 20.42
C THR B 213 0.84 12.13 19.24
N MET B 214 -0.46 11.85 19.37
CA MET B 214 -1.23 11.21 18.29
C MET B 214 -1.26 12.09 17.05
N VAL B 215 -1.57 13.37 17.22
CA VAL B 215 -1.69 14.25 16.05
C VAL B 215 -0.32 14.35 15.35
N ARG B 216 0.72 14.57 16.15
CA ARG B 216 2.07 14.55 15.62
C ARG B 216 2.37 13.24 14.90
N ASP B 217 1.97 12.11 15.49
CA ASP B 217 2.19 10.83 14.80
C ASP B 217 1.56 10.76 13.42
N PHE B 218 0.35 11.29 13.27
CA PHE B 218 -0.33 11.27 11.99
C PHE B 218 0.25 12.31 11.02
N GLN B 219 1.00 13.30 11.52
CA GLN B 219 1.67 14.26 10.67
C GLN B 219 3.15 13.98 10.37
N ARG B 220 3.75 13.04 11.10
CA ARG B 220 5.15 12.62 10.93
C ARG B 220 5.50 12.30 9.49
N ILE B 221 4.53 11.77 8.75
CA ILE B 221 4.71 11.39 7.36
C ILE B 221 5.30 12.53 6.50
N ILE B 222 4.93 13.77 6.80
CA ILE B 222 5.42 14.93 6.06
C ILE B 222 6.95 14.96 6.12
N GLY B 223 7.50 14.96 7.33
CA GLY B 223 8.92 14.99 7.52
C GLY B 223 9.65 13.78 7.00
N MET B 224 9.03 12.61 7.16
N MET B 224 9.08 12.57 7.15
CA MET B 224 9.57 11.34 6.66
CA MET B 224 9.77 11.37 6.67
C MET B 224 9.81 11.37 5.16
C MET B 224 9.83 11.33 5.13
N GLU B 225 8.79 11.78 4.44
CA GLU B 225 8.85 11.96 2.98
C GLU B 225 9.91 13.01 2.63
N ALA B 226 9.86 14.15 3.33
CA ALA B 226 10.71 15.29 3.02
C ALA B 226 12.19 15.04 3.19
N ARG B 227 12.53 14.20 4.17
CA ARG B 227 13.91 13.89 4.47
C ARG B 227 14.54 13.06 3.35
N VAL B 228 13.75 12.18 2.75
CA VAL B 228 14.19 11.37 1.61
C VAL B 228 14.28 12.24 0.37
N GLN B 229 13.27 13.08 0.15
CA GLN B 229 13.16 13.89 -1.08
C GLN B 229 14.25 14.95 -1.16
N ILE B 230 14.53 15.64 -0.07
CA ILE B 230 15.52 16.68 -0.06
C ILE B 230 16.90 16.09 -0.32
N GLN B 231 17.19 14.91 0.21
CA GLN B 231 18.48 14.28 -0.06
C GLN B 231 18.56 13.83 -1.52
N GLY B 232 17.43 13.37 -2.06
CA GLY B 232 17.29 13.12 -3.50
C GLY B 232 17.64 14.33 -4.38
N GLN B 233 17.03 15.47 -4.13
CA GLN B 233 17.16 16.66 -4.98
C GLN B 233 18.36 17.54 -4.69
N ALA B 234 18.70 17.71 -3.43
CA ALA B 234 19.81 18.55 -3.06
C ALA B 234 21.09 17.78 -2.90
N GLY B 235 21.03 16.45 -2.77
CA GLY B 235 22.25 15.62 -2.55
C GLY B 235 22.78 15.59 -1.12
N ARG B 236 22.04 16.19 -0.18
CA ARG B 236 22.44 16.27 1.21
C ARG B 236 21.26 16.69 2.08
N LEU B 237 21.44 16.59 3.38
CA LEU B 237 20.46 17.08 4.34
C LEU B 237 20.42 18.60 4.28
N PRO B 238 19.24 19.19 4.55
CA PRO B 238 19.12 20.62 4.43
C PRO B 238 19.83 21.38 5.54
N ASP B 239 20.12 22.65 5.28
CA ASP B 239 20.66 23.51 6.33
C ASP B 239 19.56 23.90 7.31
N ALA B 240 18.30 23.92 6.86
CA ALA B 240 17.17 24.23 7.75
C ALA B 240 15.86 23.69 7.24
N VAL B 241 14.98 23.37 8.18
CA VAL B 241 13.61 23.00 7.87
C VAL B 241 12.70 23.93 8.66
N VAL B 242 11.70 24.53 7.98
CA VAL B 242 10.87 25.52 8.64
C VAL B 242 9.38 25.29 8.39
N ALA B 243 8.55 25.82 9.29
CA ALA B 243 7.09 25.71 9.16
C ALA B 243 6.37 26.81 9.94
N CYS B 244 5.09 27.05 9.59
CA CYS B 244 4.25 27.93 10.38
C CYS B 244 3.72 27.16 11.57
N VAL B 245 3.42 27.91 12.65
CA VAL B 245 2.98 27.36 13.92
C VAL B 245 1.70 28.01 14.42
N GLY B 246 0.59 27.27 14.35
CA GLY B 246 -0.62 27.57 15.08
C GLY B 246 -0.60 26.80 16.40
N GLY B 247 -1.44 25.78 16.51
CA GLY B 247 -1.29 24.79 17.58
C GLY B 247 -0.03 23.94 17.40
N GLY B 248 0.39 23.74 16.16
CA GLY B 248 1.66 23.11 15.86
C GLY B 248 1.72 21.81 15.09
N SER B 249 0.63 21.35 14.48
CA SER B 249 0.62 20.02 13.90
C SER B 249 1.48 19.91 12.65
N ASN B 250 1.35 20.87 11.73
CA ASN B 250 2.14 20.80 10.50
C ASN B 250 3.62 20.98 10.81
N ALA B 251 3.95 21.86 11.75
CA ALA B 251 5.35 22.11 12.08
C ALA B 251 5.96 20.86 12.68
N ILE B 252 5.29 20.28 13.67
CA ILE B 252 5.87 19.15 14.35
C ILE B 252 5.98 17.97 13.38
N GLY B 253 5.00 17.83 12.50
CA GLY B 253 5.00 16.79 11.49
C GLY B 253 6.18 16.83 10.55
N ILE B 254 6.61 18.02 10.13
CA ILE B 254 7.75 18.10 9.23
C ILE B 254 9.07 18.04 9.99
N PHE B 255 9.09 18.55 11.22
CA PHE B 255 10.32 18.57 12.03
C PHE B 255 10.75 17.20 12.51
N HIS B 256 9.79 16.30 12.75
CA HIS B 256 10.09 15.13 13.59
C HIS B 256 11.23 14.25 13.04
N ALA B 257 11.17 13.97 11.75
CA ALA B 257 12.18 13.18 11.08
C ALA B 257 13.59 13.81 11.06
N PHE B 258 13.68 15.12 11.30
CA PHE B 258 14.97 15.82 11.33
C PHE B 258 15.53 16.03 12.75
N LEU B 259 14.84 15.58 13.78
CA LEU B 259 15.20 15.91 15.15
C LEU B 259 16.62 15.48 15.52
N ASP B 260 17.00 14.26 15.13
CA ASP B 260 18.36 13.73 15.39
C ASP B 260 19.41 14.06 14.30
N ASP B 261 19.12 15.02 13.44
CA ASP B 261 20.08 15.53 12.46
C ASP B 261 20.62 16.83 13.04
N PRO B 262 21.73 16.76 13.78
CA PRO B 262 22.09 17.96 14.54
C PRO B 262 22.55 19.15 13.70
N GLY B 263 22.95 18.92 12.44
CA GLY B 263 23.28 20.03 11.52
C GLY B 263 22.08 20.75 10.90
N VAL B 264 20.87 20.21 11.07
CA VAL B 264 19.65 20.79 10.50
C VAL B 264 18.98 21.74 11.50
N ARG B 265 18.94 23.03 11.16
CA ARG B 265 18.22 24.01 11.96
C ARG B 265 16.73 23.83 11.77
N LEU B 266 16.01 24.02 12.85
CA LEU B 266 14.57 23.88 12.85
C LEU B 266 14.00 25.19 13.32
N VAL B 267 13.13 25.80 12.49
CA VAL B 267 12.56 27.11 12.83
C VAL B 267 11.06 27.11 12.60
N GLY B 268 10.31 27.48 13.63
CA GLY B 268 8.87 27.70 13.54
C GLY B 268 8.52 29.19 13.51
N PHE B 269 7.58 29.54 12.65
CA PHE B 269 7.20 30.91 12.43
C PHE B 269 5.77 31.11 12.90
N GLU B 270 5.62 32.04 13.81
CA GLU B 270 4.33 32.28 14.43
C GLU B 270 3.80 33.64 14.03
N ALA B 271 2.48 33.81 14.10
CA ALA B 271 1.80 35.03 13.63
C ALA B 271 2.00 36.22 14.53
N ALA B 272 2.65 37.25 14.03
CA ALA B 272 2.83 38.48 14.79
C ALA B 272 1.77 39.55 14.48
N GLY B 273 0.79 39.25 13.63
CA GLY B 273 -0.36 40.13 13.42
C GLY B 273 0.05 41.51 12.95
N ASP B 274 -0.42 42.55 13.67
CA ASP B 274 0.00 43.94 13.38
C ASP B 274 1.42 44.23 13.89
N GLY B 275 1.99 43.34 14.70
CA GLY B 275 3.31 43.49 15.28
C GLY B 275 3.26 43.09 16.74
N VAL B 276 4.33 42.47 17.22
CA VAL B 276 4.38 41.98 18.60
C VAL B 276 4.34 43.10 19.65
N GLU B 277 4.72 44.32 19.28
CA GLU B 277 4.63 45.48 20.18
C GLU B 277 3.21 46.07 20.32
N THR B 278 2.29 45.70 19.41
CA THR B 278 0.96 46.32 19.33
C THR B 278 -0.12 45.65 20.19
N GLY B 279 0.17 44.52 20.83
CA GLY B 279 -0.88 43.71 21.45
C GLY B 279 -1.99 43.18 20.53
N ARG B 280 -1.74 43.12 19.22
CA ARG B 280 -2.64 42.45 18.24
C ARG B 280 -1.79 41.47 17.45
N HIS B 281 -1.58 40.31 18.04
CA HIS B 281 -0.68 39.30 17.50
C HIS B 281 -1.10 37.96 18.02
N ALA B 282 -0.44 36.90 17.54
CA ALA B 282 -0.61 35.55 18.08
C ALA B 282 0.74 34.87 18.31
N ALA B 283 1.67 35.67 18.81
CA ALA B 283 3.08 35.31 18.93
C ALA B 283 3.31 34.68 20.29
N THR B 284 2.87 33.44 20.38
CA THR B 284 2.84 32.73 21.64
C THR B 284 4.22 32.59 22.30
N PHE B 285 5.21 32.08 21.57
CA PHE B 285 6.56 32.01 22.11
C PHE B 285 7.24 33.34 22.33
N THR B 286 7.09 34.27 21.39
CA THR B 286 7.76 35.55 21.47
C THR B 286 7.29 36.42 22.62
N ALA B 287 5.99 36.44 22.89
CA ALA B 287 5.37 37.29 23.93
C ALA B 287 4.65 36.55 25.07
N GLY B 288 4.42 35.24 24.97
CA GLY B 288 3.67 34.49 25.98
C GLY B 288 4.58 33.94 27.04
N SER B 289 4.03 33.15 27.93
CA SER B 289 4.77 32.52 29.03
C SER B 289 4.13 31.17 29.39
N PRO B 290 4.85 30.33 30.18
CA PRO B 290 4.29 29.01 30.55
C PRO B 290 2.94 29.06 31.27
N GLY B 291 2.04 28.14 30.91
CA GLY B 291 0.76 28.02 31.61
C GLY B 291 -0.06 26.84 31.12
N ALA B 292 -1.14 26.54 31.82
CA ALA B 292 -2.06 25.47 31.44
C ALA B 292 -3.10 26.07 30.55
N PHE B 293 -3.39 25.43 29.43
CA PHE B 293 -4.38 25.93 28.51
C PHE B 293 -4.89 24.80 27.62
N HIS B 294 -6.21 24.71 27.50
CA HIS B 294 -6.87 23.69 26.68
C HIS B 294 -6.31 22.27 26.89
N GLY B 295 -6.00 21.93 28.14
CA GLY B 295 -5.56 20.58 28.45
C GLY B 295 -4.08 20.31 28.59
N SER B 296 -3.21 21.25 28.23
CA SER B 296 -1.76 21.02 28.33
C SER B 296 -1.07 22.18 28.97
N PHE B 297 0.09 21.89 29.56
CA PHE B 297 0.99 22.92 30.05
C PHE B 297 1.99 23.24 28.93
N SER B 298 1.96 24.48 28.47
CA SER B 298 2.76 24.94 27.33
C SER B 298 2.94 26.45 27.46
N TYR B 299 3.21 27.12 26.35
CA TYR B 299 3.25 28.57 26.37
C TYR B 299 1.88 29.08 26.00
N LEU B 300 1.49 30.20 26.60
CA LEU B 300 0.38 30.96 26.09
C LEU B 300 0.46 32.45 26.32
N LEU B 301 -0.33 33.14 25.54
CA LEU B 301 -0.56 34.57 25.72
C LEU B 301 -1.59 34.75 26.84
N GLN B 302 -1.14 35.30 27.95
CA GLN B 302 -1.97 35.44 29.12
C GLN B 302 -1.62 36.73 29.82
N ASP B 303 -2.59 37.32 30.50
CA ASP B 303 -2.39 38.58 31.24
C ASP B 303 -1.78 38.28 32.62
N GLU B 304 -1.66 39.30 33.47
CA GLU B 304 -1.04 39.14 34.78
C GLU B 304 -1.84 38.24 35.76
N ASP B 305 -3.10 37.94 35.46
CA ASP B 305 -3.93 37.07 36.30
C ASP B 305 -4.03 35.65 35.77
N GLY B 306 -3.43 35.42 34.61
CA GLY B 306 -3.55 34.13 33.95
C GLY B 306 -4.73 34.01 33.01
N GLN B 307 -5.43 35.11 32.71
CA GLN B 307 -6.52 35.07 31.74
C GLN B 307 -5.95 35.06 30.33
N THR B 308 -6.65 34.37 29.44
CA THR B 308 -6.21 34.27 28.07
C THR B 308 -6.41 35.61 27.39
N ILE B 309 -5.33 36.13 26.80
CA ILE B 309 -5.36 37.33 25.96
C ILE B 309 -5.89 36.96 24.59
N GLU B 310 -6.82 37.75 24.07
CA GLU B 310 -7.35 37.51 22.71
C GLU B 310 -6.25 37.81 21.68
N SER B 311 -6.08 36.89 20.74
CA SER B 311 -5.07 36.98 19.72
C SER B 311 -5.64 37.48 18.42
N HIS B 312 -4.77 38.00 17.55
CA HIS B 312 -5.15 38.51 16.24
C HIS B 312 -4.10 38.13 15.21
N SER B 313 -4.58 37.65 14.05
CA SER B 313 -3.77 37.48 12.83
C SER B 313 -4.68 37.62 11.62
N ILE B 314 -4.09 38.05 10.51
CA ILE B 314 -4.82 38.02 9.26
C ILE B 314 -5.19 36.60 8.81
N SER B 315 -4.47 35.58 9.28
CA SER B 315 -4.82 34.19 8.99
C SER B 315 -5.61 33.57 10.12
N ALA B 316 -6.65 32.80 9.79
CA ALA B 316 -7.48 32.17 10.84
C ALA B 316 -6.71 31.09 11.60
N GLY B 317 -6.01 30.23 10.86
CA GLY B 317 -5.33 29.11 11.44
C GLY B 317 -4.16 29.40 12.37
N LEU B 318 -3.56 30.59 12.30
CA LEU B 318 -2.46 30.94 13.23
C LEU B 318 -2.94 31.79 14.39
N ASP B 319 -4.22 32.13 14.37
CA ASP B 319 -4.84 33.02 15.35
C ASP B 319 -5.25 32.21 16.56
N TYR B 320 -4.25 31.80 17.35
CA TYR B 320 -4.41 30.89 18.46
C TYR B 320 -3.42 31.34 19.58
N PRO B 321 -3.93 31.55 20.81
CA PRO B 321 -3.06 32.12 21.84
C PRO B 321 -2.12 31.14 22.53
N GLY B 322 -2.27 29.85 22.23
CA GLY B 322 -1.43 28.79 22.77
C GLY B 322 -0.52 28.16 21.73
N VAL B 323 0.08 27.04 22.11
CA VAL B 323 0.91 26.24 21.24
C VAL B 323 1.08 24.83 21.84
N GLY B 324 1.29 23.85 20.99
CA GLY B 324 1.44 22.47 21.43
C GLY B 324 2.60 22.29 22.37
N PRO B 325 2.46 21.41 23.38
CA PRO B 325 3.50 21.26 24.40
C PRO B 325 4.79 20.65 23.88
N GLU B 326 4.73 19.91 22.78
CA GLU B 326 5.96 19.32 22.25
C GLU B 326 6.88 20.42 21.73
N HIS B 327 6.29 21.47 21.14
CA HIS B 327 7.01 22.67 20.75
C HIS B 327 7.61 23.39 21.95
N ALA B 328 6.88 23.47 23.04
CA ALA B 328 7.44 24.07 24.26
C ALA B 328 8.68 23.35 24.75
N TRP B 329 8.62 22.03 24.74
CA TRP B 329 9.77 21.21 25.10
C TRP B 329 10.94 21.48 24.16
N LEU B 330 10.67 21.47 22.85
CA LEU B 330 11.74 21.64 21.87
C LEU B 330 12.33 23.01 21.95
N LYS B 331 11.51 24.02 22.28
CA LYS B 331 12.04 25.34 22.58
C LYS B 331 12.95 25.33 23.82
N GLU B 332 12.46 24.83 24.95
CA GLU B 332 13.23 24.79 26.20
C GLU B 332 14.56 24.06 25.95
N ALA B 333 14.52 22.94 25.22
CA ALA B 333 15.72 22.13 24.92
C ALA B 333 16.73 22.76 23.94
N GLY B 334 16.41 23.88 23.32
CA GLY B 334 17.30 24.54 22.40
C GLY B 334 17.28 23.96 21.01
N ARG B 335 16.35 23.03 20.69
CA ARG B 335 16.37 22.31 19.42
C ARG B 335 15.67 23.06 18.28
N VAL B 336 14.61 23.80 18.61
CA VAL B 336 13.86 24.56 17.61
C VAL B 336 13.83 25.97 18.09
N ASP B 337 14.04 26.89 17.15
CA ASP B 337 13.87 28.33 17.37
C ASP B 337 12.49 28.76 16.85
N TYR B 338 11.81 29.64 17.57
CA TYR B 338 10.51 30.16 17.17
C TYR B 338 10.56 31.67 16.99
N ARG B 339 10.06 32.13 15.84
CA ARG B 339 10.22 33.52 15.43
C ARG B 339 8.91 34.14 14.93
N PRO B 340 8.71 35.47 15.16
CA PRO B 340 7.50 36.16 14.71
C PRO B 340 7.55 36.62 13.24
N ILE B 341 6.41 36.50 12.54
CA ILE B 341 6.21 37.03 11.18
C ILE B 341 4.90 37.83 11.15
N THR B 342 4.96 39.08 10.69
CA THR B 342 3.79 39.97 10.70
C THR B 342 2.81 39.62 9.56
N ASP B 343 1.57 40.12 9.66
CA ASP B 343 0.59 40.10 8.55
C ASP B 343 1.21 40.57 7.23
N SER B 344 1.97 41.67 7.30
CA SER B 344 2.56 42.31 6.11
C SER B 344 3.67 41.49 5.48
N GLU B 345 4.55 40.94 6.30
CA GLU B 345 5.55 40.00 5.80
C GLU B 345 4.89 38.78 5.15
N ALA B 346 3.85 38.25 5.77
CA ALA B 346 3.15 37.09 5.22
C ALA B 346 2.45 37.40 3.89
N MET B 347 1.76 38.52 3.81
CA MET B 347 1.06 38.88 2.60
C MET B 347 2.05 39.18 1.47
N ASP B 348 3.17 39.85 1.77
CA ASP B 348 4.21 40.04 0.76
C ASP B 348 4.71 38.71 0.19
N ALA B 349 4.95 37.72 1.05
CA ALA B 349 5.34 36.39 0.61
C ALA B 349 4.23 35.67 -0.14
N PHE B 350 2.97 35.88 0.26
CA PHE B 350 1.85 35.31 -0.48
C PHE B 350 1.89 35.79 -1.93
N GLY B 351 1.93 37.10 -2.10
CA GLY B 351 1.96 37.71 -3.39
C GLY B 351 3.14 37.26 -4.22
N LEU B 352 4.30 37.23 -3.61
CA LEU B 352 5.54 36.81 -4.29
C LEU B 352 5.42 35.38 -4.81
N LEU B 353 4.91 34.47 -3.98
CA LEU B 353 4.81 33.07 -4.38
C LEU B 353 3.84 32.90 -5.55
N CYS B 354 2.72 33.64 -5.52
CA CYS B 354 1.81 33.69 -6.65
C CYS B 354 2.51 34.09 -7.94
N ARG B 355 3.20 35.22 -7.94
CA ARG B 355 3.82 35.79 -9.17
C ARG B 355 5.00 35.01 -9.68
N MET B 356 5.83 34.52 -8.75
CA MET B 356 7.12 33.89 -9.07
C MET B 356 7.00 32.41 -9.41
N GLU B 357 6.17 31.67 -8.69
CA GLU B 357 6.02 30.22 -8.87
C GLU B 357 4.63 29.75 -9.31
N GLY B 358 3.63 30.63 -9.34
CA GLY B 358 2.28 30.21 -9.70
C GLY B 358 1.59 29.33 -8.64
N ILE B 359 2.03 29.45 -7.40
CA ILE B 359 1.45 28.67 -6.31
C ILE B 359 0.75 29.67 -5.40
N ILE B 360 -0.57 29.51 -5.23
CA ILE B 360 -1.33 30.36 -4.31
C ILE B 360 -1.32 29.65 -2.97
N PRO B 361 -0.56 30.14 -1.97
CA PRO B 361 -0.49 29.43 -0.70
C PRO B 361 -1.55 29.91 0.29
N ALA B 362 -1.89 29.06 1.26
CA ALA B 362 -2.62 29.50 2.44
C ALA B 362 -1.89 30.66 3.11
N ILE B 363 -2.62 31.62 3.66
CA ILE B 363 -1.96 32.74 4.32
C ILE B 363 -1.13 32.23 5.50
N GLU B 364 -1.60 31.18 6.16
CA GLU B 364 -0.83 30.47 7.20
C GLU B 364 0.55 30.08 6.67
N SER B 365 0.53 29.36 5.55
CA SER B 365 1.76 28.86 4.91
C SER B 365 2.70 30.00 4.44
N ALA B 366 2.10 31.10 3.97
CA ALA B 366 2.84 32.30 3.65
C ALA B 366 3.68 32.88 4.79
N HIS B 367 3.28 32.65 6.04
CA HIS B 367 4.13 33.04 7.17
C HIS B 367 5.46 32.25 7.17
N ALA B 368 5.38 30.98 6.78
CA ALA B 368 6.57 30.15 6.69
C ALA B 368 7.42 30.57 5.49
N VAL B 369 6.78 30.97 4.38
CA VAL B 369 7.53 31.37 3.20
C VAL B 369 8.28 32.65 3.54
N ALA B 370 7.60 33.60 4.15
CA ALA B 370 8.21 34.87 4.57
C ALA B 370 9.39 34.65 5.52
N GLY B 371 9.18 33.74 6.47
CA GLY B 371 10.20 33.29 7.39
C GLY B 371 11.40 32.73 6.65
N ALA B 372 11.14 31.88 5.66
CA ALA B 372 12.18 31.20 4.92
C ALA B 372 13.02 32.19 4.12
N LEU B 373 12.37 33.20 3.55
CA LEU B 373 13.09 34.26 2.84
C LEU B 373 14.09 34.99 3.76
N LYS B 374 13.67 35.29 4.99
CA LYS B 374 14.56 35.89 5.99
C LYS B 374 15.68 34.96 6.39
N LEU B 375 15.39 33.68 6.56
CA LEU B 375 16.44 32.72 6.96
C LEU B 375 17.45 32.54 5.85
N GLY B 376 16.97 32.62 4.61
CA GLY B 376 17.83 32.59 3.43
C GLY B 376 18.89 33.68 3.43
N VAL B 377 18.46 34.90 3.73
CA VAL B 377 19.38 36.02 3.89
C VAL B 377 20.38 35.73 5.03
N GLU B 378 19.92 35.23 6.17
CA GLU B 378 20.83 34.90 7.28
C GLU B 378 21.90 33.88 6.88
N LEU B 379 21.44 32.76 6.29
CA LEU B 379 22.30 31.62 5.95
C LEU B 379 23.09 31.79 4.65
N GLY B 380 22.60 32.65 3.76
CA GLY B 380 23.31 33.03 2.55
C GLY B 380 23.18 32.11 1.36
N ARG B 381 23.92 32.48 0.33
CA ARG B 381 23.96 31.82 -0.98
C ARG B 381 24.15 30.32 -0.88
N GLY B 382 23.30 29.59 -1.62
CA GLY B 382 23.44 28.16 -1.73
C GLY B 382 22.88 27.37 -0.57
N ALA B 383 22.50 28.05 0.54
CA ALA B 383 21.88 27.37 1.67
C ALA B 383 20.58 26.70 1.23
N VAL B 384 20.30 25.54 1.81
CA VAL B 384 19.17 24.68 1.41
C VAL B 384 18.15 24.70 2.54
N ILE B 385 16.96 25.23 2.26
CA ILE B 385 15.90 25.42 3.25
C ILE B 385 14.64 24.70 2.77
N VAL B 386 14.16 23.73 3.55
CA VAL B 386 12.90 23.05 3.26
C VAL B 386 11.79 23.82 3.99
N VAL B 387 10.72 24.14 3.28
CA VAL B 387 9.58 24.89 3.86
C VAL B 387 8.32 24.05 3.74
N ASN B 388 7.60 23.87 4.84
CA ASN B 388 6.32 23.19 4.80
C ASN B 388 5.33 24.17 4.23
N LEU B 389 4.83 23.87 3.03
CA LEU B 389 3.72 24.63 2.46
C LEU B 389 2.40 23.94 2.83
N SER B 390 1.92 24.31 4.01
CA SER B 390 0.93 23.54 4.74
C SER B 390 -0.43 23.48 4.05
N GLY B 391 -0.74 24.50 3.23
CA GLY B 391 -2.01 24.54 2.49
C GLY B 391 -2.05 25.42 1.26
N ARG B 392 -3.10 25.22 0.47
CA ARG B 392 -3.37 26.03 -0.72
C ARG B 392 -4.21 27.24 -0.29
N GLY B 393 -4.14 28.30 -1.09
CA GLY B 393 -4.72 29.59 -0.74
C GLY B 393 -6.06 29.95 -1.35
N ASP B 394 -6.74 28.98 -1.98
CA ASP B 394 -8.09 29.20 -2.53
C ASP B 394 -9.06 29.85 -1.54
N LYS B 395 -9.08 29.33 -0.31
CA LYS B 395 -9.85 29.91 0.80
C LYS B 395 -9.47 31.36 1.12
N ASP B 396 -8.26 31.78 0.77
CA ASP B 396 -7.74 33.11 1.09
C ASP B 396 -7.74 34.14 -0.02
N VAL B 397 -8.26 33.77 -1.19
CA VAL B 397 -8.17 34.62 -2.39
C VAL B 397 -8.89 35.95 -2.17
N GLU B 398 -10.02 35.92 -1.47
CA GLU B 398 -10.78 37.13 -1.22
C GLU B 398 -10.05 38.05 -0.25
N THR B 399 -9.47 37.50 0.81
CA THR B 399 -8.69 38.29 1.78
C THR B 399 -7.48 38.93 1.08
N ALA B 400 -6.79 38.14 0.26
CA ALA B 400 -5.60 38.59 -0.41
C ALA B 400 -5.95 39.66 -1.47
N ALA B 401 -7.04 39.43 -2.21
CA ALA B 401 -7.52 40.38 -3.20
C ALA B 401 -7.87 41.75 -2.60
N LYS B 402 -8.51 41.75 -1.44
CA LYS B 402 -8.74 43.00 -0.68
C LYS B 402 -7.43 43.62 -0.21
N TRP B 403 -6.55 42.84 0.36
CA TRP B 403 -5.24 43.36 0.75
C TRP B 403 -4.53 44.12 -0.40
N PHE B 404 -4.49 43.49 -1.59
CA PHE B 404 -3.79 44.07 -2.74
C PHE B 404 -4.63 44.94 -3.64
N GLY B 405 -5.77 45.42 -3.14
CA GLY B 405 -6.65 46.30 -3.92
C GLY B 405 -7.25 45.78 -5.22
N LEU B 406 -7.36 44.47 -5.34
CA LEU B 406 -7.88 43.81 -6.53
C LEU B 406 -9.39 43.73 -6.61
N LEU B 407 -10.11 43.97 -5.51
CA LEU B 407 -11.59 44.04 -5.57
C LEU B 407 -12.19 45.48 -5.68
N GLY B 408 -11.35 46.52 -5.71
CA GLY B 408 -11.80 47.93 -5.66
C GLY B 408 -12.52 48.23 -4.34
N ASN B 409 -13.71 48.84 -4.42
CA ASN B 409 -14.65 48.98 -3.29
C ASN B 409 -16.09 48.63 -3.71
N ALA C 9 49.81 2.94 -40.41
CA ALA C 9 49.00 1.76 -40.86
C ALA C 9 48.92 0.69 -39.79
N SER C 10 47.82 -0.04 -39.79
CA SER C 10 47.70 -1.22 -38.97
C SER C 10 48.77 -2.26 -39.34
N ARG C 11 49.04 -3.17 -38.42
CA ARG C 11 49.94 -4.31 -38.63
C ARG C 11 49.38 -5.33 -39.61
N LEU C 12 48.05 -5.44 -39.66
CA LEU C 12 47.35 -6.37 -40.56
C LEU C 12 46.99 -5.77 -41.92
N GLY C 13 47.13 -4.45 -42.06
CA GLY C 13 46.88 -3.71 -43.31
C GLY C 13 47.48 -4.31 -44.56
N PRO C 14 48.79 -4.59 -44.57
CA PRO C 14 49.45 -5.22 -45.73
C PRO C 14 48.85 -6.56 -46.18
N VAL C 15 48.36 -7.34 -45.23
CA VAL C 15 47.75 -8.63 -45.53
C VAL C 15 46.45 -8.42 -46.30
N PHE C 16 45.63 -7.50 -45.79
CA PHE C 16 44.37 -7.15 -46.45
C PHE C 16 44.56 -6.44 -47.78
N ASP C 17 45.56 -5.54 -47.89
CA ASP C 17 45.91 -4.87 -49.18
C ASP C 17 46.26 -5.87 -50.27
N SER C 18 47.02 -6.88 -49.87
CA SER C 18 47.49 -7.98 -50.72
C SER C 18 46.35 -8.89 -51.12
N CYS C 19 45.45 -9.20 -50.20
CA CYS C 19 44.23 -9.92 -50.52
C CYS C 19 43.34 -9.13 -51.49
N ARG C 20 43.11 -7.85 -51.20
CA ARG C 20 42.33 -6.97 -52.09
C ARG C 20 42.95 -6.90 -53.50
N ALA C 21 44.27 -6.80 -53.57
CA ALA C 21 45.00 -6.79 -54.85
C ALA C 21 44.91 -8.11 -55.66
N ASN C 22 44.56 -9.22 -55.01
CA ASN C 22 44.37 -10.52 -55.69
C ASN C 22 42.88 -10.93 -55.82
N ASN C 23 41.98 -9.97 -55.62
CA ASN C 23 40.54 -10.20 -55.70
C ASN C 23 40.03 -11.36 -54.85
N ARG C 24 40.44 -11.32 -53.59
CA ARG C 24 40.02 -12.30 -52.61
C ARG C 24 39.91 -11.70 -51.20
N ALA C 25 39.27 -12.47 -50.33
CA ALA C 25 39.21 -12.20 -48.93
C ALA C 25 40.39 -12.91 -48.27
N ALA C 26 40.79 -12.43 -47.11
CA ALA C 26 41.77 -13.12 -46.27
C ALA C 26 41.10 -14.32 -45.62
N LEU C 27 41.78 -15.46 -45.57
CA LEU C 27 41.32 -16.57 -44.73
C LEU C 27 41.89 -16.40 -43.32
N ILE C 28 40.97 -16.34 -42.34
CA ILE C 28 41.30 -16.13 -40.94
C ILE C 28 40.90 -17.37 -40.13
N GLY C 29 41.90 -18.09 -39.64
CA GLY C 29 41.70 -19.38 -38.96
C GLY C 29 41.98 -19.31 -37.46
N TYR C 30 41.04 -19.83 -36.68
CA TYR C 30 41.15 -19.91 -35.23
C TYR C 30 41.42 -21.36 -34.80
N LEU C 31 42.38 -21.48 -33.88
CA LEU C 31 42.57 -22.69 -33.10
C LEU C 31 42.93 -22.34 -31.64
N PRO C 32 42.47 -23.15 -30.68
CA PRO C 32 42.81 -22.87 -29.30
C PRO C 32 44.13 -23.48 -28.91
N THR C 33 45.00 -22.72 -28.26
CA THR C 33 46.26 -23.27 -27.78
C THR C 33 46.00 -24.46 -26.85
N GLY C 34 46.83 -25.49 -26.97
CA GLY C 34 46.76 -26.64 -26.07
C GLY C 34 45.74 -27.74 -26.33
N TYR C 35 45.04 -27.70 -27.47
CA TYR C 35 44.09 -28.75 -27.87
C TYR C 35 44.66 -29.46 -29.10
N PRO C 36 44.77 -30.79 -29.10
CA PRO C 36 44.46 -31.70 -27.97
C PRO C 36 45.52 -31.70 -26.86
N ASP C 37 46.74 -31.25 -27.18
CA ASP C 37 47.73 -30.92 -26.17
C ASP C 37 48.57 -29.79 -26.77
N VAL C 38 49.57 -29.29 -26.02
CA VAL C 38 50.31 -28.11 -26.48
C VAL C 38 51.12 -28.36 -27.79
N PRO C 39 52.00 -29.40 -27.85
CA PRO C 39 52.72 -29.62 -29.13
C PRO C 39 51.83 -29.87 -30.36
N ALA C 40 50.75 -30.62 -30.19
CA ALA C 40 49.83 -30.92 -31.29
C ALA C 40 49.11 -29.66 -31.79
N SER C 41 48.75 -28.76 -30.86
CA SER C 41 48.20 -27.45 -31.23
C SER C 41 49.19 -26.57 -32.03
N VAL C 42 50.48 -26.61 -31.70
CA VAL C 42 51.50 -25.84 -32.42
C VAL C 42 51.67 -26.42 -33.84
N ALA C 43 51.70 -27.74 -33.94
CA ALA C 43 51.78 -28.41 -35.24
C ALA C 43 50.56 -28.07 -36.08
N ALA C 44 49.37 -28.09 -35.47
CA ALA C 44 48.11 -27.73 -36.17
C ALA C 44 48.13 -26.29 -36.65
N MET C 45 48.59 -25.39 -35.78
CA MET C 45 48.70 -23.96 -36.14
C MET C 45 49.71 -23.72 -37.27
N THR C 46 50.81 -24.47 -37.21
CA THR C 46 51.85 -24.45 -38.25
C THR C 46 51.24 -24.96 -39.56
N ALA C 47 50.47 -26.05 -39.50
CA ALA C 47 49.78 -26.60 -40.66
C ALA C 47 48.78 -25.62 -41.29
N LEU C 48 48.13 -24.77 -40.49
CA LEU C 48 47.24 -23.72 -41.02
C LEU C 48 48.00 -22.74 -41.89
N VAL C 49 49.17 -22.29 -41.45
CA VAL C 49 50.06 -21.43 -42.24
C VAL C 49 50.40 -22.10 -43.57
N GLU C 50 50.84 -23.36 -43.49
CA GLU C 50 51.28 -24.13 -44.66
C GLU C 50 50.15 -24.38 -45.65
N SER C 51 48.91 -24.45 -45.15
CA SER C 51 47.70 -24.71 -45.94
C SER C 51 46.96 -23.49 -46.51
N GLY C 52 47.35 -22.27 -46.14
CA GLY C 52 46.82 -21.04 -46.81
C GLY C 52 45.98 -20.06 -45.98
N CYS C 53 45.94 -20.25 -44.67
CA CYS C 53 45.49 -19.21 -43.74
C CYS C 53 46.40 -17.99 -43.81
N ASP C 54 45.78 -16.83 -43.98
CA ASP C 54 46.49 -15.56 -44.08
C ASP C 54 46.76 -14.96 -42.70
N ILE C 55 45.78 -15.12 -41.80
CA ILE C 55 45.89 -14.71 -40.41
C ILE C 55 45.48 -15.90 -39.55
N ILE C 56 46.17 -16.07 -38.41
CA ILE C 56 45.85 -17.11 -37.44
C ILE C 56 45.40 -16.45 -36.13
N GLU C 57 44.19 -16.80 -35.69
CA GLU C 57 43.73 -16.44 -34.35
C GLU C 57 44.13 -17.54 -33.37
N VAL C 58 45.09 -17.25 -32.51
CA VAL C 58 45.56 -18.16 -31.49
C VAL C 58 44.67 -17.92 -30.26
N GLY C 59 43.81 -18.88 -29.96
CA GLY C 59 42.87 -18.79 -28.87
C GLY C 59 43.49 -19.16 -27.54
N VAL C 60 43.27 -18.31 -26.55
CA VAL C 60 43.68 -18.54 -25.17
C VAL C 60 42.54 -19.27 -24.46
N PRO C 61 42.73 -20.55 -24.11
CA PRO C 61 41.63 -21.20 -23.38
C PRO C 61 41.36 -20.55 -22.02
N TYR C 62 40.08 -20.44 -21.68
CA TYR C 62 39.60 -19.74 -20.50
C TYR C 62 38.56 -20.58 -19.80
N SER C 63 38.60 -20.58 -18.48
CA SER C 63 37.74 -21.40 -17.63
C SER C 63 36.24 -21.13 -17.79
N ASP C 64 35.86 -19.88 -18.11
CA ASP C 64 34.45 -19.46 -18.14
C ASP C 64 34.10 -18.73 -19.48
N PRO C 65 34.19 -19.47 -20.60
CA PRO C 65 33.96 -18.89 -21.92
C PRO C 65 32.45 -18.79 -22.23
N VAL C 66 31.83 -17.72 -21.75
CA VAL C 66 30.36 -17.58 -21.82
C VAL C 66 29.77 -17.46 -23.24
N MET C 67 30.55 -17.00 -24.20
CA MET C 67 30.05 -16.78 -25.56
C MET C 67 30.53 -17.80 -26.63
N ASP C 68 31.08 -18.94 -26.19
CA ASP C 68 31.59 -19.95 -27.11
C ASP C 68 30.56 -21.05 -27.28
N GLY C 69 30.49 -21.58 -28.49
CA GLY C 69 29.65 -22.74 -28.82
C GLY C 69 30.26 -24.04 -28.31
N PRO C 70 29.52 -25.16 -28.40
CA PRO C 70 30.00 -26.41 -27.77
C PRO C 70 31.33 -26.95 -28.33
N THR C 71 31.58 -26.80 -29.61
CA THR C 71 32.81 -27.35 -30.20
C THR C 71 34.04 -26.70 -29.57
N ILE C 72 34.05 -25.39 -29.51
CA ILE C 72 35.18 -24.66 -28.95
C ILE C 72 35.27 -24.79 -27.43
N ALA C 73 34.11 -24.85 -26.77
CA ALA C 73 34.04 -25.02 -25.33
C ALA C 73 34.65 -26.33 -24.88
N ARG C 74 34.21 -27.45 -25.47
CA ARG C 74 34.80 -28.78 -25.16
C ARG C 74 36.31 -28.77 -25.40
N ALA C 75 36.73 -28.18 -26.50
CA ALA C 75 38.13 -28.16 -26.84
C ALA C 75 38.98 -27.37 -25.83
N THR C 76 38.45 -26.26 -25.32
CA THR C 76 39.20 -25.42 -24.38
C THR C 76 39.22 -26.07 -23.02
N GLU C 77 38.11 -26.72 -22.65
CA GLU C 77 38.04 -27.51 -21.41
C GLU C 77 39.12 -28.60 -21.39
N ALA C 78 39.23 -29.35 -22.50
CA ALA C 78 40.24 -30.42 -22.61
C ALA C 78 41.62 -29.80 -22.59
N ALA C 79 41.78 -28.67 -23.25
CA ALA C 79 43.07 -27.96 -23.21
C ALA C 79 43.47 -27.55 -21.79
N LEU C 80 42.50 -27.04 -21.01
CA LEU C 80 42.73 -26.71 -19.59
C LEU C 80 42.99 -27.95 -18.73
N ARG C 81 42.26 -29.03 -18.95
CA ARG C 81 42.53 -30.28 -18.21
C ARG C 81 43.97 -30.75 -18.41
N GLY C 82 44.51 -30.52 -19.61
CA GLY C 82 45.91 -30.80 -19.92
C GLY C 82 46.95 -29.81 -19.43
N GLY C 83 46.54 -28.77 -18.70
CA GLY C 83 47.49 -27.84 -18.08
C GLY C 83 48.00 -26.70 -18.94
N VAL C 84 47.27 -26.32 -19.98
CA VAL C 84 47.67 -25.21 -20.82
C VAL C 84 47.81 -23.92 -20.02
N ARG C 85 48.84 -23.17 -20.34
CA ARG C 85 49.17 -21.90 -19.72
C ARG C 85 49.06 -20.78 -20.74
N VAL C 86 48.93 -19.56 -20.26
CA VAL C 86 48.90 -18.40 -21.14
C VAL C 86 50.26 -18.24 -21.86
N ARG C 87 51.37 -18.52 -21.18
CA ARG C 87 52.67 -18.47 -21.88
C ARG C 87 52.78 -19.46 -23.07
N ASP C 88 52.01 -20.55 -23.07
CA ASP C 88 51.94 -21.46 -24.24
C ASP C 88 51.34 -20.81 -25.50
N THR C 89 50.39 -19.90 -25.29
CA THR C 89 49.88 -19.06 -26.37
C THR C 89 51.01 -18.16 -26.95
N LEU C 90 51.77 -17.49 -26.09
CA LEU C 90 52.93 -16.72 -26.57
C LEU C 90 53.94 -17.58 -27.34
N ALA C 91 54.20 -18.81 -26.88
CA ALA C 91 55.05 -19.74 -27.59
C ALA C 91 54.48 -20.14 -28.97
N ALA C 92 53.17 -20.35 -29.06
CA ALA C 92 52.50 -20.60 -30.36
C ALA C 92 52.61 -19.43 -31.34
N VAL C 93 52.41 -18.21 -30.84
CA VAL C 93 52.57 -17.02 -31.64
C VAL C 93 53.99 -16.99 -32.25
N GLU C 94 54.99 -17.19 -31.40
CA GLU C 94 56.37 -17.26 -31.87
C GLU C 94 56.57 -18.33 -32.95
N ALA C 95 56.00 -19.51 -32.74
CA ALA C 95 56.13 -20.62 -33.70
C ALA C 95 55.44 -20.32 -35.03
N ILE C 96 54.25 -19.74 -34.96
CA ILE C 96 53.56 -19.27 -36.15
C ILE C 96 54.40 -18.22 -36.94
N SER C 97 54.98 -17.25 -36.23
CA SER C 97 55.75 -16.16 -36.88
C SER C 97 57.02 -16.65 -37.55
N ILE C 98 57.70 -17.61 -36.90
CA ILE C 98 58.89 -18.26 -37.43
C ILE C 98 58.58 -19.07 -38.70
N ALA C 99 57.44 -19.78 -38.72
CA ALA C 99 57.01 -20.53 -39.92
C ALA C 99 56.47 -19.62 -41.05
N GLY C 100 56.52 -18.29 -40.86
CA GLY C 100 56.14 -17.31 -41.87
C GLY C 100 54.70 -16.85 -41.78
N GLY C 101 54.00 -17.19 -40.69
CA GLY C 101 52.60 -16.84 -40.52
C GLY C 101 52.38 -15.51 -39.82
N ARG C 102 51.11 -15.11 -39.75
CA ARG C 102 50.70 -13.86 -39.13
C ARG C 102 49.65 -14.18 -38.07
N ALA C 103 50.02 -13.97 -36.81
CA ALA C 103 49.19 -14.39 -35.69
C ALA C 103 48.63 -13.21 -34.91
N VAL C 104 47.36 -13.33 -34.55
CA VAL C 104 46.75 -12.50 -33.52
C VAL C 104 46.28 -13.44 -32.41
N VAL C 105 46.07 -12.90 -31.21
CA VAL C 105 45.59 -13.66 -30.07
C VAL C 105 44.13 -13.32 -29.85
N MET C 106 43.30 -14.33 -29.63
CA MET C 106 41.91 -14.12 -29.28
C MET C 106 41.76 -14.62 -27.86
N THR C 107 41.30 -13.74 -26.98
CA THR C 107 41.26 -14.04 -25.53
C THR C 107 40.13 -13.28 -24.83
N TYR C 108 39.57 -13.92 -23.82
CA TYR C 108 38.75 -13.20 -22.85
C TYR C 108 39.66 -12.22 -22.06
N TRP C 109 39.06 -11.27 -21.37
CA TRP C 109 39.83 -10.18 -20.81
C TRP C 109 40.52 -10.53 -19.48
N ASN C 110 39.95 -11.42 -18.67
CA ASN C 110 40.52 -11.59 -17.36
C ASN C 110 41.96 -12.12 -17.36
N PRO C 111 42.30 -13.03 -18.28
CA PRO C 111 43.70 -13.49 -18.31
C PRO C 111 44.71 -12.38 -18.64
N VAL C 112 44.29 -11.43 -19.48
CA VAL C 112 45.12 -10.26 -19.78
C VAL C 112 45.27 -9.38 -18.54
N LEU C 113 44.17 -9.10 -17.86
CA LEU C 113 44.19 -8.39 -16.59
C LEU C 113 45.13 -9.03 -15.57
N ARG C 114 45.05 -10.34 -15.44
CA ARG C 114 45.87 -11.07 -14.50
C ARG C 114 47.35 -10.96 -14.88
N TYR C 115 47.60 -11.06 -16.18
CA TYR C 115 48.93 -10.99 -16.73
C TYR C 115 49.50 -9.58 -16.52
N GLY C 116 48.62 -8.58 -16.61
CA GLY C 116 48.98 -7.17 -16.73
C GLY C 116 48.83 -6.80 -18.19
N VAL C 117 48.07 -5.75 -18.48
CA VAL C 117 47.75 -5.36 -19.86
C VAL C 117 48.99 -4.91 -20.63
N ASP C 118 49.76 -4.02 -20.03
CA ASP C 118 50.99 -3.55 -20.64
C ASP C 118 52.00 -4.70 -20.85
N ALA C 119 52.20 -5.50 -19.80
CA ALA C 119 53.11 -6.64 -19.86
C ALA C 119 52.73 -7.63 -21.00
N PHE C 120 51.43 -7.94 -21.09
CA PHE C 120 50.95 -8.88 -22.11
C PHE C 120 51.12 -8.31 -23.51
N ALA C 121 50.79 -7.03 -23.68
CA ALA C 121 51.03 -6.34 -24.94
C ALA C 121 52.53 -6.42 -25.34
N ARG C 122 53.43 -6.10 -24.42
CA ARG C 122 54.87 -6.19 -24.67
C ARG C 122 55.36 -7.62 -25.01
N ASP C 123 54.85 -8.64 -24.30
CA ASP C 123 55.27 -10.03 -24.55
C ASP C 123 54.65 -10.55 -25.85
N LEU C 124 53.40 -10.18 -26.14
CA LEU C 124 52.79 -10.54 -27.40
C LEU C 124 53.58 -9.95 -28.58
N ALA C 125 53.98 -8.69 -28.45
CA ALA C 125 54.76 -8.03 -29.52
C ALA C 125 56.13 -8.68 -29.65
N ALA C 126 56.74 -9.04 -28.52
CA ALA C 126 58.04 -9.74 -28.52
C ALA C 126 57.95 -11.16 -29.10
N ALA C 127 56.79 -11.77 -28.99
CA ALA C 127 56.53 -13.07 -29.61
C ALA C 127 56.31 -12.99 -31.12
N GLY C 128 56.13 -11.77 -31.65
CA GLY C 128 55.82 -11.54 -33.07
C GLY C 128 54.33 -11.36 -33.34
N GLY C 129 53.52 -11.32 -32.28
CA GLY C 129 52.08 -11.15 -32.42
C GLY C 129 51.72 -9.80 -33.01
N LEU C 130 50.67 -9.78 -33.81
CA LEU C 130 50.26 -8.59 -34.57
C LEU C 130 49.07 -7.86 -33.95
N GLY C 131 48.32 -8.53 -33.10
CA GLY C 131 47.23 -7.89 -32.41
C GLY C 131 46.44 -8.81 -31.54
N LEU C 132 45.31 -8.29 -31.08
CA LEU C 132 44.50 -8.93 -30.07
C LEU C 132 43.05 -8.77 -30.43
N ILE C 133 42.30 -9.87 -30.41
CA ILE C 133 40.85 -9.88 -30.56
C ILE C 133 40.26 -10.07 -29.16
N THR C 134 39.37 -9.15 -28.77
CA THR C 134 38.87 -9.04 -27.42
C THR C 134 37.33 -9.24 -27.33
N PRO C 135 36.88 -10.50 -27.35
CA PRO C 135 35.44 -10.79 -27.44
C PRO C 135 34.58 -10.34 -26.24
N ASP C 136 35.12 -10.22 -25.03
CA ASP C 136 34.37 -9.64 -23.90
C ASP C 136 34.90 -8.27 -23.41
N LEU C 137 35.73 -7.60 -24.22
CA LEU C 137 36.15 -6.21 -23.94
C LEU C 137 35.48 -5.31 -24.95
N ILE C 138 34.59 -4.48 -24.46
CA ILE C 138 34.04 -3.39 -25.24
C ILE C 138 34.95 -2.16 -25.08
N PRO C 139 34.95 -1.26 -26.06
CA PRO C 139 35.74 -0.03 -25.99
C PRO C 139 35.53 0.79 -24.70
N ASP C 140 34.27 0.86 -24.27
CA ASP C 140 33.86 1.51 -22.99
C ASP C 140 34.77 1.16 -21.80
N GLU C 141 35.37 -0.03 -21.80
CA GLU C 141 36.25 -0.48 -20.72
C GLU C 141 37.71 -0.67 -21.18
N ALA C 142 38.07 -0.17 -22.35
CA ALA C 142 39.33 -0.57 -23.00
C ALA C 142 40.46 0.49 -22.92
N GLN C 143 40.40 1.41 -21.97
CA GLN C 143 41.33 2.57 -21.90
C GLN C 143 42.80 2.12 -21.78
N GLN C 144 43.07 1.18 -20.89
CA GLN C 144 44.41 0.62 -20.70
C GLN C 144 44.87 -0.08 -21.98
N TRP C 145 43.97 -0.87 -22.57
CA TRP C 145 44.27 -1.59 -23.79
C TRP C 145 44.55 -0.65 -24.98
N LEU C 146 43.77 0.44 -25.12
CA LEU C 146 44.00 1.40 -26.20
C LEU C 146 45.38 2.03 -26.08
N ALA C 147 45.78 2.38 -24.87
CA ALA C 147 47.10 2.93 -24.62
C ALA C 147 48.20 1.92 -24.93
N ALA C 148 48.05 0.68 -24.45
CA ALA C 148 49.01 -0.44 -24.73
C ALA C 148 49.13 -0.75 -26.22
N SER C 149 47.99 -0.96 -26.86
CA SER C 149 47.88 -1.11 -28.32
C SER C 149 48.64 -0.04 -29.12
N GLU C 150 48.45 1.23 -28.79
CA GLU C 150 49.13 2.32 -29.48
C GLU C 150 50.63 2.31 -29.20
N GLU C 151 51.00 2.12 -27.94
CA GLU C 151 52.39 2.21 -27.52
C GLU C 151 53.21 1.07 -28.13
N HIS C 152 52.63 -0.13 -28.19
CA HIS C 152 53.36 -1.33 -28.60
C HIS C 152 53.00 -1.85 -29.98
N ARG C 153 52.29 -1.02 -30.76
CA ARG C 153 52.02 -1.26 -32.17
C ARG C 153 51.26 -2.57 -32.39
N LEU C 154 50.20 -2.78 -31.62
CA LEU C 154 49.37 -3.96 -31.81
C LEU C 154 48.01 -3.55 -32.31
N ASP C 155 47.53 -4.28 -33.30
CA ASP C 155 46.16 -4.10 -33.76
C ASP C 155 45.16 -4.50 -32.68
N ARG C 156 43.95 -3.94 -32.76
CA ARG C 156 42.95 -4.13 -31.75
C ARG C 156 41.61 -4.38 -32.40
N ILE C 157 41.15 -5.62 -32.29
CA ILE C 157 40.00 -6.09 -33.00
C ILE C 157 38.86 -6.26 -32.01
N PHE C 158 37.93 -5.31 -32.06
CA PHE C 158 36.67 -5.40 -31.33
C PHE C 158 35.61 -6.03 -32.21
N LEU C 159 34.54 -6.46 -31.56
CA LEU C 159 33.44 -7.13 -32.24
C LEU C 159 32.23 -6.22 -32.38
N VAL C 160 31.48 -6.41 -33.45
CA VAL C 160 30.15 -5.80 -33.62
C VAL C 160 29.16 -6.92 -33.85
N ALA C 161 27.91 -6.66 -33.55
CA ALA C 161 26.85 -7.65 -33.64
C ALA C 161 25.72 -7.09 -34.49
N PRO C 162 24.82 -7.93 -35.03
CA PRO C 162 23.65 -7.41 -35.77
C PRO C 162 22.79 -6.42 -34.98
N SER C 163 22.69 -6.63 -33.66
CA SER C 163 21.88 -5.77 -32.82
C SER C 163 22.60 -4.47 -32.40
N SER C 164 23.88 -4.32 -32.70
CA SER C 164 24.62 -3.12 -32.33
C SER C 164 23.91 -1.89 -32.81
N THR C 165 23.69 -0.92 -31.92
CA THR C 165 23.03 0.32 -32.31
C THR C 165 23.99 1.10 -33.21
N PRO C 166 23.49 2.10 -33.95
CA PRO C 166 24.38 2.94 -34.77
C PRO C 166 25.51 3.64 -33.99
N GLU C 167 25.23 4.04 -32.75
CA GLU C 167 26.19 4.79 -31.92
C GLU C 167 27.34 3.86 -31.54
N ARG C 168 26.96 2.69 -31.04
CA ARG C 168 27.91 1.69 -30.59
C ARG C 168 28.72 1.08 -31.74
N LEU C 169 28.08 0.86 -32.88
CA LEU C 169 28.80 0.41 -34.04
C LEU C 169 29.86 1.42 -34.47
N ALA C 170 29.47 2.69 -34.61
CA ALA C 170 30.43 3.76 -34.95
C ALA C 170 31.63 3.78 -33.98
N ALA C 171 31.34 3.74 -32.68
CA ALA C 171 32.38 3.82 -31.66
C ALA C 171 33.29 2.59 -31.65
N THR C 172 32.71 1.42 -31.90
CA THR C 172 33.47 0.18 -31.94
C THR C 172 34.40 0.14 -33.16
N VAL C 173 33.89 0.62 -34.30
CA VAL C 173 34.66 0.69 -35.52
C VAL C 173 35.81 1.69 -35.38
N GLU C 174 35.53 2.86 -34.80
CA GLU C 174 36.53 3.89 -34.51
C GLU C 174 37.65 3.40 -33.57
N ALA C 175 37.27 2.60 -32.59
CA ALA C 175 38.24 2.08 -31.65
C ALA C 175 39.11 0.95 -32.20
N SER C 176 38.64 0.23 -33.23
CA SER C 176 39.37 -0.91 -33.79
C SER C 176 40.50 -0.49 -34.73
N ARG C 177 41.52 -1.34 -34.81
CA ARG C 177 42.59 -1.22 -35.79
C ARG C 177 42.90 -2.62 -36.34
N GLY C 178 43.23 -2.70 -37.62
CA GLY C 178 43.54 -3.99 -38.25
C GLY C 178 42.31 -4.52 -38.96
N PHE C 179 41.33 -4.98 -38.18
CA PHE C 179 40.00 -5.26 -38.70
C PHE C 179 38.94 -5.21 -37.60
N VAL C 180 37.68 -5.12 -38.01
CA VAL C 180 36.58 -5.23 -37.09
C VAL C 180 35.91 -6.60 -37.31
N TYR C 181 35.64 -7.32 -36.22
CA TYR C 181 35.07 -8.67 -36.26
C TYR C 181 33.56 -8.55 -36.21
N ALA C 182 32.91 -8.81 -37.34
CA ALA C 182 31.46 -8.86 -37.43
C ALA C 182 30.97 -10.27 -37.08
N ALA C 183 30.55 -10.44 -35.84
CA ALA C 183 30.15 -11.75 -35.28
C ALA C 183 28.65 -11.91 -35.37
N SER C 184 28.21 -13.04 -35.92
CA SER C 184 26.78 -13.29 -36.23
C SER C 184 26.37 -14.75 -36.07
N SER C 196 20.98 -14.71 -41.18
CA SER C 196 20.52 -15.16 -42.49
C SER C 196 20.94 -14.13 -43.58
N GLN C 197 20.25 -12.98 -43.61
CA GLN C 197 20.68 -11.77 -44.32
C GLN C 197 21.50 -10.82 -43.39
N ALA C 198 21.68 -11.21 -42.12
CA ALA C 198 22.15 -10.28 -41.10
C ALA C 198 23.63 -9.90 -41.28
N ALA C 199 24.46 -10.89 -41.63
CA ALA C 199 25.89 -10.65 -41.85
C ALA C 199 26.19 -9.60 -42.93
N PRO C 200 25.59 -9.71 -44.13
CA PRO C 200 25.86 -8.67 -45.13
C PRO C 200 25.34 -7.29 -44.74
N GLU C 201 24.15 -7.21 -44.14
CA GLU C 201 23.65 -5.92 -43.67
C GLU C 201 24.60 -5.34 -42.62
N LEU C 202 25.12 -6.18 -41.74
CA LEU C 202 26.04 -5.71 -40.70
C LEU C 202 27.35 -5.18 -41.30
N VAL C 203 27.90 -5.91 -42.27
CA VAL C 203 29.10 -5.46 -42.97
C VAL C 203 28.81 -4.14 -43.70
N GLY C 204 27.66 -4.06 -44.38
CA GLY C 204 27.19 -2.82 -44.98
C GLY C 204 27.21 -1.65 -44.02
N ARG C 205 26.67 -1.83 -42.81
N ARG C 205 26.67 -1.83 -42.81
CA ARG C 205 26.61 -0.77 -41.81
CA ARG C 205 26.59 -0.76 -41.83
C ARG C 205 28.00 -0.28 -41.41
C ARG C 205 27.98 -0.29 -41.35
N VAL C 206 28.95 -1.21 -41.30
CA VAL C 206 30.36 -0.84 -41.06
C VAL C 206 30.97 -0.03 -42.22
N LYS C 207 30.70 -0.42 -43.48
CA LYS C 207 31.32 0.25 -44.63
C LYS C 207 30.77 1.64 -44.90
N ALA C 208 29.54 1.91 -44.48
CA ALA C 208 29.01 3.27 -44.53
C ALA C 208 29.78 4.27 -43.64
N VAL C 209 30.42 3.79 -42.57
CA VAL C 209 31.18 4.67 -41.67
C VAL C 209 32.72 4.57 -41.73
N SER C 210 33.25 3.52 -42.36
CA SER C 210 34.70 3.27 -42.34
C SER C 210 35.18 2.38 -43.50
N ASP C 211 36.41 2.63 -43.96
CA ASP C 211 37.09 1.73 -44.92
C ASP C 211 37.86 0.58 -44.25
N ILE C 212 37.79 0.44 -42.93
CA ILE C 212 38.53 -0.61 -42.23
C ILE C 212 38.10 -2.02 -42.69
N PRO C 213 39.06 -2.95 -42.84
CA PRO C 213 38.67 -4.33 -43.17
C PRO C 213 37.68 -4.95 -42.15
N VAL C 214 36.73 -5.72 -42.66
CA VAL C 214 35.71 -6.37 -41.84
C VAL C 214 35.82 -7.86 -42.05
N GLY C 215 36.12 -8.57 -40.97
CA GLY C 215 36.11 -10.02 -40.94
C GLY C 215 34.76 -10.52 -40.49
N VAL C 216 34.27 -11.61 -41.09
CA VAL C 216 32.95 -12.17 -40.78
C VAL C 216 33.06 -13.63 -40.34
N GLY C 217 32.61 -13.88 -39.13
CA GLY C 217 32.36 -15.20 -38.61
C GLY C 217 30.86 -15.52 -38.67
N LEU C 218 30.56 -16.74 -39.09
CA LEU C 218 29.17 -17.13 -39.33
C LEU C 218 29.03 -18.66 -39.25
N GLY C 219 29.78 -19.32 -38.34
CA GLY C 219 29.82 -20.80 -38.29
C GLY C 219 30.17 -21.50 -39.61
N VAL C 220 31.24 -21.04 -40.26
CA VAL C 220 31.63 -21.54 -41.59
C VAL C 220 32.20 -22.96 -41.52
N ARG C 221 31.65 -23.86 -42.36
CA ARG C 221 32.08 -25.27 -42.46
C ARG C 221 32.57 -25.73 -43.81
N SER C 222 32.36 -24.92 -44.87
CA SER C 222 32.57 -25.35 -46.25
C SER C 222 33.20 -24.28 -47.14
N ARG C 223 33.73 -24.72 -48.28
CA ARG C 223 34.25 -23.83 -49.33
C ARG C 223 33.19 -22.81 -49.75
N ALA C 224 31.99 -23.33 -50.03
CA ALA C 224 30.87 -22.54 -50.54
C ALA C 224 30.48 -21.40 -49.60
N GLN C 225 30.46 -21.68 -48.29
CA GLN C 225 30.21 -20.63 -47.28
C GLN C 225 31.30 -19.60 -47.20
N ALA C 226 32.54 -20.04 -47.32
CA ALA C 226 33.67 -19.10 -47.36
C ALA C 226 33.56 -18.18 -48.59
N ALA C 227 33.13 -18.74 -49.70
CA ALA C 227 32.93 -17.97 -50.92
C ALA C 227 31.80 -16.96 -50.79
N GLN C 228 30.64 -17.41 -50.30
CA GLN C 228 29.48 -16.53 -50.07
C GLN C 228 29.89 -15.26 -49.29
N ILE C 229 30.61 -15.45 -48.19
CA ILE C 229 31.04 -14.35 -47.33
C ILE C 229 32.06 -13.45 -48.02
N ALA C 230 32.94 -14.03 -48.82
CA ALA C 230 33.95 -13.27 -49.57
C ALA C 230 33.38 -12.30 -50.61
N GLN C 231 32.11 -12.42 -50.96
CA GLN C 231 31.46 -11.49 -51.88
C GLN C 231 31.25 -10.11 -51.27
N TYR C 232 31.12 -10.05 -49.93
CA TYR C 232 30.86 -8.78 -49.21
C TYR C 232 31.88 -8.38 -48.15
N ALA C 233 32.65 -9.33 -47.63
CA ALA C 233 33.52 -9.08 -46.49
C ALA C 233 34.99 -9.20 -46.91
N ASP C 234 35.88 -8.56 -46.15
CA ASP C 234 37.31 -8.54 -46.44
C ASP C 234 38.05 -9.76 -45.89
N GLY C 235 37.50 -10.40 -44.86
CA GLY C 235 38.06 -11.63 -44.30
C GLY C 235 36.97 -12.62 -43.87
N VAL C 236 37.29 -13.91 -43.99
CA VAL C 236 36.41 -14.99 -43.57
C VAL C 236 37.06 -15.64 -42.36
N ILE C 237 36.35 -15.56 -41.23
CA ILE C 237 36.82 -16.10 -39.96
C ILE C 237 36.22 -17.49 -39.82
N VAL C 238 37.07 -18.48 -39.53
CA VAL C 238 36.65 -19.85 -39.32
C VAL C 238 37.34 -20.41 -38.09
N GLY C 239 36.54 -21.02 -37.21
CA GLY C 239 37.01 -21.52 -35.92
C GLY C 239 36.48 -22.88 -35.59
N SER C 240 35.20 -22.96 -35.25
CA SER C 240 34.57 -24.22 -34.87
C SER C 240 34.95 -25.39 -35.79
N ALA C 241 34.84 -25.15 -37.10
CA ALA C 241 35.04 -26.20 -38.09
C ALA C 241 36.48 -26.68 -38.12
N LEU C 242 37.42 -25.77 -37.86
CA LEU C 242 38.84 -26.11 -37.82
C LEU C 242 39.12 -27.02 -36.62
N VAL C 243 38.48 -26.73 -35.50
CA VAL C 243 38.61 -27.57 -34.30
C VAL C 243 38.02 -28.96 -34.56
N THR C 244 36.80 -29.02 -35.07
CA THR C 244 36.17 -30.30 -35.45
C THR C 244 37.05 -31.12 -36.40
N ALA C 245 37.63 -30.44 -37.39
CA ALA C 245 38.57 -31.07 -38.32
C ALA C 245 39.82 -31.60 -37.61
N LEU C 246 40.40 -30.78 -36.72
CA LEU C 246 41.61 -31.19 -35.99
C LEU C 246 41.33 -32.45 -35.16
N THR C 247 40.14 -32.50 -34.57
CA THR C 247 39.71 -33.59 -33.71
C THR C 247 39.74 -34.90 -34.48
N GLU C 248 39.30 -34.88 -35.75
CA GLU C 248 39.36 -36.05 -36.64
C GLU C 248 40.83 -36.37 -36.97
N GLY C 249 41.61 -35.34 -37.26
CA GLY C 249 43.05 -35.49 -37.49
C GLY C 249 43.69 -34.34 -38.22
N LEU C 250 45.00 -34.26 -38.12
CA LEU C 250 45.79 -33.23 -38.80
C LEU C 250 45.67 -33.25 -40.32
N PRO C 251 45.69 -34.45 -40.95
CA PRO C 251 45.42 -34.49 -42.42
C PRO C 251 44.08 -33.87 -42.84
N ARG C 252 43.03 -34.13 -42.05
CA ARG C 252 41.71 -33.56 -42.30
C ARG C 252 41.70 -32.03 -42.14
N LEU C 253 42.45 -31.51 -41.16
CA LEU C 253 42.61 -30.06 -40.98
C LEU C 253 43.25 -29.41 -42.21
N ARG C 254 44.31 -30.03 -42.72
N ARG C 254 44.32 -30.03 -42.72
CA ARG C 254 45.00 -29.54 -43.92
CA ARG C 254 45.02 -29.57 -43.92
C ARG C 254 44.08 -29.53 -45.16
C ARG C 254 44.08 -29.52 -45.14
N ALA C 255 43.26 -30.57 -45.31
CA ALA C 255 42.34 -30.66 -46.44
C ALA C 255 41.20 -29.66 -46.34
N LEU C 256 40.64 -29.47 -45.13
CA LEU C 256 39.58 -28.45 -44.94
C LEU C 256 40.09 -27.06 -45.24
N THR C 257 41.28 -26.74 -44.72
CA THR C 257 41.87 -25.41 -44.86
C THR C 257 42.15 -25.06 -46.32
N GLY C 258 42.61 -26.06 -47.08
CA GLY C 258 42.78 -25.92 -48.52
C GLY C 258 41.48 -25.58 -49.25
N GLU C 259 40.39 -26.23 -48.84
CA GLU C 259 39.04 -25.95 -49.39
C GLU C 259 38.60 -24.51 -49.09
N LEU C 260 38.88 -24.02 -47.88
CA LEU C 260 38.47 -22.68 -47.46
C LEU C 260 39.34 -21.62 -48.14
N ALA C 261 40.64 -21.89 -48.30
CA ALA C 261 41.54 -21.04 -49.09
C ALA C 261 41.05 -20.86 -50.53
N ALA C 262 40.63 -21.96 -51.16
CA ALA C 262 40.05 -21.93 -52.49
C ALA C 262 38.73 -21.14 -52.49
N GLY C 263 37.94 -21.30 -51.42
CA GLY C 263 36.68 -20.58 -51.29
C GLY C 263 36.78 -19.06 -51.19
N VAL C 264 37.78 -18.55 -50.46
CA VAL C 264 37.96 -17.09 -50.33
C VAL C 264 38.39 -16.40 -51.64
N ARG C 265 38.86 -17.16 -52.63
CA ARG C 265 39.30 -16.59 -53.91
C ARG C 265 38.17 -16.39 -54.96
N LEU C 266 36.98 -16.91 -54.68
CA LEU C 266 35.88 -16.86 -55.65
C LEU C 266 35.19 -15.48 -55.73
N ALA D 4 7.44 3.14 -1.21
CA ALA D 4 6.82 4.48 -0.94
C ALA D 4 7.46 5.65 -1.74
N ILE D 5 8.80 5.87 -1.64
CA ILE D 5 9.50 6.96 -2.42
C ILE D 5 10.87 6.55 -2.99
N ALA D 6 11.17 7.07 -4.19
CA ALA D 6 12.50 6.98 -4.81
C ALA D 6 13.60 7.51 -3.88
N GLU D 7 14.57 6.63 -3.56
CA GLU D 7 15.62 6.94 -2.57
C GLU D 7 16.88 7.58 -3.21
N PRO D 8 17.78 8.18 -2.39
CA PRO D 8 18.91 8.93 -2.98
C PRO D 8 20.03 8.07 -3.61
N THR D 9 20.98 8.76 -4.24
CA THR D 9 21.87 8.21 -5.26
C THR D 9 23.37 8.55 -5.06
N SER D 10 23.79 9.01 -3.89
CA SER D 10 25.23 9.35 -3.70
C SER D 10 26.17 8.12 -3.66
N HIS D 11 25.62 6.94 -3.33
CA HIS D 11 26.39 5.68 -3.37
C HIS D 11 26.31 4.92 -4.73
N ASP D 12 25.68 5.52 -5.73
CA ASP D 12 25.46 4.88 -7.00
C ASP D 12 26.70 4.98 -7.88
N PRO D 13 26.83 4.05 -8.84
CA PRO D 13 27.93 4.14 -9.78
C PRO D 13 27.70 5.23 -10.82
N ASP D 14 28.71 5.51 -11.65
CA ASP D 14 28.56 6.40 -12.80
C ASP D 14 27.69 5.74 -13.90
N SER D 15 27.46 6.43 -15.00
CA SER D 15 26.54 5.87 -16.02
C SER D 15 27.09 4.61 -16.72
N GLY D 16 28.40 4.37 -16.68
CA GLY D 16 28.96 3.08 -17.11
C GLY D 16 28.96 1.94 -16.08
N GLY D 17 28.40 2.16 -14.89
CA GLY D 17 28.36 1.17 -13.82
C GLY D 17 29.59 1.07 -12.93
N HIS D 18 30.45 2.09 -12.96
CA HIS D 18 31.67 2.06 -12.14
C HIS D 18 31.44 2.65 -10.75
N PHE D 19 31.89 1.94 -9.72
CA PHE D 19 31.89 2.44 -8.34
C PHE D 19 33.28 2.97 -7.97
N GLY D 20 33.33 4.19 -7.42
CA GLY D 20 34.59 4.79 -6.96
C GLY D 20 35.53 5.32 -8.04
N GLY D 21 34.98 5.75 -9.17
CA GLY D 21 35.77 6.42 -10.23
C GLY D 21 35.52 5.89 -11.64
N PRO D 22 35.85 6.70 -12.69
CA PRO D 22 35.53 6.36 -14.12
C PRO D 22 35.93 4.95 -14.61
N SER D 23 36.98 4.36 -14.03
CA SER D 23 37.39 2.97 -14.35
C SER D 23 37.79 2.18 -13.09
N GLY D 24 36.83 2.03 -12.17
CA GLY D 24 37.01 1.19 -11.01
C GLY D 24 36.05 0.02 -11.06
N TRP D 25 35.42 -0.25 -9.93
CA TRP D 25 34.74 -1.51 -9.70
C TRP D 25 33.45 -1.55 -10.49
N GLY D 26 33.09 -2.73 -11.00
CA GLY D 26 31.81 -2.90 -11.69
C GLY D 26 31.99 -2.85 -13.19
N GLY D 27 31.35 -1.92 -13.85
CA GLY D 27 31.48 -1.77 -15.29
C GLY D 27 30.61 -2.76 -16.05
N ARG D 28 30.94 -2.90 -17.33
CA ARG D 28 30.31 -3.87 -18.23
C ARG D 28 31.35 -4.70 -18.97
N TYR D 29 31.79 -5.78 -18.33
CA TYR D 29 32.79 -6.66 -18.90
C TYR D 29 32.06 -7.79 -19.61
N VAL D 30 31.46 -7.44 -20.72
CA VAL D 30 30.58 -8.31 -21.49
C VAL D 30 30.83 -8.11 -22.97
N PRO D 31 30.34 -9.04 -23.81
CA PRO D 31 30.50 -8.87 -25.24
C PRO D 31 29.54 -7.83 -25.82
N GLU D 32 29.95 -7.22 -26.91
CA GLU D 32 29.14 -6.25 -27.63
C GLU D 32 27.80 -6.83 -28.00
N ALA D 33 27.74 -8.13 -28.26
CA ALA D 33 26.48 -8.84 -28.53
C ALA D 33 25.39 -8.68 -27.43
N LEU D 34 25.77 -8.42 -26.18
CA LEU D 34 24.78 -8.18 -25.11
C LEU D 34 24.41 -6.70 -24.91
N MET D 35 25.11 -5.79 -25.53
CA MET D 35 24.98 -4.40 -25.15
C MET D 35 23.63 -3.79 -25.48
N ALA D 36 23.01 -4.20 -26.59
CA ALA D 36 21.69 -3.70 -26.97
C ALA D 36 20.68 -4.02 -25.88
N VAL D 37 20.65 -5.28 -25.48
CA VAL D 37 19.72 -5.72 -24.47
C VAL D 37 20.05 -5.16 -23.07
N ILE D 38 21.33 -5.07 -22.72
CA ILE D 38 21.76 -4.40 -21.49
C ILE D 38 21.41 -2.92 -21.51
N GLU D 39 21.63 -2.22 -22.61
CA GLU D 39 21.18 -0.82 -22.70
C GLU D 39 19.64 -0.68 -22.55
N GLU D 40 18.89 -1.63 -23.12
CA GLU D 40 17.45 -1.61 -23.06
C GLU D 40 16.99 -1.77 -21.60
N VAL D 41 17.47 -2.80 -20.92
CA VAL D 41 17.18 -3.00 -19.50
C VAL D 41 17.56 -1.79 -18.63
N THR D 42 18.75 -1.21 -18.91
CA THR D 42 19.25 -0.07 -18.16
C THR D 42 18.35 1.14 -18.32
N ALA D 43 17.95 1.43 -19.53
CA ALA D 43 17.02 2.52 -19.80
C ALA D 43 15.66 2.28 -19.10
N ALA D 44 15.19 1.04 -19.12
CA ALA D 44 13.88 0.74 -18.54
C ALA D 44 13.93 0.87 -17.02
N TYR D 45 15.03 0.42 -16.44
CA TYR D 45 15.21 0.54 -15.01
C TYR D 45 15.35 1.99 -14.56
N GLN D 46 16.05 2.84 -15.32
CA GLN D 46 16.14 4.30 -15.01
C GLN D 46 14.76 4.93 -14.94
N LYS D 47 13.91 4.60 -15.89
CA LYS D 47 12.54 5.09 -15.89
C LYS D 47 11.71 4.53 -14.73
N GLU D 48 11.73 3.22 -14.49
CA GLU D 48 10.86 2.64 -13.48
C GLU D 48 11.32 2.88 -12.03
N ARG D 49 12.62 3.01 -11.80
CA ARG D 49 13.13 3.24 -10.43
C ARG D 49 12.63 4.55 -9.81
N VAL D 50 12.35 5.55 -10.65
CA VAL D 50 11.79 6.81 -10.20
C VAL D 50 10.28 6.91 -10.43
N SER D 51 9.62 5.84 -10.83
CA SER D 51 8.20 5.89 -11.13
C SER D 51 7.43 5.48 -9.88
N GLN D 52 6.61 6.39 -9.38
CA GLN D 52 5.82 6.15 -8.17
C GLN D 52 4.90 4.92 -8.37
N ASP D 53 4.32 4.79 -9.55
CA ASP D 53 3.43 3.67 -9.85
C ASP D 53 4.16 2.31 -9.83
N PHE D 54 5.39 2.29 -10.30
CA PHE D 54 6.23 1.12 -10.17
C PHE D 54 6.50 0.80 -8.72
N LEU D 55 6.91 1.83 -7.97
CA LEU D 55 7.30 1.59 -6.59
C LEU D 55 6.08 1.14 -5.76
N ASP D 56 4.90 1.68 -6.06
CA ASP D 56 3.65 1.23 -5.44
C ASP D 56 3.32 -0.21 -5.76
N ASP D 57 3.47 -0.60 -7.03
CA ASP D 57 3.26 -1.99 -7.43
C ASP D 57 4.17 -2.95 -6.67
N LEU D 58 5.43 -2.59 -6.55
CA LEU D 58 6.38 -3.45 -5.88
C LEU D 58 6.05 -3.50 -4.40
N ASP D 59 5.77 -2.35 -3.81
CA ASP D 59 5.37 -2.28 -2.39
C ASP D 59 4.11 -3.11 -2.07
N ARG D 60 3.12 -3.08 -2.97
CA ARG D 60 1.85 -3.79 -2.78
C ARG D 60 2.05 -5.31 -2.77
N LEU D 61 2.92 -5.80 -3.64
CA LEU D 61 3.34 -7.20 -3.63
C LEU D 61 4.21 -7.55 -2.43
N GLN D 62 5.17 -6.69 -2.09
CA GLN D 62 6.00 -6.91 -0.91
C GLN D 62 5.12 -7.10 0.31
N ALA D 63 4.12 -6.23 0.47
CA ALA D 63 3.24 -6.26 1.65
C ALA D 63 2.30 -7.45 1.71
N ASN D 64 1.46 -7.58 0.69
CA ASN D 64 0.35 -8.54 0.72
C ASN D 64 0.70 -9.93 0.22
N TYR D 65 1.68 -10.03 -0.67
CA TYR D 65 2.06 -11.31 -1.26
C TYR D 65 3.24 -11.94 -0.53
N ALA D 66 4.32 -11.17 -0.34
CA ALA D 66 5.54 -11.65 0.28
C ALA D 66 5.58 -11.53 1.80
N GLY D 67 4.67 -10.76 2.39
CA GLY D 67 4.53 -10.64 3.84
C GLY D 67 5.47 -9.67 4.56
N ARG D 68 5.92 -8.64 3.85
CA ARG D 68 6.78 -7.60 4.45
C ARG D 68 5.88 -6.65 5.28
N PRO D 69 6.44 -5.99 6.30
CA PRO D 69 7.84 -6.15 6.71
C PRO D 69 8.14 -7.46 7.44
N SER D 70 9.34 -7.95 7.26
CA SER D 70 9.82 -9.03 8.09
C SER D 70 10.17 -8.48 9.47
N PRO D 71 9.94 -9.28 10.52
CA PRO D 71 10.24 -8.80 11.86
C PRO D 71 11.73 -8.81 12.17
N LEU D 72 12.04 -8.14 13.28
CA LEU D 72 13.37 -8.12 13.85
C LEU D 72 13.22 -8.75 15.21
N TYR D 73 14.01 -9.80 15.46
CA TYR D 73 13.84 -10.62 16.66
C TYR D 73 15.12 -10.62 17.48
N GLU D 74 15.03 -10.18 18.74
CA GLU D 74 16.18 -10.20 19.63
C GLU D 74 16.35 -11.60 20.16
N ALA D 75 17.40 -12.25 19.69
CA ALA D 75 17.67 -13.65 20.07
C ALA D 75 18.33 -13.71 21.45
N THR D 76 17.53 -13.56 22.49
CA THR D 76 18.06 -13.46 23.86
C THR D 76 18.88 -14.65 24.34
N ARG D 77 18.55 -15.85 23.83
CA ARG D 77 19.22 -17.08 24.24
C ARG D 77 20.52 -17.39 23.51
N LEU D 78 20.88 -16.59 22.49
CA LEU D 78 22.22 -16.63 21.89
C LEU D 78 23.21 -15.77 22.61
N SER D 79 22.70 -14.84 23.41
CA SER D 79 23.55 -13.80 23.97
C SER D 79 24.76 -14.34 24.73
N GLN D 80 24.61 -15.39 25.52
CA GLN D 80 25.76 -15.90 26.28
C GLN D 80 26.91 -16.49 25.42
N HIS D 81 26.59 -16.90 24.19
CA HIS D 81 27.56 -17.34 23.17
C HIS D 81 28.12 -16.20 22.29
N ALA D 82 27.64 -14.97 22.50
CA ALA D 82 28.09 -13.81 21.77
C ALA D 82 28.66 -12.76 22.72
N GLY D 83 29.33 -13.20 23.79
CA GLY D 83 29.94 -12.31 24.80
C GLY D 83 28.96 -11.42 25.55
N SER D 84 27.72 -11.88 25.69
CA SER D 84 26.59 -11.07 26.22
C SER D 84 26.26 -9.81 25.38
N ALA D 85 26.70 -9.77 24.13
CA ALA D 85 26.15 -8.85 23.15
C ALA D 85 24.69 -9.26 22.90
N ARG D 86 23.98 -8.40 22.19
CA ARG D 86 22.56 -8.56 21.92
C ARG D 86 22.42 -8.75 20.43
N ILE D 87 22.01 -9.95 20.03
CA ILE D 87 21.89 -10.33 18.63
C ILE D 87 20.43 -10.14 18.23
N PHE D 88 20.20 -9.25 17.28
CA PHE D 88 18.89 -9.09 16.66
C PHE D 88 18.87 -9.72 15.25
N LEU D 89 17.97 -10.66 15.02
CA LEU D 89 17.88 -11.34 13.76
C LEU D 89 16.85 -10.67 12.89
N LYS D 90 17.29 -10.21 11.71
CA LYS D 90 16.37 -9.65 10.72
C LYS D 90 15.80 -10.80 9.92
N ARG D 91 14.50 -11.01 10.01
CA ARG D 91 13.90 -12.30 9.75
C ARG D 91 13.44 -12.51 8.30
N GLU D 92 14.41 -12.44 7.39
CA GLU D 92 14.15 -12.70 5.98
C GLU D 92 13.76 -14.17 5.72
N ASP D 93 14.13 -15.06 6.65
CA ASP D 93 13.64 -16.42 6.68
C ASP D 93 12.13 -16.58 6.62
N LEU D 94 11.39 -15.54 6.99
CA LEU D 94 9.92 -15.61 6.99
C LEU D 94 9.27 -15.11 5.71
N ASN D 95 10.04 -14.67 4.73
CA ASN D 95 9.46 -14.22 3.47
C ASN D 95 8.86 -15.40 2.75
N HIS D 96 7.86 -15.12 1.93
CA HIS D 96 7.39 -16.06 0.91
C HIS D 96 8.58 -16.61 0.15
N THR D 97 8.63 -17.94 0.03
CA THR D 97 9.72 -18.76 -0.56
C THR D 97 10.92 -18.99 0.38
N GLY D 98 11.03 -18.26 1.47
CA GLY D 98 12.02 -18.57 2.49
C GLY D 98 13.33 -17.83 2.48
N SER D 99 13.43 -16.77 1.69
CA SER D 99 14.64 -16.00 1.64
C SER D 99 14.40 -14.66 1.09
N HIS D 100 15.43 -13.84 1.17
CA HIS D 100 15.47 -12.54 0.55
C HIS D 100 15.38 -12.57 -0.99
N1 LLP D 101 21.46 -16.71 1.88
C2 LLP D 101 20.47 -17.43 1.35
C2' LLP D 101 19.33 -18.04 2.21
C3 LLP D 101 20.45 -17.67 -0.06
O3 LLP D 101 19.41 -18.41 -0.64
C4 LLP D 101 21.44 -17.14 -0.85
C4' LLP D 101 21.34 -17.40 -2.44
C5 LLP D 101 22.45 -16.41 -0.32
C6 LLP D 101 22.48 -16.21 1.06
C5' LLP D 101 23.60 -15.87 -1.22
OP4 LLP D 101 23.19 -14.85 -2.10
P LLP D 101 23.49 -13.34 -1.83
OP1 LLP D 101 22.42 -12.80 -0.90
OP2 LLP D 101 24.90 -13.13 -1.31
OP3 LLP D 101 23.29 -12.74 -3.18
N LLP D 101 15.62 -13.71 -1.62
CA LLP D 101 15.56 -13.77 -3.08
CB LLP D 101 16.01 -15.11 -3.59
CG LLP D 101 17.51 -15.21 -3.35
CD LLP D 101 18.07 -16.45 -4.03
CE LLP D 101 19.61 -16.49 -3.82
NZ LLP D 101 19.94 -17.37 -2.72
C LLP D 101 14.25 -13.34 -3.67
O LLP D 101 14.23 -12.81 -4.78
N ILE D 102 13.15 -13.52 -2.96
CA ILE D 102 11.83 -13.06 -3.44
C ILE D 102 11.77 -11.52 -3.70
N ASN D 103 12.50 -10.73 -2.92
CA ASN D 103 12.54 -9.26 -3.09
C ASN D 103 13.08 -8.91 -4.47
N ASN D 104 14.10 -9.65 -4.88
CA ASN D 104 14.77 -9.39 -6.12
C ASN D 104 13.91 -9.79 -7.30
N VAL D 105 13.37 -11.01 -7.26
CA VAL D 105 12.64 -11.55 -8.40
C VAL D 105 11.32 -10.84 -8.59
N LEU D 106 10.74 -10.29 -7.53
CA LEU D 106 9.52 -9.51 -7.68
C LEU D 106 9.77 -8.22 -8.45
N GLY D 107 10.86 -7.54 -8.13
CA GLY D 107 11.24 -6.31 -8.83
C GLY D 107 11.54 -6.54 -10.30
N GLN D 108 12.33 -7.56 -10.58
CA GLN D 108 12.70 -7.87 -11.96
C GLN D 108 11.55 -8.40 -12.80
N ALA D 109 10.68 -9.20 -12.22
CA ALA D 109 9.51 -9.68 -12.94
C ALA D 109 8.59 -8.53 -13.27
N LEU D 110 8.40 -7.60 -12.32
CA LEU D 110 7.66 -6.36 -12.63
C LEU D 110 8.34 -5.58 -13.74
N LEU D 111 9.67 -5.45 -13.68
CA LEU D 111 10.40 -4.75 -14.72
C LEU D 111 10.22 -5.42 -16.09
N ALA D 112 10.27 -6.75 -16.12
CA ALA D 112 10.06 -7.54 -17.35
C ALA D 112 8.71 -7.28 -17.99
N ARG D 113 7.62 -7.29 -17.22
N ARG D 113 7.64 -7.31 -17.18
CA ARG D 113 6.30 -6.96 -17.79
CA ARG D 113 6.28 -6.95 -17.63
C ARG D 113 6.20 -5.49 -18.19
C ARG D 113 6.25 -5.52 -18.19
N ARG D 114 6.85 -4.58 -17.47
CA ARG D 114 6.90 -3.15 -17.89
C ARG D 114 7.58 -2.97 -19.25
N MET D 115 8.62 -3.76 -19.50
CA MET D 115 9.35 -3.75 -20.78
C MET D 115 8.64 -4.48 -21.93
N GLY D 116 7.47 -5.08 -21.65
CA GLY D 116 6.73 -5.87 -22.62
C GLY D 116 7.33 -7.25 -22.94
N LYS D 117 8.24 -7.75 -22.09
CA LYS D 117 8.84 -9.08 -22.29
C LYS D 117 7.84 -10.15 -21.87
N THR D 118 7.69 -11.19 -22.68
CA THR D 118 6.72 -12.26 -22.37
C THR D 118 7.35 -13.53 -21.73
N ARG D 119 8.69 -13.56 -21.67
CA ARG D 119 9.43 -14.74 -21.29
C ARG D 119 10.56 -14.31 -20.35
N VAL D 120 10.79 -15.08 -19.29
CA VAL D 120 11.91 -14.83 -18.36
C VAL D 120 12.78 -16.09 -18.26
N ILE D 121 14.09 -15.91 -18.30
CA ILE D 121 15.04 -16.97 -18.11
C ILE D 121 15.94 -16.68 -16.92
N ALA D 122 16.45 -17.74 -16.31
CA ALA D 122 17.39 -17.65 -15.20
C ALA D 122 18.19 -18.94 -15.11
N GLU D 123 19.25 -18.90 -14.31
CA GLU D 123 19.96 -20.13 -13.98
C GLU D 123 20.01 -20.28 -12.48
N THR D 124 20.38 -21.48 -12.05
CA THR D 124 20.39 -21.82 -10.64
C THR D 124 21.32 -23.01 -10.39
N GLY D 125 21.96 -23.01 -9.22
CA GLY D 125 22.81 -24.12 -8.75
C GLY D 125 22.01 -25.14 -8.01
N ALA D 126 21.86 -24.97 -6.71
CA ALA D 126 21.04 -25.89 -5.91
C ALA D 126 19.51 -25.65 -6.10
N GLY D 127 19.12 -24.49 -6.65
CA GLY D 127 17.72 -24.28 -7.07
C GLY D 127 16.97 -23.12 -6.47
N GLN D 128 17.56 -22.41 -5.52
CA GLN D 128 16.83 -21.39 -4.77
C GLN D 128 16.40 -20.23 -5.67
N HIS D 129 17.34 -19.67 -6.42
CA HIS D 129 17.04 -18.61 -7.37
C HIS D 129 16.07 -19.04 -8.49
N GLY D 130 16.18 -20.30 -8.91
CA GLY D 130 15.27 -20.90 -9.88
C GLY D 130 13.84 -20.98 -9.40
N VAL D 131 13.67 -21.37 -8.13
CA VAL D 131 12.34 -21.46 -7.49
C VAL D 131 11.77 -20.06 -7.33
N ALA D 132 12.61 -19.12 -6.86
CA ALA D 132 12.21 -17.75 -6.67
C ALA D 132 11.74 -17.11 -7.97
N THR D 133 12.54 -17.29 -9.03
CA THR D 133 12.22 -16.74 -10.34
C THR D 133 10.93 -17.33 -10.89
N ALA D 134 10.80 -18.65 -10.84
CA ALA D 134 9.57 -19.33 -11.28
C ALA D 134 8.32 -18.89 -10.50
N THR D 135 8.51 -18.59 -9.23
CA THR D 135 7.46 -18.08 -8.37
C THR D 135 6.94 -16.72 -8.83
N ALA D 136 7.86 -15.77 -9.06
CA ALA D 136 7.50 -14.45 -9.56
C ALA D 136 6.90 -14.53 -10.94
N CYS D 137 7.43 -15.40 -11.78
CA CYS D 137 6.86 -15.56 -13.12
C CYS D 137 5.46 -16.15 -13.15
N ALA D 138 5.17 -17.06 -12.23
CA ALA D 138 3.86 -17.67 -12.15
C ALA D 138 2.84 -16.61 -11.73
N LEU D 139 3.20 -15.84 -10.72
CA LEU D 139 2.38 -14.76 -10.20
C LEU D 139 2.03 -13.75 -11.25
N LEU D 140 3.02 -13.33 -12.06
CA LEU D 140 2.78 -12.32 -13.10
C LEU D 140 2.44 -12.86 -14.49
N GLY D 141 2.28 -14.17 -14.62
CA GLY D 141 1.89 -14.78 -15.92
C GLY D 141 2.96 -14.68 -17.00
N LEU D 142 4.22 -14.79 -16.62
CA LEU D 142 5.33 -14.83 -17.54
C LEU D 142 5.75 -16.28 -17.78
N ASP D 143 6.09 -16.58 -19.03
CA ASP D 143 6.75 -17.82 -19.42
C ASP D 143 8.14 -17.85 -18.79
N CYS D 144 8.47 -18.95 -18.13
CA CYS D 144 9.69 -19.05 -17.37
C CYS D 144 10.50 -20.26 -17.85
N VAL D 145 11.79 -20.04 -18.09
CA VAL D 145 12.72 -21.12 -18.40
C VAL D 145 13.92 -20.99 -17.44
N ILE D 146 14.18 -22.06 -16.69
CA ILE D 146 15.31 -22.13 -15.76
C ILE D 146 16.33 -23.12 -16.31
N TYR D 147 17.58 -22.65 -16.49
CA TYR D 147 18.72 -23.50 -16.85
C TYR D 147 19.43 -23.96 -15.60
N MET D 148 19.82 -25.23 -15.59
CA MET D 148 20.33 -25.88 -14.40
C MET D 148 21.21 -27.03 -14.86
N GLY D 149 22.43 -27.08 -14.34
CA GLY D 149 23.34 -28.16 -14.66
C GLY D 149 22.79 -29.53 -14.32
N GLY D 150 23.06 -30.50 -15.19
CA GLY D 150 22.58 -31.89 -15.04
C GLY D 150 22.97 -32.62 -13.77
N ILE D 151 24.12 -32.30 -13.22
CA ILE D 151 24.55 -32.85 -11.93
C ILE D 151 23.64 -32.31 -10.84
N ASP D 152 23.37 -31.01 -10.89
CA ASP D 152 22.48 -30.34 -9.92
C ASP D 152 21.02 -30.80 -10.05
N THR D 153 20.52 -31.04 -11.27
CA THR D 153 19.14 -31.52 -11.42
C THR D 153 18.94 -32.94 -10.90
N ALA D 154 19.97 -33.78 -11.02
CA ALA D 154 19.91 -35.15 -10.50
C ALA D 154 19.86 -35.16 -8.96
N ARG D 155 20.53 -34.22 -8.31
CA ARG D 155 20.53 -34.19 -6.84
C ARG D 155 19.54 -33.18 -6.20
N GLN D 156 18.70 -32.54 -7.02
CA GLN D 156 17.71 -31.57 -6.53
C GLN D 156 16.36 -31.85 -7.14
N ALA D 157 15.97 -33.11 -7.05
CA ALA D 157 14.75 -33.58 -7.65
C ALA D 157 13.53 -32.77 -7.20
N LEU D 158 13.51 -32.38 -5.93
CA LEU D 158 12.35 -31.69 -5.36
C LEU D 158 12.30 -30.23 -5.74
N ASN D 159 13.44 -29.55 -5.79
CA ASN D 159 13.47 -28.20 -6.35
C ASN D 159 13.09 -28.15 -7.82
N VAL D 160 13.52 -29.15 -8.61
CA VAL D 160 13.11 -29.23 -10.01
C VAL D 160 11.59 -29.44 -10.09
N ALA D 161 11.08 -30.29 -9.21
CA ALA D 161 9.64 -30.49 -9.10
C ALA D 161 8.89 -29.20 -8.70
N ARG D 162 9.46 -28.42 -7.78
CA ARG D 162 8.84 -27.14 -7.43
C ARG D 162 8.70 -26.24 -8.64
N MET D 163 9.81 -26.04 -9.35
CA MET D 163 9.83 -25.15 -10.51
C MET D 163 8.79 -25.59 -11.56
N ARG D 164 8.69 -26.88 -11.80
CA ARG D 164 7.71 -27.40 -12.73
C ARG D 164 6.26 -27.27 -12.23
N LEU D 165 6.03 -27.47 -10.94
CA LEU D 165 4.70 -27.22 -10.34
C LEU D 165 4.27 -25.75 -10.47
N LEU D 166 5.25 -24.85 -10.42
CA LEU D 166 5.06 -23.41 -10.68
C LEU D 166 4.94 -23.05 -12.17
N GLY D 167 4.97 -24.04 -13.05
CA GLY D 167 4.77 -23.86 -14.48
C GLY D 167 6.03 -23.57 -15.29
N ALA D 168 7.20 -23.49 -14.67
CA ALA D 168 8.45 -23.24 -15.43
C ALA D 168 8.94 -24.49 -16.17
N GLU D 169 9.59 -24.26 -17.30
CA GLU D 169 10.39 -25.28 -17.92
C GLU D 169 11.77 -25.28 -17.27
N VAL D 170 12.26 -26.44 -16.87
CA VAL D 170 13.61 -26.58 -16.36
C VAL D 170 14.42 -27.28 -17.44
N VAL D 171 15.51 -26.66 -17.87
CA VAL D 171 16.37 -27.23 -18.90
C VAL D 171 17.60 -27.74 -18.18
N ALA D 172 17.74 -29.06 -18.18
CA ALA D 172 18.86 -29.74 -17.59
C ALA D 172 20.00 -29.70 -18.61
N VAL D 173 21.07 -28.98 -18.28
CA VAL D 173 22.21 -28.79 -19.19
C VAL D 173 23.17 -29.96 -18.96
N GLN D 174 23.28 -30.84 -19.96
CA GLN D 174 24.00 -32.11 -19.86
C GLN D 174 25.37 -32.09 -20.54
N THR D 175 25.84 -30.89 -20.92
CA THR D 175 27.08 -30.71 -21.67
C THR D 175 28.20 -30.22 -20.74
N GLY D 176 29.43 -30.54 -21.12
CA GLY D 176 30.62 -30.08 -20.39
C GLY D 176 30.65 -30.68 -19.01
N SER D 177 30.88 -29.86 -17.99
CA SER D 177 30.87 -30.30 -16.60
C SER D 177 29.46 -30.45 -15.95
N LYS D 178 28.39 -30.04 -16.66
CA LYS D 178 26.98 -30.17 -16.21
C LYS D 178 26.66 -29.46 -14.89
N THR D 179 27.27 -28.30 -14.66
CA THR D 179 27.11 -27.55 -13.39
C THR D 179 26.57 -26.14 -13.64
N LEU D 180 26.59 -25.32 -12.60
CA LEU D 180 26.18 -23.92 -12.66
C LEU D 180 26.79 -23.16 -13.82
N LYS D 181 28.09 -23.35 -14.07
CA LYS D 181 28.79 -22.58 -15.10
C LYS D 181 28.27 -22.87 -16.50
N ASP D 182 27.93 -24.14 -16.77
CA ASP D 182 27.34 -24.55 -18.04
C ASP D 182 25.90 -24.04 -18.20
N ALA D 183 25.20 -23.85 -17.08
CA ALA D 183 23.85 -23.30 -17.11
C ALA D 183 23.90 -21.78 -17.38
N ILE D 184 24.90 -21.11 -16.81
CA ILE D 184 25.14 -19.69 -17.10
C ILE D 184 25.43 -19.52 -18.58
N ASN D 185 26.35 -20.33 -19.10
CA ASN D 185 26.73 -20.26 -20.51
C ASN D 185 25.51 -20.39 -21.43
N GLU D 186 24.65 -21.35 -21.11
CA GLU D 186 23.46 -21.64 -21.91
C GLU D 186 22.37 -20.54 -21.81
N ALA D 187 22.28 -19.90 -20.65
CA ALA D 187 21.31 -18.83 -20.42
C ALA D 187 21.68 -17.53 -21.14
N PHE D 188 22.94 -17.10 -21.01
CA PHE D 188 23.48 -15.93 -21.74
C PHE D 188 23.22 -16.07 -23.23
N ARG D 189 23.49 -17.26 -23.77
CA ARG D 189 23.27 -17.52 -25.19
C ARG D 189 21.78 -17.52 -25.58
N ASP D 190 20.88 -17.98 -24.69
CA ASP D 190 19.42 -17.85 -24.87
C ASP D 190 19.02 -16.37 -24.95
N TRP D 191 19.53 -15.58 -24.02
CA TRP D 191 19.22 -14.16 -23.89
C TRP D 191 19.51 -13.39 -25.17
N VAL D 192 20.74 -13.54 -25.68
CA VAL D 192 21.16 -12.95 -26.96
C VAL D 192 20.24 -13.39 -28.11
N ALA D 193 19.92 -14.68 -28.19
CA ALA D 193 19.06 -15.16 -29.28
C ALA D 193 17.62 -14.63 -29.19
N ASN D 194 17.11 -14.41 -27.98
CA ASN D 194 15.69 -14.08 -27.80
C ASN D 194 15.43 -12.78 -27.07
N ALA D 195 16.41 -11.86 -27.07
CA ALA D 195 16.31 -10.58 -26.32
C ALA D 195 15.07 -9.73 -26.64
N ASP D 196 14.53 -9.90 -27.84
CA ASP D 196 13.26 -9.28 -28.23
C ASP D 196 12.07 -9.54 -27.31
N ASN D 197 11.91 -10.77 -26.86
CA ASN D 197 10.78 -11.17 -26.00
C ASN D 197 11.22 -11.61 -24.59
N THR D 198 12.52 -11.70 -24.36
CA THR D 198 13.06 -12.38 -23.17
C THR D 198 13.86 -11.47 -22.23
N TYR D 199 13.53 -11.56 -20.94
CA TYR D 199 14.23 -10.85 -19.87
C TYR D 199 15.04 -11.88 -19.05
N TYR D 200 16.27 -11.52 -18.70
CA TYR D 200 17.16 -12.37 -17.89
C TYR D 200 17.18 -11.86 -16.45
N CYS D 201 16.72 -12.70 -15.54
CA CYS D 201 16.62 -12.39 -14.15
C CYS D 201 17.92 -12.80 -13.44
N PHE D 202 18.78 -11.81 -13.20
CA PHE D 202 20.06 -12.02 -12.51
C PHE D 202 19.86 -12.32 -11.06
N GLY D 203 20.63 -13.28 -10.56
CA GLY D 203 20.43 -13.87 -9.24
C GLY D 203 21.03 -13.14 -8.05
N THR D 204 21.98 -12.25 -8.30
CA THR D 204 22.69 -11.56 -7.21
C THR D 204 23.13 -10.13 -7.60
N ALA D 205 23.80 -9.44 -6.67
CA ALA D 205 24.24 -8.05 -6.89
C ALA D 205 25.57 -8.07 -7.60
N ALA D 206 25.60 -8.69 -8.77
CA ALA D 206 26.82 -8.89 -9.52
C ALA D 206 26.38 -8.84 -10.98
N GLY D 207 27.30 -9.07 -11.90
CA GLY D 207 26.97 -8.97 -13.31
C GLY D 207 27.33 -7.60 -13.85
N PRO D 208 27.06 -7.37 -15.14
CA PRO D 208 27.25 -6.06 -15.70
C PRO D 208 26.20 -5.08 -15.21
N HIS D 209 26.52 -3.79 -15.26
CA HIS D 209 25.56 -2.69 -15.03
C HIS D 209 24.42 -2.87 -16.02
N PRO D 210 23.16 -2.80 -15.60
CA PRO D 210 22.68 -2.24 -14.36
C PRO D 210 22.44 -3.20 -13.18
N PHE D 211 22.89 -4.46 -13.24
CA PHE D 211 22.39 -5.47 -12.29
C PHE D 211 22.83 -5.30 -10.84
N PRO D 212 24.10 -4.95 -10.60
CA PRO D 212 24.51 -4.80 -9.21
C PRO D 212 23.72 -3.71 -8.46
N THR D 213 23.52 -2.59 -9.12
CA THR D 213 22.72 -1.51 -8.60
C THR D 213 21.22 -1.87 -8.51
N MET D 214 20.67 -2.42 -9.58
CA MET D 214 19.24 -2.82 -9.59
C MET D 214 18.87 -3.82 -8.49
N VAL D 215 19.64 -4.90 -8.40
CA VAL D 215 19.37 -5.93 -7.41
C VAL D 215 19.56 -5.36 -6.01
N ARG D 216 20.60 -4.57 -5.81
CA ARG D 216 20.75 -3.89 -4.52
C ARG D 216 19.52 -3.01 -4.22
N ASP D 217 18.98 -2.29 -5.19
CA ASP D 217 17.82 -1.43 -4.92
C ASP D 217 16.57 -2.24 -4.52
N PHE D 218 16.43 -3.43 -5.09
CA PHE D 218 15.32 -4.32 -4.74
C PHE D 218 15.52 -4.98 -3.38
N GLN D 219 16.75 -4.97 -2.84
CA GLN D 219 17.04 -5.50 -1.50
C GLN D 219 17.19 -4.43 -0.41
N ARG D 220 17.29 -3.15 -0.82
CA ARG D 220 17.40 -2.03 0.12
C ARG D 220 16.36 -2.05 1.22
N ILE D 221 15.14 -2.50 0.89
CA ILE D 221 14.01 -2.59 1.82
C ILE D 221 14.39 -3.27 3.15
N ILE D 222 15.28 -4.24 3.10
CA ILE D 222 15.69 -4.99 4.29
C ILE D 222 16.31 -4.05 5.33
N GLY D 223 17.36 -3.36 4.94
CA GLY D 223 18.04 -2.38 5.77
C GLY D 223 17.16 -1.19 6.13
N MET D 224 16.27 -0.77 5.25
CA MET D 224 15.38 0.35 5.54
C MET D 224 14.46 -0.01 6.71
N GLU D 225 13.91 -1.23 6.67
CA GLU D 225 13.07 -1.71 7.77
C GLU D 225 13.90 -1.91 9.03
N ALA D 226 15.07 -2.53 8.88
CA ALA D 226 15.89 -2.87 10.02
C ALA D 226 16.35 -1.64 10.80
N ARG D 227 16.68 -0.57 10.09
CA ARG D 227 17.11 0.68 10.71
C ARG D 227 16.03 1.28 11.58
N VAL D 228 14.78 1.27 11.12
CA VAL D 228 13.63 1.73 11.94
C VAL D 228 13.41 0.81 13.15
N GLN D 229 13.38 -0.48 12.90
CA GLN D 229 13.10 -1.51 13.91
C GLN D 229 14.15 -1.54 15.04
N ILE D 230 15.43 -1.47 14.70
CA ILE D 230 16.46 -1.51 15.69
C ILE D 230 16.40 -0.29 16.60
N GLN D 231 16.09 0.87 16.06
CA GLN D 231 15.92 2.04 16.89
C GLN D 231 14.69 1.92 17.81
N GLY D 232 13.58 1.40 17.29
CA GLY D 232 12.41 1.06 18.11
C GLY D 232 12.71 0.10 19.26
N GLN D 233 13.45 -0.99 19.02
CA GLN D 233 13.65 -2.01 20.05
C GLN D 233 14.82 -1.79 21.00
N ALA D 234 15.95 -1.36 20.48
CA ALA D 234 17.12 -1.06 21.30
C ALA D 234 17.19 0.40 21.75
N GLY D 235 16.42 1.29 21.14
CA GLY D 235 16.49 2.72 21.50
C GLY D 235 17.65 3.48 20.91
N ARG D 236 18.39 2.89 19.98
CA ARG D 236 19.51 3.55 19.34
C ARG D 236 19.88 2.76 18.07
N LEU D 237 20.76 3.34 17.26
CA LEU D 237 21.38 2.63 16.15
C LEU D 237 22.28 1.53 16.68
N PRO D 238 22.45 0.46 15.89
CA PRO D 238 23.21 -0.67 16.40
C PRO D 238 24.73 -0.41 16.36
N ASP D 239 25.49 -1.21 17.10
CA ASP D 239 26.96 -1.12 16.99
C ASP D 239 27.46 -1.79 15.70
N ALA D 240 26.73 -2.79 15.20
CA ALA D 240 27.13 -3.45 13.96
C ALA D 240 25.95 -4.06 13.24
N VAL D 241 26.08 -4.14 11.93
CA VAL D 241 25.10 -4.84 11.09
C VAL D 241 25.90 -5.84 10.28
N VAL D 242 25.51 -7.12 10.32
CA VAL D 242 26.25 -8.18 9.63
C VAL D 242 25.41 -9.05 8.70
N ALA D 243 26.05 -9.65 7.71
CA ALA D 243 25.37 -10.55 6.78
C ALA D 243 26.34 -11.51 6.11
N CYS D 244 25.81 -12.61 5.57
CA CYS D 244 26.61 -13.51 4.77
C CYS D 244 26.71 -12.94 3.36
N VAL D 245 27.80 -13.30 2.69
CA VAL D 245 28.14 -12.78 1.37
C VAL D 245 28.49 -13.89 0.38
N GLY D 246 27.54 -14.20 -0.49
CA GLY D 246 27.82 -15.01 -1.69
C GLY D 246 28.15 -14.03 -2.79
N GLY D 247 27.21 -13.81 -3.67
CA GLY D 247 27.32 -12.74 -4.62
C GLY D 247 27.16 -11.35 -4.03
N GLY D 248 26.38 -11.22 -2.96
CA GLY D 248 26.28 -9.98 -2.19
C GLY D 248 24.95 -9.29 -2.03
N SER D 249 23.86 -9.90 -2.50
CA SER D 249 22.55 -9.23 -2.50
C SER D 249 21.93 -9.03 -1.12
N ASN D 250 21.89 -10.06 -0.26
CA ASN D 250 21.26 -9.86 1.06
C ASN D 250 22.11 -8.92 1.91
N ALA D 251 23.43 -9.04 1.79
CA ALA D 251 24.31 -8.16 2.55
C ALA D 251 24.18 -6.71 2.12
N ILE D 252 24.23 -6.45 0.81
CA ILE D 252 24.18 -5.04 0.37
C ILE D 252 22.82 -4.46 0.74
N GLY D 253 21.77 -5.29 0.70
CA GLY D 253 20.45 -4.82 1.00
C GLY D 253 20.26 -4.41 2.44
N ILE D 254 20.82 -5.19 3.37
CA ILE D 254 20.75 -4.78 4.77
C ILE D 254 21.74 -3.64 5.07
N PHE D 255 22.93 -3.62 4.48
CA PHE D 255 23.92 -2.57 4.76
C PHE D 255 23.53 -1.17 4.33
N HIS D 256 22.78 -1.05 3.23
CA HIS D 256 22.73 0.22 2.48
C HIS D 256 22.21 1.39 3.31
N ALA D 257 21.11 1.14 4.03
CA ALA D 257 20.50 2.15 4.88
C ALA D 257 21.39 2.65 6.02
N PHE D 258 22.45 1.89 6.39
CA PHE D 258 23.38 2.27 7.42
C PHE D 258 24.70 2.85 6.91
N LEU D 259 24.87 3.01 5.60
CA LEU D 259 26.14 3.48 5.07
C LEU D 259 26.60 4.84 5.60
N ASP D 260 25.66 5.76 5.76
CA ASP D 260 25.94 7.11 6.32
C ASP D 260 25.85 7.23 7.85
N ASP D 261 25.73 6.12 8.55
CA ASP D 261 25.76 6.10 10.00
C ASP D 261 27.18 5.72 10.35
N PRO D 262 28.06 6.71 10.61
CA PRO D 262 29.48 6.38 10.75
C PRO D 262 29.85 5.51 11.97
N GLY D 263 29.09 5.53 13.04
CA GLY D 263 29.34 4.64 14.17
C GLY D 263 28.81 3.22 13.98
N VAL D 264 28.15 2.90 12.86
CA VAL D 264 27.69 1.51 12.62
C VAL D 264 28.73 0.69 11.83
N ARG D 265 29.33 -0.31 12.47
CA ARG D 265 30.27 -1.22 11.80
C ARG D 265 29.47 -2.11 10.90
N LEU D 266 30.01 -2.37 9.73
CA LEU D 266 29.36 -3.26 8.77
C LEU D 266 30.30 -4.41 8.50
N VAL D 267 29.80 -5.64 8.63
CA VAL D 267 30.63 -6.82 8.45
C VAL D 267 29.94 -7.84 7.57
N GLY D 268 30.64 -8.25 6.50
CA GLY D 268 30.22 -9.32 5.61
C GLY D 268 31.02 -10.59 5.93
N PHE D 269 30.32 -11.71 6.07
CA PHE D 269 30.95 -12.99 6.33
C PHE D 269 30.86 -13.88 5.11
N GLU D 270 32.02 -14.32 4.65
CA GLU D 270 32.15 -15.16 3.47
C GLU D 270 32.54 -16.58 3.88
N ALA D 271 32.15 -17.56 3.04
CA ALA D 271 32.35 -18.97 3.32
C ALA D 271 33.79 -19.36 3.20
N ALA D 272 34.35 -19.97 4.25
CA ALA D 272 35.73 -20.41 4.25
C ALA D 272 35.89 -21.93 4.08
N GLY D 273 34.79 -22.66 3.86
CA GLY D 273 34.85 -24.08 3.56
C GLY D 273 35.58 -24.91 4.59
N ASP D 274 36.55 -25.72 4.16
CA ASP D 274 37.40 -26.45 5.08
C ASP D 274 38.42 -25.54 5.78
N GLY D 275 38.60 -24.33 5.25
CA GLY D 275 39.50 -23.31 5.84
C GLY D 275 40.24 -22.60 4.72
N VAL D 276 40.57 -21.32 4.93
CA VAL D 276 41.20 -20.53 3.87
C VAL D 276 42.59 -21.05 3.42
N GLU D 277 43.30 -21.79 4.30
CA GLU D 277 44.59 -22.40 3.93
C GLU D 277 44.50 -23.74 3.19
N THR D 278 43.32 -24.35 3.14
CA THR D 278 43.15 -25.66 2.50
C THR D 278 42.97 -25.62 0.99
N GLY D 279 42.72 -24.46 0.39
CA GLY D 279 42.31 -24.42 -1.01
C GLY D 279 40.92 -25.03 -1.27
N ARG D 280 40.11 -25.23 -0.24
CA ARG D 280 38.72 -25.68 -0.42
C ARG D 280 37.86 -24.70 0.36
N HIS D 281 37.55 -23.57 -0.28
CA HIS D 281 36.85 -22.45 0.33
C HIS D 281 36.18 -21.57 -0.73
N ALA D 282 35.42 -20.58 -0.30
CA ALA D 282 34.84 -19.56 -1.18
C ALA D 282 35.08 -18.15 -0.66
N ALA D 283 36.19 -17.98 0.03
CA ALA D 283 36.60 -16.74 0.68
C ALA D 283 37.21 -15.74 -0.29
N THR D 284 36.32 -15.14 -1.05
CA THR D 284 36.67 -14.30 -2.18
C THR D 284 37.53 -13.08 -1.80
N PHE D 285 37.09 -12.29 -0.83
CA PHE D 285 37.93 -11.17 -0.35
C PHE D 285 39.17 -11.61 0.42
N THR D 286 39.05 -12.69 1.21
CA THR D 286 40.15 -13.09 2.07
C THR D 286 41.31 -13.64 1.25
N ALA D 287 41.02 -14.40 0.19
CA ALA D 287 42.06 -15.08 -0.60
C ALA D 287 42.07 -14.76 -2.11
N GLY D 288 41.08 -14.02 -2.61
CA GLY D 288 41.07 -13.64 -4.03
C GLY D 288 41.77 -12.34 -4.31
N SER D 289 41.67 -11.92 -5.56
CA SER D 289 42.28 -10.67 -6.02
C SER D 289 41.37 -9.99 -7.08
N PRO D 290 41.64 -8.72 -7.39
CA PRO D 290 40.79 -8.06 -8.38
C PRO D 290 40.79 -8.73 -9.75
N GLY D 291 39.63 -8.74 -10.41
CA GLY D 291 39.52 -9.25 -11.75
C GLY D 291 38.14 -9.11 -12.35
N ALA D 292 38.05 -9.33 -13.66
CA ALA D 292 36.78 -9.27 -14.37
C ALA D 292 36.17 -10.66 -14.39
N PHE D 293 34.94 -10.75 -13.93
CA PHE D 293 34.22 -12.01 -13.87
C PHE D 293 32.72 -11.77 -13.96
N HIS D 294 32.06 -12.55 -14.80
CA HIS D 294 30.62 -12.47 -15.02
C HIS D 294 30.09 -11.05 -15.25
N GLY D 295 30.80 -10.26 -16.04
CA GLY D 295 30.35 -8.91 -16.33
C GLY D 295 30.83 -7.76 -15.45
N SER D 296 31.44 -8.02 -14.29
CA SER D 296 31.94 -6.95 -13.42
C SER D 296 33.42 -7.06 -13.12
N PHE D 297 34.10 -5.92 -12.92
CA PHE D 297 35.39 -5.88 -12.24
C PHE D 297 35.18 -5.86 -10.72
N SER D 298 35.71 -6.89 -10.03
CA SER D 298 35.48 -7.10 -8.60
C SER D 298 36.61 -7.99 -8.09
N TYR D 299 36.41 -8.64 -6.95
CA TYR D 299 37.35 -9.66 -6.46
C TYR D 299 36.88 -11.02 -6.95
N LEU D 300 37.83 -11.88 -7.30
CA LEU D 300 37.51 -13.28 -7.55
C LEU D 300 38.62 -14.22 -7.16
N LEU D 301 38.25 -15.47 -6.89
CA LEU D 301 39.23 -16.53 -6.71
C LEU D 301 39.74 -16.98 -8.07
N GLN D 302 41.03 -16.79 -8.30
CA GLN D 302 41.62 -17.04 -9.63
C GLN D 302 43.07 -17.46 -9.50
N ASP D 303 43.57 -18.28 -10.43
CA ASP D 303 44.97 -18.76 -10.37
C ASP D 303 45.96 -17.77 -11.01
N GLU D 304 47.20 -18.16 -11.23
CA GLU D 304 48.22 -17.26 -11.78
C GLU D 304 47.97 -16.78 -13.22
N ASP D 305 47.13 -17.49 -13.97
CA ASP D 305 46.75 -17.14 -15.34
C ASP D 305 45.40 -16.43 -15.43
N GLY D 306 44.71 -16.28 -14.31
CA GLY D 306 43.39 -15.70 -14.30
C GLY D 306 42.23 -16.65 -14.58
N GLN D 307 42.50 -17.94 -14.51
CA GLN D 307 41.45 -18.95 -14.59
C GLN D 307 40.72 -19.01 -13.25
N THR D 308 39.41 -19.20 -13.29
CA THR D 308 38.63 -19.28 -12.08
C THR D 308 38.99 -20.53 -11.25
N ILE D 309 39.15 -20.35 -9.94
CA ILE D 309 39.34 -21.46 -9.01
C ILE D 309 37.97 -22.04 -8.60
N GLU D 310 37.90 -23.37 -8.58
CA GLU D 310 36.71 -24.05 -8.08
C GLU D 310 36.64 -23.80 -6.57
N SER D 311 35.47 -23.36 -6.14
CA SER D 311 35.24 -23.00 -4.78
C SER D 311 34.46 -24.13 -4.11
N HIS D 312 34.59 -24.21 -2.79
CA HIS D 312 33.91 -25.21 -1.97
C HIS D 312 33.31 -24.54 -0.71
N SER D 313 32.07 -24.89 -0.40
CA SER D 313 31.43 -24.58 0.86
C SER D 313 30.37 -25.63 1.09
N ILE D 314 30.14 -25.98 2.33
CA ILE D 314 29.01 -26.84 2.67
C ILE D 314 27.68 -26.20 2.26
N SER D 315 27.63 -24.88 2.19
CA SER D 315 26.44 -24.17 1.77
C SER D 315 26.49 -23.83 0.27
N ALA D 316 25.46 -24.22 -0.45
CA ALA D 316 25.36 -24.00 -1.90
C ALA D 316 25.41 -22.52 -2.32
N GLY D 317 24.63 -21.68 -1.65
CA GLY D 317 24.51 -20.29 -1.97
C GLY D 317 25.70 -19.38 -1.73
N LEU D 318 26.68 -19.79 -0.92
CA LEU D 318 27.91 -19.01 -0.68
C LEU D 318 29.06 -19.58 -1.48
N ASP D 319 28.80 -20.62 -2.26
CA ASP D 319 29.82 -21.37 -2.98
C ASP D 319 29.94 -20.68 -4.34
N TYR D 320 30.59 -19.53 -4.35
CA TYR D 320 30.66 -18.64 -5.50
C TYR D 320 32.09 -18.00 -5.45
N PRO D 321 32.85 -18.14 -6.55
CA PRO D 321 34.20 -17.62 -6.55
C PRO D 321 34.32 -16.08 -6.70
N GLY D 322 33.26 -15.41 -7.11
CA GLY D 322 33.25 -13.94 -7.19
C GLY D 322 32.53 -13.28 -6.02
N VAL D 323 32.29 -11.98 -6.21
CA VAL D 323 31.51 -11.12 -5.32
C VAL D 323 31.17 -9.81 -6.05
N GLY D 324 30.02 -9.23 -5.73
CA GLY D 324 29.52 -8.04 -6.40
C GLY D 324 30.45 -6.85 -6.25
N PRO D 325 30.49 -5.99 -7.28
CA PRO D 325 31.46 -4.93 -7.29
C PRO D 325 31.21 -3.84 -6.24
N GLU D 326 29.96 -3.64 -5.81
CA GLU D 326 29.72 -2.62 -4.78
C GLU D 326 30.39 -3.04 -3.48
N HIS D 327 30.44 -4.34 -3.20
CA HIS D 327 31.19 -4.80 -2.03
C HIS D 327 32.70 -4.55 -2.14
N ALA D 328 33.24 -4.73 -3.34
CA ALA D 328 34.64 -4.42 -3.56
C ALA D 328 34.94 -2.95 -3.28
N TRP D 329 34.08 -2.05 -3.75
CA TRP D 329 34.23 -0.61 -3.47
C TRP D 329 34.15 -0.30 -1.96
N LEU D 330 33.12 -0.82 -1.31
CA LEU D 330 32.98 -0.63 0.12
C LEU D 330 34.20 -1.19 0.91
N LYS D 331 34.77 -2.31 0.47
CA LYS D 331 35.99 -2.86 1.11
C LYS D 331 37.16 -1.89 0.91
N GLU D 332 37.39 -1.44 -0.33
CA GLU D 332 38.48 -0.51 -0.64
C GLU D 332 38.37 0.81 0.15
N ALA D 333 37.16 1.35 0.26
CA ALA D 333 36.92 2.59 1.00
C ALA D 333 36.99 2.43 2.53
N GLY D 334 37.08 1.22 3.07
CA GLY D 334 37.14 1.02 4.50
C GLY D 334 35.80 0.99 5.22
N ARG D 335 34.69 1.07 4.47
CA ARG D 335 33.38 1.14 5.08
C ARG D 335 32.86 -0.21 5.61
N VAL D 336 33.16 -1.30 4.90
CA VAL D 336 32.75 -2.65 5.30
C VAL D 336 33.97 -3.55 5.40
N ASP D 337 33.99 -4.41 6.43
CA ASP D 337 35.01 -5.46 6.55
C ASP D 337 34.40 -6.80 6.15
N TYR D 338 35.21 -7.62 5.50
CA TYR D 338 34.78 -8.95 5.05
C TYR D 338 35.68 -10.01 5.68
N ARG D 339 35.03 -10.99 6.30
CA ARG D 339 35.70 -11.96 7.17
C ARG D 339 35.28 -13.41 6.85
N PRO D 340 36.24 -14.38 6.94
CA PRO D 340 35.95 -15.77 6.63
C PRO D 340 35.28 -16.48 7.79
N ILE D 341 34.31 -17.32 7.46
CA ILE D 341 33.69 -18.25 8.41
C ILE D 341 33.68 -19.66 7.83
N THR D 342 34.16 -20.65 8.58
CA THR D 342 34.32 -22.03 8.07
C THR D 342 32.98 -22.79 8.09
N ASP D 343 32.95 -23.93 7.38
CA ASP D 343 31.85 -24.90 7.44
C ASP D 343 31.52 -25.26 8.88
N SER D 344 32.56 -25.52 9.66
CA SER D 344 32.38 -25.92 11.07
C SER D 344 31.75 -24.84 11.90
N GLU D 345 32.24 -23.61 11.75
CA GLU D 345 31.68 -22.48 12.47
C GLU D 345 30.23 -22.25 12.10
N ALA D 346 29.91 -22.35 10.82
CA ALA D 346 28.53 -22.14 10.37
C ALA D 346 27.57 -23.19 10.93
N MET D 347 27.98 -24.45 10.83
CA MET D 347 27.17 -25.57 11.32
C MET D 347 26.97 -25.52 12.83
N ASP D 348 28.00 -25.13 13.59
CA ASP D 348 27.85 -24.92 15.03
C ASP D 348 26.79 -23.86 15.31
N ALA D 349 26.81 -22.77 14.56
CA ALA D 349 25.83 -21.70 14.71
C ALA D 349 24.45 -22.18 14.31
N PHE D 350 24.38 -22.99 13.25
CA PHE D 350 23.13 -23.56 12.78
C PHE D 350 22.47 -24.37 13.91
N GLY D 351 23.23 -25.28 14.50
CA GLY D 351 22.73 -26.09 15.58
C GLY D 351 22.31 -25.26 16.79
N LEU D 352 23.11 -24.25 17.10
CA LEU D 352 22.84 -23.40 18.27
C LEU D 352 21.57 -22.60 18.10
N LEU D 353 21.38 -22.02 16.92
CA LEU D 353 20.16 -21.26 16.66
C LEU D 353 18.93 -22.14 16.76
N CYS D 354 19.04 -23.41 16.34
CA CYS D 354 17.94 -24.35 16.45
C CYS D 354 17.55 -24.64 17.88
N ARG D 355 18.55 -24.98 18.71
CA ARG D 355 18.32 -25.38 20.10
C ARG D 355 17.88 -24.23 20.99
N MET D 356 18.49 -23.08 20.78
CA MET D 356 18.30 -21.91 21.63
C MET D 356 17.11 -21.03 21.28
N GLU D 357 16.81 -20.85 20.00
CA GLU D 357 15.68 -20.01 19.58
C GLU D 357 14.59 -20.70 18.77
N GLY D 358 14.75 -21.98 18.40
CA GLY D 358 13.76 -22.69 17.61
C GLY D 358 13.66 -22.23 16.16
N ILE D 359 14.76 -21.72 15.64
CA ILE D 359 14.80 -21.19 14.29
C ILE D 359 15.85 -21.99 13.54
N ILE D 360 15.41 -22.60 12.45
CA ILE D 360 16.27 -23.39 11.60
C ILE D 360 16.73 -22.46 10.49
N PRO D 361 18.00 -22.06 10.49
CA PRO D 361 18.42 -21.09 9.49
C PRO D 361 18.91 -21.77 8.24
N ALA D 362 18.90 -21.07 7.12
CA ALA D 362 19.74 -21.47 6.01
C ALA D 362 21.22 -21.59 6.45
N ILE D 363 21.91 -22.60 5.96
CA ILE D 363 23.33 -22.74 6.20
C ILE D 363 24.11 -21.48 5.79
N GLU D 364 23.65 -20.78 4.75
CA GLU D 364 24.23 -19.51 4.30
C GLU D 364 24.14 -18.52 5.46
N SER D 365 22.92 -18.31 5.94
CA SER D 365 22.62 -17.42 7.05
C SER D 365 23.36 -17.78 8.34
N ALA D 366 23.56 -19.08 8.57
CA ALA D 366 24.27 -19.55 9.75
C ALA D 366 25.75 -19.11 9.73
N HIS D 367 26.29 -18.80 8.56
CA HIS D 367 27.62 -18.18 8.50
C HIS D 367 27.60 -16.78 9.14
N ALA D 368 26.53 -16.03 8.92
CA ALA D 368 26.36 -14.70 9.52
C ALA D 368 26.14 -14.79 11.03
N VAL D 369 25.39 -15.78 11.45
CA VAL D 369 25.13 -15.96 12.88
C VAL D 369 26.44 -16.28 13.57
N ALA D 370 27.21 -17.20 13.02
CA ALA D 370 28.52 -17.55 13.51
C ALA D 370 29.45 -16.34 13.62
N GLY D 371 29.51 -15.53 12.58
CA GLY D 371 30.29 -14.29 12.61
C GLY D 371 29.81 -13.31 13.68
N ALA D 372 28.50 -13.21 13.84
CA ALA D 372 27.90 -12.35 14.84
C ALA D 372 28.26 -12.78 16.27
N LEU D 373 28.34 -14.08 16.50
CA LEU D 373 28.78 -14.57 17.80
C LEU D 373 30.22 -14.14 18.11
N LYS D 374 31.12 -14.26 17.12
CA LYS D 374 32.52 -13.81 17.25
C LYS D 374 32.64 -12.28 17.44
N LEU D 375 31.86 -11.52 16.68
CA LEU D 375 31.86 -10.06 16.79
C LEU D 375 31.28 -9.59 18.13
N GLY D 376 30.26 -10.30 18.59
CA GLY D 376 29.74 -10.17 19.93
C GLY D 376 30.79 -10.27 21.02
N VAL D 377 31.62 -11.31 20.96
CA VAL D 377 32.73 -11.50 21.89
C VAL D 377 33.68 -10.33 21.79
N GLU D 378 33.92 -9.89 20.58
CA GLU D 378 34.85 -8.81 20.30
C GLU D 378 34.33 -7.44 20.84
N LEU D 379 33.08 -7.09 20.57
CA LEU D 379 32.52 -5.81 21.03
C LEU D 379 32.08 -5.84 22.51
N GLY D 380 31.70 -7.01 23.01
CA GLY D 380 31.45 -7.20 24.44
C GLY D 380 30.02 -6.98 24.89
N ARG D 381 29.78 -7.23 26.16
CA ARG D 381 28.50 -7.09 26.87
C ARG D 381 27.68 -5.86 26.47
N GLY D 382 26.42 -6.09 26.12
CA GLY D 382 25.50 -4.99 25.77
C GLY D 382 25.54 -4.47 24.34
N ALA D 383 26.61 -4.79 23.58
CA ALA D 383 26.70 -4.38 22.18
C ALA D 383 25.48 -4.86 21.39
N VAL D 384 25.05 -4.05 20.43
CA VAL D 384 23.83 -4.32 19.68
C VAL D 384 24.27 -4.66 18.27
N ILE D 385 23.95 -5.88 17.84
CA ILE D 385 24.36 -6.39 16.54
C ILE D 385 23.12 -6.89 15.81
N VAL D 386 22.89 -6.36 14.62
CA VAL D 386 21.83 -6.81 13.74
C VAL D 386 22.45 -7.81 12.77
N VAL D 387 21.78 -8.94 12.60
CA VAL D 387 22.22 -10.00 11.69
C VAL D 387 21.14 -10.20 10.63
N ASN D 388 21.52 -10.20 9.36
CA ASN D 388 20.57 -10.57 8.32
C ASN D 388 20.40 -12.08 8.34
N LEU D 389 19.20 -12.54 8.71
CA LEU D 389 18.95 -13.97 8.69
C LEU D 389 18.30 -14.24 7.37
N SER D 390 19.16 -14.45 6.37
CA SER D 390 18.77 -14.34 4.99
C SER D 390 17.77 -15.38 4.51
N GLY D 391 17.76 -16.57 5.12
CA GLY D 391 16.75 -17.56 4.78
C GLY D 391 16.50 -18.66 5.79
N ARG D 392 15.43 -19.41 5.56
CA ARG D 392 15.11 -20.55 6.39
C ARG D 392 15.87 -21.79 5.94
N GLY D 393 16.00 -22.73 6.85
CA GLY D 393 16.83 -23.89 6.64
C GLY D 393 16.15 -25.21 6.35
N ASP D 394 14.86 -25.19 6.07
CA ASP D 394 14.15 -26.41 5.64
C ASP D 394 14.92 -27.17 4.55
N LYS D 395 15.39 -26.45 3.54
CA LYS D 395 16.21 -27.02 2.46
C LYS D 395 17.52 -27.68 2.91
N ASP D 396 18.03 -27.32 4.08
CA ASP D 396 19.31 -27.80 4.59
C ASP D 396 19.20 -28.83 5.71
N VAL D 397 17.99 -29.27 6.06
CA VAL D 397 17.78 -30.17 7.18
C VAL D 397 18.58 -31.49 7.02
N GLU D 398 18.55 -32.06 5.81
CA GLU D 398 19.26 -33.30 5.53
C GLU D 398 20.77 -33.17 5.67
N THR D 399 21.32 -32.12 5.08
CA THR D 399 22.72 -31.80 5.24
C THR D 399 23.09 -31.67 6.71
N ALA D 400 22.30 -30.90 7.45
CA ALA D 400 22.56 -30.69 8.88
C ALA D 400 22.37 -31.97 9.69
N ALA D 401 21.33 -32.73 9.37
CA ALA D 401 21.13 -34.03 10.02
C ALA D 401 22.33 -34.99 9.83
N LYS D 402 22.92 -35.01 8.65
CA LYS D 402 24.09 -35.89 8.40
C LYS D 402 25.27 -35.38 9.15
N TRP D 403 25.48 -34.06 9.10
CA TRP D 403 26.57 -33.41 9.83
C TRP D 403 26.56 -33.81 11.30
N PHE D 404 25.37 -33.77 11.90
CA PHE D 404 25.17 -34.04 13.33
C PHE D 404 24.83 -35.47 13.72
N GLY D 405 24.99 -36.42 12.78
CA GLY D 405 24.77 -37.85 13.04
C GLY D 405 23.35 -38.23 13.37
N LEU D 406 22.39 -37.42 12.92
CA LEU D 406 20.97 -37.69 13.15
C LEU D 406 20.34 -38.62 12.12
N LEU D 407 20.99 -38.89 10.99
CA LEU D 407 20.47 -39.89 10.05
C LEU D 407 21.03 -41.33 10.20
N GLY D 408 22.15 -41.48 10.93
CA GLY D 408 22.95 -42.71 10.92
C GLY D 408 23.31 -43.18 9.49
N ASN D 409 23.31 -44.52 9.31
CA ASN D 409 23.68 -45.17 8.05
C ASN D 409 22.54 -46.09 7.55
N ALA E 9 -30.36 -50.61 48.81
CA ALA E 9 -29.98 -52.04 48.56
C ALA E 9 -29.33 -52.24 47.18
N SER E 10 -28.02 -51.95 47.08
CA SER E 10 -27.26 -52.16 45.83
C SER E 10 -27.18 -53.66 45.45
N ARG E 11 -26.97 -53.93 44.16
CA ARG E 11 -26.99 -55.31 43.60
C ARG E 11 -25.83 -56.21 44.05
N LEU E 12 -24.61 -55.68 44.06
CA LEU E 12 -23.43 -56.40 44.55
C LEU E 12 -23.28 -56.34 46.08
N GLY E 13 -24.13 -55.56 46.75
CA GLY E 13 -24.20 -55.48 48.22
C GLY E 13 -24.16 -56.82 48.95
N PRO E 14 -25.09 -57.75 48.62
CA PRO E 14 -25.09 -59.08 49.25
C PRO E 14 -23.85 -59.97 49.06
N VAL E 15 -23.04 -59.72 48.02
CA VAL E 15 -21.84 -60.54 47.77
C VAL E 15 -20.70 -60.12 48.70
N PHE E 16 -20.51 -58.80 48.86
CA PHE E 16 -19.50 -58.26 49.80
C PHE E 16 -19.88 -58.45 51.27
N ASP E 17 -21.17 -58.72 51.54
CA ASP E 17 -21.59 -59.16 52.87
C ASP E 17 -21.10 -60.58 53.17
N SER E 18 -21.13 -61.46 52.18
CA SER E 18 -20.62 -62.83 52.32
C SER E 18 -19.11 -62.88 52.53
N CYS E 19 -18.37 -62.03 51.82
CA CYS E 19 -16.92 -62.01 51.87
C CYS E 19 -16.37 -61.47 53.20
N ARG E 20 -16.83 -60.28 53.62
CA ARG E 20 -16.49 -59.73 54.96
C ARG E 20 -16.83 -60.73 56.09
N ALA E 21 -17.97 -61.42 55.96
CA ALA E 21 -18.36 -62.46 56.92
C ALA E 21 -17.37 -63.63 57.01
N ASN E 22 -16.69 -63.96 55.90
CA ASN E 22 -15.81 -65.15 55.82
C ASN E 22 -14.30 -64.88 55.69
N ASN E 23 -13.80 -63.87 56.42
CA ASN E 23 -12.34 -63.72 56.64
C ASN E 23 -11.59 -63.36 55.34
N ARG E 24 -12.29 -62.75 54.38
CA ARG E 24 -11.76 -62.60 53.02
C ARG E 24 -12.22 -61.36 52.26
N ALA E 25 -11.44 -61.03 51.22
CA ALA E 25 -11.83 -60.06 50.22
C ALA E 25 -12.51 -60.81 49.06
N ALA E 26 -13.36 -60.09 48.32
CA ALA E 26 -14.00 -60.65 47.13
C ALA E 26 -13.00 -60.65 45.98
N LEU E 27 -12.82 -61.79 45.33
CA LEU E 27 -11.99 -61.87 44.12
C LEU E 27 -12.79 -61.36 42.90
N ILE E 28 -12.22 -60.42 42.15
CA ILE E 28 -12.86 -59.80 40.96
C ILE E 28 -11.98 -59.98 39.71
N GLY E 29 -12.42 -60.83 38.78
CA GLY E 29 -11.60 -61.29 37.66
C GLY E 29 -12.05 -60.77 36.32
N TYR E 30 -11.13 -60.15 35.58
CA TYR E 30 -11.40 -59.55 34.27
C TYR E 30 -10.88 -60.42 33.13
N LEU E 31 -11.76 -60.73 32.18
CA LEU E 31 -11.36 -61.18 30.85
C LEU E 31 -12.15 -60.41 29.80
N PRO E 32 -11.53 -60.10 28.65
CA PRO E 32 -12.23 -59.37 27.59
C PRO E 32 -12.98 -60.32 26.66
N THR E 33 -14.19 -59.92 26.26
CA THR E 33 -15.01 -60.69 25.33
C THR E 33 -14.27 -60.86 24.00
N GLY E 34 -14.31 -62.06 23.42
CA GLY E 34 -13.71 -62.32 22.13
C GLY E 34 -12.22 -62.63 22.05
N TYR E 35 -11.50 -62.71 23.18
CA TYR E 35 -10.09 -63.16 23.17
C TYR E 35 -9.95 -64.58 23.74
N PRO E 36 -9.33 -65.52 23.00
CA PRO E 36 -8.82 -65.32 21.62
C PRO E 36 -9.90 -65.27 20.53
N ASP E 37 -11.07 -65.85 20.78
CA ASP E 37 -12.29 -65.64 19.97
C ASP E 37 -13.48 -65.66 20.95
N VAL E 38 -14.71 -65.60 20.44
CA VAL E 38 -15.90 -65.43 21.31
C VAL E 38 -16.29 -66.69 22.12
N PRO E 39 -16.52 -67.84 21.46
CA PRO E 39 -16.80 -69.04 22.30
C PRO E 39 -15.71 -69.34 23.33
N ALA E 40 -14.43 -69.25 22.94
CA ALA E 40 -13.30 -69.49 23.85
C ALA E 40 -13.22 -68.51 25.04
N SER E 41 -13.56 -67.24 24.80
CA SER E 41 -13.67 -66.23 25.88
C SER E 41 -14.83 -66.53 26.86
N VAL E 42 -15.95 -67.01 26.32
CA VAL E 42 -17.07 -67.50 27.14
C VAL E 42 -16.64 -68.73 27.94
N ALA E 43 -15.95 -69.67 27.29
CA ALA E 43 -15.43 -70.86 27.99
C ALA E 43 -14.50 -70.44 29.15
N ALA E 44 -13.67 -69.41 28.92
CA ALA E 44 -12.80 -68.87 29.96
C ALA E 44 -13.58 -68.15 31.07
N MET E 45 -14.62 -67.40 30.71
CA MET E 45 -15.51 -66.76 31.70
C MET E 45 -16.31 -67.77 32.53
N THR E 46 -16.67 -68.91 31.93
CA THR E 46 -17.26 -70.04 32.66
C THR E 46 -16.28 -70.54 33.72
N ALA E 47 -15.03 -70.79 33.31
CA ALA E 47 -13.96 -71.30 34.18
C ALA E 47 -13.67 -70.41 35.42
N LEU E 48 -13.85 -69.09 35.29
CA LEU E 48 -13.71 -68.17 36.41
C LEU E 48 -14.81 -68.33 37.46
N VAL E 49 -16.04 -68.56 37.03
CA VAL E 49 -17.14 -68.87 37.97
C VAL E 49 -16.85 -70.21 38.69
N GLU E 50 -16.43 -71.21 37.92
CA GLU E 50 -16.15 -72.55 38.46
C GLU E 50 -14.86 -72.61 39.29
N SER E 51 -13.88 -71.74 39.00
CA SER E 51 -12.62 -71.66 39.77
C SER E 51 -12.63 -70.69 40.96
N GLY E 52 -13.75 -69.99 41.19
CA GLY E 52 -13.97 -69.22 42.43
C GLY E 52 -13.90 -67.70 42.40
N CYS E 53 -14.04 -67.08 41.22
CA CYS E 53 -14.26 -65.63 41.14
C CYS E 53 -15.67 -65.31 41.65
N ASP E 54 -15.75 -64.42 42.63
CA ASP E 54 -17.04 -63.99 43.18
C ASP E 54 -17.77 -63.09 42.21
N ILE E 55 -17.01 -62.20 41.56
CA ILE E 55 -17.50 -61.28 40.52
C ILE E 55 -16.63 -61.43 39.26
N ILE E 56 -17.26 -61.30 38.09
CA ILE E 56 -16.58 -61.37 36.78
C ILE E 56 -16.72 -60.03 36.06
N GLU E 57 -15.58 -59.41 35.71
CA GLU E 57 -15.59 -58.20 34.87
C GLU E 57 -15.52 -58.61 33.38
N VAL E 58 -16.67 -58.48 32.73
CA VAL E 58 -16.76 -58.71 31.28
C VAL E 58 -16.27 -57.45 30.54
N GLY E 59 -15.10 -57.56 29.91
CA GLY E 59 -14.53 -56.41 29.15
C GLY E 59 -15.11 -56.28 27.74
N VAL E 60 -15.51 -55.06 27.37
CA VAL E 60 -15.95 -54.73 25.99
C VAL E 60 -14.73 -54.18 25.25
N PRO E 61 -14.18 -54.93 24.28
CA PRO E 61 -13.02 -54.39 23.54
C PRO E 61 -13.34 -53.05 22.83
N TYR E 62 -12.41 -52.10 22.91
CA TYR E 62 -12.55 -50.78 22.29
C TYR E 62 -11.29 -50.47 21.49
N SER E 63 -11.46 -49.75 20.39
CA SER E 63 -10.35 -49.36 19.51
C SER E 63 -9.32 -48.47 20.19
N ASP E 64 -9.71 -47.71 21.22
CA ASP E 64 -8.82 -46.74 21.87
C ASP E 64 -8.80 -46.83 23.41
N PRO E 65 -8.26 -47.96 23.96
CA PRO E 65 -8.23 -48.19 25.40
C PRO E 65 -7.08 -47.44 26.12
N VAL E 66 -7.30 -46.15 26.34
CA VAL E 66 -6.29 -45.27 26.93
C VAL E 66 -5.78 -45.69 28.32
N MET E 67 -6.64 -46.29 29.14
CA MET E 67 -6.22 -46.69 30.50
C MET E 67 -5.56 -48.07 30.61
N ASP E 68 -5.72 -48.92 29.60
CA ASP E 68 -5.14 -50.26 29.63
C ASP E 68 -3.66 -50.26 29.23
N GLY E 69 -2.89 -51.15 29.85
CA GLY E 69 -1.53 -51.47 29.43
C GLY E 69 -1.52 -52.54 28.32
N PRO E 70 -0.31 -52.89 27.82
CA PRO E 70 -0.15 -53.68 26.57
C PRO E 70 -0.76 -55.10 26.59
N THR E 71 -0.75 -55.77 27.75
CA THR E 71 -1.28 -57.13 27.86
C THR E 71 -2.76 -57.21 27.44
N ILE E 72 -3.58 -56.39 28.09
CA ILE E 72 -5.02 -56.27 27.79
C ILE E 72 -5.26 -55.64 26.41
N ALA E 73 -4.43 -54.65 26.04
CA ALA E 73 -4.57 -53.96 24.76
C ALA E 73 -4.34 -54.89 23.58
N ARG E 74 -3.30 -55.72 23.65
CA ARG E 74 -2.98 -56.66 22.58
C ARG E 74 -4.08 -57.72 22.45
N ALA E 75 -4.67 -58.11 23.59
CA ALA E 75 -5.83 -58.98 23.61
C ALA E 75 -7.07 -58.34 22.98
N THR E 76 -7.39 -57.10 23.36
CA THR E 76 -8.57 -56.40 22.81
C THR E 76 -8.39 -56.07 21.32
N GLU E 77 -7.17 -55.71 20.91
CA GLU E 77 -6.84 -55.60 19.48
C GLU E 77 -7.14 -56.91 18.76
N ALA E 78 -6.61 -58.01 19.30
CA ALA E 78 -6.82 -59.36 18.75
C ALA E 78 -8.31 -59.73 18.65
N ALA E 79 -9.06 -59.46 19.71
CA ALA E 79 -10.50 -59.72 19.74
C ALA E 79 -11.25 -58.97 18.63
N LEU E 80 -10.94 -57.68 18.47
CA LEU E 80 -11.53 -56.85 17.42
C LEU E 80 -11.13 -57.26 16.00
N ARG E 81 -9.88 -57.70 15.81
CA ARG E 81 -9.42 -58.24 14.52
C ARG E 81 -10.27 -59.44 14.08
N GLY E 82 -10.70 -60.27 15.06
CA GLY E 82 -11.62 -61.37 14.82
C GLY E 82 -13.12 -61.04 14.81
N GLY E 83 -13.49 -59.76 14.67
CA GLY E 83 -14.89 -59.37 14.45
C GLY E 83 -15.80 -59.35 15.68
N VAL E 84 -15.21 -59.20 16.87
CA VAL E 84 -15.98 -59.21 18.11
C VAL E 84 -16.93 -58.02 18.16
N ARG E 85 -18.13 -58.28 18.67
CA ARG E 85 -19.23 -57.31 18.69
C ARG E 85 -19.62 -57.00 20.13
N VAL E 86 -20.29 -55.87 20.29
CA VAL E 86 -20.81 -55.46 21.60
C VAL E 86 -21.90 -56.41 22.08
N ARG E 87 -22.79 -56.84 21.20
CA ARG E 87 -23.83 -57.82 21.58
C ARG E 87 -23.24 -59.15 22.13
N ASP E 88 -22.02 -59.51 21.72
CA ASP E 88 -21.31 -60.67 22.28
C ASP E 88 -21.00 -60.50 23.77
N THR E 89 -20.70 -59.28 24.21
CA THR E 89 -20.58 -59.01 25.65
C THR E 89 -21.90 -59.31 26.39
N LEU E 90 -23.05 -58.94 25.80
CA LEU E 90 -24.36 -59.26 26.39
C LEU E 90 -24.63 -60.77 26.45
N ALA E 91 -24.17 -61.51 25.44
CA ALA E 91 -24.25 -62.97 25.42
C ALA E 91 -23.40 -63.58 26.54
N ALA E 92 -22.16 -63.12 26.66
CA ALA E 92 -21.22 -63.61 27.69
C ALA E 92 -21.70 -63.34 29.14
N VAL E 93 -22.37 -62.21 29.34
CA VAL E 93 -23.06 -61.94 30.62
C VAL E 93 -24.18 -62.96 30.88
N GLU E 94 -25.02 -63.23 29.88
CA GLU E 94 -26.10 -64.20 30.02
C GLU E 94 -25.56 -65.60 30.39
N ALA E 95 -24.50 -66.04 29.68
CA ALA E 95 -23.83 -67.33 29.97
C ALA E 95 -23.30 -67.41 31.40
N ILE E 96 -22.69 -66.30 31.86
CA ILE E 96 -22.19 -66.18 33.23
C ILE E 96 -23.33 -66.22 34.27
N SER E 97 -24.46 -65.56 33.99
CA SER E 97 -25.59 -65.51 34.95
C SER E 97 -26.36 -66.84 35.04
N ILE E 98 -26.45 -67.58 33.93
CA ILE E 98 -27.03 -68.93 33.95
C ILE E 98 -26.12 -69.89 34.74
N ALA E 99 -24.81 -69.77 34.56
CA ALA E 99 -23.83 -70.66 35.22
C ALA E 99 -23.56 -70.30 36.69
N GLY E 100 -24.41 -69.46 37.30
CA GLY E 100 -24.31 -69.15 38.73
C GLY E 100 -23.52 -67.89 39.05
N GLY E 101 -22.82 -67.36 38.04
CA GLY E 101 -21.88 -66.26 38.23
C GLY E 101 -22.57 -64.90 38.40
N ARG E 102 -21.76 -63.97 38.95
CA ARG E 102 -22.13 -62.57 39.06
C ARG E 102 -21.31 -61.80 38.05
N ALA E 103 -21.95 -60.90 37.30
CA ALA E 103 -21.30 -60.21 36.19
C ALA E 103 -21.61 -58.71 36.13
N VAL E 104 -20.53 -57.94 36.05
CA VAL E 104 -20.60 -56.52 35.66
C VAL E 104 -19.89 -56.41 34.34
N VAL E 105 -20.17 -55.32 33.62
CA VAL E 105 -19.49 -55.01 32.35
C VAL E 105 -18.54 -53.83 32.52
N MET E 106 -17.27 -54.03 32.15
CA MET E 106 -16.30 -52.94 32.06
C MET E 106 -16.22 -52.47 30.62
N THR E 107 -16.59 -51.22 30.39
CA THR E 107 -16.57 -50.64 29.06
C THR E 107 -16.15 -49.17 29.03
N TYR E 108 -15.46 -48.80 27.95
CA TYR E 108 -15.29 -47.38 27.59
C TYR E 108 -16.66 -46.85 27.17
N TRP E 109 -16.86 -45.54 27.27
CA TRP E 109 -18.21 -44.97 27.17
C TRP E 109 -18.81 -44.82 25.75
N ASN E 110 -17.97 -44.63 24.73
CA ASN E 110 -18.49 -44.42 23.38
C ASN E 110 -19.35 -45.58 22.85
N PRO E 111 -18.91 -46.85 23.06
CA PRO E 111 -19.79 -47.97 22.67
C PRO E 111 -21.19 -47.92 23.28
N VAL E 112 -21.28 -47.47 24.54
CA VAL E 112 -22.57 -47.37 25.23
C VAL E 112 -23.40 -46.27 24.57
N LEU E 113 -22.76 -45.14 24.27
CA LEU E 113 -23.42 -44.04 23.56
C LEU E 113 -23.98 -44.47 22.22
N ARG E 114 -23.23 -45.27 21.49
CA ARG E 114 -23.65 -45.76 20.17
C ARG E 114 -24.90 -46.65 20.25
N TYR E 115 -24.83 -47.64 21.15
CA TYR E 115 -25.97 -48.52 21.49
C TYR E 115 -27.21 -47.75 21.98
N GLY E 116 -26.94 -46.70 22.76
CA GLY E 116 -27.96 -45.95 23.50
C GLY E 116 -27.89 -46.31 24.98
N VAL E 117 -27.72 -45.30 25.84
CA VAL E 117 -27.47 -45.52 27.28
C VAL E 117 -28.65 -46.26 27.94
N ASP E 118 -29.85 -45.72 27.75
CA ASP E 118 -31.07 -46.29 28.33
C ASP E 118 -31.37 -47.70 27.77
N ALA E 119 -31.04 -47.92 26.50
CA ALA E 119 -31.22 -49.25 25.88
C ALA E 119 -30.20 -50.25 26.38
N PHE E 120 -28.93 -49.84 26.46
CA PHE E 120 -27.87 -50.74 26.91
C PHE E 120 -28.04 -51.17 28.36
N ALA E 121 -28.51 -50.25 29.19
CA ALA E 121 -28.78 -50.54 30.59
C ALA E 121 -29.94 -51.52 30.69
N ARG E 122 -30.96 -51.34 29.85
CA ARG E 122 -32.12 -52.22 29.80
C ARG E 122 -31.73 -53.65 29.37
N ASP E 123 -30.91 -53.77 28.34
CA ASP E 123 -30.50 -55.09 27.81
C ASP E 123 -29.49 -55.84 28.69
N LEU E 124 -28.60 -55.09 29.36
CA LEU E 124 -27.62 -55.66 30.32
C LEU E 124 -28.31 -56.25 31.55
N ALA E 125 -29.26 -55.50 32.10
CA ALA E 125 -30.04 -55.96 33.24
C ALA E 125 -30.85 -57.19 32.86
N ALA E 126 -31.53 -57.12 31.70
CA ALA E 126 -32.32 -58.25 31.18
C ALA E 126 -31.46 -59.50 30.86
N ALA E 127 -30.16 -59.34 30.60
CA ALA E 127 -29.23 -60.46 30.49
C ALA E 127 -28.69 -60.99 31.84
N GLY E 128 -29.07 -60.36 32.97
CA GLY E 128 -28.61 -60.74 34.30
C GLY E 128 -27.37 -60.01 34.83
N GLY E 129 -26.75 -59.16 34.00
CA GLY E 129 -25.62 -58.35 34.46
C GLY E 129 -26.06 -57.41 35.57
N LEU E 130 -25.15 -57.12 36.50
CA LEU E 130 -25.53 -56.42 37.74
C LEU E 130 -24.96 -55.02 37.92
N GLY E 131 -24.11 -54.57 37.00
CA GLY E 131 -23.55 -53.23 37.09
C GLY E 131 -22.61 -52.86 35.95
N LEU E 132 -22.03 -51.67 36.04
CA LEU E 132 -21.19 -51.12 34.99
C LEU E 132 -19.94 -50.47 35.58
N ILE E 133 -18.79 -50.82 35.03
CA ILE E 133 -17.51 -50.23 35.41
C ILE E 133 -17.07 -49.32 34.27
N THR E 134 -16.92 -48.03 34.57
CA THR E 134 -16.85 -46.97 33.56
C THR E 134 -15.53 -46.15 33.61
N PRO E 135 -14.43 -46.71 33.05
CA PRO E 135 -13.14 -46.05 33.20
C PRO E 135 -12.95 -44.68 32.55
N ASP E 136 -13.75 -44.30 31.54
CA ASP E 136 -13.72 -42.90 31.00
C ASP E 136 -15.00 -42.07 31.16
N LEU E 137 -15.90 -42.52 32.04
CA LEU E 137 -17.05 -41.75 32.46
C LEU E 137 -16.79 -41.32 33.88
N ILE E 138 -16.74 -40.01 34.07
CA ILE E 138 -16.64 -39.42 35.40
C ILE E 138 -18.02 -38.96 35.78
N PRO E 139 -18.30 -38.81 37.10
CA PRO E 139 -19.63 -38.37 37.53
C PRO E 139 -20.16 -37.15 36.78
N ASP E 140 -19.23 -36.24 36.46
CA ASP E 140 -19.49 -34.97 35.77
C ASP E 140 -20.26 -35.11 34.43
N GLU E 141 -20.13 -36.26 33.76
CA GLU E 141 -20.79 -36.49 32.46
C GLU E 141 -21.86 -37.58 32.59
N ALA E 142 -22.27 -37.91 33.81
CA ALA E 142 -22.97 -39.15 34.07
C ALA E 142 -24.48 -38.99 34.32
N GLN E 143 -25.10 -37.93 33.78
CA GLN E 143 -26.53 -37.62 34.05
C GLN E 143 -27.47 -38.63 33.39
N GLN E 144 -27.18 -38.98 32.14
CA GLN E 144 -27.94 -40.05 31.45
C GLN E 144 -27.74 -41.40 32.16
N TRP E 145 -26.53 -41.64 32.64
CA TRP E 145 -26.17 -42.92 33.25
C TRP E 145 -26.81 -43.11 34.63
N LEU E 146 -26.77 -42.07 35.47
CA LEU E 146 -27.41 -42.13 36.78
C LEU E 146 -28.90 -42.46 36.67
N ALA E 147 -29.60 -41.84 35.73
CA ALA E 147 -31.04 -42.08 35.56
C ALA E 147 -31.33 -43.49 35.08
N ALA E 148 -30.51 -43.96 34.14
CA ALA E 148 -30.63 -45.30 33.57
C ALA E 148 -30.24 -46.38 34.56
N SER E 149 -29.24 -46.11 35.41
CA SER E 149 -28.84 -47.08 36.43
C SER E 149 -29.90 -47.19 37.55
N GLU E 150 -30.48 -46.07 37.99
CA GLU E 150 -31.61 -46.10 38.94
C GLU E 150 -32.87 -46.74 38.34
N GLU E 151 -33.15 -46.47 37.06
CA GLU E 151 -34.31 -47.00 36.34
C GLU E 151 -34.26 -48.52 36.14
N HIS E 152 -33.09 -49.06 35.78
CA HIS E 152 -32.94 -50.50 35.51
C HIS E 152 -32.16 -51.26 36.59
N ARG E 153 -31.97 -50.61 37.75
CA ARG E 153 -31.38 -51.21 38.95
C ARG E 153 -30.00 -51.85 38.71
N LEU E 154 -29.07 -51.05 38.19
CA LEU E 154 -27.71 -51.48 37.89
C LEU E 154 -26.69 -50.68 38.69
N ASP E 155 -25.77 -51.39 39.34
CA ASP E 155 -24.71 -50.74 40.09
C ASP E 155 -23.80 -49.96 39.14
N ARG E 156 -23.14 -48.96 39.71
CA ARG E 156 -22.36 -48.03 38.93
C ARG E 156 -21.02 -47.81 39.61
N ILE E 157 -19.99 -48.47 39.06
CA ILE E 157 -18.64 -48.48 39.61
C ILE E 157 -17.76 -47.45 38.86
N PHE E 158 -17.53 -46.31 39.49
CA PHE E 158 -16.61 -45.30 38.97
C PHE E 158 -15.20 -45.61 39.47
N LEU E 159 -14.21 -44.96 38.88
CA LEU E 159 -12.82 -45.14 39.29
C LEU E 159 -12.33 -43.95 40.09
N VAL E 160 -11.45 -44.24 41.06
CA VAL E 160 -10.61 -43.23 41.71
C VAL E 160 -9.14 -43.53 41.46
N ALA E 161 -8.30 -42.51 41.65
CA ALA E 161 -6.87 -42.64 41.46
C ALA E 161 -6.11 -41.94 42.59
N PRO E 162 -4.80 -42.24 42.74
CA PRO E 162 -3.95 -41.54 43.72
C PRO E 162 -3.88 -40.02 43.53
N SER E 163 -4.00 -39.57 42.27
CA SER E 163 -3.96 -38.15 41.97
C SER E 163 -5.27 -37.40 42.27
N SER E 164 -6.36 -38.12 42.59
CA SER E 164 -7.66 -37.50 42.77
C SER E 164 -7.67 -36.55 43.95
N THR E 165 -8.25 -35.35 43.77
CA THR E 165 -8.36 -34.37 44.88
C THR E 165 -9.39 -34.86 45.90
N PRO E 166 -9.32 -34.36 47.15
CA PRO E 166 -10.35 -34.74 48.15
C PRO E 166 -11.79 -34.47 47.71
N GLU E 167 -12.01 -33.34 47.07
CA GLU E 167 -13.33 -32.94 46.55
C GLU E 167 -13.86 -33.94 45.49
N ARG E 168 -12.99 -34.34 44.55
CA ARG E 168 -13.34 -35.28 43.49
C ARG E 168 -13.49 -36.71 44.01
N LEU E 169 -12.58 -37.16 44.87
CA LEU E 169 -12.75 -38.48 45.52
C LEU E 169 -14.12 -38.65 46.15
N ALA E 170 -14.56 -37.62 46.88
CA ALA E 170 -15.82 -37.66 47.63
C ALA E 170 -17.01 -37.78 46.68
N ALA E 171 -17.09 -36.88 45.71
CA ALA E 171 -18.17 -36.90 44.70
C ALA E 171 -18.25 -38.23 43.93
N THR E 172 -17.07 -38.79 43.61
CA THR E 172 -16.96 -40.06 42.88
C THR E 172 -17.54 -41.21 43.67
N VAL E 173 -17.31 -41.17 44.98
CA VAL E 173 -17.85 -42.18 45.90
C VAL E 173 -19.36 -42.04 46.02
N GLU E 174 -19.88 -40.82 46.19
CA GLU E 174 -21.33 -40.59 46.26
C GLU E 174 -22.09 -41.06 45.03
N ALA E 175 -21.47 -40.91 43.86
CA ALA E 175 -22.05 -41.38 42.59
C ALA E 175 -21.95 -42.90 42.39
N SER E 176 -21.02 -43.56 43.09
CA SER E 176 -20.82 -45.01 42.96
C SER E 176 -21.85 -45.83 43.75
N ARG E 177 -22.25 -46.97 43.18
CA ARG E 177 -23.03 -48.01 43.87
C ARG E 177 -22.38 -49.37 43.58
N GLY E 178 -22.52 -50.30 44.51
CA GLY E 178 -21.85 -51.61 44.42
C GLY E 178 -20.47 -51.58 45.06
N PHE E 179 -19.49 -51.05 44.31
CA PHE E 179 -18.14 -50.77 44.82
C PHE E 179 -17.44 -49.65 44.03
N VAL E 180 -16.25 -49.27 44.47
CA VAL E 180 -15.40 -48.28 43.78
C VAL E 180 -14.05 -48.93 43.38
N TYR E 181 -13.63 -48.68 42.15
CA TYR E 181 -12.41 -49.26 41.57
C TYR E 181 -11.23 -48.31 41.87
N ALA E 182 -10.35 -48.71 42.78
CA ALA E 182 -9.11 -47.96 43.06
C ALA E 182 -7.99 -48.53 42.19
N ALA E 183 -7.61 -47.78 41.14
CA ALA E 183 -6.65 -48.24 40.13
C ALA E 183 -5.30 -47.53 40.22
N SER E 184 -4.30 -48.07 39.51
CA SER E 184 -3.00 -47.41 39.27
C SER E 184 -2.32 -47.91 37.99
N SER E 196 3.93 -49.75 46.53
CA SER E 196 3.63 -50.18 47.90
C SER E 196 2.66 -49.22 48.61
N GLN E 197 3.02 -47.94 48.66
CA GLN E 197 2.31 -46.95 49.51
C GLN E 197 1.03 -46.37 48.89
N ALA E 198 0.98 -46.30 47.57
CA ALA E 198 -0.11 -45.59 46.85
C ALA E 198 -1.49 -46.21 47.07
N ALA E 199 -1.63 -47.50 46.79
CA ALA E 199 -2.94 -48.18 46.87
C ALA E 199 -3.59 -48.18 48.28
N PRO E 200 -2.87 -48.64 49.33
CA PRO E 200 -3.50 -48.59 50.66
C PRO E 200 -3.84 -47.18 51.16
N GLU E 201 -3.02 -46.19 50.84
CA GLU E 201 -3.36 -44.80 51.16
C GLU E 201 -4.64 -44.35 50.44
N LEU E 202 -4.81 -44.80 49.19
CA LEU E 202 -6.05 -44.53 48.44
C LEU E 202 -7.28 -45.20 49.07
N VAL E 203 -7.19 -46.51 49.32
CA VAL E 203 -8.27 -47.22 50.01
C VAL E 203 -8.61 -46.52 51.34
N GLY E 204 -7.59 -46.13 52.10
CA GLY E 204 -7.75 -45.38 53.34
C GLY E 204 -8.51 -44.07 53.20
N ARG E 205 -8.25 -43.34 52.11
CA ARG E 205 -8.96 -42.09 51.84
C ARG E 205 -10.42 -42.31 51.43
N VAL E 206 -10.73 -43.50 50.91
CA VAL E 206 -12.12 -43.90 50.62
C VAL E 206 -12.85 -44.35 51.91
N LYS E 207 -12.18 -45.16 52.73
CA LYS E 207 -12.75 -45.62 54.02
C LYS E 207 -12.89 -44.49 55.04
N ALA E 208 -12.19 -43.37 54.82
CA ALA E 208 -12.40 -42.13 55.59
C ALA E 208 -13.73 -41.42 55.28
N VAL E 209 -14.28 -41.64 54.09
CA VAL E 209 -15.53 -40.97 53.65
C VAL E 209 -16.75 -41.89 53.47
N SER E 210 -16.58 -43.21 53.38
CA SER E 210 -17.70 -44.10 53.02
C SER E 210 -17.58 -45.56 53.49
N ASP E 211 -18.76 -46.15 53.79
CA ASP E 211 -18.92 -47.62 54.02
C ASP E 211 -18.65 -48.45 52.77
N ILE E 212 -18.97 -47.90 51.60
CA ILE E 212 -18.99 -48.61 50.32
C ILE E 212 -17.72 -49.45 50.07
N PRO E 213 -17.86 -50.67 49.49
CA PRO E 213 -16.68 -51.50 49.20
C PRO E 213 -15.68 -50.91 48.20
N VAL E 214 -14.41 -51.26 48.38
CA VAL E 214 -13.32 -50.79 47.53
C VAL E 214 -12.61 -51.98 46.87
N GLY E 215 -12.68 -52.06 45.54
CA GLY E 215 -11.87 -52.99 44.75
C GLY E 215 -10.52 -52.36 44.44
N VAL E 216 -9.46 -53.16 44.39
CA VAL E 216 -8.11 -52.65 44.11
C VAL E 216 -7.42 -53.53 43.09
N GLY E 217 -6.83 -52.89 42.08
CA GLY E 217 -6.08 -53.58 41.03
C GLY E 217 -4.67 -53.05 41.01
N LEU E 218 -3.77 -53.79 41.64
CA LEU E 218 -2.37 -53.39 41.73
C LEU E 218 -1.54 -53.92 40.54
N GLY E 219 -2.17 -54.65 39.62
CA GLY E 219 -1.43 -55.43 38.63
C GLY E 219 -0.96 -56.71 39.30
N VAL E 220 -1.90 -57.42 39.91
CA VAL E 220 -1.60 -58.63 40.70
C VAL E 220 -1.12 -59.75 39.78
N ARG E 221 -0.24 -60.61 40.31
CA ARG E 221 0.26 -61.80 39.61
C ARG E 221 0.19 -63.05 40.50
N SER E 222 0.93 -63.03 41.61
CA SER E 222 1.01 -64.17 42.52
C SER E 222 -0.14 -64.18 43.52
N ARG E 223 -0.34 -65.32 44.20
CA ARG E 223 -1.34 -65.42 45.28
C ARG E 223 -0.93 -64.61 46.51
N ALA E 224 0.35 -64.65 46.88
CA ALA E 224 0.87 -63.84 48.01
C ALA E 224 0.77 -62.32 47.72
N GLN E 225 0.79 -61.94 46.45
CA GLN E 225 0.46 -60.56 46.05
C GLN E 225 -1.04 -60.24 46.29
N ALA E 226 -1.92 -61.17 45.90
CA ALA E 226 -3.36 -61.07 46.21
C ALA E 226 -3.67 -61.02 47.72
N ALA E 227 -2.82 -61.67 48.52
CA ALA E 227 -2.94 -61.65 49.99
C ALA E 227 -2.61 -60.30 50.61
N GLN E 228 -1.55 -59.65 50.11
CA GLN E 228 -1.18 -58.31 50.58
C GLN E 228 -2.33 -57.30 50.47
N ILE E 229 -3.11 -57.42 49.38
CA ILE E 229 -4.21 -56.49 49.10
C ILE E 229 -5.47 -56.75 49.95
N ALA E 230 -5.75 -58.03 50.23
CA ALA E 230 -6.87 -58.41 51.13
C ALA E 230 -6.78 -57.82 52.56
N GLN E 231 -5.56 -57.53 53.05
CA GLN E 231 -5.39 -56.91 54.39
C GLN E 231 -6.00 -55.52 54.53
N TYR E 232 -6.19 -54.83 53.40
CA TYR E 232 -6.82 -53.49 53.38
C TYR E 232 -8.00 -53.31 52.41
N ALA E 233 -8.11 -54.12 51.35
CA ALA E 233 -9.14 -53.94 50.32
C ALA E 233 -10.28 -54.94 50.47
N ASP E 234 -11.51 -54.49 50.19
CA ASP E 234 -12.68 -55.37 50.16
C ASP E 234 -12.67 -56.28 48.95
N GLY E 235 -12.26 -55.73 47.81
CA GLY E 235 -12.17 -56.49 46.56
C GLY E 235 -10.74 -56.53 46.06
N VAL E 236 -10.34 -57.67 45.48
CA VAL E 236 -9.04 -57.80 44.81
C VAL E 236 -9.31 -58.02 43.33
N ILE E 237 -9.01 -57.01 42.51
CA ILE E 237 -9.27 -57.05 41.08
C ILE E 237 -8.02 -57.54 40.34
N VAL E 238 -8.17 -58.56 39.49
CA VAL E 238 -7.08 -59.05 38.64
C VAL E 238 -7.56 -59.12 37.19
N GLY E 239 -6.68 -58.73 36.24
CA GLY E 239 -6.99 -58.72 34.81
C GLY E 239 -5.85 -59.17 33.90
N SER E 240 -4.72 -58.44 33.97
CA SER E 240 -3.53 -58.68 33.13
C SER E 240 -2.95 -60.09 33.27
N ALA E 241 -2.79 -60.53 34.53
CA ALA E 241 -2.30 -61.90 34.83
C ALA E 241 -3.26 -63.02 34.36
N LEU E 242 -4.56 -62.73 34.37
CA LEU E 242 -5.58 -63.68 33.87
C LEU E 242 -5.54 -63.85 32.36
N VAL E 243 -5.22 -62.78 31.64
CA VAL E 243 -5.14 -62.81 30.18
C VAL E 243 -3.88 -63.56 29.74
N THR E 244 -2.75 -63.21 30.35
CA THR E 244 -1.45 -63.89 30.11
C THR E 244 -1.53 -65.38 30.45
N ALA E 245 -2.37 -65.72 31.42
CA ALA E 245 -2.67 -67.12 31.74
C ALA E 245 -3.41 -67.82 30.59
N LEU E 246 -4.49 -67.22 30.09
CA LEU E 246 -5.31 -67.79 29.01
C LEU E 246 -4.52 -67.96 27.71
N THR E 247 -3.59 -67.03 27.47
CA THR E 247 -2.69 -67.10 26.33
C THR E 247 -1.84 -68.38 26.40
N GLU E 248 -1.30 -68.71 27.57
CA GLU E 248 -0.60 -70.00 27.77
C GLU E 248 -1.57 -71.19 27.61
N GLY E 249 -2.75 -71.09 28.24
CA GLY E 249 -3.75 -72.14 28.13
C GLY E 249 -4.94 -71.99 29.07
N LEU E 250 -6.08 -72.54 28.64
CA LEU E 250 -7.29 -72.62 29.46
C LEU E 250 -7.09 -73.33 30.82
N PRO E 251 -6.26 -74.41 30.87
CA PRO E 251 -5.99 -75.02 32.18
C PRO E 251 -5.10 -74.19 33.10
N ARG E 252 -4.19 -73.39 32.52
CA ARG E 252 -3.38 -72.45 33.30
C ARG E 252 -4.26 -71.38 33.96
N LEU E 253 -5.40 -71.06 33.35
CA LEU E 253 -6.34 -70.09 33.92
C LEU E 253 -6.92 -70.58 35.27
N ARG E 254 -7.43 -71.80 35.29
CA ARG E 254 -8.01 -72.40 36.50
C ARG E 254 -6.99 -72.55 37.63
N ALA E 255 -5.76 -72.94 37.28
CA ALA E 255 -4.66 -73.08 38.25
C ALA E 255 -4.32 -71.75 38.93
N LEU E 256 -4.17 -70.69 38.12
CA LEU E 256 -3.92 -69.34 38.65
C LEU E 256 -5.14 -68.80 39.41
N THR E 257 -6.35 -69.00 38.87
CA THR E 257 -7.58 -68.53 39.54
C THR E 257 -7.79 -69.20 40.89
N GLY E 258 -7.50 -70.51 40.96
CA GLY E 258 -7.52 -71.26 42.20
C GLY E 258 -6.55 -70.67 43.21
N GLU E 259 -5.31 -70.46 42.77
CA GLU E 259 -4.27 -69.83 43.60
C GLU E 259 -4.75 -68.50 44.20
N LEU E 260 -5.27 -67.64 43.33
CA LEU E 260 -5.77 -66.32 43.74
C LEU E 260 -7.04 -66.40 44.60
N ALA E 261 -7.86 -67.43 44.42
CA ALA E 261 -8.98 -67.71 45.33
C ALA E 261 -8.49 -68.05 46.74
N ALA E 262 -7.39 -68.78 46.84
CA ALA E 262 -6.74 -69.05 48.13
C ALA E 262 -6.03 -67.82 48.69
N GLY E 263 -5.41 -67.05 47.81
CA GLY E 263 -4.71 -65.81 48.17
C GLY E 263 -5.59 -64.74 48.81
N VAL E 264 -6.87 -64.70 48.45
CA VAL E 264 -7.81 -63.75 49.09
C VAL E 264 -8.29 -64.20 50.48
N ARG E 265 -7.76 -65.31 50.99
CA ARG E 265 -8.08 -65.86 52.32
C ARG E 265 -6.81 -65.94 53.17
N THR F 9 -17.48 -14.72 24.97
CA THR F 9 -18.08 -15.26 26.23
C THR F 9 -19.52 -15.82 26.04
N SER F 10 -20.28 -15.28 25.09
CA SER F 10 -21.56 -15.91 24.63
C SER F 10 -21.29 -17.05 23.62
N HIS F 11 -20.04 -17.17 23.16
CA HIS F 11 -19.59 -18.32 22.38
C HIS F 11 -18.86 -19.34 23.25
N ASP F 12 -18.50 -18.97 24.47
CA ASP F 12 -17.76 -19.89 25.34
C ASP F 12 -18.65 -21.00 25.91
N PRO F 13 -18.04 -22.16 26.24
CA PRO F 13 -18.80 -23.25 26.88
C PRO F 13 -19.03 -22.97 28.35
N ASP F 14 -19.85 -23.79 28.99
CA ASP F 14 -20.06 -23.73 30.44
C ASP F 14 -18.82 -24.24 31.18
N SER F 15 -18.85 -24.29 32.51
CA SER F 15 -17.61 -24.56 33.27
C SER F 15 -17.13 -26.01 33.15
N GLY F 16 -18.05 -26.94 32.87
CA GLY F 16 -17.70 -28.31 32.47
C GLY F 16 -17.30 -28.48 31.00
N GLY F 17 -17.16 -27.40 30.25
CA GLY F 17 -16.77 -27.48 28.84
C GLY F 17 -17.83 -27.84 27.81
N HIS F 18 -19.09 -27.62 28.13
CA HIS F 18 -20.17 -28.02 27.23
C HIS F 18 -20.60 -26.84 26.35
N PHE F 19 -20.68 -27.04 25.04
CA PHE F 19 -21.28 -26.05 24.14
C PHE F 19 -22.75 -26.38 23.86
N GLY F 20 -23.58 -25.33 23.87
CA GLY F 20 -24.99 -25.44 23.50
C GLY F 20 -25.87 -26.13 24.50
N GLY F 21 -25.54 -25.97 25.79
CA GLY F 21 -26.36 -26.52 26.89
C GLY F 21 -26.66 -28.02 26.81
N PRO F 22 -27.93 -28.40 26.47
CA PRO F 22 -28.41 -29.82 26.50
C PRO F 22 -27.92 -30.79 25.41
N SER F 23 -27.61 -30.30 24.20
CA SER F 23 -26.95 -31.10 23.16
C SER F 23 -25.61 -31.68 23.67
N GLY F 24 -24.96 -30.91 24.53
CA GLY F 24 -23.83 -31.37 25.35
C GLY F 24 -22.51 -31.53 24.64
N TRP F 25 -22.23 -30.71 23.62
CA TRP F 25 -21.00 -30.86 22.83
C TRP F 25 -19.76 -30.55 23.67
N GLY F 26 -18.73 -31.36 23.53
CA GLY F 26 -17.44 -31.16 24.22
C GLY F 26 -17.35 -31.94 25.52
N GLY F 27 -17.15 -31.23 26.62
CA GLY F 27 -17.14 -31.85 27.93
C GLY F 27 -15.79 -32.46 28.21
N ARG F 28 -15.79 -33.43 29.13
CA ARG F 28 -14.59 -34.16 29.55
C ARG F 28 -14.87 -35.67 29.69
N TYR F 29 -14.72 -36.37 28.58
CA TYR F 29 -14.93 -37.82 28.50
C TYR F 29 -13.59 -38.52 28.66
N VAL F 30 -13.08 -38.48 29.88
CA VAL F 30 -11.77 -39.00 30.20
C VAL F 30 -11.80 -39.74 31.54
N PRO F 31 -10.79 -40.56 31.80
CA PRO F 31 -10.65 -41.18 33.11
C PRO F 31 -10.38 -40.21 34.26
N GLU F 32 -10.79 -40.62 35.44
CA GLU F 32 -10.60 -39.86 36.66
C GLU F 32 -9.11 -39.54 36.90
N ALA F 33 -8.24 -40.46 36.52
CA ALA F 33 -6.78 -40.30 36.59
C ALA F 33 -6.22 -39.08 35.88
N LEU F 34 -6.92 -38.58 34.87
CA LEU F 34 -6.50 -37.37 34.14
C LEU F 34 -7.02 -36.05 34.72
N MET F 35 -7.96 -36.11 35.66
CA MET F 35 -8.68 -34.93 36.09
C MET F 35 -7.92 -33.94 36.99
N ALA F 36 -6.98 -34.40 37.80
CA ALA F 36 -6.16 -33.45 38.58
C ALA F 36 -5.39 -32.56 37.63
N VAL F 37 -4.70 -33.17 36.68
CA VAL F 37 -3.91 -32.41 35.72
C VAL F 37 -4.76 -31.53 34.77
N ILE F 38 -5.89 -32.05 34.31
CA ILE F 38 -6.86 -31.27 33.50
C ILE F 38 -7.43 -30.08 34.28
N GLU F 39 -7.82 -30.29 35.53
CA GLU F 39 -8.26 -29.19 36.39
C GLU F 39 -7.15 -28.16 36.63
N GLU F 40 -5.90 -28.63 36.79
CA GLU F 40 -4.77 -27.73 36.97
C GLU F 40 -4.58 -26.82 35.76
N VAL F 41 -4.65 -27.37 34.56
CA VAL F 41 -4.48 -26.56 33.35
C VAL F 41 -5.65 -25.60 33.15
N THR F 42 -6.86 -26.09 33.40
CA THR F 42 -8.05 -25.27 33.27
C THR F 42 -7.94 -24.06 34.19
N ALA F 43 -7.56 -24.27 35.45
CA ALA F 43 -7.42 -23.16 36.40
C ALA F 43 -6.31 -22.21 35.95
N ALA F 44 -5.20 -22.75 35.47
CA ALA F 44 -4.08 -21.92 35.04
C ALA F 44 -4.43 -21.10 33.81
N TYR F 45 -5.16 -21.67 32.87
CA TYR F 45 -5.58 -20.93 31.71
C TYR F 45 -6.58 -19.82 32.06
N GLN F 46 -7.51 -20.10 32.99
CA GLN F 46 -8.47 -19.10 33.45
C GLN F 46 -7.78 -17.88 34.05
N LYS F 47 -6.76 -18.13 34.87
CA LYS F 47 -5.94 -17.05 35.41
C LYS F 47 -5.26 -16.27 34.29
N GLU F 48 -4.53 -16.97 33.42
CA GLU F 48 -3.64 -16.30 32.47
C GLU F 48 -4.31 -15.67 31.24
N ARG F 49 -5.46 -16.15 30.81
CA ARG F 49 -6.20 -15.53 29.68
C ARG F 49 -6.63 -14.06 29.94
N VAL F 50 -6.73 -13.67 31.21
CA VAL F 50 -7.07 -12.29 31.61
C VAL F 50 -5.88 -11.52 32.22
N SER F 51 -4.69 -12.12 32.21
CA SER F 51 -3.50 -11.47 32.72
C SER F 51 -2.85 -10.72 31.57
N GLN F 52 -2.64 -9.43 31.77
CA GLN F 52 -2.07 -8.55 30.75
C GLN F 52 -0.61 -8.94 30.46
N ASP F 53 0.14 -9.33 31.48
CA ASP F 53 1.53 -9.75 31.27
C ASP F 53 1.60 -10.92 30.28
N PHE F 54 0.66 -11.86 30.43
CA PHE F 54 0.57 -13.02 29.56
C PHE F 54 0.20 -12.59 28.12
N LEU F 55 -0.88 -11.82 27.97
CA LEU F 55 -1.31 -11.37 26.65
C LEU F 55 -0.25 -10.53 25.93
N ASP F 56 0.48 -9.70 26.68
CA ASP F 56 1.63 -8.95 26.14
C ASP F 56 2.78 -9.85 25.67
N ASP F 57 3.15 -10.84 26.48
CA ASP F 57 4.19 -11.81 26.12
C ASP F 57 3.87 -12.53 24.83
N LEU F 58 2.62 -12.99 24.72
CA LEU F 58 2.13 -13.69 23.57
C LEU F 58 2.11 -12.78 22.35
N ASP F 59 1.54 -11.59 22.51
CA ASP F 59 1.52 -10.62 21.43
C ASP F 59 2.96 -10.29 20.90
N ARG F 60 3.90 -10.11 21.81
CA ARG F 60 5.28 -9.77 21.44
C ARG F 60 5.97 -10.92 20.65
N LEU F 61 5.72 -12.16 21.05
CA LEU F 61 6.23 -13.33 20.30
C LEU F 61 5.54 -13.49 18.96
N GLN F 62 4.22 -13.29 18.91
CA GLN F 62 3.48 -13.30 17.65
C GLN F 62 4.07 -12.31 16.63
N ALA F 63 4.35 -11.09 17.06
CA ALA F 63 4.89 -10.06 16.20
C ALA F 63 6.37 -10.32 15.80
N ASN F 64 7.26 -10.38 16.79
CA ASN F 64 8.69 -10.37 16.51
C ASN F 64 9.28 -11.73 16.16
N TYR F 65 8.66 -12.81 16.62
CA TYR F 65 9.18 -14.15 16.43
C TYR F 65 8.43 -14.90 15.35
N ALA F 66 7.10 -14.85 15.37
CA ALA F 66 6.30 -15.60 14.38
C ALA F 66 5.94 -14.85 13.10
N GLY F 67 6.15 -13.55 13.08
CA GLY F 67 5.93 -12.70 11.89
C GLY F 67 4.49 -12.24 11.63
N ARG F 68 3.70 -12.06 12.70
CA ARG F 68 2.30 -11.63 12.61
C ARG F 68 2.21 -10.10 12.52
N PRO F 69 1.20 -9.56 11.83
CA PRO F 69 0.13 -10.31 11.18
C PRO F 69 0.57 -10.98 9.88
N SER F 70 -0.11 -12.06 9.52
CA SER F 70 0.05 -12.63 8.21
C SER F 70 -0.73 -11.76 7.24
N PRO F 71 -0.26 -11.67 6.02
CA PRO F 71 -0.97 -10.79 5.08
C PRO F 71 -2.23 -11.44 4.53
N LEU F 72 -3.11 -10.59 3.98
CA LEU F 72 -4.29 -11.03 3.25
C LEU F 72 -4.02 -10.70 1.79
N TYR F 73 -4.05 -11.67 0.89
CA TYR F 73 -3.65 -11.49 -0.52
C TYR F 73 -4.77 -11.81 -1.50
N GLU F 74 -5.15 -10.82 -2.32
CA GLU F 74 -6.16 -11.01 -3.34
C GLU F 74 -5.54 -11.76 -4.52
N ALA F 75 -5.94 -13.04 -4.69
CA ALA F 75 -5.37 -13.91 -5.71
C ALA F 75 -6.16 -13.72 -7.01
N THR F 76 -5.80 -12.66 -7.74
CA THR F 76 -6.55 -12.23 -8.94
C THR F 76 -6.47 -13.20 -10.11
N ARG F 77 -5.38 -13.97 -10.20
CA ARG F 77 -5.26 -14.97 -11.27
C ARG F 77 -6.13 -16.20 -11.03
N LEU F 78 -6.62 -16.43 -9.81
CA LEU F 78 -7.59 -17.50 -9.52
C LEU F 78 -9.01 -17.14 -9.86
N SER F 79 -9.30 -15.85 -9.97
CA SER F 79 -10.67 -15.34 -10.13
C SER F 79 -11.41 -16.02 -11.29
N GLN F 80 -10.75 -16.08 -12.46
CA GLN F 80 -11.35 -16.70 -13.64
C GLN F 80 -11.67 -18.18 -13.41
N HIS F 81 -10.98 -18.81 -12.45
CA HIS F 81 -11.24 -20.20 -12.07
C HIS F 81 -12.27 -20.30 -10.95
N ALA F 82 -12.77 -19.17 -10.46
CA ALA F 82 -13.74 -19.16 -9.39
C ALA F 82 -14.96 -18.36 -9.77
N GLY F 83 -15.38 -18.45 -11.02
CA GLY F 83 -16.58 -17.74 -11.50
C GLY F 83 -16.44 -16.23 -11.43
N SER F 84 -15.21 -15.74 -11.52
CA SER F 84 -14.88 -14.32 -11.36
C SER F 84 -15.24 -13.73 -9.97
N ALA F 85 -15.39 -14.58 -8.95
CA ALA F 85 -15.32 -14.12 -7.58
C ALA F 85 -13.89 -13.67 -7.22
N ARG F 86 -13.76 -12.98 -6.10
CA ARG F 86 -12.51 -12.44 -5.66
C ARG F 86 -12.05 -13.26 -4.48
N ILE F 87 -11.01 -14.05 -4.68
CA ILE F 87 -10.47 -14.94 -3.65
C ILE F 87 -9.33 -14.25 -2.93
N PHE F 88 -9.52 -14.02 -1.62
CA PHE F 88 -8.49 -13.45 -0.77
C PHE F 88 -7.93 -14.56 0.12
N LEU F 89 -6.61 -14.70 0.13
CA LEU F 89 -5.94 -15.77 0.86
C LEU F 89 -5.31 -15.19 2.14
N LYS F 90 -5.71 -15.71 3.29
CA LYS F 90 -5.16 -15.29 4.56
C LYS F 90 -3.92 -16.18 4.75
N ARG F 91 -2.75 -15.56 4.76
CA ARG F 91 -1.50 -16.25 4.43
C ARG F 91 -0.81 -16.81 5.64
N GLU F 92 -1.47 -17.74 6.32
CA GLU F 92 -0.85 -18.41 7.47
C GLU F 92 0.36 -19.26 7.05
N ASP F 93 0.46 -19.61 5.76
CA ASP F 93 1.63 -20.24 5.17
C ASP F 93 2.96 -19.48 5.39
N LEU F 94 2.90 -18.17 5.60
CA LEU F 94 4.11 -17.37 5.80
C LEU F 94 4.59 -17.30 7.24
N ASN F 95 3.80 -17.84 8.18
CA ASN F 95 4.16 -17.91 9.58
C ASN F 95 5.45 -18.68 9.76
N HIS F 96 6.19 -18.33 10.81
CA HIS F 96 7.30 -19.14 11.29
C HIS F 96 6.80 -20.57 11.47
N THR F 97 7.56 -21.50 10.89
CA THR F 97 7.23 -22.94 10.78
C THR F 97 6.31 -23.33 9.63
N GLY F 98 5.61 -22.38 9.03
CA GLY F 98 4.87 -22.65 7.79
C GLY F 98 3.40 -22.95 7.94
N SER F 99 2.87 -22.81 9.15
CA SER F 99 1.43 -22.99 9.35
C SER F 99 0.92 -22.22 10.53
N HIS F 100 -0.40 -22.27 10.67
CA HIS F 100 -1.11 -21.78 11.87
C HIS F 100 -0.76 -22.44 13.21
N1 LLP F 101 -3.75 -27.33 7.63
C2 LLP F 101 -2.46 -27.48 7.93
C2' LLP F 101 -1.34 -26.79 7.12
C3 LLP F 101 -2.09 -28.31 9.00
O3 LLP F 101 -0.74 -28.43 9.27
C4 LLP F 101 -3.06 -28.95 9.77
C4' LLP F 101 -2.54 -29.83 11.03
C5 LLP F 101 -4.39 -28.79 9.46
C6 LLP F 101 -4.73 -27.98 8.37
C5' LLP F 101 -5.53 -29.51 10.23
OP4 LLP F 101 -5.57 -29.13 11.57
P LLP F 101 -6.69 -28.21 12.08
OP1 LLP F 101 -8.06 -28.64 11.52
OP2 LLP F 101 -6.35 -26.84 11.71
OP3 LLP F 101 -6.69 -28.29 13.56
N LLP F 101 -0.15 -23.62 13.19
CA LLP F 101 0.12 -24.34 14.44
CB LLP F 101 0.63 -25.74 14.11
CG LLP F 101 -0.51 -26.55 13.45
CD LLP F 101 -0.16 -28.03 13.43
CE LLP F 101 -1.42 -28.86 13.02
NZ LLP F 101 -1.47 -29.05 11.58
C LLP F 101 1.04 -23.60 15.37
O LLP F 101 0.96 -23.76 16.57
N ILE F 102 1.91 -22.76 14.83
CA ILE F 102 2.76 -21.92 15.66
C ILE F 102 1.96 -21.06 16.65
N ASN F 103 0.74 -20.65 16.27
CA ASN F 103 -0.07 -19.80 17.16
C ASN F 103 -0.48 -20.56 18.42
N ASN F 104 -0.89 -21.82 18.22
CA ASN F 104 -1.27 -22.70 19.29
C ASN F 104 -0.13 -22.98 20.26
N VAL F 105 0.97 -23.45 19.72
CA VAL F 105 2.09 -23.90 20.54
C VAL F 105 2.78 -22.75 21.31
N LEU F 106 2.82 -21.54 20.74
CA LEU F 106 3.35 -20.38 21.46
C LEU F 106 2.49 -20.07 22.68
N GLY F 107 1.18 -20.05 22.52
CA GLY F 107 0.25 -19.88 23.64
C GLY F 107 0.43 -20.93 24.73
N GLN F 108 0.42 -22.20 24.35
CA GLN F 108 0.48 -23.28 25.32
C GLN F 108 1.84 -23.43 25.97
N ALA F 109 2.92 -23.16 25.24
CA ALA F 109 4.26 -23.19 25.81
C ALA F 109 4.45 -22.07 26.83
N LEU F 110 3.96 -20.87 26.54
CA LEU F 110 3.96 -19.80 27.55
C LEU F 110 3.19 -20.16 28.80
N LEU F 111 2.01 -20.76 28.65
CA LEU F 111 1.21 -21.20 29.80
C LEU F 111 1.97 -22.25 30.62
N ALA F 112 2.59 -23.19 29.91
CA ALA F 112 3.41 -24.22 30.54
C ALA F 112 4.52 -23.61 31.42
N ARG F 113 5.22 -22.58 30.95
CA ARG F 113 6.26 -21.98 31.77
C ARG F 113 5.69 -21.16 32.93
N ARG F 114 4.55 -20.52 32.72
CA ARG F 114 3.83 -19.88 33.82
C ARG F 114 3.28 -20.84 34.86
N MET F 115 2.95 -22.07 34.46
CA MET F 115 2.58 -23.13 35.42
C MET F 115 3.75 -23.72 36.22
N GLY F 116 4.98 -23.37 35.85
CA GLY F 116 6.16 -23.95 36.44
C GLY F 116 6.48 -25.36 35.95
N LYS F 117 5.90 -25.77 34.81
CA LYS F 117 6.18 -27.05 34.18
C LYS F 117 7.50 -26.93 33.42
N THR F 118 8.35 -27.93 33.57
CA THR F 118 9.66 -27.94 32.95
C THR F 118 9.69 -28.76 31.66
N ARG F 119 8.64 -29.54 31.41
CA ARG F 119 8.63 -30.54 30.35
C ARG F 119 7.30 -30.45 29.61
N VAL F 120 7.36 -30.48 28.28
CA VAL F 120 6.19 -30.45 27.45
C VAL F 120 6.21 -31.68 26.55
N ILE F 121 5.08 -32.36 26.44
CA ILE F 121 4.89 -33.46 25.52
C ILE F 121 3.82 -33.10 24.50
N ALA F 122 3.88 -33.77 23.36
CA ALA F 122 2.91 -33.57 22.29
C ALA F 122 2.95 -34.76 21.37
N GLU F 123 1.82 -34.98 20.69
CA GLU F 123 1.65 -36.04 19.71
C GLU F 123 1.87 -35.41 18.34
N THR F 124 2.23 -36.21 17.35
CA THR F 124 2.24 -35.73 15.98
C THR F 124 1.98 -36.85 14.99
N GLY F 125 1.34 -36.49 13.87
CA GLY F 125 0.98 -37.43 12.80
C GLY F 125 2.17 -37.55 11.86
N ALA F 126 2.21 -36.71 10.83
CA ALA F 126 3.36 -36.70 9.91
C ALA F 126 4.53 -35.78 10.37
N GLY F 127 4.33 -35.02 11.44
CA GLY F 127 5.40 -34.23 12.04
C GLY F 127 5.07 -32.75 12.25
N GLN F 128 4.02 -32.22 11.63
CA GLN F 128 3.79 -30.77 11.67
C GLN F 128 3.65 -30.22 13.10
N HIS F 129 2.77 -30.77 13.91
CA HIS F 129 2.58 -30.25 15.27
C HIS F 129 3.76 -30.59 16.18
N GLY F 130 4.40 -31.72 15.92
CA GLY F 130 5.59 -32.10 16.64
C GLY F 130 6.68 -31.05 16.47
N VAL F 131 6.90 -30.63 15.22
CA VAL F 131 7.93 -29.64 14.89
C VAL F 131 7.60 -28.24 15.46
N ALA F 132 6.34 -27.84 15.37
CA ALA F 132 5.90 -26.58 15.96
C ALA F 132 6.06 -26.57 17.50
N THR F 133 5.68 -27.66 18.16
CA THR F 133 5.84 -27.76 19.61
C THR F 133 7.32 -27.72 20.00
N ALA F 134 8.17 -28.44 19.26
CA ALA F 134 9.59 -28.46 19.53
C ALA F 134 10.18 -27.04 19.36
N THR F 135 9.65 -26.32 18.37
CA THR F 135 10.08 -24.97 18.03
C THR F 135 9.86 -24.05 19.25
N ALA F 136 8.64 -24.04 19.75
CA ALA F 136 8.25 -23.24 20.90
C ALA F 136 8.95 -23.67 22.17
N CYS F 137 9.23 -24.95 22.33
CA CYS F 137 9.94 -25.42 23.50
C CYS F 137 11.39 -24.99 23.51
N ALA F 138 12.01 -25.00 22.35
CA ALA F 138 13.39 -24.53 22.19
C ALA F 138 13.48 -23.03 22.53
N LEU F 139 12.56 -22.25 21.96
CA LEU F 139 12.43 -20.81 22.21
C LEU F 139 12.35 -20.49 23.70
N LEU F 140 11.55 -21.23 24.44
CA LEU F 140 11.28 -20.92 25.82
C LEU F 140 12.07 -21.73 26.82
N GLY F 141 12.99 -22.57 26.35
CA GLY F 141 13.85 -23.37 27.24
C GLY F 141 13.21 -24.55 27.93
N LEU F 142 12.12 -25.07 27.38
CA LEU F 142 11.38 -26.22 27.93
C LEU F 142 11.89 -27.48 27.28
N ASP F 143 12.06 -28.54 28.06
CA ASP F 143 12.37 -29.88 27.55
C ASP F 143 11.14 -30.38 26.80
N CYS F 144 11.36 -31.08 25.70
CA CYS F 144 10.30 -31.49 24.79
C CYS F 144 10.43 -32.95 24.48
N VAL F 145 9.31 -33.70 24.57
CA VAL F 145 9.22 -35.08 24.08
C VAL F 145 8.04 -35.18 23.13
N ILE F 146 8.27 -35.61 21.91
CA ILE F 146 7.23 -35.73 20.92
C ILE F 146 6.94 -37.22 20.71
N TYR F 147 5.66 -37.59 20.80
CA TYR F 147 5.22 -38.93 20.47
C TYR F 147 4.70 -38.99 19.04
N MET F 148 5.12 -40.02 18.32
CA MET F 148 4.84 -40.20 16.90
C MET F 148 4.74 -41.69 16.63
N GLY F 149 3.63 -42.13 16.01
CA GLY F 149 3.46 -43.55 15.68
C GLY F 149 4.63 -44.05 14.87
N GLY F 150 5.05 -45.28 15.13
CA GLY F 150 6.21 -45.86 14.44
C GLY F 150 6.13 -46.03 12.91
N ILE F 151 4.90 -46.10 12.39
CA ILE F 151 4.69 -46.08 10.95
C ILE F 151 5.02 -44.69 10.39
N ASP F 152 4.69 -43.63 11.14
CA ASP F 152 5.00 -42.29 10.72
C ASP F 152 6.48 -41.97 10.85
N THR F 153 7.12 -42.41 11.94
CA THR F 153 8.54 -42.08 12.12
C THR F 153 9.38 -42.66 11.02
N ALA F 154 9.05 -43.90 10.64
CA ALA F 154 9.79 -44.62 9.59
C ALA F 154 9.75 -43.95 8.21
N ARG F 155 8.70 -43.18 7.92
CA ARG F 155 8.61 -42.51 6.61
C ARG F 155 8.67 -40.99 6.68
N GLN F 156 9.06 -40.43 7.82
CA GLN F 156 9.23 -38.99 7.99
C GLN F 156 10.59 -38.69 8.63
N ALA F 157 11.66 -39.27 8.09
CA ALA F 157 12.97 -39.20 8.74
C ALA F 157 13.44 -37.76 8.94
N LEU F 158 13.16 -36.90 7.98
CA LEU F 158 13.57 -35.50 8.06
C LEU F 158 12.84 -34.68 9.10
N ASN F 159 11.55 -34.95 9.30
CA ASN F 159 10.83 -34.24 10.34
C ASN F 159 11.30 -34.67 11.73
N VAL F 160 11.67 -35.93 11.86
CA VAL F 160 12.21 -36.44 13.10
C VAL F 160 13.52 -35.68 13.39
N ALA F 161 14.39 -35.60 12.37
CA ALA F 161 15.64 -34.85 12.45
C ALA F 161 15.41 -33.37 12.82
N ARG F 162 14.39 -32.76 12.23
CA ARG F 162 13.99 -31.40 12.60
C ARG F 162 13.80 -31.31 14.09
N MET F 163 12.95 -32.17 14.64
CA MET F 163 12.64 -32.16 16.07
C MET F 163 13.87 -32.36 16.95
N ARG F 164 14.77 -33.24 16.53
CA ARG F 164 16.02 -33.47 17.22
C ARG F 164 16.98 -32.27 17.15
N LEU F 165 17.16 -31.67 15.98
CA LEU F 165 17.91 -30.42 15.84
C LEU F 165 17.38 -29.29 16.73
N LEU F 166 16.06 -29.24 16.91
CA LEU F 166 15.41 -28.32 17.85
C LEU F 166 15.59 -28.70 19.31
N GLY F 167 16.27 -29.80 19.61
CA GLY F 167 16.52 -30.20 20.99
C GLY F 167 15.52 -31.13 21.65
N ALA F 168 14.43 -31.47 20.96
CA ALA F 168 13.41 -32.37 21.48
C ALA F 168 13.78 -33.85 21.35
N GLU F 169 13.21 -34.69 22.19
CA GLU F 169 13.31 -36.14 22.02
C GLU F 169 12.09 -36.61 21.18
N VAL F 170 12.26 -37.69 20.44
CA VAL F 170 11.17 -38.27 19.66
C VAL F 170 11.03 -39.74 20.02
N VAL F 171 9.82 -40.13 20.47
CA VAL F 171 9.52 -41.51 20.82
C VAL F 171 8.70 -42.14 19.69
N ALA F 172 9.22 -43.21 19.11
CA ALA F 172 8.47 -43.97 18.12
C ALA F 172 7.51 -44.86 18.89
N VAL F 173 6.22 -44.66 18.67
CA VAL F 173 5.20 -45.45 19.36
C VAL F 173 4.89 -46.70 18.52
N GLN F 174 5.25 -47.86 19.05
CA GLN F 174 5.01 -49.16 18.40
C GLN F 174 3.73 -49.92 18.89
N THR F 175 2.79 -49.24 19.55
CA THR F 175 1.56 -49.86 20.08
C THR F 175 0.27 -49.47 19.33
N GLY F 176 -0.67 -50.41 19.31
CA GLY F 176 -1.91 -50.33 18.54
C GLY F 176 -1.66 -50.32 17.05
N SER F 177 -2.42 -49.47 16.35
CA SER F 177 -2.21 -49.23 14.93
C SER F 177 -1.05 -48.24 14.65
N LYS F 178 -0.17 -48.02 15.67
CA LYS F 178 1.18 -47.41 15.49
C LYS F 178 1.17 -46.12 14.68
N THR F 179 0.13 -45.31 14.90
CA THR F 179 -0.14 -44.11 14.13
C THR F 179 -0.63 -42.98 15.05
N LEU F 180 -1.06 -41.87 14.47
CA LEU F 180 -1.44 -40.66 15.22
C LEU F 180 -2.22 -40.99 16.46
N LYS F 181 -3.41 -41.58 16.28
CA LYS F 181 -4.32 -41.80 17.40
C LYS F 181 -3.65 -42.58 18.53
N ASP F 182 -2.73 -43.50 18.20
CA ASP F 182 -1.99 -44.28 19.22
C ASP F 182 -0.80 -43.53 19.85
N ALA F 183 -0.23 -42.56 19.13
CA ALA F 183 0.72 -41.64 19.72
C ALA F 183 0.02 -40.76 20.75
N ILE F 184 -1.22 -40.37 20.44
CA ILE F 184 -2.07 -39.58 21.36
C ILE F 184 -2.32 -40.35 22.64
N ASN F 185 -2.60 -41.64 22.53
CA ASN F 185 -2.97 -42.41 23.71
C ASN F 185 -1.75 -42.56 24.63
N GLU F 186 -0.56 -42.69 24.06
CA GLU F 186 0.67 -42.76 24.85
C GLU F 186 1.05 -41.41 25.49
N ALA F 187 0.71 -40.32 24.81
CA ALA F 187 0.92 -38.97 25.34
C ALA F 187 0.06 -38.76 26.56
N PHE F 188 -1.21 -39.15 26.49
CA PHE F 188 -2.11 -39.07 27.67
C PHE F 188 -1.55 -39.87 28.85
N ARG F 189 -1.05 -41.08 28.61
CA ARG F 189 -0.40 -41.89 29.66
C ARG F 189 0.87 -41.25 30.27
N ASP F 190 1.67 -40.60 29.45
CA ASP F 190 2.86 -39.93 29.93
C ASP F 190 2.44 -38.79 30.85
N TRP F 191 1.45 -38.02 30.40
CA TRP F 191 0.95 -36.84 31.14
C TRP F 191 0.48 -37.14 32.57
N VAL F 192 -0.27 -38.22 32.76
CA VAL F 192 -0.69 -38.59 34.12
C VAL F 192 0.49 -39.04 34.99
N ALA F 193 1.40 -39.84 34.41
CA ALA F 193 2.57 -40.31 35.14
C ALA F 193 3.51 -39.16 35.51
N ASN F 194 3.61 -38.15 34.65
CA ASN F 194 4.55 -37.06 34.87
C ASN F 194 3.89 -35.69 35.18
N ALA F 195 2.65 -35.73 35.67
CA ALA F 195 1.83 -34.54 35.94
C ALA F 195 2.50 -33.39 36.69
N ASP F 196 3.31 -33.70 37.69
CA ASP F 196 4.00 -32.68 38.49
C ASP F 196 4.83 -31.68 37.66
N ASN F 197 5.55 -32.19 36.67
CA ASN F 197 6.47 -31.39 35.87
C ASN F 197 6.10 -31.25 34.37
N THR F 198 5.08 -31.98 33.91
CA THR F 198 4.79 -32.08 32.47
C THR F 198 3.47 -31.40 32.04
N TYR F 199 3.55 -30.69 30.92
CA TYR F 199 2.42 -30.05 30.26
C TYR F 199 2.20 -30.77 28.94
N TYR F 200 0.93 -31.08 28.61
CA TYR F 200 0.55 -31.67 27.33
C TYR F 200 0.04 -30.63 26.31
N CYS F 201 0.81 -30.43 25.26
CA CYS F 201 0.48 -29.45 24.22
C CYS F 201 -0.42 -30.12 23.17
N PHE F 202 -1.73 -30.05 23.39
CA PHE F 202 -2.69 -30.72 22.52
C PHE F 202 -2.77 -29.98 21.17
N GLY F 203 -2.85 -30.75 20.09
CA GLY F 203 -2.59 -30.26 18.73
C GLY F 203 -3.71 -29.64 17.92
N THR F 204 -4.96 -29.79 18.35
CA THR F 204 -6.09 -29.17 17.66
C THR F 204 -7.15 -28.71 18.63
N ALA F 205 -8.23 -28.13 18.10
CA ALA F 205 -9.33 -27.64 18.93
C ALA F 205 -10.32 -28.73 19.29
N ALA F 206 -9.80 -29.83 19.82
CA ALA F 206 -10.60 -30.96 20.27
C ALA F 206 -10.06 -31.40 21.63
N GLY F 207 -10.37 -32.62 22.04
CA GLY F 207 -9.94 -33.09 23.34
C GLY F 207 -10.83 -32.58 24.46
N PRO F 208 -10.51 -32.94 25.72
CA PRO F 208 -11.30 -32.47 26.84
C PRO F 208 -11.11 -30.99 27.09
N HIS F 209 -12.16 -30.36 27.62
CA HIS F 209 -12.07 -29.01 28.21
C HIS F 209 -10.83 -28.99 29.12
N PRO F 210 -9.94 -28.01 28.99
CA PRO F 210 -10.14 -26.75 28.30
C PRO F 210 -9.60 -26.63 26.90
N PHE F 211 -9.15 -27.72 26.28
CA PHE F 211 -8.41 -27.60 25.01
C PHE F 211 -9.22 -27.05 23.82
N PRO F 212 -10.51 -27.41 23.68
CA PRO F 212 -11.20 -26.79 22.53
C PRO F 212 -11.25 -25.27 22.61
N THR F 213 -11.53 -24.73 23.79
CA THR F 213 -11.61 -23.30 24.02
C THR F 213 -10.21 -22.62 23.94
N MET F 214 -9.24 -23.20 24.63
CA MET F 214 -7.90 -22.64 24.66
C MET F 214 -7.25 -22.58 23.27
N VAL F 215 -7.35 -23.68 22.54
CA VAL F 215 -6.70 -23.74 21.23
C VAL F 215 -7.37 -22.73 20.30
N ARG F 216 -8.71 -22.67 20.34
CA ARG F 216 -9.45 -21.65 19.63
C ARG F 216 -9.04 -20.23 20.02
N ASP F 217 -8.93 -19.96 21.32
CA ASP F 217 -8.47 -18.63 21.77
C ASP F 217 -7.11 -18.25 21.23
N PHE F 218 -6.17 -19.19 21.16
CA PHE F 218 -4.86 -18.90 20.59
C PHE F 218 -4.86 -18.77 19.07
N GLN F 219 -5.90 -19.28 18.38
CA GLN F 219 -6.05 -19.14 16.93
C GLN F 219 -6.98 -18.00 16.49
N ARG F 220 -7.74 -17.44 17.44
CA ARG F 220 -8.68 -16.34 17.15
C ARG F 220 -8.01 -15.19 16.42
N ILE F 221 -6.71 -15.00 16.68
CA ILE F 221 -5.92 -13.96 16.05
C ILE F 221 -6.05 -13.93 14.52
N ILE F 222 -6.18 -15.11 13.89
CA ILE F 222 -6.26 -15.21 12.44
C ILE F 222 -7.48 -14.45 11.96
N GLY F 223 -8.65 -14.75 12.54
CA GLY F 223 -9.91 -14.16 12.15
C GLY F 223 -9.99 -12.69 12.51
N MET F 224 -9.39 -12.30 13.63
CA MET F 224 -9.38 -10.89 14.04
C MET F 224 -8.59 -10.06 13.01
N GLU F 225 -7.41 -10.54 12.61
CA GLU F 225 -6.63 -9.87 11.58
C GLU F 225 -7.41 -9.85 10.26
N ALA F 226 -7.92 -11.02 9.83
CA ALA F 226 -8.67 -11.11 8.57
C ALA F 226 -9.85 -10.14 8.45
N ARG F 227 -10.64 -10.05 9.51
CA ARG F 227 -11.79 -9.14 9.51
C ARG F 227 -11.39 -7.67 9.31
N VAL F 228 -10.31 -7.26 9.97
CA VAL F 228 -9.75 -5.93 9.79
C VAL F 228 -9.20 -5.72 8.38
N GLN F 229 -8.43 -6.68 7.92
CA GLN F 229 -7.75 -6.60 6.62
C GLN F 229 -8.67 -6.64 5.41
N ILE F 230 -9.71 -7.47 5.45
CA ILE F 230 -10.63 -7.53 4.34
C ILE F 230 -11.43 -6.23 4.25
N GLN F 231 -11.79 -5.66 5.40
CA GLN F 231 -12.50 -4.38 5.41
C GLN F 231 -11.63 -3.31 4.80
N GLY F 232 -10.35 -3.32 5.15
CA GLY F 232 -9.40 -2.37 4.61
C GLY F 232 -9.15 -2.45 3.12
N GLN F 233 -8.94 -3.65 2.60
CA GLN F 233 -8.68 -3.84 1.19
C GLN F 233 -9.88 -3.86 0.30
N ALA F 234 -10.94 -4.54 0.73
CA ALA F 234 -12.15 -4.70 -0.08
C ALA F 234 -13.18 -3.63 0.20
N GLY F 235 -13.08 -2.95 1.34
CA GLY F 235 -14.09 -1.94 1.71
C GLY F 235 -15.36 -2.48 2.34
N ARG F 236 -15.36 -3.76 2.73
CA ARG F 236 -16.53 -4.39 3.33
C ARG F 236 -16.16 -5.75 3.89
N LEU F 237 -17.09 -6.30 4.65
CA LEU F 237 -17.00 -7.67 5.15
C LEU F 237 -17.20 -8.66 4.00
N PRO F 238 -16.58 -9.85 4.09
CA PRO F 238 -16.71 -10.82 3.02
C PRO F 238 -18.10 -11.41 2.89
N ASP F 239 -18.36 -11.98 1.72
CA ASP F 239 -19.58 -12.73 1.47
C ASP F 239 -19.43 -14.10 2.11
N ALA F 240 -18.20 -14.61 2.17
CA ALA F 240 -17.88 -15.84 2.89
C ALA F 240 -16.44 -15.90 3.42
N VAL F 241 -16.27 -16.68 4.48
CA VAL F 241 -14.97 -17.05 4.97
C VAL F 241 -14.91 -18.58 5.05
N VAL F 242 -13.83 -19.16 4.54
CA VAL F 242 -13.68 -20.61 4.47
C VAL F 242 -12.29 -21.09 4.91
N ALA F 243 -12.25 -22.38 5.21
CA ALA F 243 -11.09 -23.01 5.84
C ALA F 243 -11.24 -24.50 5.76
N CYS F 244 -10.10 -25.19 5.73
CA CYS F 244 -10.09 -26.65 5.84
C CYS F 244 -10.26 -27.06 7.29
N VAL F 245 -10.80 -28.26 7.47
CA VAL F 245 -11.21 -28.76 8.81
C VAL F 245 -10.68 -30.16 9.05
N GLY F 246 -9.68 -30.26 9.92
CA GLY F 246 -9.19 -31.57 10.42
C GLY F 246 -9.80 -31.74 11.80
N GLY F 247 -9.02 -31.44 12.82
CA GLY F 247 -9.55 -31.30 14.17
C GLY F 247 -10.33 -30.01 14.38
N GLY F 248 -9.97 -28.98 13.62
CA GLY F 248 -10.72 -27.73 13.56
C GLY F 248 -10.02 -26.45 14.00
N SER F 249 -8.71 -26.48 14.29
CA SER F 249 -8.02 -25.31 14.87
C SER F 249 -7.93 -24.12 13.92
N ASN F 250 -7.48 -24.31 12.69
CA ASN F 250 -7.35 -23.16 11.78
C ASN F 250 -8.71 -22.58 11.39
N ALA F 251 -9.71 -23.44 11.19
CA ALA F 251 -11.04 -23.01 10.80
C ALA F 251 -11.70 -22.19 11.90
N ILE F 252 -11.66 -22.70 13.15
CA ILE F 252 -12.25 -21.96 14.27
C ILE F 252 -11.49 -20.64 14.48
N GLY F 253 -10.18 -20.64 14.25
CA GLY F 253 -9.39 -19.44 14.36
C GLY F 253 -9.87 -18.34 13.44
N ILE F 254 -10.12 -18.68 12.18
CA ILE F 254 -10.52 -17.68 11.20
C ILE F 254 -11.97 -17.34 11.32
N PHE F 255 -12.80 -18.31 11.72
CA PHE F 255 -14.25 -18.08 11.80
C PHE F 255 -14.65 -17.15 12.92
N HIS F 256 -13.94 -17.20 14.05
CA HIS F 256 -14.53 -16.78 15.32
C HIS F 256 -14.92 -15.30 15.32
N ALA F 257 -14.03 -14.47 14.79
CA ALA F 257 -14.25 -13.04 14.66
C ALA F 257 -15.44 -12.65 13.81
N PHE F 258 -15.93 -13.55 12.96
CA PHE F 258 -17.05 -13.31 12.08
C PHE F 258 -18.37 -13.96 12.53
N LEU F 259 -18.43 -14.61 13.69
CA LEU F 259 -19.65 -15.33 14.11
C LEU F 259 -20.87 -14.44 14.22
N ASP F 260 -20.69 -13.23 14.76
CA ASP F 260 -21.77 -12.26 14.96
C ASP F 260 -22.00 -11.29 13.79
N ASP F 261 -21.41 -11.61 12.64
CA ASP F 261 -21.67 -10.90 11.38
C ASP F 261 -22.68 -11.74 10.59
N PRO F 262 -23.97 -11.43 10.69
CA PRO F 262 -24.94 -12.41 10.16
C PRO F 262 -24.97 -12.54 8.62
N GLY F 263 -24.45 -11.57 7.86
CA GLY F 263 -24.32 -11.71 6.41
C GLY F 263 -23.12 -12.51 5.87
N VAL F 264 -22.17 -12.89 6.74
CA VAL F 264 -20.95 -13.60 6.31
C VAL F 264 -21.14 -15.13 6.37
N ARG F 265 -21.08 -15.78 5.21
CA ARG F 265 -21.21 -17.25 5.15
C ARG F 265 -19.92 -17.87 5.70
N LEU F 266 -20.07 -18.96 6.45
CA LEU F 266 -18.92 -19.66 7.01
C LEU F 266 -18.98 -21.11 6.54
N VAL F 267 -17.87 -21.57 5.95
CA VAL F 267 -17.83 -22.89 5.35
C VAL F 267 -16.53 -23.59 5.72
N GLY F 268 -16.68 -24.77 6.32
CA GLY F 268 -15.56 -25.64 6.57
C GLY F 268 -15.55 -26.73 5.51
N PHE F 269 -14.40 -26.97 4.91
CA PHE F 269 -14.25 -28.01 3.91
C PHE F 269 -13.45 -29.17 4.49
N GLU F 270 -14.01 -30.36 4.44
CA GLU F 270 -13.33 -31.55 5.01
C GLU F 270 -12.88 -32.50 3.91
N ALA F 271 -11.92 -33.36 4.28
CA ALA F 271 -11.27 -34.27 3.32
C ALA F 271 -12.16 -35.50 2.98
N ALA F 272 -12.53 -35.62 1.71
CA ALA F 272 -13.41 -36.66 1.24
C ALA F 272 -12.67 -37.83 0.60
N GLY F 273 -11.33 -37.71 0.50
CA GLY F 273 -10.49 -38.78 -0.01
C GLY F 273 -10.92 -39.18 -1.41
N ASP F 274 -11.22 -40.47 -1.59
CA ASP F 274 -11.72 -41.00 -2.86
C ASP F 274 -13.18 -40.58 -3.13
N GLY F 275 -13.87 -40.06 -2.12
CA GLY F 275 -15.30 -39.77 -2.18
C GLY F 275 -15.98 -40.33 -0.94
N VAL F 276 -16.93 -39.56 -0.38
CA VAL F 276 -17.66 -39.97 0.82
C VAL F 276 -18.50 -41.22 0.57
N GLU F 277 -18.89 -41.45 -0.67
CA GLU F 277 -19.56 -42.71 -1.05
C GLU F 277 -18.65 -43.96 -1.05
N THR F 278 -17.33 -43.82 -0.83
CA THR F 278 -16.39 -44.95 -0.97
C THR F 278 -15.89 -45.64 0.31
N GLY F 279 -16.06 -45.02 1.47
CA GLY F 279 -15.36 -45.55 2.66
C GLY F 279 -13.86 -45.25 2.74
N ARG F 280 -13.34 -44.39 1.85
CA ARG F 280 -11.95 -43.93 1.93
C ARG F 280 -12.01 -42.40 1.98
N HIS F 281 -12.30 -41.89 3.18
CA HIS F 281 -12.50 -40.49 3.42
C HIS F 281 -12.12 -40.12 4.85
N ALA F 282 -12.17 -38.82 5.16
CA ALA F 282 -11.98 -38.31 6.52
C ALA F 282 -12.94 -37.17 6.83
N ALA F 283 -14.17 -37.32 6.36
CA ALA F 283 -15.20 -36.28 6.34
C ALA F 283 -16.14 -36.51 7.52
N THR F 284 -15.67 -36.03 8.67
CA THR F 284 -16.28 -36.30 9.95
C THR F 284 -17.73 -35.84 10.04
N PHE F 285 -18.05 -34.62 9.58
CA PHE F 285 -19.44 -34.12 9.60
C PHE F 285 -20.31 -34.69 8.51
N THR F 286 -19.74 -34.82 7.31
CA THR F 286 -20.49 -35.32 6.14
C THR F 286 -20.92 -36.78 6.33
N ALA F 287 -20.01 -37.60 6.89
CA ALA F 287 -20.23 -39.05 6.99
C ALA F 287 -20.29 -39.64 8.41
N GLY F 288 -19.57 -39.06 9.37
CA GLY F 288 -19.56 -39.58 10.74
C GLY F 288 -20.83 -39.35 11.55
N SER F 289 -20.73 -39.54 12.86
CA SER F 289 -21.88 -39.30 13.74
C SER F 289 -21.44 -38.94 15.17
N PRO F 290 -22.37 -38.38 15.99
CA PRO F 290 -22.08 -38.00 17.39
C PRO F 290 -21.47 -39.13 18.23
N GLY F 291 -20.39 -38.80 18.96
CA GLY F 291 -19.72 -39.73 19.83
C GLY F 291 -18.67 -39.12 20.73
N ALA F 292 -18.23 -39.91 21.71
CA ALA F 292 -17.10 -39.55 22.57
C ALA F 292 -15.80 -40.08 21.98
N PHE F 293 -14.86 -39.17 21.79
CA PHE F 293 -13.56 -39.50 21.26
C PHE F 293 -12.51 -38.50 21.78
N HIS F 294 -11.42 -39.04 22.33
CA HIS F 294 -10.32 -38.30 22.96
C HIS F 294 -10.72 -37.20 23.93
N GLY F 295 -11.76 -37.45 24.72
CA GLY F 295 -12.20 -36.51 25.74
C GLY F 295 -13.32 -35.56 25.37
N SER F 296 -13.84 -35.65 24.16
CA SER F 296 -14.85 -34.71 23.68
C SER F 296 -16.01 -35.43 23.05
N PHE F 297 -17.24 -35.00 23.33
CA PHE F 297 -18.42 -35.45 22.58
C PHE F 297 -18.61 -34.55 21.37
N SER F 298 -18.42 -35.13 20.19
CA SER F 298 -18.49 -34.40 18.93
C SER F 298 -18.88 -35.36 17.82
N TYR F 299 -18.73 -34.95 16.56
CA TYR F 299 -18.83 -35.89 15.47
C TYR F 299 -17.55 -36.72 15.34
N LEU F 300 -17.75 -37.93 14.84
CA LEU F 300 -16.73 -38.96 14.88
C LEU F 300 -16.99 -39.97 13.78
N LEU F 301 -15.92 -40.35 13.09
CA LEU F 301 -15.97 -41.48 12.15
C LEU F 301 -15.81 -42.77 12.96
N GLN F 302 -16.93 -43.48 13.12
CA GLN F 302 -17.03 -44.66 13.96
C GLN F 302 -17.95 -45.73 13.31
N ASP F 303 -17.71 -47.01 13.60
CA ASP F 303 -18.56 -48.08 13.04
C ASP F 303 -19.88 -48.26 13.82
N GLU F 304 -20.60 -49.35 13.60
CA GLU F 304 -21.94 -49.54 14.20
C GLU F 304 -21.95 -49.85 15.71
N ASP F 305 -20.77 -50.15 16.26
CA ASP F 305 -20.57 -50.42 17.68
C ASP F 305 -19.86 -49.28 18.40
N GLY F 306 -19.47 -48.23 17.68
CA GLY F 306 -18.72 -47.12 18.24
C GLY F 306 -17.21 -47.26 18.20
N GLN F 307 -16.68 -48.15 17.36
CA GLN F 307 -15.22 -48.28 17.22
C GLN F 307 -14.68 -47.27 16.19
N THR F 308 -13.47 -46.79 16.42
CA THR F 308 -12.85 -45.80 15.54
C THR F 308 -12.50 -46.40 14.16
N ILE F 309 -13.14 -45.89 13.12
CA ILE F 309 -12.84 -46.23 11.71
C ILE F 309 -11.54 -45.56 11.25
N GLU F 310 -10.74 -46.29 10.49
CA GLU F 310 -9.55 -45.72 9.86
C GLU F 310 -9.99 -44.72 8.76
N SER F 311 -9.37 -43.55 8.73
CA SER F 311 -9.67 -42.54 7.72
C SER F 311 -8.58 -42.51 6.65
N HIS F 312 -8.94 -41.98 5.47
CA HIS F 312 -8.04 -41.90 4.31
C HIS F 312 -8.19 -40.54 3.64
N SER F 313 -7.08 -39.86 3.46
CA SER F 313 -7.01 -38.66 2.66
C SER F 313 -5.62 -38.64 2.05
N ILE F 314 -5.48 -37.99 0.90
CA ILE F 314 -4.15 -37.75 0.35
C ILE F 314 -3.42 -36.77 1.27
N SER F 315 -4.19 -36.00 2.04
CA SER F 315 -3.69 -35.08 3.03
C SER F 315 -3.49 -35.72 4.39
N ALA F 316 -2.24 -35.76 4.86
CA ALA F 316 -1.92 -36.29 6.19
C ALA F 316 -2.63 -35.53 7.31
N GLY F 317 -2.61 -34.20 7.23
CA GLY F 317 -3.11 -33.35 8.30
C GLY F 317 -4.60 -33.25 8.52
N LEU F 318 -5.44 -33.68 7.58
CA LEU F 318 -6.89 -33.71 7.77
C LEU F 318 -7.38 -35.12 8.05
N ASP F 319 -6.47 -36.01 8.40
CA ASP F 319 -6.74 -37.45 8.58
C ASP F 319 -7.25 -37.83 10.00
N TYR F 320 -7.44 -36.87 10.89
CA TYR F 320 -8.04 -37.14 12.21
C TYR F 320 -9.51 -37.59 11.99
N PRO F 321 -9.98 -38.61 12.74
CA PRO F 321 -11.37 -39.09 12.64
C PRO F 321 -12.43 -38.31 13.45
N GLY F 322 -11.98 -37.47 14.37
CA GLY F 322 -12.85 -36.60 15.14
C GLY F 322 -12.87 -35.19 14.56
N VAL F 323 -13.55 -34.31 15.29
CA VAL F 323 -13.62 -32.90 14.97
C VAL F 323 -14.06 -32.15 16.23
N GLY F 324 -13.59 -30.91 16.36
CA GLY F 324 -13.76 -30.16 17.58
C GLY F 324 -15.22 -29.89 17.91
N PRO F 325 -15.58 -29.95 19.20
CA PRO F 325 -16.97 -29.80 19.61
C PRO F 325 -17.55 -28.40 19.37
N GLU F 326 -16.72 -27.36 19.36
CA GLU F 326 -17.22 -26.06 19.01
C GLU F 326 -17.80 -26.03 17.57
N HIS F 327 -17.15 -26.72 16.62
CA HIS F 327 -17.69 -26.87 15.27
C HIS F 327 -19.01 -27.65 15.25
N ALA F 328 -19.14 -28.70 16.05
CA ALA F 328 -20.39 -29.43 16.10
C ALA F 328 -21.54 -28.56 16.60
N TRP F 329 -21.25 -27.70 17.58
CA TRP F 329 -22.26 -26.72 18.03
C TRP F 329 -22.61 -25.72 16.93
N LEU F 330 -21.60 -25.21 16.21
CA LEU F 330 -21.85 -24.26 15.13
C LEU F 330 -22.61 -24.89 13.97
N LYS F 331 -22.43 -26.19 13.74
CA LYS F 331 -23.21 -26.95 12.75
C LYS F 331 -24.66 -27.13 13.21
N GLU F 332 -24.86 -27.57 14.47
CA GLU F 332 -26.20 -27.70 15.02
C GLU F 332 -26.99 -26.38 14.93
N ALA F 333 -26.35 -25.26 15.27
CA ALA F 333 -26.97 -23.94 15.20
C ALA F 333 -27.15 -23.37 13.79
N GLY F 334 -26.66 -24.06 12.76
CA GLY F 334 -26.82 -23.63 11.39
C GLY F 334 -25.95 -22.43 11.02
N ARG F 335 -24.93 -22.13 11.83
CA ARG F 335 -24.07 -20.98 11.59
C ARG F 335 -22.96 -21.27 10.60
N VAL F 336 -22.43 -22.50 10.64
CA VAL F 336 -21.40 -22.93 9.71
C VAL F 336 -21.92 -24.17 8.97
N ASP F 337 -21.59 -24.25 7.69
CA ASP F 337 -21.91 -25.37 6.84
C ASP F 337 -20.59 -26.10 6.58
N TYR F 338 -20.60 -27.42 6.64
CA TYR F 338 -19.42 -28.26 6.43
C TYR F 338 -19.64 -29.16 5.21
N ARG F 339 -18.65 -29.18 4.33
CA ARG F 339 -18.77 -29.74 2.98
C ARG F 339 -17.52 -30.56 2.57
N PRO F 340 -17.72 -31.66 1.85
CA PRO F 340 -16.63 -32.53 1.42
C PRO F 340 -15.90 -32.02 0.16
N ILE F 341 -14.58 -32.17 0.16
CA ILE F 341 -13.72 -31.95 -1.00
C ILE F 341 -12.86 -33.20 -1.18
N THR F 342 -12.83 -33.74 -2.39
CA THR F 342 -12.07 -34.95 -2.67
C THR F 342 -10.55 -34.64 -2.86
N ASP F 343 -9.76 -35.70 -2.76
CA ASP F 343 -8.36 -35.70 -3.13
C ASP F 343 -8.16 -35.02 -4.48
N SER F 344 -8.96 -35.40 -5.48
CA SER F 344 -8.78 -34.87 -6.83
C SER F 344 -9.00 -33.39 -6.93
N GLU F 345 -10.08 -32.93 -6.32
CA GLU F 345 -10.40 -31.51 -6.29
C GLU F 345 -9.33 -30.72 -5.54
N ALA F 346 -8.83 -31.29 -4.43
CA ALA F 346 -7.76 -30.67 -3.67
C ALA F 346 -6.49 -30.53 -4.50
N MET F 347 -6.09 -31.62 -5.15
CA MET F 347 -4.87 -31.62 -5.95
C MET F 347 -4.97 -30.71 -7.18
N ASP F 348 -6.13 -30.66 -7.83
N ASP F 348 -6.15 -30.66 -7.84
CA ASP F 348 -6.35 -29.71 -8.90
CA ASP F 348 -6.45 -29.66 -8.90
C ASP F 348 -6.24 -28.24 -8.44
C ASP F 348 -6.15 -28.25 -8.39
N ALA F 349 -6.70 -27.91 -7.23
CA ALA F 349 -6.51 -26.56 -6.67
C ALA F 349 -5.08 -26.29 -6.25
N PHE F 350 -4.43 -27.29 -5.67
CA PHE F 350 -2.99 -27.22 -5.41
C PHE F 350 -2.21 -26.76 -6.64
N GLY F 351 -2.42 -27.46 -7.75
CA GLY F 351 -1.71 -27.20 -9.00
C GLY F 351 -2.04 -25.82 -9.55
N LEU F 352 -3.31 -25.46 -9.46
CA LEU F 352 -3.78 -24.17 -9.92
C LEU F 352 -3.11 -23.04 -9.12
N LEU F 353 -3.01 -23.19 -7.81
CA LEU F 353 -2.45 -22.13 -6.98
C LEU F 353 -0.98 -21.92 -7.31
N CYS F 354 -0.25 -23.03 -7.53
CA CYS F 354 1.16 -22.96 -7.92
C CYS F 354 1.34 -22.19 -9.22
N ARG F 355 0.53 -22.52 -10.22
CA ARG F 355 0.73 -21.97 -11.56
C ARG F 355 0.24 -20.52 -11.67
N MET F 356 -0.80 -20.19 -10.91
CA MET F 356 -1.49 -18.92 -11.05
C MET F 356 -0.91 -17.83 -10.15
N GLU F 357 -0.55 -18.21 -8.91
CA GLU F 357 -0.07 -17.24 -7.92
C GLU F 357 1.33 -17.48 -7.42
N GLY F 358 1.99 -18.55 -7.88
CA GLY F 358 3.30 -18.92 -7.33
C GLY F 358 3.27 -19.26 -5.86
N ILE F 359 2.13 -19.80 -5.37
CA ILE F 359 2.05 -20.20 -3.97
C ILE F 359 1.84 -21.70 -3.92
N ILE F 360 2.77 -22.40 -3.28
CA ILE F 360 2.68 -23.82 -3.12
C ILE F 360 1.99 -24.05 -1.77
N PRO F 361 0.71 -24.42 -1.79
CA PRO F 361 -0.01 -24.58 -0.55
C PRO F 361 0.16 -25.98 0.05
N ALA F 362 0.01 -26.07 1.36
CA ALA F 362 -0.20 -27.34 2.01
C ALA F 362 -1.44 -28.04 1.36
N ILE F 363 -1.34 -29.36 1.21
CA ILE F 363 -2.43 -30.13 0.62
C ILE F 363 -3.73 -29.98 1.43
N GLU F 364 -3.59 -29.82 2.75
CA GLU F 364 -4.72 -29.54 3.64
C GLU F 364 -5.41 -28.26 3.16
N SER F 365 -4.61 -27.21 2.98
CA SER F 365 -5.09 -25.88 2.58
C SER F 365 -5.71 -25.89 1.20
N ALA F 366 -5.13 -26.68 0.30
CA ALA F 366 -5.70 -26.87 -1.03
C ALA F 366 -7.14 -27.39 -1.04
N HIS F 367 -7.59 -28.07 0.02
CA HIS F 367 -8.99 -28.47 0.14
C HIS F 367 -9.85 -27.23 0.29
N ALA F 368 -9.37 -26.26 1.07
CA ALA F 368 -10.08 -24.98 1.25
C ALA F 368 -10.08 -24.14 -0.02
N VAL F 369 -8.96 -24.18 -0.74
CA VAL F 369 -8.89 -23.47 -2.00
C VAL F 369 -9.89 -24.08 -2.96
N ALA F 370 -9.93 -25.40 -3.07
CA ALA F 370 -10.85 -26.11 -3.96
C ALA F 370 -12.28 -25.70 -3.65
N GLY F 371 -12.63 -25.69 -2.38
CA GLY F 371 -13.96 -25.27 -1.96
C GLY F 371 -14.28 -23.83 -2.30
N ALA F 372 -13.27 -22.97 -2.16
CA ALA F 372 -13.43 -21.55 -2.51
C ALA F 372 -13.74 -21.34 -4.01
N LEU F 373 -13.11 -22.13 -4.87
CA LEU F 373 -13.36 -22.06 -6.32
C LEU F 373 -14.80 -22.50 -6.65
N LYS F 374 -15.30 -23.53 -5.98
CA LYS F 374 -16.71 -23.93 -6.15
C LYS F 374 -17.65 -22.87 -5.60
N LEU F 375 -17.32 -22.31 -4.44
CA LEU F 375 -18.16 -21.30 -3.82
C LEU F 375 -18.17 -20.02 -4.67
N GLY F 376 -17.02 -19.68 -5.26
CA GLY F 376 -16.95 -18.61 -6.24
C GLY F 376 -17.90 -18.78 -7.43
N VAL F 377 -17.91 -19.94 -8.07
CA VAL F 377 -18.85 -20.20 -9.17
C VAL F 377 -20.31 -20.05 -8.72
N GLU F 378 -20.57 -20.45 -7.49
CA GLU F 378 -21.91 -20.47 -6.90
C GLU F 378 -22.37 -19.05 -6.52
N LEU F 379 -21.46 -18.24 -5.98
CA LEU F 379 -21.81 -16.87 -5.53
C LEU F 379 -21.73 -15.79 -6.63
N GLY F 380 -20.88 -16.01 -7.63
CA GLY F 380 -20.86 -15.19 -8.83
C GLY F 380 -19.83 -14.09 -8.77
N ARG F 381 -19.81 -13.32 -9.85
CA ARG F 381 -18.79 -12.33 -10.08
C ARG F 381 -18.79 -11.23 -9.02
N GLY F 382 -17.61 -10.84 -8.58
CA GLY F 382 -17.46 -9.80 -7.56
C GLY F 382 -17.69 -10.20 -6.10
N ALA F 383 -18.11 -11.45 -5.83
CA ALA F 383 -18.27 -11.92 -4.45
C ALA F 383 -16.89 -11.97 -3.81
N VAL F 384 -16.83 -11.70 -2.51
CA VAL F 384 -15.58 -11.64 -1.78
C VAL F 384 -15.53 -12.85 -0.85
N ILE F 385 -14.53 -13.71 -1.06
CA ILE F 385 -14.34 -14.97 -0.31
C ILE F 385 -12.97 -14.91 0.30
N VAL F 386 -12.92 -14.97 1.63
CA VAL F 386 -11.66 -15.04 2.34
C VAL F 386 -11.39 -16.53 2.61
N VAL F 387 -10.20 -16.98 2.25
CA VAL F 387 -9.79 -18.38 2.39
C VAL F 387 -8.60 -18.46 3.34
N ASN F 388 -8.71 -19.31 4.35
CA ASN F 388 -7.58 -19.54 5.24
C ASN F 388 -6.55 -20.41 4.57
N LEU F 389 -5.38 -19.86 4.26
CA LEU F 389 -4.33 -20.66 3.67
C LEU F 389 -3.47 -21.18 4.80
N SER F 390 -3.89 -22.33 5.34
CA SER F 390 -3.44 -22.70 6.66
C SER F 390 -1.94 -23.02 6.69
N GLY F 391 -1.38 -23.48 5.57
CA GLY F 391 0.03 -23.77 5.54
C GLY F 391 0.66 -23.80 4.17
N ARG F 392 1.99 -23.77 4.19
CA ARG F 392 2.77 -23.89 2.98
C ARG F 392 2.98 -25.36 2.61
N GLY F 393 3.28 -25.58 1.36
CA GLY F 393 3.32 -26.91 0.80
C GLY F 393 4.66 -27.47 0.46
N ASP F 394 5.72 -26.93 1.04
CA ASP F 394 7.06 -27.52 0.87
C ASP F 394 7.09 -28.99 1.25
N LYS F 395 6.41 -29.30 2.35
CA LYS F 395 6.28 -30.68 2.85
C LYS F 395 5.49 -31.63 1.91
N ASP F 396 4.71 -31.07 0.97
CA ASP F 396 3.90 -31.86 0.03
C ASP F 396 4.43 -31.93 -1.41
N VAL F 397 5.62 -31.37 -1.65
CA VAL F 397 6.10 -31.27 -3.03
C VAL F 397 6.25 -32.64 -3.68
N GLU F 398 6.74 -33.62 -2.92
CA GLU F 398 6.99 -34.96 -3.47
C GLU F 398 5.66 -35.64 -3.84
N THR F 399 4.70 -35.59 -2.92
CA THR F 399 3.35 -36.06 -3.18
C THR F 399 2.68 -35.41 -4.39
N ALA F 400 2.69 -34.08 -4.44
CA ALA F 400 2.17 -33.36 -5.61
C ALA F 400 2.91 -33.72 -6.89
N ALA F 401 4.24 -33.82 -6.83
CA ALA F 401 5.01 -34.16 -8.02
C ALA F 401 4.68 -35.58 -8.53
N LYS F 402 4.47 -36.53 -7.61
CA LYS F 402 3.96 -37.86 -7.97
C LYS F 402 2.56 -37.82 -8.54
N TRP F 403 1.66 -37.06 -7.90
CA TRP F 403 0.30 -36.94 -8.37
C TRP F 403 0.28 -36.51 -9.82
N PHE F 404 1.01 -35.44 -10.14
CA PHE F 404 1.03 -34.85 -11.49
C PHE F 404 2.00 -35.50 -12.50
N GLY F 405 2.68 -36.58 -12.11
CA GLY F 405 3.59 -37.30 -13.01
C GLY F 405 4.86 -36.53 -13.35
N LEU F 406 5.44 -35.85 -12.36
CA LEU F 406 6.63 -35.02 -12.58
C LEU F 406 7.90 -35.67 -12.08
N LEU F 407 7.79 -36.81 -11.40
CA LEU F 407 8.96 -37.68 -11.20
C LEU F 407 8.88 -38.86 -12.16
N GLU G 8 -11.83 29.96 -70.45
CA GLU G 8 -10.92 29.60 -69.31
C GLU G 8 -10.56 30.83 -68.43
N ALA G 9 -10.56 32.03 -69.02
CA ALA G 9 -10.43 33.32 -68.29
C ALA G 9 -11.41 33.44 -67.10
N SER G 10 -11.05 34.25 -66.12
CA SER G 10 -11.89 34.47 -64.95
C SER G 10 -13.19 35.23 -65.29
N ARG G 11 -14.18 35.11 -64.41
CA ARG G 11 -15.46 35.82 -64.58
C ARG G 11 -15.32 37.33 -64.32
N LEU G 12 -14.53 37.71 -63.33
CA LEU G 12 -14.23 39.12 -63.05
C LEU G 12 -13.13 39.72 -63.94
N GLY G 13 -12.42 38.86 -64.69
CA GLY G 13 -11.42 39.29 -65.68
C GLY G 13 -11.72 40.54 -66.49
N PRO G 14 -12.87 40.57 -67.20
CA PRO G 14 -13.19 41.74 -68.05
C PRO G 14 -13.45 43.05 -67.30
N VAL G 15 -13.84 42.97 -66.02
CA VAL G 15 -14.09 44.16 -65.18
C VAL G 15 -12.75 44.85 -64.85
N PHE G 16 -11.76 44.04 -64.47
CA PHE G 16 -10.40 44.53 -64.23
C PHE G 16 -9.73 45.00 -65.54
N ASP G 17 -10.00 44.34 -66.66
CA ASP G 17 -9.55 44.80 -68.00
C ASP G 17 -10.09 46.20 -68.34
N SER G 18 -11.39 46.35 -68.17
CA SER G 18 -12.11 47.60 -68.42
C SER G 18 -11.63 48.74 -67.51
N CYS G 19 -11.34 48.42 -66.25
CA CYS G 19 -10.79 49.39 -65.29
C CYS G 19 -9.39 49.85 -65.70
N ARG G 20 -8.50 48.90 -65.95
CA ARG G 20 -7.12 49.21 -66.35
C ARG G 20 -7.06 49.88 -67.73
N ALA G 21 -8.05 49.61 -68.59
CA ALA G 21 -8.19 50.36 -69.85
C ALA G 21 -8.63 51.81 -69.61
N ASN G 22 -9.54 52.02 -68.65
CA ASN G 22 -10.00 53.37 -68.25
C ASN G 22 -9.10 54.11 -67.24
N ASN G 23 -7.90 53.60 -66.98
CA ASN G 23 -6.90 54.30 -66.18
C ASN G 23 -7.29 54.45 -64.69
N ARG G 24 -7.84 53.38 -64.12
CA ARG G 24 -8.38 53.39 -62.76
C ARG G 24 -8.39 52.01 -62.10
N ALA G 25 -8.59 52.00 -60.79
CA ALA G 25 -8.77 50.76 -60.05
C ALA G 25 -10.27 50.49 -59.95
N ALA G 26 -10.62 49.22 -59.73
CA ALA G 26 -12.02 48.85 -59.49
C ALA G 26 -12.42 49.31 -58.09
N LEU G 27 -13.66 49.79 -57.96
CA LEU G 27 -14.25 50.05 -56.65
C LEU G 27 -15.01 48.79 -56.28
N ILE G 28 -14.64 48.21 -55.13
CA ILE G 28 -15.21 46.95 -54.67
C ILE G 28 -15.90 47.18 -53.32
N GLY G 29 -17.22 47.10 -53.30
CA GLY G 29 -17.99 47.49 -52.12
C GLY G 29 -18.66 46.31 -51.45
N TYR G 30 -18.47 46.20 -50.13
CA TYR G 30 -19.07 45.13 -49.33
C TYR G 30 -20.22 45.67 -48.51
N LEU G 31 -21.32 44.90 -48.47
CA LEU G 31 -22.37 45.06 -47.48
C LEU G 31 -22.86 43.68 -47.05
N PRO G 32 -23.31 43.54 -45.78
CA PRO G 32 -23.88 42.30 -45.31
C PRO G 32 -25.36 42.21 -45.59
N THR G 33 -25.81 41.05 -46.05
CA THR G 33 -27.24 40.78 -46.24
C THR G 33 -27.99 40.87 -44.90
N GLY G 34 -29.19 41.44 -44.92
CA GLY G 34 -30.03 41.56 -43.74
C GLY G 34 -29.81 42.77 -42.83
N TYR G 35 -28.79 43.60 -43.08
CA TYR G 35 -28.60 44.79 -42.25
C TYR G 35 -29.17 46.01 -42.96
N PRO G 36 -30.11 46.78 -42.38
CA PRO G 36 -30.76 46.55 -41.06
C PRO G 36 -31.93 45.58 -41.10
N ASP G 37 -32.48 45.35 -42.29
CA ASP G 37 -33.35 44.19 -42.58
C ASP G 37 -33.01 43.73 -43.99
N VAL G 38 -33.67 42.68 -44.48
CA VAL G 38 -33.34 42.12 -45.80
C VAL G 38 -33.67 43.10 -46.95
N PRO G 39 -34.93 43.59 -47.06
CA PRO G 39 -35.23 44.57 -48.14
C PRO G 39 -34.33 45.80 -48.16
N ALA G 40 -34.06 46.40 -46.99
CA ALA G 40 -33.18 47.59 -46.91
C ALA G 40 -31.76 47.26 -47.35
N SER G 41 -31.28 46.06 -47.00
CA SER G 41 -29.96 45.61 -47.44
C SER G 41 -29.87 45.49 -48.98
N VAL G 42 -30.92 44.92 -49.59
CA VAL G 42 -30.96 44.78 -51.05
C VAL G 42 -31.03 46.15 -51.74
N ALA G 43 -31.89 47.05 -51.25
CA ALA G 43 -31.95 48.41 -51.80
C ALA G 43 -30.59 49.13 -51.69
N ALA G 44 -29.90 48.94 -50.58
CA ALA G 44 -28.54 49.49 -50.41
C ALA G 44 -27.54 48.91 -51.41
N MET G 45 -27.57 47.60 -51.61
CA MET G 45 -26.67 46.97 -52.57
C MET G 45 -26.99 47.45 -54.00
N THR G 46 -28.27 47.63 -54.29
CA THR G 46 -28.74 48.15 -55.58
C THR G 46 -28.22 49.59 -55.78
N ALA G 47 -28.34 50.40 -54.73
CA ALA G 47 -27.82 51.77 -54.72
C ALA G 47 -26.30 51.88 -54.91
N LEU G 48 -25.55 50.86 -54.43
CA LEU G 48 -24.11 50.74 -54.71
C LEU G 48 -23.86 50.58 -56.20
N VAL G 49 -24.66 49.79 -56.88
CA VAL G 49 -24.51 49.63 -58.33
C VAL G 49 -24.80 50.96 -59.05
N GLU G 50 -25.87 51.62 -58.66
CA GLU G 50 -26.27 52.92 -59.24
C GLU G 50 -25.28 54.03 -58.91
N SER G 51 -24.55 53.92 -57.79
CA SER G 51 -23.59 54.94 -57.38
C SER G 51 -22.14 54.73 -57.87
N GLY G 52 -21.87 53.64 -58.58
CA GLY G 52 -20.55 53.41 -59.22
C GLY G 52 -19.66 52.29 -58.68
N CYS G 53 -20.21 51.37 -57.90
CA CYS G 53 -19.45 50.16 -57.50
C CYS G 53 -19.27 49.20 -58.66
N ASP G 54 -18.04 48.83 -58.93
CA ASP G 54 -17.72 47.93 -60.04
C ASP G 54 -18.01 46.47 -59.69
N ILE G 55 -17.75 46.09 -58.43
CA ILE G 55 -18.02 44.74 -57.92
C ILE G 55 -18.65 44.88 -56.53
N ILE G 56 -19.74 44.16 -56.28
CA ILE G 56 -20.39 44.15 -54.96
C ILE G 56 -20.04 42.84 -54.25
N GLU G 57 -19.57 42.94 -53.00
CA GLU G 57 -19.31 41.78 -52.14
C GLU G 57 -20.51 41.62 -51.25
N VAL G 58 -21.29 40.59 -51.47
CA VAL G 58 -22.47 40.33 -50.64
C VAL G 58 -22.00 39.46 -49.44
N GLY G 59 -22.02 40.04 -48.24
CA GLY G 59 -21.64 39.34 -47.01
C GLY G 59 -22.71 38.40 -46.49
N VAL G 60 -22.33 37.17 -46.19
CA VAL G 60 -23.20 36.23 -45.49
C VAL G 60 -22.95 36.39 -44.00
N PRO G 61 -23.92 36.95 -43.23
CA PRO G 61 -23.73 37.03 -41.78
C PRO G 61 -23.49 35.67 -41.14
N TYR G 62 -22.56 35.62 -40.21
CA TYR G 62 -22.12 34.42 -39.54
C TYR G 62 -21.95 34.72 -38.05
N SER G 63 -22.38 33.77 -37.22
CA SER G 63 -22.39 33.92 -35.77
C SER G 63 -21.01 34.12 -35.16
N ASP G 64 -19.95 33.71 -35.86
CA ASP G 64 -18.58 33.77 -35.33
C ASP G 64 -17.53 34.32 -36.33
N PRO G 65 -17.71 35.57 -36.80
CA PRO G 65 -16.82 36.12 -37.80
C PRO G 65 -15.48 36.64 -37.18
N VAL G 66 -14.48 35.77 -37.14
CA VAL G 66 -13.20 36.11 -36.52
C VAL G 66 -12.36 37.19 -37.27
N MET G 67 -12.48 37.29 -38.58
CA MET G 67 -11.69 38.31 -39.35
C MET G 67 -12.34 39.70 -39.39
N ASP G 68 -13.52 39.85 -38.84
CA ASP G 68 -14.25 41.09 -38.95
C ASP G 68 -14.07 41.99 -37.74
N GLY G 69 -13.99 43.29 -38.02
CA GLY G 69 -14.02 44.33 -37.01
C GLY G 69 -15.42 44.59 -36.51
N PRO G 70 -15.55 45.50 -35.53
CA PRO G 70 -16.79 45.69 -34.79
C PRO G 70 -17.92 46.32 -35.62
N THR G 71 -17.60 47.17 -36.58
CA THR G 71 -18.61 47.78 -37.44
C THR G 71 -19.37 46.68 -38.20
N ILE G 72 -18.62 45.82 -38.89
CA ILE G 72 -19.24 44.71 -39.60
C ILE G 72 -19.84 43.67 -38.65
N ALA G 73 -19.13 43.31 -37.58
CA ALA G 73 -19.65 42.33 -36.63
C ALA G 73 -20.99 42.75 -36.01
N ARG G 74 -21.11 44.02 -35.59
CA ARG G 74 -22.38 44.50 -35.01
C ARG G 74 -23.53 44.48 -36.01
N ALA G 75 -23.23 44.73 -37.28
CA ALA G 75 -24.23 44.72 -38.34
C ALA G 75 -24.68 43.30 -38.70
N THR G 76 -23.74 42.36 -38.76
CA THR G 76 -24.08 40.95 -38.98
C THR G 76 -24.81 40.37 -37.77
N GLU G 77 -24.43 40.80 -36.57
CA GLU G 77 -25.16 40.43 -35.34
C GLU G 77 -26.61 40.92 -35.43
N ALA G 78 -26.80 42.17 -35.83
CA ALA G 78 -28.15 42.76 -35.95
C ALA G 78 -28.97 42.02 -37.01
N ALA G 79 -28.33 41.72 -38.14
CA ALA G 79 -28.94 40.94 -39.20
C ALA G 79 -29.38 39.54 -38.77
N LEU G 80 -28.55 38.85 -38.00
CA LEU G 80 -28.93 37.56 -37.43
C LEU G 80 -30.07 37.68 -36.41
N ARG G 81 -30.02 38.68 -35.53
CA ARG G 81 -31.15 38.97 -34.62
C ARG G 81 -32.46 39.16 -35.40
N GLY G 82 -32.39 39.80 -36.58
CA GLY G 82 -33.55 39.94 -37.46
C GLY G 82 -33.95 38.72 -38.30
N GLY G 83 -33.24 37.60 -38.19
CA GLY G 83 -33.60 36.34 -38.85
C GLY G 83 -33.10 36.14 -40.27
N VAL G 84 -32.00 36.81 -40.63
CA VAL G 84 -31.43 36.66 -41.96
C VAL G 84 -31.07 35.17 -42.20
N ARG G 85 -31.29 34.72 -43.42
CA ARG G 85 -31.01 33.36 -43.84
C ARG G 85 -30.02 33.39 -44.99
N VAL G 86 -29.35 32.28 -45.25
CA VAL G 86 -28.38 32.18 -46.33
C VAL G 86 -29.09 32.39 -47.69
N ARG G 87 -30.30 31.88 -47.84
CA ARG G 87 -31.05 32.09 -49.08
C ARG G 87 -31.28 33.58 -49.41
N ASP G 88 -31.43 34.42 -48.39
CA ASP G 88 -31.57 35.86 -48.57
C ASP G 88 -30.34 36.44 -49.30
N THR G 89 -29.16 35.92 -49.00
CA THR G 89 -27.94 36.29 -49.72
C THR G 89 -28.01 35.93 -51.21
N LEU G 90 -28.52 34.75 -51.53
CA LEU G 90 -28.70 34.39 -52.93
C LEU G 90 -29.73 35.28 -53.62
N ALA G 91 -30.80 35.67 -52.92
CA ALA G 91 -31.77 36.63 -53.52
C ALA G 91 -31.11 38.01 -53.79
N ALA G 92 -30.31 38.48 -52.84
CA ALA G 92 -29.53 39.71 -53.03
C ALA G 92 -28.62 39.66 -54.27
N VAL G 93 -27.94 38.53 -54.49
CA VAL G 93 -27.08 38.36 -55.67
C VAL G 93 -27.92 38.52 -56.92
N GLU G 94 -29.07 37.83 -56.95
CA GLU G 94 -30.01 37.92 -58.08
C GLU G 94 -30.47 39.36 -58.39
N ALA G 95 -30.86 40.12 -57.37
CA ALA G 95 -31.29 41.51 -57.56
C ALA G 95 -30.17 42.40 -58.08
N ILE G 96 -28.97 42.23 -57.56
CA ILE G 96 -27.79 42.96 -58.05
C ILE G 96 -27.55 42.65 -59.54
N SER G 97 -27.62 41.37 -59.92
CA SER G 97 -27.39 40.94 -61.31
C SER G 97 -28.40 41.51 -62.30
N ILE G 98 -29.67 41.52 -61.91
CA ILE G 98 -30.76 42.09 -62.73
C ILE G 98 -30.64 43.62 -62.87
N ALA G 99 -30.16 44.28 -61.82
CA ALA G 99 -29.87 45.71 -61.86
C ALA G 99 -28.60 46.06 -62.67
N GLY G 100 -27.88 45.04 -63.16
CA GLY G 100 -26.75 45.19 -64.08
C GLY G 100 -25.41 45.18 -63.37
N GLY G 101 -25.37 44.75 -62.11
CA GLY G 101 -24.18 44.83 -61.28
C GLY G 101 -23.45 43.50 -61.17
N ARG G 102 -22.22 43.57 -60.70
CA ARG G 102 -21.34 42.42 -60.62
C ARG G 102 -21.19 41.97 -59.16
N ALA G 103 -21.72 40.81 -58.82
CA ALA G 103 -21.74 40.32 -57.44
C ALA G 103 -20.89 39.06 -57.23
N VAL G 104 -20.13 39.10 -56.12
CA VAL G 104 -19.50 37.94 -55.53
C VAL G 104 -20.00 37.83 -54.08
N VAL G 105 -19.86 36.65 -53.51
CA VAL G 105 -20.29 36.42 -52.13
C VAL G 105 -19.07 36.26 -51.23
N MET G 106 -19.10 36.94 -50.08
CA MET G 106 -18.12 36.74 -49.03
C MET G 106 -18.76 35.99 -47.86
N THR G 107 -18.18 34.84 -47.50
CA THR G 107 -18.75 33.99 -46.48
C THR G 107 -17.66 33.21 -45.74
N TYR G 108 -17.88 33.01 -44.46
CA TYR G 108 -17.15 32.03 -43.66
C TYR G 108 -17.60 30.66 -44.18
N TRP G 109 -16.83 29.62 -43.88
CA TRP G 109 -17.01 28.35 -44.58
C TRP G 109 -18.10 27.45 -44.04
N ASN G 110 -18.42 27.53 -42.76
CA ASN G 110 -19.42 26.60 -42.22
C ASN G 110 -20.82 26.71 -42.84
N PRO G 111 -21.33 27.93 -43.09
CA PRO G 111 -22.59 28.04 -43.82
C PRO G 111 -22.56 27.35 -45.16
N VAL G 112 -21.41 27.39 -45.83
CA VAL G 112 -21.27 26.70 -47.11
C VAL G 112 -21.32 25.18 -46.91
N LEU G 113 -20.59 24.67 -45.92
CA LEU G 113 -20.65 23.24 -45.59
C LEU G 113 -22.07 22.78 -45.26
N ARG G 114 -22.78 23.57 -44.47
CA ARG G 114 -24.16 23.24 -44.08
C ARG G 114 -25.12 23.23 -45.28
N TYR G 115 -24.95 24.19 -46.19
CA TYR G 115 -25.68 24.25 -47.44
C TYR G 115 -25.34 23.04 -48.32
N GLY G 116 -24.04 22.74 -48.40
CA GLY G 116 -23.45 21.78 -49.33
C GLY G 116 -22.65 22.63 -50.32
N VAL G 117 -21.37 22.32 -50.48
CA VAL G 117 -20.46 23.15 -51.27
C VAL G 117 -20.89 23.20 -52.73
N ASP G 118 -21.13 22.01 -53.28
CA ASP G 118 -21.55 21.88 -54.67
C ASP G 118 -22.89 22.62 -54.91
N ALA G 119 -23.86 22.42 -54.02
CA ALA G 119 -25.17 23.04 -54.13
C ALA G 119 -25.09 24.55 -54.03
N PHE G 120 -24.22 25.02 -53.15
CA PHE G 120 -24.08 26.45 -52.95
C PHE G 120 -23.47 27.09 -54.19
N ALA G 121 -22.43 26.44 -54.73
CA ALA G 121 -21.80 26.85 -55.96
C ALA G 121 -22.82 26.86 -57.12
N ARG G 122 -23.59 25.79 -57.25
CA ARG G 122 -24.67 25.71 -58.25
C ARG G 122 -25.63 26.90 -58.15
N ASP G 123 -26.10 27.15 -56.94
CA ASP G 123 -27.17 28.13 -56.71
C ASP G 123 -26.69 29.57 -56.76
N LEU G 124 -25.43 29.79 -56.37
CA LEU G 124 -24.79 31.07 -56.55
C LEU G 124 -24.61 31.36 -58.04
N ALA G 125 -24.20 30.36 -58.81
CA ALA G 125 -24.07 30.51 -60.26
C ALA G 125 -25.43 30.83 -60.89
N ALA G 126 -26.48 30.09 -60.49
CA ALA G 126 -27.85 30.34 -61.00
C ALA G 126 -28.39 31.72 -60.63
N ALA G 127 -27.92 32.31 -59.53
CA ALA G 127 -28.31 33.66 -59.18
C ALA G 127 -27.61 34.78 -59.95
N GLY G 128 -26.63 34.46 -60.80
CA GLY G 128 -25.79 35.46 -61.46
C GLY G 128 -24.46 35.76 -60.76
N GLY G 129 -24.25 35.20 -59.57
CA GLY G 129 -23.02 35.42 -58.84
C GLY G 129 -21.77 34.96 -59.56
N LEU G 130 -20.70 35.74 -59.42
CA LEU G 130 -19.47 35.55 -60.19
C LEU G 130 -18.34 34.90 -59.39
N GLY G 131 -18.44 34.88 -58.08
CA GLY G 131 -17.40 34.26 -57.29
C GLY G 131 -17.68 34.23 -55.82
N LEU G 132 -16.73 33.63 -55.10
CA LEU G 132 -16.78 33.50 -53.66
C LEU G 132 -15.48 34.02 -53.09
N ILE G 133 -15.59 34.82 -52.03
CA ILE G 133 -14.45 35.26 -51.20
C ILE G 133 -14.54 34.46 -49.93
N THR G 134 -13.45 33.82 -49.53
CA THR G 134 -13.47 32.80 -48.45
C THR G 134 -12.48 33.12 -47.33
N PRO G 135 -12.84 34.03 -46.41
CA PRO G 135 -11.88 34.47 -45.39
C PRO G 135 -11.32 33.40 -44.45
N ASP G 136 -12.02 32.28 -44.23
CA ASP G 136 -11.48 31.17 -43.38
C ASP G 136 -11.32 29.83 -44.10
N LEU G 137 -11.26 29.88 -45.43
CA LEU G 137 -10.90 28.71 -46.24
C LEU G 137 -9.55 28.98 -46.88
N ILE G 138 -8.56 28.21 -46.47
CA ILE G 138 -7.25 28.21 -47.12
C ILE G 138 -7.24 27.14 -48.23
N PRO G 139 -6.34 27.27 -49.21
CA PRO G 139 -6.20 26.26 -50.27
C PRO G 139 -6.01 24.84 -49.75
N ASP G 140 -5.33 24.71 -48.61
CA ASP G 140 -5.10 23.42 -47.95
C ASP G 140 -6.40 22.64 -47.70
N GLU G 141 -7.50 23.32 -47.40
CA GLU G 141 -8.82 22.66 -47.18
C GLU G 141 -9.81 22.84 -48.36
N ALA G 142 -9.34 23.32 -49.51
CA ALA G 142 -10.26 23.81 -50.54
C ALA G 142 -10.51 22.82 -51.69
N GLN G 143 -10.26 21.53 -51.49
CA GLN G 143 -10.43 20.53 -52.58
C GLN G 143 -11.85 20.55 -53.17
N GLN G 144 -12.87 20.39 -52.31
CA GLN G 144 -14.27 20.44 -52.73
C GLN G 144 -14.62 21.79 -53.37
N TRP G 145 -14.09 22.88 -52.81
CA TRP G 145 -14.33 24.20 -53.36
C TRP G 145 -13.72 24.36 -54.78
N LEU G 146 -12.51 23.84 -55.00
CA LEU G 146 -11.86 23.95 -56.31
C LEU G 146 -12.67 23.22 -57.36
N ALA G 147 -13.11 22.01 -57.05
CA ALA G 147 -13.96 21.25 -57.96
C ALA G 147 -15.26 21.99 -58.32
N ALA G 148 -15.95 22.52 -57.32
CA ALA G 148 -17.21 23.23 -57.53
C ALA G 148 -17.05 24.59 -58.22
N SER G 149 -15.96 25.26 -57.87
CA SER G 149 -15.53 26.47 -58.58
C SER G 149 -15.38 26.26 -60.10
N GLU G 150 -14.70 25.18 -60.50
CA GLU G 150 -14.46 24.90 -61.93
C GLU G 150 -15.74 24.45 -62.62
N GLU G 151 -16.50 23.60 -61.94
CA GLU G 151 -17.74 23.04 -62.43
C GLU G 151 -18.77 24.13 -62.69
N HIS G 152 -18.97 25.04 -61.74
CA HIS G 152 -19.99 26.10 -61.87
C HIS G 152 -19.43 27.46 -62.36
N ARG G 153 -18.17 27.47 -62.78
CA ARG G 153 -17.49 28.63 -63.36
C ARG G 153 -17.54 29.87 -62.45
N LEU G 154 -17.11 29.71 -61.21
CA LEU G 154 -17.04 30.81 -60.27
C LEU G 154 -15.59 31.13 -59.96
N ASP G 155 -15.34 32.41 -59.76
CA ASP G 155 -14.05 32.85 -59.31
C ASP G 155 -13.85 32.51 -57.84
N ARG G 156 -12.58 32.38 -57.45
CA ARG G 156 -12.22 32.00 -56.10
C ARG G 156 -11.17 32.95 -55.58
N ILE G 157 -11.61 33.81 -54.66
CA ILE G 157 -10.82 34.85 -54.09
C ILE G 157 -10.34 34.42 -52.69
N PHE G 158 -9.11 33.93 -52.61
CA PHE G 158 -8.51 33.61 -51.33
C PHE G 158 -7.84 34.87 -50.80
N LEU G 159 -7.58 34.89 -49.51
CA LEU G 159 -6.90 36.00 -48.88
C LEU G 159 -5.43 35.71 -48.72
N VAL G 160 -4.61 36.75 -48.84
CA VAL G 160 -3.22 36.72 -48.35
C VAL G 160 -3.07 37.77 -47.26
N ALA G 161 -1.95 37.70 -46.54
CA ALA G 161 -1.70 38.59 -45.42
C ALA G 161 -0.25 39.04 -45.40
N PRO G 162 0.05 40.16 -44.69
CA PRO G 162 1.44 40.61 -44.51
C PRO G 162 2.36 39.51 -43.98
N SER G 163 1.84 38.72 -43.04
CA SER G 163 2.55 37.58 -42.40
C SER G 163 2.77 36.36 -43.31
N SER G 164 2.03 36.24 -44.42
CA SER G 164 2.12 35.08 -45.31
C SER G 164 3.56 34.79 -45.70
N THR G 165 3.96 33.52 -45.61
CA THR G 165 5.30 33.09 -46.03
C THR G 165 5.39 33.14 -47.55
N PRO G 166 6.61 33.17 -48.13
CA PRO G 166 6.68 33.12 -49.60
C PRO G 166 6.00 31.87 -50.22
N GLU G 167 6.17 30.70 -49.60
CA GLU G 167 5.60 29.45 -50.09
C GLU G 167 4.07 29.53 -50.09
N ARG G 168 3.50 29.98 -48.97
CA ARG G 168 2.05 30.04 -48.86
C ARG G 168 1.43 31.12 -49.72
N LEU G 169 2.12 32.25 -49.84
CA LEU G 169 1.65 33.32 -50.72
C LEU G 169 1.55 32.83 -52.17
N ALA G 170 2.60 32.17 -52.64
CA ALA G 170 2.63 31.60 -54.00
C ALA G 170 1.49 30.57 -54.22
N ALA G 171 1.28 29.69 -53.24
CA ALA G 171 0.22 28.66 -53.31
C ALA G 171 -1.19 29.27 -53.34
N THR G 172 -1.36 30.36 -52.58
CA THR G 172 -2.66 31.02 -52.40
C THR G 172 -3.05 31.79 -53.65
N VAL G 173 -2.08 32.54 -54.17
CA VAL G 173 -2.18 33.23 -55.47
C VAL G 173 -2.44 32.23 -56.62
N GLU G 174 -1.68 31.15 -56.65
CA GLU G 174 -1.89 30.04 -57.62
C GLU G 174 -3.32 29.44 -57.62
N ALA G 175 -3.91 29.28 -56.43
CA ALA G 175 -5.25 28.70 -56.30
C ALA G 175 -6.38 29.70 -56.56
N SER G 176 -6.06 30.99 -56.57
CA SER G 176 -7.01 32.09 -56.79
C SER G 176 -7.35 32.31 -58.28
N ARG G 177 -8.59 32.73 -58.54
CA ARG G 177 -9.03 33.16 -59.88
C ARG G 177 -9.88 34.41 -59.69
N GLY G 178 -9.77 35.38 -60.61
CA GLY G 178 -10.53 36.63 -60.55
C GLY G 178 -9.71 37.70 -59.89
N PHE G 179 -9.61 37.63 -58.56
CA PHE G 179 -8.64 38.41 -57.81
C PHE G 179 -8.24 37.74 -56.49
N VAL G 180 -7.15 38.26 -55.93
CA VAL G 180 -6.65 37.87 -54.64
C VAL G 180 -6.86 39.07 -53.70
N TYR G 181 -7.35 38.77 -52.49
CA TYR G 181 -7.72 39.76 -51.48
C TYR G 181 -6.50 39.89 -50.55
N ALA G 182 -5.81 41.02 -50.62
CA ALA G 182 -4.71 41.35 -49.69
C ALA G 182 -5.29 42.12 -48.50
N ALA G 183 -5.45 41.44 -47.37
CA ALA G 183 -6.12 42.01 -46.18
C ALA G 183 -5.08 42.47 -45.15
N SER G 184 -5.31 43.64 -44.52
CA SER G 184 -4.34 44.29 -43.60
C SER G 184 -4.99 45.03 -42.42
N SER G 196 1.43 50.12 -42.11
CA SER G 196 2.29 51.28 -42.35
C SER G 196 2.61 51.39 -43.88
N GLN G 197 3.58 50.59 -44.34
CA GLN G 197 3.88 50.35 -45.77
C GLN G 197 3.56 48.87 -46.12
N ALA G 198 2.69 48.24 -45.33
CA ALA G 198 2.49 46.80 -45.39
C ALA G 198 1.64 46.35 -46.59
N ALA G 199 0.58 47.11 -46.90
CA ALA G 199 -0.24 46.85 -48.09
C ALA G 199 0.53 46.89 -49.44
N PRO G 200 1.22 48.01 -49.77
CA PRO G 200 1.97 48.03 -51.04
C PRO G 200 3.05 46.96 -51.18
N GLU G 201 3.75 46.61 -50.09
CA GLU G 201 4.70 45.47 -50.08
C GLU G 201 3.98 44.14 -50.32
N LEU G 202 2.89 43.90 -49.59
CA LEU G 202 2.10 42.69 -49.81
C LEU G 202 1.67 42.56 -51.27
N VAL G 203 1.11 43.64 -51.80
CA VAL G 203 0.72 43.73 -53.21
C VAL G 203 1.90 43.48 -54.15
N GLY G 204 3.04 44.09 -53.84
CA GLY G 204 4.27 43.92 -54.61
C GLY G 204 4.76 42.48 -54.68
N ARG G 205 4.59 41.75 -53.58
CA ARG G 205 4.95 40.32 -53.50
C ARG G 205 4.04 39.43 -54.34
N VAL G 206 2.75 39.75 -54.40
CA VAL G 206 1.80 39.05 -55.30
C VAL G 206 2.22 39.31 -56.74
N LYS G 207 2.41 40.59 -57.06
CA LYS G 207 2.88 41.06 -58.38
C LYS G 207 4.12 40.31 -58.90
N ALA G 208 5.10 40.07 -58.02
CA ALA G 208 6.36 39.42 -58.41
C ALA G 208 6.21 37.93 -58.77
N VAL G 209 5.06 37.33 -58.48
CA VAL G 209 4.78 35.93 -58.84
C VAL G 209 3.56 35.70 -59.77
N SER G 210 2.67 36.68 -59.92
CA SER G 210 1.46 36.54 -60.73
C SER G 210 0.99 37.88 -61.32
N ASP G 211 0.22 37.80 -62.41
CA ASP G 211 -0.46 38.98 -63.00
C ASP G 211 -1.96 38.99 -62.67
N ILE G 212 -2.40 38.20 -61.68
CA ILE G 212 -3.79 38.19 -61.22
C ILE G 212 -4.13 39.54 -60.55
N PRO G 213 -5.33 40.09 -60.80
CA PRO G 213 -5.68 41.30 -60.08
C PRO G 213 -5.62 41.14 -58.56
N VAL G 214 -5.26 42.23 -57.87
CA VAL G 214 -5.21 42.27 -56.40
C VAL G 214 -6.16 43.34 -55.87
N GLY G 215 -6.98 42.96 -54.88
CA GLY G 215 -7.85 43.90 -54.17
C GLY G 215 -7.28 44.21 -52.79
N VAL G 216 -7.37 45.46 -52.32
CA VAL G 216 -6.78 45.88 -51.04
C VAL G 216 -7.83 46.51 -50.14
N GLY G 217 -8.01 45.91 -48.95
CA GLY G 217 -8.78 46.49 -47.87
C GLY G 217 -7.84 47.05 -46.81
N LEU G 218 -8.05 48.32 -46.47
CA LEU G 218 -7.24 49.03 -45.46
C LEU G 218 -8.16 49.89 -44.57
N GLY G 219 -9.40 49.44 -44.35
CA GLY G 219 -10.42 50.28 -43.70
C GLY G 219 -10.54 51.67 -44.30
N VAL G 220 -10.66 51.73 -45.62
CA VAL G 220 -10.87 52.99 -46.36
C VAL G 220 -12.16 53.69 -45.91
N ARG G 221 -12.01 54.98 -45.62
CA ARG G 221 -13.02 55.86 -45.03
C ARG G 221 -13.43 56.98 -46.01
N SER G 222 -12.56 57.36 -46.95
CA SER G 222 -12.74 58.60 -47.73
C SER G 222 -12.11 58.57 -49.13
N ARG G 223 -12.47 59.60 -49.90
CA ARG G 223 -11.97 59.86 -51.26
C ARG G 223 -10.44 59.78 -51.36
N ALA G 224 -9.75 60.52 -50.50
CA ALA G 224 -8.28 60.60 -50.53
C ALA G 224 -7.66 59.23 -50.25
N GLN G 225 -8.23 58.48 -49.31
CA GLN G 225 -7.72 57.15 -48.98
C GLN G 225 -7.84 56.15 -50.14
N ALA G 226 -8.96 56.21 -50.86
CA ALA G 226 -9.19 55.36 -52.02
C ALA G 226 -8.21 55.64 -53.17
N ALA G 227 -7.93 56.92 -53.44
CA ALA G 227 -6.94 57.33 -54.44
C ALA G 227 -5.54 56.81 -54.11
N GLN G 228 -5.12 56.99 -52.86
CA GLN G 228 -3.85 56.45 -52.35
C GLN G 228 -3.71 54.95 -52.64
N ILE G 229 -4.80 54.17 -52.54
CA ILE G 229 -4.74 52.71 -52.76
C ILE G 229 -4.79 52.31 -54.24
N ALA G 230 -5.54 53.06 -55.07
CA ALA G 230 -5.58 52.79 -56.52
C ALA G 230 -4.25 53.03 -57.25
N GLN G 231 -3.30 53.70 -56.60
CA GLN G 231 -1.94 53.88 -57.14
C GLN G 231 -1.14 52.59 -57.30
N TYR G 232 -1.41 51.56 -56.47
CA TYR G 232 -0.68 50.27 -56.53
C TYR G 232 -1.54 49.02 -56.65
N ALA G 233 -2.84 49.14 -56.37
CA ALA G 233 -3.74 48.00 -56.27
C ALA G 233 -4.77 48.05 -57.41
N ASP G 234 -5.14 46.88 -57.91
CA ASP G 234 -6.12 46.78 -58.99
C ASP G 234 -7.54 47.01 -58.52
N GLY G 235 -7.81 46.76 -57.25
CA GLY G 235 -9.15 46.94 -56.67
C GLY G 235 -9.06 47.57 -55.29
N VAL G 236 -9.95 48.52 -55.01
CA VAL G 236 -10.03 49.14 -53.69
C VAL G 236 -11.26 48.60 -53.01
N ILE G 237 -11.06 47.87 -51.91
CA ILE G 237 -12.17 47.23 -51.19
C ILE G 237 -12.63 48.11 -50.04
N VAL G 238 -13.94 48.26 -49.91
CA VAL G 238 -14.55 49.11 -48.88
C VAL G 238 -15.74 48.40 -48.24
N GLY G 239 -15.70 48.24 -46.92
CA GLY G 239 -16.71 47.49 -46.17
C GLY G 239 -17.20 48.30 -44.99
N SER G 240 -16.35 48.44 -43.98
CA SER G 240 -16.68 49.16 -42.74
C SER G 240 -17.32 50.55 -43.00
N ALA G 241 -16.70 51.36 -43.83
CA ALA G 241 -17.26 52.70 -44.11
C ALA G 241 -18.64 52.64 -44.77
N LEU G 242 -18.86 51.67 -45.66
CA LEU G 242 -20.18 51.53 -46.31
C LEU G 242 -21.29 51.20 -45.31
N VAL G 243 -21.00 50.32 -44.36
CA VAL G 243 -21.95 49.94 -43.29
C VAL G 243 -22.25 51.16 -42.38
N THR G 244 -21.21 51.89 -41.99
CA THR G 244 -21.36 53.10 -41.17
C THR G 244 -22.21 54.19 -41.90
N ALA G 245 -21.99 54.34 -43.21
CA ALA G 245 -22.75 55.27 -44.03
C ALA G 245 -24.21 54.83 -44.14
N LEU G 246 -24.42 53.55 -44.45
CA LEU G 246 -25.78 52.99 -44.49
C LEU G 246 -26.54 53.21 -43.17
N THR G 247 -25.86 53.03 -42.04
CA THR G 247 -26.47 53.20 -40.71
C THR G 247 -27.01 54.61 -40.51
N GLU G 248 -26.25 55.59 -40.99
CA GLU G 248 -26.70 56.98 -41.06
C GLU G 248 -27.89 57.14 -42.03
N GLY G 249 -27.84 56.49 -43.18
CA GLY G 249 -28.94 56.53 -44.15
C GLY G 249 -28.48 56.14 -45.54
N LEU G 250 -29.43 55.73 -46.38
CA LEU G 250 -29.14 55.38 -47.77
C LEU G 250 -28.54 56.58 -48.56
N PRO G 251 -29.08 57.81 -48.38
CA PRO G 251 -28.50 58.97 -49.07
C PRO G 251 -27.04 59.27 -48.73
N ARG G 252 -26.66 59.06 -47.46
CA ARG G 252 -25.26 59.18 -47.07
C ARG G 252 -24.38 58.08 -47.73
N LEU G 253 -24.92 56.86 -47.90
CA LEU G 253 -24.23 55.78 -48.60
C LEU G 253 -23.96 56.10 -50.05
N ARG G 254 -24.99 56.59 -50.76
CA ARG G 254 -24.86 57.03 -52.16
C ARG G 254 -23.77 58.08 -52.33
N ALA G 255 -23.76 59.05 -51.42
CA ALA G 255 -22.83 60.18 -51.47
C ALA G 255 -21.40 59.72 -51.26
N LEU G 256 -21.19 58.92 -50.21
CA LEU G 256 -19.88 58.33 -49.90
C LEU G 256 -19.40 57.42 -51.02
N THR G 257 -20.30 56.59 -51.54
CA THR G 257 -19.95 55.73 -52.67
C THR G 257 -19.54 56.54 -53.92
N GLY G 258 -20.18 57.68 -54.14
CA GLY G 258 -19.79 58.62 -55.20
C GLY G 258 -18.41 59.22 -55.03
N GLU G 259 -18.05 59.58 -53.79
CA GLU G 259 -16.70 60.04 -53.45
C GLU G 259 -15.62 58.98 -53.68
N LEU G 260 -15.90 57.75 -53.24
CA LEU G 260 -14.94 56.65 -53.39
C LEU G 260 -14.73 56.26 -54.86
N ALA G 261 -15.79 56.29 -55.65
CA ALA G 261 -15.68 56.09 -57.11
C ALA G 261 -14.86 57.21 -57.81
N ALA G 262 -14.95 58.43 -57.31
CA ALA G 262 -14.12 59.53 -57.81
C ALA G 262 -12.68 59.40 -57.32
N GLY G 263 -12.49 58.77 -56.17
CA GLY G 263 -11.16 58.42 -55.67
C GLY G 263 -10.37 57.42 -56.53
N VAL G 264 -11.02 56.37 -56.99
CA VAL G 264 -10.34 55.32 -57.74
C VAL G 264 -9.91 55.71 -59.15
N ARG G 265 -10.46 56.80 -59.69
CA ARG G 265 -10.08 57.28 -61.04
C ARG G 265 -8.85 58.21 -61.07
N LEU G 266 -8.16 58.36 -59.93
CA LEU G 266 -7.06 59.32 -59.81
C LEU G 266 -5.68 58.69 -60.01
N SER H 10 0.02 5.99 -35.44
CA SER H 10 -1.13 5.05 -35.73
C SER H 10 -2.47 5.73 -35.49
N HIS H 11 -2.60 6.42 -34.35
CA HIS H 11 -3.77 7.24 -34.04
C HIS H 11 -3.64 8.72 -34.42
N ASP H 12 -2.48 9.10 -34.91
CA ASP H 12 -2.21 10.48 -35.26
C ASP H 12 -2.87 10.89 -36.59
N PRO H 13 -3.01 12.20 -36.81
CA PRO H 13 -3.56 12.66 -38.06
C PRO H 13 -2.46 12.79 -39.10
N ASP H 14 -2.86 13.08 -40.33
CA ASP H 14 -1.90 13.39 -41.41
C ASP H 14 -1.29 14.78 -41.16
N SER H 15 -0.39 15.22 -42.04
CA SER H 15 0.40 16.46 -41.83
C SER H 15 -0.47 17.74 -41.85
N GLY H 16 -1.60 17.68 -42.56
CA GLY H 16 -2.61 18.72 -42.56
C GLY H 16 -3.54 18.72 -41.35
N GLY H 17 -3.43 17.71 -40.47
CA GLY H 17 -4.27 17.64 -39.27
C GLY H 17 -5.56 16.84 -39.39
N HIS H 18 -5.69 16.03 -40.43
CA HIS H 18 -6.91 15.27 -40.65
C HIS H 18 -6.85 13.87 -40.03
N PHE H 19 -7.90 13.51 -39.28
CA PHE H 19 -8.12 12.16 -38.76
C PHE H 19 -9.08 11.40 -39.67
N GLY H 20 -8.73 10.17 -40.03
CA GLY H 20 -9.65 9.25 -40.69
C GLY H 20 -9.73 9.38 -42.19
N GLY H 21 -8.71 9.95 -42.82
CA GLY H 21 -8.67 10.05 -44.28
C GLY H 21 -9.74 10.94 -44.87
N PRO H 22 -10.69 10.37 -45.66
CA PRO H 22 -11.59 11.21 -46.47
C PRO H 22 -12.77 11.87 -45.71
N SER H 23 -13.16 11.37 -44.52
CA SER H 23 -14.16 12.06 -43.67
C SER H 23 -13.62 13.43 -43.20
N GLY H 24 -12.30 13.48 -42.98
CA GLY H 24 -11.54 14.72 -42.84
C GLY H 24 -11.77 15.44 -41.53
N TRP H 25 -11.85 14.69 -40.43
CA TRP H 25 -12.03 15.31 -39.11
C TRP H 25 -10.79 16.14 -38.81
N GLY H 26 -10.99 17.37 -38.34
CA GLY H 26 -9.92 18.24 -37.88
C GLY H 26 -9.53 19.23 -38.95
N GLY H 27 -8.26 19.23 -39.35
CA GLY H 27 -7.76 20.13 -40.38
C GLY H 27 -7.49 21.49 -39.80
N ARG H 28 -7.48 22.50 -40.67
CA ARG H 28 -7.23 23.89 -40.29
C ARG H 28 -8.17 24.81 -41.05
N TYR H 29 -9.34 25.05 -40.47
CA TYR H 29 -10.37 25.91 -41.05
C TYR H 29 -10.20 27.28 -40.41
N VAL H 30 -9.10 27.92 -40.81
CA VAL H 30 -8.65 29.19 -40.26
C VAL H 30 -8.30 30.15 -41.39
N PRO H 31 -8.28 31.46 -41.09
CA PRO H 31 -7.80 32.42 -42.09
C PRO H 31 -6.29 32.32 -42.32
N GLU H 32 -5.88 32.67 -43.54
CA GLU H 32 -4.48 32.73 -43.93
C GLU H 32 -3.65 33.61 -43.00
N ALA H 33 -4.27 34.64 -42.42
CA ALA H 33 -3.60 35.52 -41.46
C ALA H 33 -3.00 34.79 -40.26
N LEU H 34 -3.58 33.67 -39.88
CA LEU H 34 -3.07 32.83 -38.80
C LEU H 34 -2.09 31.75 -39.21
N MET H 35 -1.95 31.48 -40.50
CA MET H 35 -1.17 30.31 -40.95
C MET H 35 0.36 30.40 -40.67
N ALA H 36 0.99 31.57 -40.78
CA ALA H 36 2.40 31.68 -40.42
C ALA H 36 2.67 31.19 -38.99
N VAL H 37 1.89 31.67 -38.04
CA VAL H 37 2.06 31.29 -36.64
C VAL H 37 1.62 29.86 -36.33
N ILE H 38 0.62 29.36 -37.04
CA ILE H 38 0.20 27.95 -36.86
C ILE H 38 1.26 26.97 -37.37
N GLU H 39 1.82 27.24 -38.54
CA GLU H 39 2.96 26.46 -39.04
C GLU H 39 4.17 26.55 -38.10
N GLU H 40 4.39 27.72 -37.52
CA GLU H 40 5.49 27.91 -36.59
C GLU H 40 5.35 27.08 -35.30
N VAL H 41 4.14 27.03 -34.73
CA VAL H 41 3.90 26.20 -33.55
C VAL H 41 4.00 24.73 -33.94
N THR H 42 3.49 24.37 -35.11
CA THR H 42 3.46 22.97 -35.54
C THR H 42 4.89 22.46 -35.72
N ALA H 43 5.73 23.23 -36.41
CA ALA H 43 7.16 22.87 -36.53
C ALA H 43 7.84 22.72 -35.18
N ALA H 44 7.57 23.64 -34.28
CA ALA H 44 8.20 23.63 -32.96
C ALA H 44 7.72 22.46 -32.14
N TYR H 45 6.44 22.11 -32.26
CA TYR H 45 5.91 20.97 -31.53
C TYR H 45 6.53 19.68 -32.08
N GLN H 46 6.66 19.57 -33.40
CA GLN H 46 7.30 18.40 -34.01
C GLN H 46 8.74 18.19 -33.53
N LYS H 47 9.48 19.28 -33.34
CA LYS H 47 10.87 19.20 -32.89
C LYS H 47 10.92 18.83 -31.40
N GLU H 48 10.16 19.54 -30.57
CA GLU H 48 10.19 19.33 -29.13
C GLU H 48 9.58 18.01 -28.63
N ARG H 49 8.52 17.51 -29.28
CA ARG H 49 7.87 16.23 -28.83
C ARG H 49 8.83 15.02 -28.81
N VAL H 50 9.90 15.06 -29.61
CA VAL H 50 10.93 13.99 -29.67
C VAL H 50 12.28 14.41 -29.08
N SER H 51 12.36 15.57 -28.43
CA SER H 51 13.58 16.04 -27.78
C SER H 51 13.56 15.61 -26.32
N GLN H 52 14.63 14.90 -25.89
CA GLN H 52 14.68 14.34 -24.55
C GLN H 52 14.72 15.43 -23.48
N ASP H 53 15.40 16.52 -23.73
CA ASP H 53 15.40 17.67 -22.80
C ASP H 53 14.01 18.23 -22.53
N PHE H 54 13.19 18.33 -23.57
CA PHE H 54 11.83 18.85 -23.43
C PHE H 54 11.02 17.92 -22.58
N LEU H 55 11.06 16.63 -22.89
CA LEU H 55 10.25 15.61 -22.18
C LEU H 55 10.68 15.45 -20.71
N ASP H 56 11.98 15.58 -20.46
CA ASP H 56 12.53 15.60 -19.10
C ASP H 56 12.05 16.84 -18.32
N ASP H 57 12.13 18.01 -18.92
CA ASP H 57 11.67 19.24 -18.28
C ASP H 57 10.19 19.11 -17.94
N LEU H 58 9.39 18.61 -18.86
CA LEU H 58 7.98 18.43 -18.62
C LEU H 58 7.70 17.38 -17.51
N ASP H 59 8.36 16.24 -17.55
CA ASP H 59 8.20 15.17 -16.55
C ASP H 59 8.62 15.69 -15.14
N ARG H 60 9.68 16.47 -15.07
CA ARG H 60 10.10 17.06 -13.82
C ARG H 60 9.04 18.01 -13.21
N LEU H 61 8.48 18.88 -14.05
CA LEU H 61 7.37 19.74 -13.64
C LEU H 61 6.13 18.97 -13.28
N GLN H 62 5.80 17.92 -14.02
CA GLN H 62 4.64 17.12 -13.69
C GLN H 62 4.79 16.48 -12.31
N ALA H 63 5.97 15.98 -11.98
CA ALA H 63 6.20 15.28 -10.72
C ALA H 63 6.26 16.28 -9.56
N ASN H 64 7.22 17.18 -9.62
CA ASN H 64 7.56 18.02 -8.50
C ASN H 64 6.64 19.23 -8.30
N TYR H 65 6.08 19.75 -9.40
CA TYR H 65 5.25 20.95 -9.35
C TYR H 65 3.75 20.64 -9.35
N ALA H 66 3.29 19.81 -10.28
CA ALA H 66 1.86 19.49 -10.39
C ALA H 66 1.36 18.32 -9.54
N GLY H 67 2.28 17.49 -9.05
CA GLY H 67 1.96 16.41 -8.13
C GLY H 67 1.55 15.10 -8.77
N ARG H 68 2.08 14.82 -9.97
CA ARG H 68 1.80 13.57 -10.70
C ARG H 68 2.70 12.44 -10.15
N PRO H 69 2.27 11.19 -10.27
CA PRO H 69 0.97 10.79 -10.77
C PRO H 69 -0.16 11.11 -9.78
N SER H 70 -1.34 11.35 -10.29
CA SER H 70 -2.53 11.41 -9.46
C SER H 70 -2.90 9.96 -9.10
N PRO H 71 -3.54 9.75 -7.96
CA PRO H 71 -3.85 8.40 -7.55
C PRO H 71 -5.12 7.88 -8.20
N LEU H 72 -5.27 6.56 -8.12
CA LEU H 72 -6.48 5.88 -8.56
C LEU H 72 -7.14 5.33 -7.31
N TYR H 73 -8.36 5.78 -7.01
CA TYR H 73 -9.06 5.47 -5.77
C TYR H 73 -10.32 4.63 -6.02
N GLU H 74 -10.38 3.45 -5.40
CA GLU H 74 -11.58 2.63 -5.48
C GLU H 74 -12.63 3.17 -4.50
N ALA H 75 -13.72 3.69 -5.05
CA ALA H 75 -14.77 4.34 -4.28
C ALA H 75 -15.82 3.28 -3.85
N THR H 76 -15.44 2.49 -2.85
CA THR H 76 -16.24 1.35 -2.42
C THR H 76 -17.62 1.74 -1.89
N ARG H 77 -17.77 2.94 -1.33
CA ARG H 77 -19.08 3.43 -0.86
C ARG H 77 -20.03 3.87 -1.95
N LEU H 78 -19.54 4.06 -3.18
CA LEU H 78 -20.43 4.27 -4.35
C LEU H 78 -21.00 2.99 -4.94
N SER H 79 -20.36 1.87 -4.64
CA SER H 79 -20.62 0.62 -5.30
C SER H 79 -22.07 0.21 -5.24
N GLN H 80 -22.69 0.36 -4.08
CA GLN H 80 -24.11 0.00 -3.87
C GLN H 80 -25.03 0.84 -4.75
N HIS H 81 -24.58 2.06 -5.10
CA HIS H 81 -25.31 2.96 -5.99
C HIS H 81 -24.97 2.76 -7.47
N ALA H 82 -24.09 1.81 -7.76
CA ALA H 82 -23.68 1.52 -9.10
C ALA H 82 -23.82 0.06 -9.43
N GLY H 83 -24.89 -0.58 -8.94
CA GLY H 83 -25.14 -2.01 -9.22
C GLY H 83 -24.10 -2.98 -8.63
N SER H 84 -23.38 -2.53 -7.60
CA SER H 84 -22.26 -3.26 -7.04
C SER H 84 -21.09 -3.44 -8.00
N ALA H 85 -21.01 -2.61 -9.04
CA ALA H 85 -19.79 -2.50 -9.83
C ALA H 85 -18.72 -1.82 -8.97
N ARG H 86 -17.49 -1.80 -9.47
CA ARG H 86 -16.38 -1.23 -8.74
C ARG H 86 -15.93 0.01 -9.51
N ILE H 87 -16.18 1.19 -8.95
CA ILE H 87 -15.88 2.45 -9.56
C ILE H 87 -14.52 2.88 -9.03
N PHE H 88 -13.56 3.09 -9.92
CA PHE H 88 -12.25 3.61 -9.54
C PHE H 88 -12.17 5.03 -10.08
N LEU H 89 -11.84 5.99 -9.20
CA LEU H 89 -11.80 7.38 -9.59
C LEU H 89 -10.37 7.78 -9.83
N LYS H 90 -10.08 8.25 -11.02
CA LYS H 90 -8.75 8.73 -11.36
C LYS H 90 -8.71 10.20 -10.95
N ARG H 91 -7.81 10.51 -10.02
CA ARG H 91 -7.98 11.68 -9.16
C ARG H 91 -7.27 12.94 -9.67
N GLU H 92 -7.67 13.39 -10.85
CA GLU H 92 -7.12 14.63 -11.43
C GLU H 92 -7.52 15.86 -10.59
N ASP H 93 -8.58 15.73 -9.78
CA ASP H 93 -8.97 16.74 -8.80
C ASP H 93 -7.84 17.15 -7.82
N LEU H 94 -6.89 16.25 -7.59
CA LEU H 94 -5.76 16.49 -6.73
C LEU H 94 -4.55 17.18 -7.37
N ASN H 95 -4.56 17.41 -8.68
CA ASN H 95 -3.45 18.12 -9.30
C ASN H 95 -3.39 19.57 -8.78
N HIS H 96 -2.19 20.14 -8.83
CA HIS H 96 -2.02 21.57 -8.69
C HIS H 96 -2.99 22.34 -9.59
N THR H 97 -3.74 23.27 -8.99
CA THR H 97 -4.81 24.07 -9.60
C THR H 97 -6.17 23.38 -9.65
N GLY H 98 -6.22 22.08 -9.36
CA GLY H 98 -7.50 21.40 -9.12
C GLY H 98 -8.15 20.68 -10.30
N SER H 99 -7.44 20.56 -11.41
CA SER H 99 -7.96 19.83 -12.57
C SER H 99 -6.84 19.32 -13.49
N HIS H 100 -7.29 18.59 -14.50
CA HIS H 100 -6.45 18.15 -15.60
C HIS H 100 -5.85 19.24 -16.46
N1 LLP H 101 -13.81 18.94 -16.31
C2 LLP H 101 -13.25 19.96 -15.67
C2' LLP H 101 -12.94 19.90 -14.15
C3 LLP H 101 -12.92 21.14 -16.36
O3 LLP H 101 -12.32 22.21 -15.70
C4 LLP H 101 -13.17 21.26 -17.71
C4' LLP H 101 -12.68 22.65 -18.38
C5 LLP H 101 -13.72 20.20 -18.39
C6 LLP H 101 -14.07 19.05 -17.68
C5' LLP H 101 -14.07 20.28 -19.92
OP4 LLP H 101 -12.95 20.33 -20.75
P LLP H 101 -12.42 19.10 -21.54
OP1 LLP H 101 -13.62 18.35 -22.22
OP2 LLP H 101 -11.45 19.63 -22.53
OP3 LLP H 101 -11.72 18.18 -20.60
N LLP H 101 -6.38 20.47 -16.40
CA LLP H 101 -5.91 21.54 -17.29
CB LLP H 101 -6.83 22.75 -17.28
CG LLP H 101 -8.23 22.44 -17.88
CD LLP H 101 -9.04 23.74 -18.02
CE LLP H 101 -10.45 23.62 -18.72
NZ LLP H 101 -11.30 22.68 -18.00
C LLP H 101 -4.48 21.89 -17.05
O LLP H 101 -3.80 22.39 -17.96
N ILE H 102 -3.98 21.64 -15.84
CA ILE H 102 -2.57 21.88 -15.56
C ILE H 102 -1.64 21.09 -16.47
N ASN H 103 -2.05 19.90 -16.86
CA ASN H 103 -1.24 19.08 -17.74
C ASN H 103 -0.98 19.76 -19.11
N ASN H 104 -2.04 20.34 -19.66
CA ASN H 104 -2.00 20.99 -20.95
C ASN H 104 -1.15 22.26 -20.91
N VAL H 105 -1.42 23.11 -19.93
CA VAL H 105 -0.74 24.40 -19.84
C VAL H 105 0.75 24.29 -19.51
N LEU H 106 1.17 23.26 -18.77
CA LEU H 106 2.60 23.11 -18.51
C LEU H 106 3.37 22.81 -19.78
N GLY H 107 2.80 21.94 -20.61
CA GLY H 107 3.38 21.57 -21.88
C GLY H 107 3.43 22.71 -22.87
N GLN H 108 2.29 23.38 -23.08
CA GLN H 108 2.22 24.53 -23.99
C GLN H 108 3.09 25.69 -23.53
N ALA H 109 3.08 25.97 -22.23
CA ALA H 109 3.96 26.99 -21.69
C ALA H 109 5.44 26.69 -21.88
N LEU H 110 5.85 25.43 -21.67
CA LEU H 110 7.27 25.08 -21.93
C LEU H 110 7.61 25.27 -23.40
N LEU H 111 6.71 24.86 -24.28
CA LEU H 111 6.86 25.04 -25.72
C LEU H 111 7.00 26.51 -26.07
N ALA H 112 6.14 27.34 -25.49
CA ALA H 112 6.21 28.77 -25.76
C ALA H 112 7.61 29.35 -25.44
N ARG H 113 8.19 28.90 -24.32
CA ARG H 113 9.52 29.35 -23.92
C ARG H 113 10.61 28.79 -24.85
N ARG H 114 10.51 27.52 -25.26
CA ARG H 114 11.43 26.98 -26.28
C ARG H 114 11.34 27.74 -27.60
N MET H 115 10.14 28.21 -27.97
CA MET H 115 9.96 28.97 -29.21
C MET H 115 10.48 30.39 -29.17
N GLY H 116 10.78 30.89 -27.98
CA GLY H 116 11.26 32.26 -27.82
C GLY H 116 10.16 33.28 -27.65
N LYS H 117 8.91 32.82 -27.53
CA LYS H 117 7.78 33.72 -27.29
C LYS H 117 7.84 34.21 -25.85
N THR H 118 7.50 35.47 -25.65
CA THR H 118 7.56 36.08 -24.31
C THR H 118 6.18 36.37 -23.72
N ARG H 119 5.13 36.08 -24.47
CA ARG H 119 3.79 36.47 -24.12
C ARG H 119 2.90 35.31 -24.45
N VAL H 120 1.97 35.00 -23.57
CA VAL H 120 1.03 33.94 -23.77
C VAL H 120 -0.36 34.50 -23.56
N ILE H 121 -1.24 34.18 -24.49
CA ILE H 121 -2.66 34.50 -24.37
C ILE H 121 -3.48 33.24 -24.29
N ALA H 122 -4.65 33.35 -23.73
CA ALA H 122 -5.60 32.26 -23.66
C ALA H 122 -6.98 32.82 -23.34
N GLU H 123 -7.99 32.02 -23.62
CA GLU H 123 -9.40 32.33 -23.47
C GLU H 123 -9.82 31.62 -22.20
N THR H 124 -10.91 32.04 -21.57
CA THR H 124 -11.50 31.25 -20.48
C THR H 124 -12.99 31.58 -20.32
N GLY H 125 -13.73 30.60 -19.82
CA GLY H 125 -15.18 30.71 -19.63
C GLY H 125 -15.48 31.19 -18.24
N ALA H 126 -15.58 30.28 -17.28
CA ALA H 126 -15.81 30.66 -15.89
C ALA H 126 -14.49 30.96 -15.16
N GLY H 127 -13.37 30.60 -15.79
CA GLY H 127 -12.03 30.98 -15.34
C GLY H 127 -10.99 29.86 -15.15
N GLN H 128 -11.37 28.60 -15.34
CA GLN H 128 -10.47 27.49 -15.00
C GLN H 128 -9.21 27.44 -15.88
N HIS H 129 -9.40 27.46 -17.19
CA HIS H 129 -8.29 27.47 -18.13
C HIS H 129 -7.42 28.74 -17.99
N GLY H 130 -8.05 29.87 -17.70
CA GLY H 130 -7.34 31.11 -17.49
C GLY H 130 -6.46 31.06 -16.26
N VAL H 131 -6.96 30.44 -15.20
CA VAL H 131 -6.20 30.30 -13.97
C VAL H 131 -5.02 29.34 -14.17
N ALA H 132 -5.28 28.23 -14.85
CA ALA H 132 -4.24 27.29 -15.19
C ALA H 132 -3.18 27.95 -16.06
N THR H 133 -3.59 28.70 -17.06
CA THR H 133 -2.64 29.34 -17.97
C THR H 133 -1.83 30.39 -17.21
N ALA H 134 -2.49 31.19 -16.38
CA ALA H 134 -1.77 32.16 -15.56
C ALA H 134 -0.74 31.51 -14.62
N THR H 135 -1.11 30.37 -14.07
CA THR H 135 -0.24 29.56 -13.22
C THR H 135 1.07 29.16 -13.93
N ALA H 136 0.93 28.50 -15.10
CA ALA H 136 2.08 28.07 -15.89
C ALA H 136 2.95 29.25 -16.31
N CYS H 137 2.34 30.39 -16.63
CA CYS H 137 3.09 31.55 -17.09
C CYS H 137 3.90 32.22 -15.97
N ALA H 138 3.31 32.32 -14.80
CA ALA H 138 4.02 32.77 -13.62
C ALA H 138 5.21 31.85 -13.33
N LEU H 139 5.00 30.53 -13.33
CA LEU H 139 6.06 29.55 -13.13
C LEU H 139 7.24 29.80 -14.06
N LEU H 140 6.92 29.99 -15.32
CA LEU H 140 7.97 30.08 -16.33
C LEU H 140 8.41 31.48 -16.68
N GLY H 141 7.88 32.51 -16.01
CA GLY H 141 8.26 33.91 -16.33
C GLY H 141 7.74 34.47 -17.66
N LEU H 142 6.65 33.92 -18.18
CA LEU H 142 6.00 34.40 -19.41
C LEU H 142 4.95 35.46 -19.04
N ASP H 143 4.88 36.53 -19.82
CA ASP H 143 3.81 37.51 -19.69
C ASP H 143 2.52 36.83 -20.11
N CYS H 144 1.42 37.11 -19.39
CA CYS H 144 0.13 36.42 -19.60
C CYS H 144 -1.01 37.40 -19.71
N VAL H 145 -1.85 37.25 -20.73
CA VAL H 145 -3.09 38.00 -20.89
C VAL H 145 -4.22 36.98 -21.10
N ILE H 146 -5.22 36.97 -20.22
CA ILE H 146 -6.38 36.09 -20.39
C ILE H 146 -7.58 36.89 -20.93
N TYR H 147 -8.27 36.33 -21.92
CA TYR H 147 -9.49 36.89 -22.50
C TYR H 147 -10.68 36.16 -21.91
N MET H 148 -11.63 36.93 -21.38
CA MET H 148 -12.80 36.39 -20.71
C MET H 148 -14.00 37.25 -21.04
N GLY H 149 -15.11 36.60 -21.39
CA GLY H 149 -16.32 37.32 -21.78
C GLY H 149 -16.82 38.13 -20.62
N GLY H 150 -17.38 39.30 -20.91
CA GLY H 150 -17.80 40.22 -19.86
C GLY H 150 -18.92 39.75 -18.94
N ILE H 151 -19.77 38.87 -19.44
CA ILE H 151 -20.80 38.23 -18.61
C ILE H 151 -20.12 37.35 -17.55
N ASP H 152 -19.06 36.67 -17.97
CA ASP H 152 -18.29 35.84 -17.07
C ASP H 152 -17.46 36.63 -16.06
N THR H 153 -16.75 37.70 -16.48
CA THR H 153 -15.88 38.46 -15.53
C THR H 153 -16.71 39.10 -14.44
N ALA H 154 -17.83 39.71 -14.81
CA ALA H 154 -18.78 40.28 -13.84
C ALA H 154 -19.33 39.31 -12.77
N ARG H 155 -19.36 38.00 -13.03
CA ARG H 155 -19.77 37.03 -11.99
C ARG H 155 -18.71 36.03 -11.53
N GLN H 156 -17.46 36.22 -11.95
CA GLN H 156 -16.33 35.39 -11.49
C GLN H 156 -15.21 36.27 -10.91
N ALA H 157 -15.59 37.22 -10.06
CA ALA H 157 -14.66 38.25 -9.60
C ALA H 157 -13.42 37.65 -8.90
N LEU H 158 -13.62 36.55 -8.18
CA LEU H 158 -12.53 35.90 -7.46
C LEU H 158 -11.57 35.19 -8.37
N ASN H 159 -12.07 34.61 -9.47
CA ASN H 159 -11.17 34.00 -10.46
C ASN H 159 -10.37 35.05 -11.24
N VAL H 160 -10.97 36.21 -11.50
CA VAL H 160 -10.22 37.31 -12.06
C VAL H 160 -9.06 37.73 -11.10
N ALA H 161 -9.39 37.76 -9.81
CA ALA H 161 -8.45 38.14 -8.78
C ALA H 161 -7.32 37.11 -8.69
N ARG H 162 -7.63 35.83 -8.78
CA ARG H 162 -6.59 34.81 -8.84
C ARG H 162 -5.61 35.09 -9.97
N MET H 163 -6.18 35.33 -11.17
CA MET H 163 -5.38 35.54 -12.36
C MET H 163 -4.46 36.75 -12.16
N ARG H 164 -4.99 37.81 -11.57
CA ARG H 164 -4.24 39.03 -11.33
C ARG H 164 -3.15 38.81 -10.27
N LEU H 165 -3.46 38.05 -9.22
CA LEU H 165 -2.52 37.67 -8.17
C LEU H 165 -1.36 36.89 -8.76
N LEU H 166 -1.66 36.04 -9.74
CA LEU H 166 -0.65 35.30 -10.51
C LEU H 166 0.14 36.17 -11.49
N GLY H 167 -0.15 37.47 -11.55
CA GLY H 167 0.54 38.36 -12.47
C GLY H 167 -0.02 38.45 -13.90
N ALA H 168 -1.12 37.75 -14.20
CA ALA H 168 -1.76 37.86 -15.53
C ALA H 168 -2.56 39.12 -15.65
N GLU H 169 -2.65 39.69 -16.86
CA GLU H 169 -3.71 40.68 -17.16
C GLU H 169 -4.97 39.89 -17.55
N VAL H 170 -6.14 40.49 -17.29
CA VAL H 170 -7.43 39.89 -17.68
C VAL H 170 -8.19 40.93 -18.48
N VAL H 171 -8.63 40.57 -19.69
CA VAL H 171 -9.39 41.44 -20.57
C VAL H 171 -10.83 40.96 -20.59
N ALA H 172 -11.74 41.81 -20.11
CA ALA H 172 -13.17 41.54 -20.23
C ALA H 172 -13.60 41.87 -21.66
N VAL H 173 -14.11 40.88 -22.37
CA VAL H 173 -14.52 41.02 -23.77
C VAL H 173 -16.01 41.36 -23.89
N GLN H 174 -16.34 42.54 -24.45
CA GLN H 174 -17.76 42.93 -24.74
C GLN H 174 -18.27 42.73 -26.24
N THR H 175 -17.59 41.90 -27.04
CA THR H 175 -17.98 41.60 -28.45
C THR H 175 -18.80 40.27 -28.62
N GLY H 176 -19.85 40.34 -29.44
CA GLY H 176 -20.78 39.21 -29.63
C GLY H 176 -21.62 38.90 -28.39
N SER H 177 -21.70 37.61 -28.06
CA SER H 177 -22.47 37.16 -26.89
C SER H 177 -21.87 37.68 -25.59
N LYS H 178 -20.54 37.89 -25.58
CA LYS H 178 -19.77 38.33 -24.40
C LYS H 178 -19.52 37.14 -23.48
N THR H 179 -19.28 35.97 -24.08
CA THR H 179 -19.08 34.71 -23.36
C THR H 179 -17.89 33.98 -23.99
N LEU H 180 -17.73 32.70 -23.65
CA LEU H 180 -16.56 31.92 -24.03
C LEU H 180 -16.16 32.06 -25.51
N LYS H 181 -17.08 31.72 -26.41
CA LYS H 181 -16.78 31.67 -27.86
C LYS H 181 -16.25 33.00 -28.44
N ASP H 182 -16.61 34.12 -27.80
CA ASP H 182 -16.20 35.46 -28.24
C ASP H 182 -14.92 35.98 -27.58
N ALA H 183 -14.60 35.43 -26.40
CA ALA H 183 -13.26 35.56 -25.82
C ALA H 183 -12.28 34.86 -26.74
N ILE H 184 -12.61 33.63 -27.15
CA ILE H 184 -11.88 32.85 -28.17
C ILE H 184 -11.64 33.66 -29.44
N ASN H 185 -12.71 34.27 -29.94
CA ASN H 185 -12.63 35.10 -31.15
C ASN H 185 -11.64 36.26 -30.97
N GLU H 186 -11.75 37.03 -29.88
CA GLU H 186 -10.75 38.09 -29.57
C GLU H 186 -9.31 37.58 -29.40
N ALA H 187 -9.14 36.39 -28.82
CA ALA H 187 -7.81 35.82 -28.64
C ALA H 187 -7.18 35.46 -29.98
N PHE H 188 -7.97 34.98 -30.92
CA PHE H 188 -7.46 34.76 -32.30
C PHE H 188 -7.04 36.09 -32.95
N ARG H 189 -7.85 37.15 -32.78
CA ARG H 189 -7.47 38.48 -33.29
C ARG H 189 -6.14 39.01 -32.64
N ASP H 190 -5.97 38.86 -31.33
CA ASP H 190 -4.73 39.24 -30.64
C ASP H 190 -3.53 38.46 -31.22
N TRP H 191 -3.70 37.16 -31.44
CA TRP H 191 -2.61 36.31 -31.95
C TRP H 191 -2.09 36.72 -33.33
N VAL H 192 -3.01 37.13 -34.19
CA VAL H 192 -2.70 37.67 -35.50
C VAL H 192 -1.77 38.89 -35.34
N ALA H 193 -2.26 39.91 -34.64
CA ALA H 193 -1.48 41.13 -34.44
C ALA H 193 -0.16 40.89 -33.72
N ASN H 194 -0.11 39.93 -32.78
CA ASN H 194 1.05 39.78 -31.89
C ASN H 194 1.86 38.50 -32.09
N ALA H 195 1.64 37.81 -33.21
CA ALA H 195 2.31 36.52 -33.49
C ALA H 195 3.84 36.50 -33.39
N ASP H 196 4.52 37.59 -33.68
CA ASP H 196 5.97 37.67 -33.50
C ASP H 196 6.43 37.26 -32.12
N ASN H 197 5.72 37.72 -31.09
CA ASN H 197 6.13 37.49 -29.69
C ASN H 197 5.13 36.69 -28.78
N THR H 198 3.97 36.32 -29.32
CA THR H 198 2.89 35.74 -28.56
C THR H 198 2.56 34.30 -28.97
N TYR H 199 2.31 33.47 -27.95
CA TYR H 199 1.89 32.07 -28.06
C TYR H 199 0.45 32.00 -27.59
N TYR H 200 -0.40 31.27 -28.30
CA TYR H 200 -1.81 31.08 -27.91
C TYR H 200 -2.00 29.70 -27.27
N CYS H 201 -2.24 29.69 -25.97
CA CYS H 201 -2.44 28.46 -25.23
C CYS H 201 -3.90 28.03 -25.33
N PHE H 202 -4.20 27.18 -26.30
CA PHE H 202 -5.57 26.69 -26.54
C PHE H 202 -6.00 25.74 -25.43
N GLY H 203 -7.24 25.86 -24.98
CA GLY H 203 -7.68 25.22 -23.76
C GLY H 203 -8.34 23.86 -23.80
N THR H 204 -8.55 23.31 -25.00
CA THR H 204 -9.05 21.95 -25.14
C THR H 204 -8.47 21.26 -26.40
N ALA H 205 -8.87 20.01 -26.61
CA ALA H 205 -8.41 19.20 -27.73
C ALA H 205 -9.22 19.45 -29.00
N ALA H 206 -9.31 20.72 -29.36
CA ALA H 206 -10.05 21.19 -30.54
C ALA H 206 -9.22 22.28 -31.18
N GLY H 207 -9.80 22.99 -32.13
CA GLY H 207 -9.08 24.06 -32.84
C GLY H 207 -8.34 23.51 -34.04
N PRO H 208 -7.66 24.37 -34.79
CA PRO H 208 -6.88 23.88 -35.93
C PRO H 208 -5.67 23.03 -35.48
N HIS H 209 -5.26 22.09 -36.32
CA HIS H 209 -3.98 21.39 -36.14
C HIS H 209 -2.89 22.44 -35.95
N PRO H 210 -2.03 22.34 -34.94
CA PRO H 210 -1.72 21.11 -34.18
C PRO H 210 -2.43 20.86 -32.86
N PHE H 211 -3.33 21.74 -32.44
CA PHE H 211 -3.84 21.71 -31.07
C PHE H 211 -4.57 20.44 -30.63
N PRO H 212 -5.45 19.88 -31.48
CA PRO H 212 -6.09 18.64 -30.99
C PRO H 212 -5.06 17.56 -30.60
N THR H 213 -4.05 17.38 -31.44
CA THR H 213 -3.02 16.38 -31.22
C THR H 213 -2.11 16.76 -30.05
N MET H 214 -1.69 18.01 -30.01
CA MET H 214 -0.79 18.48 -28.95
C MET H 214 -1.44 18.43 -27.58
N VAL H 215 -2.67 18.94 -27.50
CA VAL H 215 -3.38 18.94 -26.23
C VAL H 215 -3.58 17.49 -25.76
N ARG H 216 -3.98 16.63 -26.69
CA ARG H 216 -4.12 15.21 -26.37
C ARG H 216 -2.79 14.60 -25.85
N ASP H 217 -1.69 14.81 -26.55
CA ASP H 217 -0.36 14.31 -26.14
C ASP H 217 0.03 14.74 -24.73
N PHE H 218 -0.26 15.98 -24.38
CA PHE H 218 -0.05 16.45 -23.02
C PHE H 218 -1.03 15.89 -22.00
N GLN H 219 -2.19 15.43 -22.42
CA GLN H 219 -3.13 14.83 -21.51
C GLN H 219 -3.02 13.30 -21.47
N ARG H 220 -2.28 12.70 -22.40
CA ARG H 220 -2.10 11.22 -22.46
C ARG H 220 -1.61 10.58 -21.17
N ILE H 221 -0.82 11.33 -20.41
CA ILE H 221 -0.25 10.87 -19.14
C ILE H 221 -1.35 10.35 -18.19
N ILE H 222 -2.54 10.95 -18.25
CA ILE H 222 -3.64 10.52 -17.41
C ILE H 222 -3.92 9.03 -17.66
N GLY H 223 -4.13 8.69 -18.92
CA GLY H 223 -4.49 7.33 -19.32
C GLY H 223 -3.35 6.36 -19.14
N MET H 224 -2.14 6.81 -19.44
CA MET H 224 -0.95 5.98 -19.22
C MET H 224 -0.79 5.59 -17.73
N GLU H 225 -0.93 6.54 -16.83
CA GLU H 225 -0.95 6.21 -15.40
C GLU H 225 -2.11 5.28 -15.04
N ALA H 226 -3.31 5.62 -15.50
CA ALA H 226 -4.52 4.88 -15.14
C ALA H 226 -4.44 3.40 -15.52
N ARG H 227 -3.87 3.13 -16.70
CA ARG H 227 -3.71 1.78 -17.20
C ARG H 227 -2.80 0.94 -16.34
N VAL H 228 -1.67 1.54 -15.95
CA VAL H 228 -0.74 0.91 -15.02
C VAL H 228 -1.41 0.67 -13.64
N GLN H 229 -2.04 1.70 -13.10
CA GLN H 229 -2.60 1.70 -11.73
C GLN H 229 -3.75 0.71 -11.57
N ILE H 230 -4.65 0.61 -12.57
CA ILE H 230 -5.77 -0.31 -12.52
C ILE H 230 -5.30 -1.75 -12.60
N GLN H 231 -4.25 -2.01 -13.37
CA GLN H 231 -3.67 -3.37 -13.45
C GLN H 231 -3.03 -3.74 -12.13
N GLY H 232 -2.39 -2.75 -11.50
CA GLY H 232 -1.81 -2.94 -10.18
C GLY H 232 -2.81 -3.22 -9.08
N GLN H 233 -3.85 -2.43 -9.00
CA GLN H 233 -4.80 -2.53 -7.90
C GLN H 233 -5.83 -3.59 -8.12
N ALA H 234 -6.34 -3.71 -9.34
CA ALA H 234 -7.41 -4.63 -9.63
C ALA H 234 -6.96 -5.94 -10.24
N GLY H 235 -5.74 -6.01 -10.75
CA GLY H 235 -5.22 -7.25 -11.33
C GLY H 235 -5.53 -7.45 -12.82
N ARG H 236 -6.12 -6.45 -13.47
CA ARG H 236 -6.59 -6.59 -14.86
C ARG H 236 -7.00 -5.24 -15.44
N LEU H 237 -7.11 -5.20 -16.77
CA LEU H 237 -7.65 -4.02 -17.45
C LEU H 237 -9.11 -3.84 -17.06
N PRO H 238 -9.60 -2.61 -17.10
CA PRO H 238 -10.95 -2.37 -16.66
C PRO H 238 -11.95 -2.81 -17.71
N ASP H 239 -13.21 -2.95 -17.31
CA ASP H 239 -14.30 -3.20 -18.24
C ASP H 239 -14.68 -1.93 -19.00
N ALA H 240 -14.56 -0.77 -18.38
CA ALA H 240 -14.88 0.49 -19.04
C ALA H 240 -14.03 1.62 -18.48
N VAL H 241 -13.67 2.57 -19.33
CA VAL H 241 -13.07 3.82 -18.90
C VAL H 241 -13.98 4.94 -19.38
N VAL H 242 -14.33 5.87 -18.51
CA VAL H 242 -15.25 6.93 -18.84
C VAL H 242 -14.81 8.30 -18.38
N ALA H 243 -15.38 9.31 -19.01
CA ALA H 243 -15.00 10.69 -18.78
C ALA H 243 -16.06 11.64 -19.31
N CYS H 244 -16.14 12.84 -18.74
CA CYS H 244 -17.04 13.87 -19.24
C CYS H 244 -16.36 14.48 -20.47
N VAL H 245 -17.17 15.05 -21.35
CA VAL H 245 -16.69 15.57 -22.63
C VAL H 245 -17.22 16.97 -22.86
N GLY H 246 -16.35 17.98 -22.73
CA GLY H 246 -16.64 19.33 -23.22
C GLY H 246 -16.02 19.47 -24.60
N GLY H 247 -14.88 20.13 -24.69
CA GLY H 247 -14.08 20.13 -25.91
C GLY H 247 -13.38 18.80 -26.16
N GLY H 248 -13.07 18.07 -25.07
CA GLY H 248 -12.59 16.70 -25.15
C GLY H 248 -11.21 16.40 -24.55
N SER H 249 -10.54 17.37 -23.92
CA SER H 249 -9.17 17.16 -23.44
C SER H 249 -9.05 16.08 -22.33
N ASN H 250 -9.90 16.12 -21.30
CA ASN H 250 -9.74 15.17 -20.19
C ASN H 250 -10.09 13.76 -20.65
N ALA H 251 -11.14 13.64 -21.49
CA ALA H 251 -11.58 12.35 -22.00
C ALA H 251 -10.56 11.70 -22.93
N ILE H 252 -10.04 12.47 -23.89
CA ILE H 252 -9.03 11.92 -24.80
C ILE H 252 -7.78 11.56 -24.00
N GLY H 253 -7.43 12.33 -22.97
CA GLY H 253 -6.27 11.99 -22.15
C GLY H 253 -6.35 10.63 -21.45
N ILE H 254 -7.51 10.33 -20.88
CA ILE H 254 -7.68 9.06 -20.20
C ILE H 254 -7.94 7.92 -21.19
N PHE H 255 -8.60 8.19 -22.31
CA PHE H 255 -8.93 7.10 -23.26
C PHE H 255 -7.73 6.59 -24.03
N HIS H 256 -6.75 7.46 -24.31
CA HIS H 256 -5.79 7.18 -25.36
C HIS H 256 -4.99 5.90 -25.13
N ALA H 257 -4.51 5.73 -23.90
CA ALA H 257 -3.73 4.54 -23.55
C ALA H 257 -4.48 3.22 -23.69
N PHE H 258 -5.81 3.27 -23.70
CA PHE H 258 -6.68 2.09 -23.85
C PHE H 258 -7.23 1.84 -25.25
N LEU H 259 -6.91 2.68 -26.24
CA LEU H 259 -7.54 2.54 -27.57
C LEU H 259 -7.33 1.19 -28.18
N ASP H 260 -6.16 0.59 -27.93
CA ASP H 260 -5.83 -0.70 -28.53
C ASP H 260 -6.08 -1.90 -27.61
N ASP H 261 -6.82 -1.71 -26.52
CA ASP H 261 -7.30 -2.79 -25.66
C ASP H 261 -8.76 -3.08 -26.03
N PRO H 262 -9.00 -4.12 -26.85
CA PRO H 262 -10.34 -4.30 -27.47
C PRO H 262 -11.49 -4.67 -26.48
N GLY H 263 -11.19 -5.26 -25.33
CA GLY H 263 -12.22 -5.48 -24.29
C GLY H 263 -12.53 -4.27 -23.39
N VAL H 264 -11.85 -3.15 -23.55
CA VAL H 264 -12.12 -1.96 -22.73
C VAL H 264 -13.14 -1.04 -23.43
N ARG H 265 -14.34 -0.96 -22.86
CA ARG H 265 -15.37 -0.03 -23.32
C ARG H 265 -14.96 1.39 -22.95
N LEU H 266 -15.12 2.31 -23.89
CA LEU H 266 -14.83 3.71 -23.69
C LEU H 266 -16.12 4.50 -23.88
N VAL H 267 -16.51 5.26 -22.85
CA VAL H 267 -17.70 6.07 -22.91
C VAL H 267 -17.42 7.49 -22.46
N GLY H 268 -17.77 8.45 -23.31
CA GLY H 268 -17.72 9.89 -22.99
C GLY H 268 -19.13 10.37 -22.66
N PHE H 269 -19.27 11.14 -21.58
CA PHE H 269 -20.56 11.67 -21.17
C PHE H 269 -20.58 13.15 -21.38
N GLU H 270 -21.61 13.62 -22.06
CA GLU H 270 -21.71 15.05 -22.40
C GLU H 270 -22.95 15.60 -21.72
N ALA H 271 -23.00 16.93 -21.65
CA ALA H 271 -23.98 17.62 -20.85
C ALA H 271 -25.33 17.74 -21.58
N ALA H 272 -26.40 17.24 -20.97
CA ALA H 272 -27.72 17.30 -21.56
C ALA H 272 -28.57 18.41 -20.99
N GLY H 273 -28.00 19.26 -20.11
CA GLY H 273 -28.74 20.35 -19.50
C GLY H 273 -30.09 19.94 -18.90
N ASP H 274 -31.16 20.65 -19.30
CA ASP H 274 -32.52 20.28 -18.90
C ASP H 274 -33.00 18.99 -19.58
N GLY H 275 -32.27 18.51 -20.57
CA GLY H 275 -32.67 17.35 -21.36
C GLY H 275 -32.48 17.66 -22.84
N VAL H 276 -32.10 16.65 -23.60
CA VAL H 276 -31.86 16.80 -25.02
C VAL H 276 -33.12 17.23 -25.78
N GLU H 277 -34.29 16.73 -25.43
CA GLU H 277 -35.52 17.12 -26.17
C GLU H 277 -36.04 18.54 -25.86
N THR H 278 -35.41 19.24 -24.91
CA THR H 278 -35.85 20.56 -24.45
C THR H 278 -35.24 21.74 -25.19
N GLY H 279 -34.14 21.50 -25.90
CA GLY H 279 -33.35 22.56 -26.55
C GLY H 279 -32.34 23.29 -25.66
N ARG H 280 -32.25 22.91 -24.37
CA ARG H 280 -31.37 23.58 -23.42
C ARG H 280 -30.37 22.55 -22.92
N HIS H 281 -29.32 22.35 -23.73
CA HIS H 281 -28.33 21.30 -23.56
C HIS H 281 -27.01 21.72 -24.19
N ALA H 282 -25.99 20.87 -24.07
CA ALA H 282 -24.69 21.03 -24.73
C ALA H 282 -24.22 19.67 -25.27
N ALA H 283 -25.20 18.89 -25.70
CA ALA H 283 -25.04 17.52 -26.18
C ALA H 283 -24.63 17.51 -27.63
N THR H 284 -23.35 17.81 -27.85
CA THR H 284 -22.78 17.96 -29.17
C THR H 284 -22.92 16.73 -30.07
N PHE H 285 -22.53 15.55 -29.60
CA PHE H 285 -22.71 14.32 -30.41
C PHE H 285 -24.15 13.84 -30.45
N THR H 286 -24.86 13.95 -29.34
CA THR H 286 -26.21 13.43 -29.29
C THR H 286 -27.14 14.24 -30.21
N ALA H 287 -26.98 15.57 -30.26
CA ALA H 287 -27.90 16.44 -31.04
C ALA H 287 -27.28 17.40 -32.07
N GLY H 288 -25.96 17.46 -32.13
CA GLY H 288 -25.28 18.26 -33.13
C GLY H 288 -25.06 17.49 -34.42
N SER H 289 -24.30 18.13 -35.31
CA SER H 289 -23.98 17.55 -36.61
C SER H 289 -22.61 18.10 -37.10
N PRO H 290 -22.03 17.48 -38.13
CA PRO H 290 -20.70 17.87 -38.59
C PRO H 290 -20.61 19.31 -39.15
N GLY H 291 -19.55 20.02 -38.76
CA GLY H 291 -19.29 21.36 -39.25
C GLY H 291 -17.93 21.89 -38.82
N ALA H 292 -17.57 23.00 -39.43
CA ALA H 292 -16.32 23.67 -39.17
C ALA H 292 -16.58 24.69 -38.06
N PHE H 293 -15.77 24.65 -37.02
CA PHE H 293 -15.89 25.57 -35.92
C PHE H 293 -14.54 25.75 -35.21
N HIS H 294 -14.11 27.00 -35.10
CA HIS H 294 -12.81 27.39 -34.52
C HIS H 294 -11.61 26.65 -35.07
N GLY H 295 -11.61 26.38 -36.37
CA GLY H 295 -10.46 25.76 -37.01
C GLY H 295 -10.54 24.27 -37.25
N SER H 296 -11.61 23.62 -36.81
CA SER H 296 -11.71 22.15 -36.83
C SER H 296 -13.03 21.67 -37.44
N PHE H 297 -12.96 20.71 -38.35
CA PHE H 297 -14.16 20.02 -38.80
C PHE H 297 -14.45 18.92 -37.80
N SER H 298 -15.53 19.09 -37.04
CA SER H 298 -15.98 18.12 -36.05
C SER H 298 -17.50 18.21 -35.90
N TYR H 299 -18.06 17.61 -34.86
CA TYR H 299 -19.47 17.83 -34.54
C TYR H 299 -19.68 19.17 -33.85
N LEU H 300 -20.83 19.77 -34.11
CA LEU H 300 -21.14 21.11 -33.70
C LEU H 300 -22.64 21.27 -33.44
N LEU H 301 -22.96 22.00 -32.38
CA LEU H 301 -24.34 22.49 -32.17
C LEU H 301 -24.55 23.72 -33.06
N GLN H 302 -25.34 23.54 -34.12
CA GLN H 302 -25.53 24.56 -35.15
C GLN H 302 -26.96 24.51 -35.70
N ASP H 303 -27.47 25.65 -36.15
CA ASP H 303 -28.82 25.69 -36.71
C ASP H 303 -28.74 25.22 -38.18
N GLU H 304 -29.80 25.33 -38.95
CA GLU H 304 -29.78 24.75 -40.30
C GLU H 304 -29.12 25.61 -41.40
N ASP H 305 -28.63 26.81 -41.06
CA ASP H 305 -27.73 27.58 -41.91
C ASP H 305 -26.27 27.43 -41.47
N GLY H 306 -26.04 26.74 -40.36
CA GLY H 306 -24.72 26.54 -39.82
C GLY H 306 -24.27 27.58 -38.81
N GLN H 307 -25.21 28.38 -38.30
CA GLN H 307 -24.91 29.36 -37.26
C GLN H 307 -24.76 28.59 -35.94
N THR H 308 -23.81 29.01 -35.13
CA THR H 308 -23.62 28.43 -33.80
C THR H 308 -24.86 28.63 -32.90
N ILE H 309 -25.33 27.52 -32.33
CA ILE H 309 -26.50 27.49 -31.41
C ILE H 309 -25.99 27.71 -29.98
N GLU H 310 -26.76 28.48 -29.21
CA GLU H 310 -26.49 28.69 -27.79
C GLU H 310 -26.62 27.36 -27.01
N SER H 311 -25.62 27.01 -26.22
CA SER H 311 -25.68 25.81 -25.41
C SER H 311 -25.94 26.17 -23.96
N HIS H 312 -26.46 25.20 -23.22
CA HIS H 312 -26.83 25.33 -21.82
C HIS H 312 -26.45 24.09 -21.00
N SER H 313 -25.81 24.31 -19.86
CA SER H 313 -25.59 23.27 -18.86
C SER H 313 -25.44 23.96 -17.52
N ILE H 314 -25.80 23.27 -16.44
CA ILE H 314 -25.50 23.76 -15.12
C ILE H 314 -23.98 23.80 -14.88
N SER H 315 -23.24 23.06 -15.69
CA SER H 315 -21.81 23.06 -15.67
C SER H 315 -21.27 23.99 -16.74
N ALA H 316 -20.51 25.00 -16.32
CA ALA H 316 -19.94 25.95 -17.29
C ALA H 316 -18.83 25.34 -18.15
N GLY H 317 -18.03 24.43 -17.58
CA GLY H 317 -16.98 23.71 -18.34
C GLY H 317 -17.41 22.78 -19.49
N LEU H 318 -18.64 22.26 -19.46
CA LEU H 318 -19.13 21.39 -20.55
C LEU H 318 -20.00 22.15 -21.53
N ASP H 319 -20.00 23.47 -21.40
CA ASP H 319 -20.90 24.36 -22.12
C ASP H 319 -20.22 24.91 -23.39
N TYR H 320 -19.68 24.03 -24.20
CA TYR H 320 -18.92 24.39 -25.41
C TYR H 320 -19.69 23.71 -26.56
N PRO H 321 -20.11 24.49 -27.58
CA PRO H 321 -20.95 23.92 -28.65
C PRO H 321 -20.25 22.92 -29.58
N GLY H 322 -18.92 22.97 -29.63
CA GLY H 322 -18.14 22.02 -30.41
C GLY H 322 -17.62 20.85 -29.60
N VAL H 323 -16.87 20.00 -30.28
CA VAL H 323 -16.14 18.90 -29.67
C VAL H 323 -14.90 18.60 -30.53
N GLY H 324 -13.82 18.14 -29.90
CA GLY H 324 -12.58 17.85 -30.60
C GLY H 324 -12.70 16.82 -31.70
N PRO H 325 -11.99 17.02 -32.82
CA PRO H 325 -12.10 16.13 -33.99
C PRO H 325 -11.61 14.68 -33.74
N GLU H 326 -10.66 14.45 -32.83
CA GLU H 326 -10.24 13.09 -32.55
C GLU H 326 -11.43 12.27 -31.97
N HIS H 327 -12.30 12.92 -31.20
CA HIS H 327 -13.50 12.25 -30.67
C HIS H 327 -14.51 11.95 -31.78
N ALA H 328 -14.66 12.89 -32.72
CA ALA H 328 -15.55 12.66 -33.88
C ALA H 328 -15.09 11.43 -34.67
N TRP H 329 -13.78 11.33 -34.91
CA TRP H 329 -13.18 10.15 -35.52
C TRP H 329 -13.48 8.85 -34.74
N LEU H 330 -13.21 8.87 -33.44
CA LEU H 330 -13.44 7.71 -32.61
C LEU H 330 -14.91 7.31 -32.50
N LYS H 331 -15.81 8.29 -32.62
CA LYS H 331 -17.25 8.00 -32.73
C LYS H 331 -17.57 7.30 -34.05
N GLU H 332 -17.06 7.81 -35.15
CA GLU H 332 -17.27 7.20 -36.46
C GLU H 332 -16.65 5.79 -36.53
N ALA H 333 -15.49 5.59 -35.91
CA ALA H 333 -14.87 4.25 -35.90
C ALA H 333 -15.60 3.21 -35.04
N GLY H 334 -16.55 3.61 -34.21
CA GLY H 334 -17.24 2.69 -33.31
C GLY H 334 -16.47 2.40 -32.04
N ARG H 335 -15.35 3.09 -31.81
CA ARG H 335 -14.45 2.81 -30.71
C ARG H 335 -14.93 3.40 -29.41
N VAL H 336 -15.44 4.63 -29.44
CA VAL H 336 -15.98 5.29 -28.23
C VAL H 336 -17.47 5.58 -28.42
N ASP H 337 -18.26 5.33 -27.37
CA ASP H 337 -19.68 5.74 -27.31
C ASP H 337 -19.82 7.06 -26.57
N TYR H 338 -20.68 7.95 -27.07
CA TYR H 338 -20.93 9.24 -26.39
C TYR H 338 -22.41 9.36 -25.98
N ARG H 339 -22.66 9.67 -24.72
CA ARG H 339 -23.98 9.59 -24.15
C ARG H 339 -24.32 10.86 -23.34
N PRO H 340 -25.61 11.23 -23.34
CA PRO H 340 -26.04 12.41 -22.62
C PRO H 340 -26.27 12.16 -21.10
N ILE H 341 -25.87 13.12 -20.27
CA ILE H 341 -26.20 13.15 -18.85
C ILE H 341 -26.85 14.49 -18.49
N THR H 342 -28.01 14.47 -17.84
CA THR H 342 -28.70 15.69 -17.48
C THR H 342 -28.08 16.41 -16.24
N ASP H 343 -28.39 17.70 -16.14
CA ASP H 343 -28.16 18.50 -14.95
C ASP H 343 -28.55 17.73 -13.67
N SER H 344 -29.78 17.22 -13.65
CA SER H 344 -30.28 16.44 -12.49
C SER H 344 -29.45 15.23 -12.15
N GLU H 345 -29.07 14.46 -13.16
CA GLU H 345 -28.25 13.28 -12.95
C GLU H 345 -26.86 13.69 -12.41
N ALA H 346 -26.29 14.74 -12.99
CA ALA H 346 -25.00 15.23 -12.57
C ALA H 346 -25.04 15.66 -11.12
N MET H 347 -26.08 16.40 -10.75
CA MET H 347 -26.10 16.97 -9.41
C MET H 347 -26.36 15.91 -8.36
N ASP H 348 -27.20 14.92 -8.67
CA ASP H 348 -27.42 13.78 -7.78
C ASP H 348 -26.11 13.03 -7.54
N ALA H 349 -25.31 12.88 -8.59
CA ALA H 349 -24.01 12.22 -8.49
C ALA H 349 -23.00 13.03 -7.67
N PHE H 350 -23.05 14.35 -7.83
CA PHE H 350 -22.23 15.29 -7.06
C PHE H 350 -22.50 15.07 -5.56
N GLY H 351 -23.78 15.11 -5.17
CA GLY H 351 -24.16 14.97 -3.80
C GLY H 351 -23.72 13.63 -3.22
N LEU H 352 -23.98 12.57 -3.97
CA LEU H 352 -23.66 11.23 -3.59
C LEU H 352 -22.14 11.06 -3.36
N LEU H 353 -21.32 11.60 -4.26
CA LEU H 353 -19.88 11.53 -4.08
C LEU H 353 -19.40 12.26 -2.82
N CYS H 354 -19.98 13.42 -2.52
CA CYS H 354 -19.67 14.15 -1.28
C CYS H 354 -19.98 13.31 -0.03
N ARG H 355 -21.23 12.84 0.05
CA ARG H 355 -21.71 12.01 1.16
C ARG H 355 -21.00 10.66 1.35
N MET H 356 -20.68 9.98 0.24
CA MET H 356 -20.17 8.59 0.27
C MET H 356 -18.64 8.52 0.40
N GLU H 357 -17.92 9.42 -0.28
CA GLU H 357 -16.47 9.38 -0.31
C GLU H 357 -15.75 10.63 0.23
N GLY H 358 -16.48 11.68 0.57
CA GLY H 358 -15.88 12.93 0.97
C GLY H 358 -15.11 13.65 -0.12
N ILE H 359 -15.48 13.41 -1.38
CA ILE H 359 -14.82 14.03 -2.49
C ILE H 359 -15.84 14.95 -3.12
N ILE H 360 -15.51 16.24 -3.24
CA ILE H 360 -16.40 17.23 -3.82
C ILE H 360 -15.91 17.37 -5.23
N PRO H 361 -16.67 16.84 -6.22
CA PRO H 361 -16.21 16.85 -7.57
C PRO H 361 -16.59 18.14 -8.28
N ALA H 362 -15.83 18.52 -9.30
CA ALA H 362 -16.34 19.49 -10.29
C ALA H 362 -17.68 19.01 -10.86
N ILE H 363 -18.58 19.95 -11.13
CA ILE H 363 -19.88 19.57 -11.72
C ILE H 363 -19.70 18.90 -13.11
N GLU H 364 -18.64 19.28 -13.83
CA GLU H 364 -18.25 18.65 -15.08
C GLU H 364 -18.00 17.16 -14.80
N SER H 365 -17.14 16.91 -13.82
CA SER H 365 -16.71 15.57 -13.47
C SER H 365 -17.89 14.75 -12.94
N ALA H 366 -18.82 15.41 -12.26
CA ALA H 366 -20.04 14.74 -11.80
C ALA H 366 -20.92 14.16 -12.93
N HIS H 367 -20.82 14.69 -14.15
CA HIS H 367 -21.49 14.09 -15.29
C HIS H 367 -20.92 12.71 -15.53
N ALA H 368 -19.60 12.59 -15.42
CA ALA H 368 -18.94 11.29 -15.61
C ALA H 368 -19.31 10.29 -14.51
N VAL H 369 -19.37 10.74 -13.27
CA VAL H 369 -19.70 9.87 -12.16
C VAL H 369 -21.12 9.38 -12.37
N ALA H 370 -22.04 10.27 -12.73
CA ALA H 370 -23.43 9.87 -12.99
C ALA H 370 -23.49 8.82 -14.09
N GLY H 371 -22.74 9.02 -15.16
CA GLY H 371 -22.69 8.04 -16.23
C GLY H 371 -22.13 6.69 -15.75
N ALA H 372 -21.10 6.72 -14.90
CA ALA H 372 -20.54 5.51 -14.31
C ALA H 372 -21.52 4.73 -13.43
N LEU H 373 -22.41 5.44 -12.73
CA LEU H 373 -23.40 4.78 -11.89
C LEU H 373 -24.37 4.01 -12.76
N LYS H 374 -24.76 4.59 -13.89
CA LYS H 374 -25.68 3.94 -14.82
C LYS H 374 -25.01 2.77 -15.51
N LEU H 375 -23.76 2.98 -15.94
CA LEU H 375 -22.96 1.90 -16.55
C LEU H 375 -22.70 0.75 -15.58
N GLY H 376 -22.49 1.02 -14.29
CA GLY H 376 -22.39 -0.02 -13.28
C GLY H 376 -23.62 -0.91 -13.15
N VAL H 377 -24.79 -0.29 -13.15
CA VAL H 377 -26.07 -1.02 -13.13
C VAL H 377 -26.22 -1.90 -14.35
N GLU H 378 -25.84 -1.36 -15.50
CA GLU H 378 -25.79 -2.11 -16.75
C GLU H 378 -24.81 -3.33 -16.76
N LEU H 379 -23.55 -3.10 -16.38
CA LEU H 379 -22.48 -4.16 -16.42
C LEU H 379 -22.55 -5.21 -15.29
N GLY H 380 -23.04 -4.79 -14.12
CA GLY H 380 -23.32 -5.68 -13.00
C GLY H 380 -22.23 -5.74 -11.96
N ARG H 381 -22.47 -6.62 -11.00
CA ARG H 381 -21.62 -6.82 -9.83
C ARG H 381 -20.20 -7.20 -10.25
N GLY H 382 -19.24 -6.48 -9.69
CA GLY H 382 -17.84 -6.82 -9.84
C GLY H 382 -17.19 -6.23 -11.05
N ALA H 383 -17.95 -5.55 -11.92
CA ALA H 383 -17.35 -4.92 -13.09
C ALA H 383 -16.47 -3.75 -12.66
N VAL H 384 -15.46 -3.46 -13.45
CA VAL H 384 -14.44 -2.49 -13.08
C VAL H 384 -14.54 -1.33 -14.06
N ILE H 385 -14.84 -0.16 -13.50
CA ILE H 385 -15.11 1.07 -14.25
C ILE H 385 -14.15 2.12 -13.71
N VAL H 386 -13.24 2.59 -14.56
CA VAL H 386 -12.37 3.69 -14.22
C VAL H 386 -13.06 4.96 -14.71
N VAL H 387 -13.13 5.97 -13.85
CA VAL H 387 -13.80 7.25 -14.12
C VAL H 387 -12.79 8.37 -13.99
N ASN H 388 -12.66 9.21 -15.01
CA ASN H 388 -11.76 10.35 -14.90
C ASN H 388 -12.46 11.38 -14.05
N LEU H 389 -11.90 11.68 -12.89
CA LEU H 389 -12.44 12.71 -12.03
C LEU H 389 -11.64 13.94 -12.32
N SER H 390 -12.10 14.68 -13.32
CA SER H 390 -11.31 15.71 -13.97
C SER H 390 -11.01 16.93 -13.11
N GLY H 391 -11.87 17.26 -12.16
CA GLY H 391 -11.62 18.39 -11.27
C GLY H 391 -12.28 18.31 -9.92
N ARG H 392 -11.80 19.17 -9.02
CA ARG H 392 -12.40 19.34 -7.71
C ARG H 392 -13.53 20.34 -7.82
N GLY H 393 -14.46 20.23 -6.89
CA GLY H 393 -15.67 21.04 -6.87
C GLY H 393 -15.76 22.23 -5.93
N ASP H 394 -14.64 22.65 -5.36
CA ASP H 394 -14.57 23.89 -4.60
C ASP H 394 -15.25 25.07 -5.34
N LYS H 395 -14.93 25.22 -6.63
CA LYS H 395 -15.58 26.25 -7.48
C LYS H 395 -17.12 26.13 -7.60
N ASP H 396 -17.64 24.91 -7.42
CA ASP H 396 -19.07 24.65 -7.56
C ASP H 396 -19.87 24.54 -6.26
N VAL H 397 -19.26 24.81 -5.10
CA VAL H 397 -19.96 24.63 -3.82
C VAL H 397 -21.21 25.52 -3.77
N GLU H 398 -21.10 26.77 -4.19
CA GLU H 398 -22.23 27.68 -4.11
C GLU H 398 -23.38 27.21 -5.01
N THR H 399 -23.04 26.80 -6.25
CA THR H 399 -24.02 26.28 -7.21
C THR H 399 -24.72 25.05 -6.65
N ALA H 400 -23.94 24.12 -6.12
CA ALA H 400 -24.50 22.90 -5.50
C ALA H 400 -25.33 23.18 -4.25
N ALA H 401 -24.86 24.11 -3.45
CA ALA H 401 -25.61 24.51 -2.25
C ALA H 401 -26.99 25.11 -2.57
N LYS H 402 -27.09 25.86 -3.67
CA LYS H 402 -28.39 26.40 -4.11
C LYS H 402 -29.27 25.29 -4.63
N TRP H 403 -28.72 24.44 -5.51
CA TRP H 403 -29.42 23.27 -5.99
C TRP H 403 -30.06 22.45 -4.87
N PHE H 404 -29.30 22.11 -3.83
CA PHE H 404 -29.83 21.31 -2.71
C PHE H 404 -30.54 22.11 -1.60
N GLY H 405 -30.71 23.42 -1.78
CA GLY H 405 -31.38 24.28 -0.80
C GLY H 405 -30.66 24.42 0.54
N LEU H 406 -29.32 24.34 0.52
CA LEU H 406 -28.51 24.50 1.71
C LEU H 406 -28.20 25.96 1.99
N LEU H 407 -28.54 26.85 1.04
CA LEU H 407 -28.59 28.29 1.25
C LEU H 407 -30.06 28.76 1.25
C1 MLI I . -23.29 22.97 40.80
C2 MLI I . -24.39 24.00 40.64
C3 MLI I . -23.59 21.69 40.05
O6 MLI I . -25.45 23.86 41.26
O7 MLI I . -24.16 24.97 39.88
O8 MLI I . -22.65 20.85 39.98
O9 MLI I . -24.73 21.52 39.56
C FMT J . -20.68 25.20 41.77
O1 FMT J . -20.45 25.55 40.61
O2 FMT J . -19.89 24.34 42.41
C1 MLI K . -8.80 26.57 12.71
C2 MLI K . -9.76 25.64 12.02
C3 MLI K . -9.40 27.93 12.97
O6 MLI K . -10.90 25.45 12.50
O7 MLI K . -9.42 25.08 10.97
O8 MLI K . -9.40 28.37 14.15
O9 MLI K . -9.89 28.58 12.01
C FMT L . -9.30 -0.29 19.95
O1 FMT L . -9.76 -0.91 20.89
O2 FMT L . -8.85 -0.97 18.89
C FMT M . 17.10 32.28 13.45
O1 FMT M . 16.23 32.94 12.89
O2 FMT M . 16.79 31.09 13.97
C FMT N . 4.35 22.58 35.94
O1 FMT N . 3.74 21.53 36.06
O2 FMT N . 4.14 23.54 36.84
C1 MLI O . 33.62 -18.24 -35.60
C2 MLI O . 33.66 -19.71 -35.93
C3 MLI O . 32.22 -17.67 -35.60
O6 MLI O . 33.96 -20.52 -35.02
O7 MLI O . 33.42 -20.10 -37.09
O8 MLI O . 31.24 -18.42 -35.84
O9 MLI O . 32.11 -16.44 -35.37
C FMT P . 36.69 -17.79 -33.73
O1 FMT P . 36.79 -16.57 -33.86
O2 FMT P . 35.98 -18.31 -32.72
C FMT Q . 40.22 -1.75 -14.62
O1 FMT Q . 40.16 -0.96 -13.70
O2 FMT Q . 41.20 -2.65 -14.64
C1 MLI R . 22.50 -20.35 -5.81
C2 MLI R . 21.13 -20.49 -6.46
C3 MLI R . 23.25 -21.69 -5.87
O6 MLI R . 20.11 -20.46 -5.74
O7 MLI R . 21.06 -20.61 -7.69
O8 MLI R . 22.73 -22.68 -5.29
O9 MLI R . 24.34 -21.74 -6.47
C FMT S . 9.81 0.29 -19.93
O1 FMT S . 9.24 0.84 -19.00
O2 FMT S . 10.22 1.02 -20.97
C FMT T . 30.98 -34.75 11.44
O1 FMT T . 31.74 -35.70 11.57
O2 FMT T . 31.26 -33.72 10.63
C FMT U . 35.78 -7.08 11.93
O1 FMT U . 35.89 -7.76 12.93
O2 FMT U . 35.32 -5.82 12.02
C FMT V . 24.11 -29.92 17.38
O1 FMT V . 24.73 -30.53 18.25
O2 FMT V . 22.96 -30.38 16.90
C1 MLI W . -5.70 -54.68 37.36
C2 MLI W . -5.07 -55.57 36.32
C3 MLI W . -5.18 -53.26 37.22
O6 MLI W . -3.96 -56.11 36.57
O7 MLI W . -5.67 -55.76 35.25
O8 MLI W . -3.99 -53.10 36.88
O9 MLI W . -5.98 -52.32 37.44
C FMT X . -24.59 -36.11 25.27
O1 FMT X . -25.28 -35.43 26.03
O2 FMT X . -24.79 -37.43 25.23
C FMT Y . -8.98 -54.98 34.81
O1 FMT Y . -9.85 -54.25 35.27
O2 FMT Y . -8.30 -54.58 33.74
C1 MLI Z . -1.22 -34.00 12.78
C2 MLI Z . -1.14 -34.90 11.57
C3 MLI Z . -0.02 -33.08 12.92
O6 MLI Z . -2.08 -35.71 11.40
O7 MLI Z . -0.16 -34.84 10.77
O8 MLI Z . 1.09 -33.58 13.21
O9 MLI Z . -0.17 -31.87 12.71
C FMT AA . -0.11 -20.52 37.15
O1 FMT AA . -1.10 -20.92 37.75
O2 FMT AA . -0.23 -19.48 36.31
C FMT BA . -21.21 -3.80 -2.34
O1 FMT BA . -22.24 -3.24 -2.67
O2 FMT BA . -20.73 -4.78 -3.10
C1 MLI CA . -12.12 46.21 -45.79
C2 MLI CA . -11.01 45.89 -44.82
C3 MLI CA . -13.05 47.28 -45.24
O6 MLI CA . -10.33 44.86 -45.03
O7 MLI CA . -10.79 46.67 -43.85
O8 MLI CA . -14.02 46.94 -44.54
O9 MLI CA . -12.83 48.47 -45.54
C FMT DA . -14.85 43.54 -46.27
O1 FMT DA . -15.14 42.78 -45.34
O2 FMT DA . -14.24 43.07 -47.36
C1 MLI EA . -13.92 26.45 -19.49
C2 MLI EA . -12.74 27.27 -18.99
C3 MLI EA . -15.25 27.11 -19.18
O6 MLI EA . -12.60 27.47 -17.78
O7 MLI EA . -11.93 27.72 -19.81
O8 MLI EA . -15.51 27.53 -18.03
O9 MLI EA . -16.08 27.23 -20.10
C FMT FA . 5.49 34.62 -37.42
O1 FMT FA . 5.61 35.18 -36.35
O2 FMT FA . 5.17 33.33 -37.44
C FMT GA . 11.65 25.75 -31.09
O1 FMT GA . 12.08 24.70 -30.65
O2 FMT GA . 12.14 26.22 -32.24
C FMT HA . -8.52 2.62 -32.74
O1 FMT HA . -9.68 3.02 -32.82
O2 FMT HA . -8.23 1.61 -31.91
C FMT IA . -14.87 18.15 -45.51
O1 FMT IA . -16.04 18.49 -45.48
O2 FMT IA . -14.52 17.02 -44.88
C FMT JA . 0.76 42.60 -22.26
O1 FMT JA . 0.52 42.79 -23.44
O2 FMT JA . 1.49 41.53 -21.91
#